data_6YAI
#
_entry.id   6YAI
#
loop_
_entity.id
_entity.type
_entity.pdbx_description
1 polymer 'Clathrin heavy chain'
2 polymer 'AP-2 complex subunit beta'
3 polymer 'Clathrin heavy chain'
4 polymer 'Clathrin light chain'
#
loop_
_entity_poly.entity_id
_entity_poly.type
_entity_poly.pdbx_seq_one_letter_code
_entity_poly.pdbx_strand_id
1 'polypeptide(L)'
;MAQILPIRFQEHLQLQNLGINPANIGFSTLTMESDKFICIREKVGEQAQVVIIDMNDPSNPIRRPISADSAIMNPASKVI
ALKAGKTLQIFNIEMKSKMKAHTMTDDVTFWKWISLNTVALVTDNAVYHWSMEGESQPVKMFDRHSSLAGCQIINYRTDA
KQKWLLLTGISAQQNRVVGAMQLYSVDRKVSQPIEGHAASFAQFKMEGNAEESTLFCFAVRGQAGGKLHIIEVGTPPTGN
QPFPKKAVDVFFPPEAQNDFPVAMQISEKHDVVFLITKYGYIHLYDLETGTCIYMNRISGETIFVTAPHEATAGIIGVNR
KGQVLSVCVEEENIIPYITNVLQNPDLALRMAVRNNLAGAEELFARKFNALFAQGNYSEAAKVAANAPKGILRTPDTIRR
FQSVPAQPGQTSPLLQYFGILLDQGQLNKYESLELCRPVLQQGRKQLLEKWLKEDKLECSEELGDLVKSVDPTLALSVYL
RANVPNKVIQCFAETGQVQKIVLYAKKVGYTPDWIFLLRNVMRISPDQGQQFAQMLVQDEEPLADITQIVDVFMEYNLIQ
QCTAFLLDALKNNRPSEGPLQTRLLEMNLMHAPQVADAILGNQMFTHYDRAHIAQLCEKAGLLQRALEHFTDLYDIKRAV
VHTHLLNPEWLVNYFGSLSVEDSLECLRAMLSANIRQNLQICVQVASKYHEQLSTQSLIELFESFKSFEGLFYFLGSIVN
FSQDPDVHFKYIQAACKTGQIKEVERICRESNCYDPERVKNFLKEAKLTDQLPLIIVCDRFDFVHDLVLYLYRNNLQKYI
EIYVQKVNPSRLPVVIGGLLDVDCSEDVIKNLILVVRGQFSTDELVAEVEKRNRLKLLLPWLEARIHEGCEEPATHNALA
KIYIDSNNNPERFLRENPYYDSRVVGKYCEKRDPHLACVAYERGQCDLELINVCNENSLFKSLSRYLVRRKDPELWGSVL
LESNPYRRPLIDQVVQTALSETQDPEEVSVTVKAFMTADLPNELIELLEKIVLDNSVFSEHRNLQNLLILTAIKADRTRV
MEYINRLDNYDAPDIANIAISNELFEEAFAIFRKFDVNTSAVQVLIEHIGNLDRAYEFAERCNEPAVWSQLAKAQLQKGM
VKEAIDSYIKADDPSSYMEVVQAANTSGNWEELVKYLQMARKKARESYVETELIFALAKTNRLAELEEFINGPNNAHIQQ
VGDRCYDEKMYDAAKLLYNNVSNFGRLASTLVHLGEYQAAVDGARKANSTRTWKEVCFACVDGKEFRLAQMCGLHIVVHA
DELEELINYYQDRGYFEELITMLEAALGLERAHMGMFTELAILYSKFKPQKMREHLELFWSRVNIPKVLRAAEQAHLWAE
LVFLYDKYEEYDNAIITMMNHPTDAWKEGQFKDIITKVANVELYYRAIQFYLEFKPLLLNDLLMVLSPRLDHTRAVNYFS
KVKQLPLVKPYLRSVQNHNNKSVNESLNNLFITEEDYQALRTSIDAYDNFDNISLAQRLEKHELIEFRRIAAYLFKGNNR
WKQSVELCKKDSLYKDAMQYASESKDTELAEELLQWFLQEEKRECFGACLFTCYDLLRPDVVLETAWRHNIMDFAMPYFI
QVMKEYLTKVDKLDASESLRKEEEQATETQ
;
E,M,A,B,J,K,L,H
2 'polypeptide(L)'
;GGYVAPKAVWLPAVKAKGLEISGTFTHRQGHIYMEMNFTNKALQHMTDFAIQFNKNSFGVIPSTPLAIHTPLMPNQSIDV
SLPLNTLGPVMKMEPLNNLQVAVKNNIDVFYFSCLIPLNVLFVEDGKMERQVFLATWKDIPNENELQFQIKECHLNADTV
SSKLQNNNVYTIAKRNVEGQDMLYQSLKLTNGIWILAELRIQPGNPNYTLSLKCRAPEVSQYIYQVYDSILKN
;
F
3 'polypeptide(L)'
;MAQILPIRFQEHLQLQNLGINPANIGFSTLTMESDKFICIREKVGEQAQVVIIDMNDPSNPIRRPISADSAIMNPASKVI
ALKAGKTLQIFNIEMKSKMKAHTMTDDVTFWKWISLNTVALVTDNAVYHWSMEGESQPVKMFDRHSSLAGCQIINYRTDA
KQKWLLLTGISAQQNRVVGAMQLYSVDRKVSQPIEGHAASFAQFKMEGNAEESTLFCFAVRGQAGGKLHIIEVGTPPTGN
QPFPKKAVDVFFPPEAQNDFPVAMQISEKHDVVFLITKYGYIHLYDLETGTCIYMNRISGETIFVTAPHEATAGIIGVNR
KGQVLSVCVEEENIIPYITNVLQNPDLALRMAVRNNLAGAEELFARKFNALFAQGNYSEAAKVAANAPKGILRTPDTIRR
FQSVPAQPGQTSPLLQYFGILLDQGQLNKYESLELCRPVLQQGRKQLLEKWLKEDKLECSEELGDLVKSVDPTLALSVYL
RANVPNKVIQCFAETGQVQKIVLYAKKVGYTPDWIFLLRNVMRISPDQGQQFAQMLVQDEEPLADITQIVDVFMEYNLIQ
QCTAFLLDALKNNRPSEGPLQTRLLEMNLMHAPQVADAILGNQMFTHYDRAHIAQLCEKAGLLQRALEHFTDLYDIKRAV
VHTHLLNPEWLVNYFGSLSVEDSLECLRAMLSANIRQNLQICVQVASKYHEQLSTQSLIELFESFKSFEGLFYFLGSIVN
FSQDPDVHFKYIQAACKTGQIKEVERICRESNCYDPERVKNFLKEAKLTDQLPLIIVCDRFDFVHDLVLYLYRNNLQKYI
EIYVQKVNPSRLPVVIGGLLDVDCSEDVIKNLILVVRGQFSTDELVAEVEKRNRLKLLLPWLEARIHEGCTEPATHNALA
KIYIDSNNNPERFLRENPYYDSRVVGKYCEKRDPHLACVAYERGQCDLELINVCNENSLFKSLSRYLVRRKDPELWGSVL
LESNPYRRPLIDQVVQTALSETQDPEEVSVTVKAFMTADLPNELIELLEKIVLDNSVFSEHRNLQNLLILTAIKADRTRV
MEYINRLDNYDAPDIANIAISNELFEEAFAIFRKFDVNTSAVQVLIEHIGNLDRAYEFAERCNEPAVWSQLAKAQLQKGM
VKEAIDSYIKADDPSSYMEVVQAANTSGNWEELVKYLQMARKKARESYVETELIFALAKTNRLAELEEFINGPNNAHIQQ
VGDRCYDEKMYDAAKLLYNNVSNFGRLASTLVHLGEYQAAVDGARKANSTRTWKEVCFACVDGKEFRLAQMCGLHIVVHA
DELEELINYYQDRGYFEELITMLEAALGLERAHMGMFTELAILYSKFKPQKMREHLELFWSRVNIPKVLRAAEQAHLWAE
LVFLYDKYEEYDNAIITMMNHPTDAWKEGQFKDIITKVANVELYYRAIQFYLEFKPLLLNDLLMVLSPRLDHTRAVNYFS
KVKQLPLVKPYLRSVQNHNNKSVNESLNNLFITEEDYQALRTSIDAYDNFDNISLAQRLEKHELIEFRRIAAYLFKGNNR
WKQSVELCKKDSLYKDAMQYASESKDTELAEELLQWFLQEEKRECFGACLFTCYDLLRPDVVLETAWRHNIMDFAMPYFI
QVMKEYLTKVDKLDASESLRKEEEQATETQ
;
C
4 'polypeptide(L)'
;MADDFGFFSSSESGAPEVAEEDPAAAFLAQQESEIAGIENDEGFGAPAGSQAALAQPGPASGAGPEDMGTTVNGDVFQDA
NGPADGYAAIAQADRLTQEPESIRKWREEQRKRLQELDAASKVTEQEWREKAKKDLEEWNQRQSEQVEKNKINNRIADKA
FYQQPDADIIGYVASEEAFVKESKEETPGTEWEKVAQLCDFNPKSSKQCKDVSRLRSVLMSLKQTPLSR
;
D,O,I,N
#
# COMPACT_ATOMS: atom_id res chain seq x y z
N MET A 1 -25.64 44.47 41.74
CA MET A 1 -25.76 43.03 41.54
C MET A 1 -27.05 42.52 42.16
N ALA A 2 -28.11 42.52 41.37
CA ALA A 2 -29.42 42.05 41.81
C ALA A 2 -29.35 40.54 41.90
N GLN A 3 -28.96 40.03 43.05
CA GLN A 3 -28.75 38.61 43.23
C GLN A 3 -30.05 37.83 43.30
N ILE A 4 -31.19 38.50 43.37
CA ILE A 4 -32.49 37.85 43.40
C ILE A 4 -33.39 38.53 42.38
N LEU A 5 -34.43 37.81 41.98
CA LEU A 5 -35.33 38.32 40.97
C LEU A 5 -36.70 38.57 41.60
N PRO A 6 -37.18 39.79 41.56
CA PRO A 6 -38.47 40.09 42.17
C PRO A 6 -39.61 39.93 41.19
N ILE A 7 -39.30 39.70 39.93
CA ILE A 7 -40.31 39.64 38.88
C ILE A 7 -40.15 38.36 38.09
N ARG A 8 -41.12 38.12 37.22
CA ARG A 8 -41.12 36.99 36.30
C ARG A 8 -41.53 37.48 34.92
N PHE A 9 -40.65 37.32 33.94
CA PHE A 9 -40.95 37.67 32.56
C PHE A 9 -41.39 36.42 31.83
N GLN A 10 -42.38 36.55 30.97
CA GLN A 10 -42.95 35.40 30.27
C GLN A 10 -43.39 35.80 28.88
N GLU A 11 -42.80 35.16 27.87
CA GLU A 11 -43.38 35.15 26.54
C GLU A 11 -44.39 34.02 26.47
N HIS A 12 -45.63 34.37 26.18
CA HIS A 12 -46.67 33.35 26.21
C HIS A 12 -46.77 32.62 24.87
N LEU A 13 -46.40 33.28 23.78
CA LEU A 13 -46.50 32.67 22.47
C LEU A 13 -45.85 33.59 21.44
N GLN A 14 -45.91 33.16 20.19
CA GLN A 14 -45.48 33.96 19.06
C GLN A 14 -46.53 33.88 17.97
N LEU A 15 -47.12 35.02 17.62
CA LEU A 15 -48.15 35.04 16.59
C LEU A 15 -47.60 34.56 15.26
N GLN A 16 -46.34 34.88 14.97
CA GLN A 16 -45.73 34.34 13.76
C GLN A 16 -45.73 32.82 13.80
N ASN A 17 -45.39 32.23 14.94
CA ASN A 17 -45.58 30.80 15.11
C ASN A 17 -47.03 30.43 14.86
N LEU A 18 -47.96 31.29 15.24
CA LEU A 18 -49.35 31.09 14.88
C LEU A 18 -49.61 31.43 13.43
N GLY A 19 -48.57 31.56 12.63
CA GLY A 19 -48.75 31.87 11.22
C GLY A 19 -49.35 33.23 10.99
N ILE A 20 -49.10 34.16 11.88
CA ILE A 20 -49.67 35.50 11.75
C ILE A 20 -48.67 36.40 11.06
N ASN A 21 -49.16 37.17 10.10
CA ASN A 21 -48.34 38.16 9.44
C ASN A 21 -47.77 39.12 10.46
N PRO A 22 -46.45 39.24 10.57
CA PRO A 22 -45.87 40.29 11.44
C PRO A 22 -46.38 41.66 11.08
N ALA A 23 -46.61 41.93 9.80
CA ALA A 23 -47.28 43.17 9.44
C ALA A 23 -48.69 43.22 10.04
N ASN A 24 -49.40 42.10 10.02
CA ASN A 24 -50.66 42.01 10.71
C ASN A 24 -50.47 41.87 12.21
N ILE A 25 -49.25 41.70 12.67
CA ILE A 25 -48.96 41.89 14.09
C ILE A 25 -48.70 43.37 14.27
N GLY A 26 -49.77 44.13 14.43
CA GLY A 26 -49.62 45.57 14.57
C GLY A 26 -50.76 46.17 15.35
N PHE A 27 -50.46 47.19 16.14
CA PHE A 27 -51.45 47.85 16.98
C PHE A 27 -52.72 48.12 16.19
N SER A 28 -52.59 48.50 14.93
CA SER A 28 -53.76 48.65 14.07
C SER A 28 -54.34 47.30 13.71
N THR A 29 -53.50 46.34 13.34
CA THR A 29 -53.97 45.02 12.94
C THR A 29 -54.13 44.07 14.10
N LEU A 30 -53.83 44.50 15.32
CA LEU A 30 -53.91 43.66 16.50
C LEU A 30 -54.82 44.33 17.51
N THR A 31 -55.56 43.51 18.25
CA THR A 31 -56.44 44.01 19.31
C THR A 31 -56.40 43.07 20.49
N MET A 32 -56.24 43.63 21.67
CA MET A 32 -56.35 42.90 22.93
C MET A 32 -57.00 43.83 23.95
N GLU A 33 -58.32 43.78 24.04
CA GLU A 33 -59.00 44.48 25.10
C GLU A 33 -58.77 43.81 26.44
N SER A 34 -58.25 42.59 26.43
CA SER A 34 -57.87 41.89 27.65
C SER A 34 -57.00 40.71 27.25
N ASP A 35 -56.18 40.27 28.20
CA ASP A 35 -55.37 39.07 28.02
C ASP A 35 -56.21 37.87 27.61
N LYS A 36 -57.53 37.92 27.82
CA LYS A 36 -58.38 36.80 27.50
C LYS A 36 -58.24 36.37 26.06
N PHE A 37 -58.20 37.32 25.14
CA PHE A 37 -58.23 37.03 23.72
C PHE A 37 -57.15 37.85 23.05
N ILE A 38 -56.87 37.52 21.80
CA ILE A 38 -56.08 38.37 20.93
C ILE A 38 -56.82 38.48 19.60
N CYS A 39 -57.38 39.66 19.35
CA CYS A 39 -58.06 39.95 18.11
C CYS A 39 -57.05 40.55 17.15
N ILE A 40 -56.87 39.91 16.01
CA ILE A 40 -55.92 40.37 15.00
C ILE A 40 -56.61 40.36 13.65
N ARG A 41 -56.53 41.48 12.94
CA ARG A 41 -57.06 41.56 11.59
C ARG A 41 -55.96 41.21 10.62
N GLU A 42 -56.31 40.44 9.59
CA GLU A 42 -55.31 39.96 8.65
C GLU A 42 -55.97 39.63 7.31
N LYS A 43 -55.56 40.34 6.28
CA LYS A 43 -56.09 40.14 4.94
C LYS A 43 -55.38 38.96 4.31
N VAL A 44 -55.91 37.77 4.50
CA VAL A 44 -55.31 36.57 3.92
C VAL A 44 -55.56 36.64 2.42
N GLY A 45 -54.49 36.86 1.67
CA GLY A 45 -54.64 37.21 0.28
C GLY A 45 -55.59 38.38 0.18
N GLU A 46 -56.44 38.36 -0.84
CA GLU A 46 -57.46 39.37 -1.01
C GLU A 46 -58.59 39.24 -0.01
N GLN A 47 -58.46 38.37 0.98
CA GLN A 47 -59.51 38.19 1.96
C GLN A 47 -59.12 38.81 3.29
N ALA A 48 -59.73 39.95 3.57
CA ALA A 48 -59.55 40.65 4.84
C ALA A 48 -60.21 39.83 5.93
N GLN A 49 -59.40 39.41 6.90
CA GLN A 49 -59.91 38.52 7.93
C GLN A 49 -59.45 39.03 9.28
N VAL A 50 -60.12 38.54 10.31
CA VAL A 50 -59.77 38.83 11.69
C VAL A 50 -59.41 37.53 12.38
N VAL A 51 -58.28 37.52 13.05
CA VAL A 51 -57.81 36.38 13.82
C VAL A 51 -58.09 36.67 15.29
N ILE A 52 -58.76 35.75 15.95
CA ILE A 52 -59.03 35.83 17.38
C ILE A 52 -58.23 34.75 18.07
N ILE A 53 -57.38 35.16 19.00
CA ILE A 53 -56.48 34.23 19.67
C ILE A 53 -56.72 34.31 21.16
N ASP A 54 -57.41 33.32 21.69
CA ASP A 54 -57.67 33.23 23.11
C ASP A 54 -56.42 32.71 23.81
N MET A 55 -55.93 33.47 24.78
CA MET A 55 -54.74 33.07 25.51
C MET A 55 -54.93 31.70 26.14
N ASN A 56 -56.17 31.30 26.40
CA ASN A 56 -56.43 30.00 26.98
C ASN A 56 -55.91 28.89 26.07
N ASP A 57 -56.22 29.00 24.78
CA ASP A 57 -55.72 28.05 23.78
C ASP A 57 -55.32 28.83 22.54
N PRO A 58 -54.18 29.51 22.60
CA PRO A 58 -53.67 30.16 21.39
C PRO A 58 -53.36 29.17 20.31
N SER A 59 -53.15 27.90 20.68
CA SER A 59 -52.96 26.84 19.71
C SER A 59 -54.11 26.75 18.73
N ASN A 60 -55.25 27.34 19.05
CA ASN A 60 -56.24 27.60 18.05
C ASN A 60 -56.50 29.11 18.01
N PRO A 61 -56.03 29.79 16.99
CA PRO A 61 -56.48 31.17 16.77
C PRO A 61 -57.74 31.18 15.92
N ILE A 62 -58.74 31.91 16.37
CA ILE A 62 -60.00 31.99 15.63
C ILE A 62 -59.87 33.03 14.55
N ARG A 63 -59.75 32.58 13.31
CA ARG A 63 -59.59 33.47 12.18
C ARG A 63 -60.91 33.57 11.44
N ARG A 64 -61.35 34.80 11.17
CA ARG A 64 -62.65 35.00 10.56
C ARG A 64 -62.51 36.00 9.43
N PRO A 65 -63.12 35.73 8.28
CA PRO A 65 -62.97 36.62 7.13
C PRO A 65 -63.66 37.95 7.31
N ILE A 66 -63.38 38.60 8.41
CA ILE A 66 -64.05 39.84 8.74
C ILE A 66 -63.31 40.98 8.08
N SER A 67 -64.06 41.91 7.50
CA SER A 67 -63.49 43.11 6.91
C SER A 67 -64.20 44.29 7.57
N ALA A 68 -63.70 44.68 8.74
CA ALA A 68 -64.19 45.83 9.46
C ALA A 68 -63.07 46.85 9.60
N ASP A 69 -63.44 48.07 9.98
CA ASP A 69 -62.40 49.03 10.28
C ASP A 69 -61.47 48.51 11.37
N SER A 70 -62.05 48.00 12.44
CA SER A 70 -61.30 47.18 13.40
C SER A 70 -62.29 46.49 14.31
N ALA A 71 -61.78 45.46 14.99
CA ALA A 71 -62.61 44.57 15.79
C ALA A 71 -62.03 44.49 17.20
N ILE A 72 -62.76 45.04 18.16
CA ILE A 72 -62.37 44.91 19.55
C ILE A 72 -63.34 43.97 20.23
N MET A 73 -62.80 42.92 20.83
CA MET A 73 -63.60 41.88 21.44
C MET A 73 -63.87 42.23 22.89
N ASN A 74 -65.04 41.81 23.36
CA ASN A 74 -65.36 42.06 24.75
C ASN A 74 -64.26 41.48 25.61
N PRO A 75 -63.78 42.23 26.61
CA PRO A 75 -62.59 41.81 27.37
C PRO A 75 -62.72 40.44 27.97
N ALA A 76 -63.93 39.92 28.11
CA ALA A 76 -64.11 38.55 28.55
C ALA A 76 -64.97 37.71 27.63
N SER A 77 -65.84 38.30 26.82
CA SER A 77 -66.75 37.53 26.00
C SER A 77 -66.31 37.60 24.54
N LYS A 78 -66.81 36.65 23.77
CA LYS A 78 -66.51 36.55 22.35
C LYS A 78 -67.33 37.52 21.53
N VAL A 79 -68.05 38.42 22.18
CA VAL A 79 -68.70 39.51 21.47
C VAL A 79 -67.64 40.53 21.12
N ILE A 80 -67.70 41.04 19.90
CA ILE A 80 -66.66 41.87 19.34
C ILE A 80 -67.29 43.10 18.72
N ALA A 81 -66.71 44.26 18.99
CA ALA A 81 -67.17 45.51 18.41
C ALA A 81 -66.45 45.72 17.09
N LEU A 82 -67.20 45.80 16.00
CA LEU A 82 -66.66 45.86 14.65
C LEU A 82 -67.04 47.19 14.03
N LYS A 83 -66.06 48.06 13.83
CA LYS A 83 -66.30 49.37 13.26
C LYS A 83 -66.37 49.25 11.74
N ALA A 84 -67.40 49.89 11.18
CA ALA A 84 -67.52 50.07 9.73
C ALA A 84 -67.60 51.57 9.52
N GLY A 85 -66.45 52.22 9.43
CA GLY A 85 -66.41 53.66 9.49
C GLY A 85 -67.02 54.11 10.81
N LYS A 86 -68.21 54.69 10.75
CA LYS A 86 -68.92 55.03 11.96
C LYS A 86 -69.86 53.93 12.40
N THR A 87 -69.99 52.86 11.62
CA THR A 87 -70.89 51.77 11.97
C THR A 87 -70.13 50.79 12.83
N LEU A 88 -70.23 50.96 14.14
CA LEU A 88 -69.65 49.99 15.06
C LEU A 88 -70.65 48.88 15.30
N GLN A 89 -70.18 47.64 15.23
CA GLN A 89 -71.02 46.48 15.38
C GLN A 89 -70.50 45.62 16.52
N ILE A 90 -71.11 45.76 17.69
CA ILE A 90 -70.76 44.87 18.79
C ILE A 90 -71.41 43.53 18.50
N PHE A 91 -70.68 42.63 17.87
CA PHE A 91 -71.24 41.35 17.46
C PHE A 91 -70.51 40.21 18.16
N ASN A 92 -71.25 39.14 18.40
CA ASN A 92 -70.69 37.97 19.08
C ASN A 92 -70.16 37.01 18.03
N ILE A 93 -68.92 36.56 18.22
CA ILE A 93 -68.43 35.43 17.43
C ILE A 93 -68.78 34.11 18.08
N GLU A 94 -68.99 34.10 19.40
CA GLU A 94 -69.27 32.85 20.09
C GLU A 94 -70.44 32.12 19.45
N MET A 95 -71.59 32.77 19.40
CA MET A 95 -72.73 32.23 18.70
C MET A 95 -72.81 32.77 17.28
N LYS A 96 -71.78 33.45 16.81
CA LYS A 96 -71.80 34.16 15.53
C LYS A 96 -72.97 35.11 15.45
N SER A 97 -73.47 35.55 16.60
CA SER A 97 -74.66 36.37 16.68
C SER A 97 -74.26 37.84 16.62
N LYS A 98 -74.91 38.57 15.74
CA LYS A 98 -74.71 40.01 15.68
C LYS A 98 -75.34 40.64 16.91
N MET A 99 -74.56 40.78 17.97
CA MET A 99 -75.13 41.24 19.24
C MET A 99 -75.75 42.62 19.09
N LYS A 100 -74.98 43.60 18.62
CA LYS A 100 -75.51 44.94 18.54
C LYS A 100 -74.63 45.76 17.60
N ALA A 101 -75.26 46.75 16.97
CA ALA A 101 -74.55 47.55 15.98
C ALA A 101 -75.10 48.95 16.03
N HIS A 102 -74.23 49.91 15.69
CA HIS A 102 -74.66 51.29 15.60
C HIS A 102 -73.72 52.06 14.71
N THR A 103 -74.27 53.00 13.94
CA THR A 103 -73.48 53.89 13.12
C THR A 103 -73.43 55.25 13.81
N MET A 104 -72.23 55.68 14.18
CA MET A 104 -72.07 57.00 14.74
C MET A 104 -72.30 58.05 13.67
N THR A 105 -72.54 59.28 14.10
CA THR A 105 -72.56 60.38 13.15
C THR A 105 -71.15 60.79 12.75
N ASP A 106 -70.17 60.46 13.58
CA ASP A 106 -68.79 60.79 13.30
C ASP A 106 -67.95 59.55 13.50
N ASP A 107 -67.00 59.34 12.58
CA ASP A 107 -66.14 58.18 12.67
C ASP A 107 -65.48 58.12 14.03
N VAL A 108 -65.46 56.93 14.60
CA VAL A 108 -64.96 56.75 15.96
C VAL A 108 -63.49 57.05 15.92
N THR A 109 -63.10 58.20 16.48
CA THR A 109 -61.68 58.49 16.60
C THR A 109 -60.96 57.39 17.35
N PHE A 110 -61.64 56.77 18.31
CA PHE A 110 -61.10 55.61 19.00
C PHE A 110 -62.20 54.95 19.81
N TRP A 111 -62.20 53.63 19.89
CA TRP A 111 -63.18 52.94 20.70
C TRP A 111 -62.53 51.71 21.30
N LYS A 112 -62.83 51.47 22.57
CA LYS A 112 -62.18 50.38 23.29
C LYS A 112 -63.17 49.79 24.29
N TRP A 113 -63.03 48.48 24.51
CA TRP A 113 -63.89 47.79 25.46
C TRP A 113 -63.52 48.22 26.88
N ILE A 114 -64.20 49.25 27.37
CA ILE A 114 -63.92 49.77 28.69
C ILE A 114 -64.59 48.96 29.79
N SER A 115 -65.63 48.20 29.45
CA SER A 115 -66.19 47.25 30.37
C SER A 115 -66.30 45.92 29.64
N LEU A 116 -66.77 44.90 30.36
CA LEU A 116 -67.11 43.66 29.68
C LEU A 116 -68.24 43.86 28.69
N ASN A 117 -68.95 44.97 28.77
CA ASN A 117 -70.04 45.22 27.85
C ASN A 117 -70.09 46.64 27.31
N THR A 118 -69.33 47.59 27.85
CA THR A 118 -69.32 48.91 27.28
C THR A 118 -68.05 49.16 26.49
N VAL A 119 -68.23 49.81 25.34
CA VAL A 119 -67.13 50.43 24.62
C VAL A 119 -67.27 51.92 24.80
N ALA A 120 -66.22 52.56 25.29
CA ALA A 120 -66.13 54.01 25.20
C ALA A 120 -65.55 54.33 23.83
N LEU A 121 -66.37 54.95 22.99
CA LEU A 121 -65.95 55.35 21.66
C LEU A 121 -65.50 56.79 21.76
N VAL A 122 -64.51 57.17 20.96
CA VAL A 122 -64.00 58.52 20.95
C VAL A 122 -64.31 59.14 19.60
N THR A 123 -64.86 60.33 19.62
CA THR A 123 -64.92 61.17 18.45
C THR A 123 -63.79 62.18 18.51
N ASP A 124 -63.62 62.87 17.39
CA ASP A 124 -62.62 63.92 17.32
C ASP A 124 -62.90 65.02 18.32
N ASN A 125 -64.06 64.96 18.97
CA ASN A 125 -64.46 66.00 19.90
C ASN A 125 -65.03 65.47 21.20
N ALA A 126 -65.51 64.24 21.22
CA ALA A 126 -66.11 63.72 22.44
C ALA A 126 -65.84 62.22 22.53
N VAL A 127 -65.96 61.71 23.76
CA VAL A 127 -65.80 60.30 24.03
C VAL A 127 -67.15 59.76 24.44
N TYR A 128 -67.61 58.74 23.75
CA TYR A 128 -68.97 58.25 23.87
C TYR A 128 -68.96 56.75 24.14
N HIS A 129 -69.74 56.36 25.12
CA HIS A 129 -69.63 55.06 25.74
C HIS A 129 -70.83 54.22 25.35
N TRP A 130 -70.56 53.03 24.81
CA TRP A 130 -71.60 52.19 24.26
C TRP A 130 -71.55 50.83 24.93
N SER A 131 -72.60 50.51 25.66
CA SER A 131 -72.74 49.18 26.23
C SER A 131 -73.48 48.28 25.25
N MET A 132 -73.07 47.02 25.20
CA MET A 132 -73.76 46.02 24.41
C MET A 132 -74.80 45.30 25.26
N GLU A 133 -75.65 46.10 25.92
CA GLU A 133 -76.64 45.56 26.83
C GLU A 133 -77.92 45.34 26.04
N GLY A 134 -78.53 46.38 25.51
CA GLY A 134 -79.75 46.29 24.74
C GLY A 134 -79.71 47.19 23.54
N GLU A 135 -80.71 48.06 23.43
CA GLU A 135 -80.69 49.15 22.47
C GLU A 135 -79.91 50.34 23.00
N SER A 136 -79.10 50.11 24.03
CA SER A 136 -78.20 51.13 24.54
C SER A 136 -77.30 51.63 23.44
N GLN A 137 -77.18 52.94 23.34
CA GLN A 137 -76.40 53.50 22.25
C GLN A 137 -75.06 54.00 22.78
N PRO A 138 -74.13 54.34 21.90
CA PRO A 138 -72.93 55.06 22.36
C PRO A 138 -73.32 56.35 23.06
N VAL A 139 -72.83 56.50 24.29
CA VAL A 139 -73.25 57.59 25.16
C VAL A 139 -72.04 58.47 25.46
N LYS A 140 -72.11 59.72 25.01
CA LYS A 140 -71.04 60.67 25.23
C LYS A 140 -70.96 60.98 26.71
N MET A 141 -69.99 60.38 27.38
CA MET A 141 -69.75 60.69 28.77
C MET A 141 -68.96 61.98 28.93
N PHE A 142 -68.23 62.40 27.90
CA PHE A 142 -67.53 63.66 27.91
C PHE A 142 -66.93 63.98 26.56
N ASP A 143 -66.32 65.15 26.45
CA ASP A 143 -65.79 65.65 25.20
C ASP A 143 -64.27 65.57 25.18
N ARG A 144 -63.72 65.64 23.97
CA ARG A 144 -62.29 65.75 23.83
C ARG A 144 -61.83 67.13 24.30
N HIS A 145 -60.77 67.15 25.10
CA HIS A 145 -60.15 68.40 25.50
C HIS A 145 -59.35 68.98 24.35
N SER A 146 -59.39 70.30 24.23
CA SER A 146 -58.57 70.97 23.24
C SER A 146 -57.10 70.64 23.43
N SER A 147 -56.70 70.33 24.67
CA SER A 147 -55.35 69.88 24.91
C SER A 147 -55.01 68.65 24.09
N LEU A 148 -55.89 67.68 24.04
CA LEU A 148 -55.68 66.51 23.21
C LEU A 148 -56.15 66.71 21.78
N ALA A 149 -56.73 67.88 21.49
CA ALA A 149 -57.23 68.14 20.15
C ALA A 149 -56.13 67.92 19.13
N GLY A 150 -56.43 67.10 18.13
CA GLY A 150 -55.47 66.75 17.13
C GLY A 150 -54.34 65.87 17.62
N CYS A 151 -54.12 65.81 18.92
CA CYS A 151 -53.10 64.92 19.44
C CYS A 151 -53.54 63.48 19.23
N GLN A 152 -52.59 62.64 18.87
CA GLN A 152 -52.91 61.28 18.47
C GLN A 152 -53.53 60.56 19.64
N ILE A 153 -54.83 60.31 19.55
CA ILE A 153 -55.56 59.62 20.58
C ILE A 153 -55.10 58.17 20.60
N ILE A 154 -54.31 57.83 21.59
CA ILE A 154 -53.82 56.47 21.75
C ILE A 154 -54.80 55.63 22.54
N ASN A 155 -55.28 56.16 23.65
CA ASN A 155 -55.93 55.34 24.65
C ASN A 155 -56.86 56.21 25.47
N TYR A 156 -57.94 55.60 25.93
CA TYR A 156 -58.86 56.25 26.85
C TYR A 156 -58.87 55.47 28.14
N ARG A 157 -58.78 56.17 29.26
CA ARG A 157 -58.86 55.51 30.55
C ARG A 157 -60.12 55.94 31.26
N THR A 158 -60.49 55.15 32.25
CA THR A 158 -61.74 55.35 32.97
C THR A 158 -61.49 54.97 34.42
N ASP A 159 -62.22 55.60 35.31
CA ASP A 159 -62.15 55.17 36.70
C ASP A 159 -62.63 53.72 36.80
N ALA A 160 -62.12 53.04 37.83
CA ALA A 160 -62.65 51.72 38.14
C ALA A 160 -64.16 51.74 38.22
N LYS A 161 -64.72 52.77 38.83
CA LYS A 161 -66.16 52.99 38.78
C LYS A 161 -66.57 53.90 37.63
N GLN A 162 -65.62 54.25 36.76
CA GLN A 162 -65.89 55.11 35.60
C GLN A 162 -66.44 56.46 36.00
N LYS A 163 -66.07 56.96 37.17
CA LYS A 163 -66.46 58.30 37.56
C LYS A 163 -65.39 59.32 37.18
N TRP A 164 -64.25 58.85 36.68
CA TRP A 164 -63.19 59.71 36.19
C TRP A 164 -62.63 59.06 34.93
N LEU A 165 -62.74 59.76 33.82
CA LEU A 165 -62.42 59.19 32.53
C LEU A 165 -61.24 59.92 31.92
N LEU A 166 -60.19 59.17 31.65
CA LEU A 166 -58.95 59.76 31.16
C LEU A 166 -58.83 59.43 29.69
N LEU A 167 -58.50 60.44 28.89
CA LEU A 167 -58.18 60.22 27.48
C LEU A 167 -56.72 60.56 27.27
N THR A 168 -56.08 59.87 26.33
CA THR A 168 -54.69 60.14 25.99
C THR A 168 -54.60 60.69 24.58
N GLY A 169 -53.83 61.78 24.45
CA GLY A 169 -53.53 62.30 23.14
C GLY A 169 -52.07 62.68 23.10
N ILE A 170 -51.40 62.23 22.04
CA ILE A 170 -49.96 62.43 21.95
C ILE A 170 -49.65 63.23 20.70
N SER A 171 -48.46 63.82 20.70
CA SER A 171 -48.03 64.67 19.60
C SER A 171 -46.52 64.71 19.59
N ALA A 172 -45.93 64.39 18.44
CA ALA A 172 -44.48 64.48 18.28
C ALA A 172 -44.09 65.95 18.11
N GLN A 173 -44.53 66.74 19.08
CA GLN A 173 -44.41 68.18 18.99
C GLN A 173 -42.95 68.57 19.18
N GLN A 174 -42.42 69.28 18.20
CA GLN A 174 -41.05 69.76 18.23
C GLN A 174 -40.10 68.63 18.58
N ASN A 175 -40.12 67.60 17.75
CA ASN A 175 -39.24 66.46 17.81
C ASN A 175 -39.53 65.64 19.05
N ARG A 176 -40.64 65.86 19.73
CA ARG A 176 -40.91 65.20 20.99
C ARG A 176 -42.35 64.74 21.05
N VAL A 177 -42.54 63.45 21.28
CA VAL A 177 -43.88 62.89 21.30
C VAL A 177 -44.54 63.30 22.61
N VAL A 178 -45.23 64.44 22.57
CA VAL A 178 -45.83 64.96 23.78
C VAL A 178 -47.04 64.12 24.11
N GLY A 179 -46.84 63.12 24.98
CA GLY A 179 -47.94 62.30 25.45
C GLY A 179 -48.72 63.08 26.47
N ALA A 180 -49.90 63.54 26.07
CA ALA A 180 -50.79 64.27 26.96
C ALA A 180 -52.01 63.42 27.23
N MET A 181 -52.49 63.46 28.46
CA MET A 181 -53.63 62.64 28.86
C MET A 181 -54.66 63.53 29.52
N GLN A 182 -55.87 63.52 29.00
CA GLN A 182 -56.94 64.34 29.54
C GLN A 182 -57.83 63.47 30.40
N LEU A 183 -57.97 63.84 31.66
CA LEU A 183 -58.86 63.15 32.58
C LEU A 183 -60.14 63.95 32.71
N TYR A 184 -61.27 63.27 32.61
CA TYR A 184 -62.57 63.87 32.86
C TYR A 184 -63.21 63.24 34.09
N SER A 185 -63.65 64.08 35.02
CA SER A 185 -64.39 63.62 36.18
C SER A 185 -65.84 63.49 35.76
N VAL A 186 -66.40 62.29 35.90
CA VAL A 186 -67.81 62.13 35.60
C VAL A 186 -68.66 62.87 36.61
N ASP A 187 -68.49 62.55 37.89
CA ASP A 187 -69.36 63.08 38.93
C ASP A 187 -69.20 64.58 39.07
N ARG A 188 -67.96 65.06 39.21
CA ARG A 188 -67.73 66.49 39.19
C ARG A 188 -67.91 67.07 37.81
N LYS A 189 -68.17 66.23 36.80
CA LYS A 189 -68.58 66.68 35.49
C LYS A 189 -67.55 67.60 34.85
N VAL A 190 -66.31 67.49 35.30
CA VAL A 190 -65.27 68.36 34.77
C VAL A 190 -64.14 67.50 34.25
N SER A 191 -63.50 67.98 33.20
CA SER A 191 -62.37 67.30 32.59
C SER A 191 -61.11 68.08 32.87
N GLN A 192 -59.98 67.43 32.66
CA GLN A 192 -58.70 68.07 32.90
C GLN A 192 -57.63 67.35 32.10
N PRO A 193 -56.71 68.09 31.52
CA PRO A 193 -55.60 67.45 30.81
C PRO A 193 -54.39 67.25 31.69
N ILE A 194 -53.60 66.23 31.38
CA ILE A 194 -52.25 66.09 31.91
C ILE A 194 -51.36 65.71 30.74
N GLU A 195 -50.09 66.09 30.82
CA GLU A 195 -49.10 65.50 29.95
C GLU A 195 -48.74 64.15 30.51
N GLY A 196 -49.05 63.10 29.77
CA GLY A 196 -48.83 61.77 30.30
C GLY A 196 -48.46 60.76 29.23
N HIS A 197 -47.43 59.98 29.48
CA HIS A 197 -47.02 58.95 28.54
C HIS A 197 -47.52 57.58 28.95
N ALA A 198 -47.92 57.42 30.21
CA ALA A 198 -48.57 56.22 30.67
C ALA A 198 -49.31 56.58 31.96
N ALA A 199 -50.40 55.90 32.22
CA ALA A 199 -51.22 56.26 33.36
C ALA A 199 -52.06 55.07 33.79
N SER A 200 -52.66 55.19 34.98
CA SER A 200 -53.54 54.16 35.49
C SER A 200 -54.22 54.68 36.75
N PHE A 201 -55.50 54.40 36.86
CA PHE A 201 -56.26 54.63 38.08
C PHE A 201 -56.31 53.32 38.85
N ALA A 202 -56.07 53.39 40.15
CA ALA A 202 -56.03 52.19 40.97
C ALA A 202 -56.76 52.44 42.28
N GLN A 203 -57.52 51.44 42.72
CA GLN A 203 -58.25 51.54 43.97
C GLN A 203 -57.39 50.91 45.06
N PHE A 204 -56.78 51.74 45.88
CA PHE A 204 -55.97 51.26 46.98
C PHE A 204 -56.50 51.82 48.29
N LYS A 205 -56.55 50.98 49.30
CA LYS A 205 -56.96 51.38 50.63
C LYS A 205 -55.71 51.69 51.45
N MET A 206 -55.51 52.96 51.75
CA MET A 206 -54.36 53.35 52.54
C MET A 206 -54.36 52.61 53.86
N GLU A 207 -53.17 52.25 54.32
CA GLU A 207 -53.03 51.55 55.58
C GLU A 207 -53.73 52.31 56.68
N GLY A 208 -54.57 51.62 57.44
CA GLY A 208 -55.33 52.27 58.47
C GLY A 208 -56.56 53.00 57.99
N ASN A 209 -56.78 53.09 56.69
CA ASN A 209 -57.97 53.73 56.15
C ASN A 209 -59.03 52.68 55.86
N ALA A 210 -60.28 53.13 55.79
CA ALA A 210 -61.40 52.20 55.80
C ALA A 210 -61.73 51.64 54.43
N GLU A 211 -61.50 52.39 53.37
CA GLU A 211 -61.83 51.96 52.03
C GLU A 211 -60.66 52.21 51.09
N GLU A 212 -60.80 51.70 49.88
CA GLU A 212 -59.85 51.96 48.81
C GLU A 212 -60.06 53.37 48.28
N SER A 213 -58.98 54.07 48.03
CA SER A 213 -59.03 55.37 47.39
C SER A 213 -58.51 55.22 45.97
N THR A 214 -59.30 55.68 45.01
CA THR A 214 -58.92 55.55 43.61
C THR A 214 -57.62 56.32 43.38
N LEU A 215 -56.55 55.59 43.16
CA LEU A 215 -55.23 56.16 42.94
C LEU A 215 -54.98 56.25 41.46
N PHE A 216 -54.82 57.47 40.97
CA PHE A 216 -54.43 57.67 39.59
C PHE A 216 -52.91 57.69 39.51
N CYS A 217 -52.36 56.63 38.94
CA CYS A 217 -50.95 56.58 38.59
C CYS A 217 -50.81 57.08 37.17
N PHE A 218 -49.73 57.80 36.90
CA PHE A 218 -49.53 58.34 35.57
C PHE A 218 -48.09 58.75 35.42
N ALA A 219 -47.47 58.24 34.36
CA ALA A 219 -46.06 58.46 34.09
C ALA A 219 -45.93 59.21 32.77
N VAL A 220 -44.89 60.03 32.69
CA VAL A 220 -44.70 60.90 31.55
C VAL A 220 -43.27 61.39 31.56
N ARG A 221 -42.68 61.48 30.38
CA ARG A 221 -41.38 62.10 30.21
C ARG A 221 -41.58 63.55 29.81
N GLY A 222 -40.87 64.45 30.47
CA GLY A 222 -40.96 65.85 30.10
C GLY A 222 -39.59 66.49 30.08
N GLN A 223 -39.55 67.82 30.08
CA GLN A 223 -38.28 68.50 30.28
C GLN A 223 -37.71 68.16 31.66
N ALA A 224 -38.57 67.92 32.62
CA ALA A 224 -38.16 67.31 33.88
C ALA A 224 -37.90 65.83 33.75
N GLY A 225 -38.20 65.24 32.60
CA GLY A 225 -37.88 63.87 32.32
C GLY A 225 -39.04 62.94 32.60
N GLY A 226 -38.76 61.64 32.49
CA GLY A 226 -39.73 60.64 32.83
C GLY A 226 -40.10 60.75 34.31
N LYS A 227 -41.40 60.86 34.56
CA LYS A 227 -41.88 61.06 35.92
C LYS A 227 -43.24 60.41 36.08
N LEU A 228 -43.38 59.62 37.15
CA LEU A 228 -44.63 58.97 37.50
C LEU A 228 -45.19 59.61 38.75
N HIS A 229 -46.51 59.67 38.84
CA HIS A 229 -47.16 60.31 39.97
C HIS A 229 -48.41 59.52 40.33
N ILE A 230 -48.59 59.29 41.62
CA ILE A 230 -49.69 58.50 42.13
C ILE A 230 -50.57 59.43 42.96
N ILE A 231 -51.83 59.57 42.57
CA ILE A 231 -52.72 60.50 43.22
C ILE A 231 -54.05 59.81 43.45
N GLU A 232 -54.64 60.05 44.61
CA GLU A 232 -56.00 59.61 44.82
C GLU A 232 -56.92 60.44 43.95
N VAL A 233 -58.04 59.86 43.57
CA VAL A 233 -58.99 60.52 42.68
C VAL A 233 -60.30 60.70 43.42
N GLY A 234 -60.88 61.88 43.30
CA GLY A 234 -62.08 62.20 44.03
C GLY A 234 -61.83 62.38 45.51
N THR A 235 -62.91 62.66 46.20
CA THR A 235 -62.84 62.80 47.65
C THR A 235 -62.56 61.46 48.30
N PRO A 236 -61.78 61.44 49.38
CA PRO A 236 -61.59 60.20 50.13
C PRO A 236 -62.89 59.78 50.77
N PRO A 237 -63.10 58.49 50.96
CA PRO A 237 -64.29 58.06 51.70
C PRO A 237 -64.28 58.66 53.08
N THR A 238 -65.47 58.91 53.60
CA THR A 238 -65.58 59.40 54.96
C THR A 238 -64.84 58.46 55.89
N GLY A 239 -64.20 59.02 56.89
CA GLY A 239 -63.38 58.23 57.78
C GLY A 239 -62.09 57.75 57.16
N ASN A 240 -61.85 58.02 55.89
CA ASN A 240 -60.60 57.67 55.24
C ASN A 240 -59.67 58.87 55.25
N GLN A 241 -58.53 58.67 55.77
CA GLN A 241 -57.51 59.69 55.61
C GLN A 241 -57.04 59.70 54.16
N PRO A 242 -57.06 60.85 53.50
CA PRO A 242 -56.80 60.87 52.05
C PRO A 242 -55.45 60.27 51.71
N PHE A 243 -55.38 59.69 50.53
CA PHE A 243 -54.12 59.16 50.04
C PHE A 243 -53.15 60.31 49.79
N PRO A 244 -51.96 60.29 50.39
CA PRO A 244 -50.96 61.30 50.06
C PRO A 244 -50.51 61.12 48.63
N LYS A 245 -50.81 62.11 47.80
CA LYS A 245 -50.52 62.00 46.37
C LYS A 245 -49.02 61.91 46.15
N LYS A 246 -48.62 61.04 45.24
CA LYS A 246 -47.21 60.71 45.06
C LYS A 246 -46.65 61.33 43.80
N ALA A 247 -45.32 61.26 43.70
CA ALA A 247 -44.58 61.87 42.61
C ALA A 247 -43.23 61.21 42.54
N VAL A 248 -42.90 60.60 41.40
CA VAL A 248 -41.64 59.91 41.25
C VAL A 248 -41.17 60.08 39.81
N ASP A 249 -39.85 60.02 39.63
CA ASP A 249 -39.27 60.25 38.33
C ASP A 249 -38.98 58.93 37.65
N VAL A 250 -39.40 58.81 36.40
CA VAL A 250 -39.12 57.62 35.61
C VAL A 250 -37.79 57.84 34.90
N PHE A 251 -36.81 57.01 35.21
CA PHE A 251 -35.47 57.26 34.70
C PHE A 251 -35.27 56.58 33.35
N PHE A 252 -34.50 57.24 32.50
CA PHE A 252 -34.24 56.74 31.16
C PHE A 252 -32.74 56.82 30.90
N PRO A 253 -32.05 55.69 30.79
CA PRO A 253 -30.62 55.71 30.52
C PRO A 253 -30.30 56.52 29.29
N PRO A 254 -29.05 56.96 29.14
CA PRO A 254 -28.67 57.68 27.92
C PRO A 254 -28.96 56.88 26.68
N GLU A 255 -28.74 55.57 26.74
CA GLU A 255 -29.13 54.72 25.63
C GLU A 255 -30.64 54.63 25.49
N ALA A 256 -31.39 54.88 26.56
CA ALA A 256 -32.83 55.01 26.42
C ALA A 256 -33.19 56.36 25.83
N GLN A 257 -32.23 57.04 25.21
CA GLN A 257 -32.44 58.33 24.58
C GLN A 257 -33.75 58.37 23.82
N ASN A 258 -34.63 59.29 24.22
CA ASN A 258 -35.93 59.51 23.61
C ASN A 258 -36.91 58.39 23.89
N ASP A 259 -36.57 57.43 24.75
CA ASP A 259 -37.58 56.50 25.22
C ASP A 259 -38.55 57.23 26.13
N PHE A 260 -39.76 56.74 26.20
CA PHE A 260 -40.74 57.38 27.05
C PHE A 260 -41.74 56.33 27.52
N PRO A 261 -42.43 56.56 28.64
CA PRO A 261 -43.36 55.55 29.15
C PRO A 261 -44.43 55.25 28.12
N VAL A 262 -44.76 53.97 27.97
CA VAL A 262 -45.83 53.57 27.08
C VAL A 262 -46.82 52.61 27.72
N ALA A 263 -46.46 51.92 28.79
CA ALA A 263 -47.38 50.97 29.36
C ALA A 263 -47.21 50.92 30.86
N MET A 264 -48.28 51.20 31.58
CA MET A 264 -48.27 51.21 33.03
C MET A 264 -49.28 50.21 33.56
N GLN A 265 -48.80 49.30 34.40
CA GLN A 265 -49.68 48.31 35.00
C GLN A 265 -49.34 48.24 36.48
N ILE A 266 -50.34 47.92 37.28
CA ILE A 266 -50.20 47.84 38.72
C ILE A 266 -50.75 46.51 39.19
N SER A 267 -50.00 45.82 40.04
CA SER A 267 -50.52 44.63 40.72
C SER A 267 -51.04 45.09 42.06
N GLU A 268 -52.33 45.42 42.10
CA GLU A 268 -52.97 45.68 43.39
C GLU A 268 -52.73 44.52 44.34
N LYS A 269 -52.62 43.31 43.79
CA LYS A 269 -52.16 42.16 44.54
C LYS A 269 -50.95 42.50 45.39
N HIS A 270 -50.07 43.35 44.86
CA HIS A 270 -48.93 43.83 45.61
C HIS A 270 -48.93 45.33 45.76
N ASP A 271 -49.85 46.03 45.11
CA ASP A 271 -49.83 47.49 45.08
C ASP A 271 -48.48 47.97 44.58
N VAL A 272 -48.08 47.51 43.40
CA VAL A 272 -46.83 47.91 42.78
C VAL A 272 -47.09 48.18 41.31
N VAL A 273 -46.56 49.30 40.82
CA VAL A 273 -46.84 49.75 39.46
C VAL A 273 -45.72 49.27 38.56
N PHE A 274 -46.10 48.56 37.51
CA PHE A 274 -45.18 48.14 36.46
C PHE A 274 -45.33 49.10 35.30
N LEU A 275 -44.23 49.76 34.93
CA LEU A 275 -44.26 50.74 33.86
C LEU A 275 -43.33 50.28 32.74
N ILE A 276 -43.86 50.23 31.53
CA ILE A 276 -43.10 49.88 30.34
C ILE A 276 -42.89 51.14 29.53
N THR A 277 -41.64 51.42 29.19
CA THR A 277 -41.35 52.60 28.41
C THR A 277 -41.31 52.24 26.92
N LYS A 278 -41.05 53.24 26.10
CA LYS A 278 -41.15 53.07 24.65
C LYS A 278 -40.24 51.96 24.14
N TYR A 279 -38.98 51.96 24.56
CA TYR A 279 -38.03 51.04 23.98
C TYR A 279 -38.12 49.64 24.57
N GLY A 280 -39.23 49.30 25.20
CA GLY A 280 -39.37 48.01 25.85
C GLY A 280 -38.76 47.96 27.22
N TYR A 281 -38.43 49.10 27.81
CA TYR A 281 -37.92 49.11 29.17
C TYR A 281 -39.06 49.03 30.16
N ILE A 282 -38.89 48.17 31.14
CA ILE A 282 -39.88 48.03 32.20
C ILE A 282 -39.40 48.82 33.42
N HIS A 283 -40.35 49.26 34.21
CA HIS A 283 -40.08 49.90 35.48
C HIS A 283 -41.10 49.41 36.49
N LEU A 284 -40.63 49.05 37.68
CA LEU A 284 -41.51 48.63 38.76
C LEU A 284 -41.44 49.66 39.87
N TYR A 285 -42.61 50.14 40.29
CA TYR A 285 -42.71 51.17 41.30
C TYR A 285 -43.83 50.82 42.25
N ASP A 286 -43.67 51.24 43.51
CA ASP A 286 -44.69 50.99 44.51
C ASP A 286 -45.94 51.79 44.17
N LEU A 287 -47.08 51.10 44.06
CA LEU A 287 -48.34 51.81 43.89
C LEU A 287 -48.58 52.82 44.99
N GLU A 288 -48.10 52.54 46.19
CA GLU A 288 -48.45 53.43 47.29
C GLU A 288 -47.45 54.56 47.44
N THR A 289 -46.16 54.24 47.41
CA THR A 289 -45.13 55.23 47.66
C THR A 289 -44.36 55.62 46.42
N GLY A 290 -44.78 55.15 45.25
CA GLY A 290 -44.01 55.45 44.05
C GLY A 290 -42.60 54.94 44.09
N THR A 291 -42.26 54.10 45.06
CA THR A 291 -40.90 53.64 45.22
C THR A 291 -40.46 52.87 44.00
N CYS A 292 -39.44 53.36 43.33
CA CYS A 292 -38.89 52.63 42.20
C CYS A 292 -38.39 51.29 42.69
N ILE A 293 -39.12 50.24 42.32
CA ILE A 293 -38.75 48.90 42.72
C ILE A 293 -37.84 48.24 41.70
N TYR A 294 -38.07 48.46 40.42
CA TYR A 294 -37.22 47.88 39.40
C TYR A 294 -37.34 48.69 38.13
N MET A 295 -36.32 48.57 37.29
CA MET A 295 -36.28 49.20 35.99
C MET A 295 -35.29 48.46 35.11
N ASN A 296 -35.72 48.11 33.91
CA ASN A 296 -34.87 47.42 32.95
C ASN A 296 -35.61 47.30 31.63
N ARG A 297 -34.85 47.15 30.56
CA ARG A 297 -35.46 46.78 29.29
C ARG A 297 -35.78 45.31 29.28
N ILE A 298 -37.02 44.98 28.94
CA ILE A 298 -37.44 43.61 28.77
C ILE A 298 -37.64 43.23 27.32
N SER A 299 -37.53 44.19 26.41
CA SER A 299 -37.74 43.94 24.99
C SER A 299 -37.12 45.08 24.20
N GLY A 300 -36.49 44.74 23.09
CA GLY A 300 -36.01 45.77 22.19
C GLY A 300 -37.18 46.30 21.40
N GLU A 301 -38.12 45.43 21.05
CA GLU A 301 -39.34 45.83 20.38
C GLU A 301 -40.31 46.36 21.41
N THR A 302 -40.98 47.45 21.06
CA THR A 302 -41.99 48.00 21.95
C THR A 302 -43.15 47.03 22.06
N ILE A 303 -43.60 46.81 23.29
CA ILE A 303 -44.76 45.99 23.55
C ILE A 303 -45.98 46.87 23.30
N PHE A 304 -46.40 46.93 22.05
CA PHE A 304 -47.39 47.92 21.65
C PHE A 304 -48.74 47.68 22.29
N VAL A 305 -49.12 46.42 22.51
CA VAL A 305 -50.36 46.10 23.20
C VAL A 305 -49.99 45.28 24.42
N THR A 306 -50.36 45.77 25.59
CA THR A 306 -50.16 45.06 26.83
C THR A 306 -51.49 44.81 27.50
N ALA A 307 -51.44 44.15 28.63
CA ALA A 307 -52.63 43.89 29.45
C ALA A 307 -52.18 43.55 30.85
N PRO A 308 -52.97 43.89 31.85
CA PRO A 308 -52.66 43.42 33.20
C PRO A 308 -52.72 41.90 33.22
N HIS A 309 -51.61 41.29 33.57
CA HIS A 309 -51.53 39.85 33.59
C HIS A 309 -52.34 39.37 34.78
N GLU A 310 -53.65 39.24 34.55
CA GLU A 310 -54.58 38.88 35.61
C GLU A 310 -54.12 37.62 36.32
N ALA A 311 -53.69 36.60 35.58
CA ALA A 311 -53.25 35.36 36.18
C ALA A 311 -52.18 35.60 37.23
N THR A 312 -51.44 36.70 37.09
CA THR A 312 -50.36 37.00 37.99
C THR A 312 -50.43 38.39 38.58
N ALA A 313 -51.47 39.16 38.25
CA ALA A 313 -51.61 40.58 38.60
C ALA A 313 -50.53 41.42 37.96
N GLY A 314 -49.61 40.81 37.23
CA GLY A 314 -48.57 41.53 36.52
C GLY A 314 -49.11 42.15 35.25
N ILE A 315 -48.22 42.36 34.32
CA ILE A 315 -48.60 42.86 33.01
C ILE A 315 -48.28 41.81 31.98
N ILE A 316 -49.10 41.75 30.95
CA ILE A 316 -48.89 40.84 29.83
C ILE A 316 -49.13 41.61 28.55
N GLY A 317 -48.25 41.44 27.58
CA GLY A 317 -48.39 42.19 26.35
C GLY A 317 -47.73 41.51 25.18
N VAL A 318 -47.89 42.11 24.01
CA VAL A 318 -47.29 41.59 22.78
C VAL A 318 -46.32 42.63 22.26
N ASN A 319 -45.11 42.19 21.95
CA ASN A 319 -44.13 43.05 21.34
C ASN A 319 -44.44 43.23 19.86
N ARG A 320 -43.51 43.85 19.15
CA ARG A 320 -43.59 43.86 17.70
C ARG A 320 -43.52 42.45 17.14
N LYS A 321 -42.80 41.57 17.80
CA LYS A 321 -42.49 40.26 17.28
C LYS A 321 -43.61 39.25 17.49
N GLY A 322 -44.83 39.70 17.73
CA GLY A 322 -45.92 38.79 17.99
C GLY A 322 -45.74 37.97 19.25
N GLN A 323 -44.74 38.28 20.06
CA GLN A 323 -44.51 37.54 21.29
C GLN A 323 -45.40 38.10 22.38
N VAL A 324 -46.32 37.30 22.87
CA VAL A 324 -47.15 37.69 23.99
C VAL A 324 -46.26 37.62 25.23
N LEU A 325 -45.71 38.77 25.60
CA LEU A 325 -44.79 38.86 26.71
C LEU A 325 -45.57 39.24 27.96
N SER A 326 -45.09 38.77 29.10
CA SER A 326 -45.68 39.16 30.37
C SER A 326 -44.61 39.33 31.41
N VAL A 327 -44.83 40.28 32.31
CA VAL A 327 -44.01 40.44 33.50
C VAL A 327 -44.92 40.49 34.71
N CYS A 328 -44.44 39.96 35.82
CA CYS A 328 -45.21 39.90 37.04
C CYS A 328 -44.26 39.67 38.20
N VAL A 329 -44.69 40.12 39.38
CA VAL A 329 -43.88 40.01 40.57
C VAL A 329 -43.52 38.55 40.80
N GLU A 330 -42.23 38.29 41.00
CA GLU A 330 -41.81 36.99 41.52
C GLU A 330 -42.22 36.99 42.98
N GLU A 331 -43.47 36.64 43.23
CA GLU A 331 -44.05 36.74 44.57
C GLU A 331 -43.90 35.45 45.35
N GLU A 332 -42.70 34.89 45.38
CA GLU A 332 -42.41 33.95 46.46
C GLU A 332 -42.66 34.63 47.78
N ASN A 333 -42.11 35.83 47.94
CA ASN A 333 -42.50 36.80 48.95
C ASN A 333 -41.81 38.10 48.58
N ILE A 334 -42.52 39.21 48.65
CA ILE A 334 -41.87 40.47 48.32
C ILE A 334 -41.14 41.00 49.53
N ILE A 335 -41.56 40.60 50.72
CA ILE A 335 -40.97 41.13 51.95
C ILE A 335 -39.46 40.96 51.99
N PRO A 336 -38.87 39.82 51.62
CA PRO A 336 -37.41 39.73 51.64
C PRO A 336 -36.76 40.82 50.83
N TYR A 337 -37.28 41.07 49.63
CA TYR A 337 -36.75 42.14 48.81
C TYR A 337 -36.76 43.47 49.56
N ILE A 338 -37.93 43.86 50.07
CA ILE A 338 -38.07 45.14 50.75
C ILE A 338 -37.11 45.22 51.92
N THR A 339 -37.02 44.13 52.69
CA THR A 339 -36.20 44.13 53.89
C THR A 339 -34.72 44.23 53.56
N ASN A 340 -34.30 43.58 52.48
CA ASN A 340 -32.87 43.40 52.27
C ASN A 340 -32.34 44.34 51.21
N VAL A 341 -32.87 44.22 50.00
CA VAL A 341 -32.43 45.08 48.92
C VAL A 341 -32.87 46.50 49.17
N LEU A 342 -34.18 46.68 49.30
CA LEU A 342 -34.72 47.97 49.66
C LEU A 342 -34.42 48.33 51.10
N GLN A 343 -33.96 47.37 51.90
CA GLN A 343 -33.54 47.63 53.26
C GLN A 343 -34.69 48.25 54.04
N ASN A 344 -35.88 47.68 53.91
CA ASN A 344 -37.07 48.31 54.49
C ASN A 344 -37.95 47.24 55.10
N PRO A 345 -37.55 46.71 56.24
CA PRO A 345 -38.47 45.86 57.00
C PRO A 345 -39.73 46.61 57.36
N ASP A 346 -39.61 47.93 57.51
CA ASP A 346 -40.78 48.74 57.78
C ASP A 346 -41.71 48.74 56.57
N LEU A 347 -41.17 49.09 55.41
CA LEU A 347 -41.99 49.07 54.21
C LEU A 347 -42.44 47.66 53.88
N ALA A 348 -41.60 46.67 54.19
CA ALA A 348 -42.04 45.30 54.05
C ALA A 348 -43.28 45.05 54.90
N LEU A 349 -43.22 45.46 56.15
CA LEU A 349 -44.37 45.40 57.04
C LEU A 349 -45.59 46.04 56.41
N ARG A 350 -45.41 47.23 55.87
CA ARG A 350 -46.55 48.00 55.40
C ARG A 350 -47.17 47.37 54.17
N MET A 351 -46.34 47.06 53.18
CA MET A 351 -46.85 46.40 51.98
C MET A 351 -47.47 45.07 52.34
N ALA A 352 -46.94 44.39 53.36
CA ALA A 352 -47.59 43.18 53.85
C ALA A 352 -48.98 43.49 54.35
N VAL A 353 -49.07 44.36 55.35
CA VAL A 353 -50.35 44.71 55.94
C VAL A 353 -51.36 45.07 54.87
N ARG A 354 -50.95 45.88 53.90
CA ARG A 354 -51.88 46.29 52.86
C ARG A 354 -52.09 45.17 51.85
N ASN A 355 -51.26 44.14 51.88
CA ASN A 355 -51.38 43.03 50.96
C ASN A 355 -51.51 41.69 51.67
N ASN A 356 -51.30 41.64 52.98
CA ASN A 356 -51.50 40.45 53.80
C ASN A 356 -50.59 39.32 53.31
N LEU A 357 -49.30 39.60 53.34
CA LEU A 357 -48.28 38.68 52.88
C LEU A 357 -47.42 38.24 54.06
N ALA A 358 -46.97 37.00 54.00
CA ALA A 358 -46.15 36.42 55.05
C ALA A 358 -44.72 36.93 54.94
N GLY A 359 -43.98 36.76 56.02
CA GLY A 359 -42.62 37.24 56.10
C GLY A 359 -42.41 38.30 57.15
N ALA A 360 -43.33 39.25 57.28
CA ALA A 360 -43.29 40.22 58.35
C ALA A 360 -43.87 39.67 59.64
N GLU A 361 -44.15 38.37 59.66
CA GLU A 361 -44.62 37.70 60.87
C GLU A 361 -43.77 38.08 62.07
N GLU A 362 -42.47 37.82 61.95
CA GLU A 362 -41.52 38.37 62.91
C GLU A 362 -41.76 39.85 63.10
N LEU A 363 -41.76 40.59 61.99
CA LEU A 363 -41.87 42.03 62.04
C LEU A 363 -43.21 42.45 62.64
N PHE A 364 -44.27 41.70 62.33
CA PHE A 364 -45.55 41.94 62.99
C PHE A 364 -45.38 41.84 64.50
N ALA A 365 -45.04 40.65 64.99
CA ALA A 365 -44.85 40.46 66.42
C ALA A 365 -43.94 41.53 67.01
N ARG A 366 -43.01 42.05 66.21
CA ARG A 366 -42.16 43.12 66.69
C ARG A 366 -42.96 44.39 66.91
N LYS A 367 -43.74 44.80 65.90
CA LYS A 367 -44.70 45.88 66.07
C LYS A 367 -45.48 45.71 67.36
N PHE A 368 -45.96 44.49 67.58
CA PHE A 368 -46.70 44.18 68.79
C PHE A 368 -45.86 44.48 70.02
N ASN A 369 -44.75 43.77 70.16
CA ASN A 369 -43.82 43.98 71.25
C ASN A 369 -43.66 45.45 71.56
N ALA A 370 -43.52 46.27 70.52
CA ALA A 370 -43.42 47.70 70.72
C ALA A 370 -44.67 48.26 71.35
N LEU A 371 -45.80 48.16 70.65
CA LEU A 371 -47.03 48.80 71.11
C LEU A 371 -47.40 48.36 72.52
N PHE A 372 -47.42 47.05 72.76
CA PHE A 372 -47.57 46.55 74.12
C PHE A 372 -46.58 47.22 75.05
N ALA A 373 -45.29 47.12 74.73
CA ALA A 373 -44.26 47.78 75.52
C ALA A 373 -44.52 49.28 75.60
N GLN A 374 -44.92 49.89 74.50
CA GLN A 374 -45.27 51.30 74.53
C GLN A 374 -46.62 51.55 75.19
N GLY A 375 -47.16 50.58 75.90
CA GLY A 375 -48.45 50.75 76.50
C GLY A 375 -49.58 50.88 75.52
N ASN A 376 -49.32 50.68 74.24
CA ASN A 376 -50.34 50.82 73.22
C ASN A 376 -51.09 49.50 73.10
N TYR A 377 -51.51 49.02 74.26
CA TYR A 377 -52.25 47.77 74.32
C TYR A 377 -53.53 47.86 73.55
N SER A 378 -54.03 49.07 73.34
CA SER A 378 -55.16 49.26 72.44
C SER A 378 -54.79 48.84 71.04
N GLU A 379 -53.85 49.54 70.43
CA GLU A 379 -53.45 49.24 69.05
C GLU A 379 -52.94 47.83 68.95
N ALA A 380 -52.00 47.48 69.83
CA ALA A 380 -51.43 46.15 69.82
C ALA A 380 -52.50 45.09 70.05
N ALA A 381 -53.49 45.41 70.85
CA ALA A 381 -54.62 44.52 71.07
C ALA A 381 -55.40 44.31 69.78
N LYS A 382 -55.74 45.40 69.11
CA LYS A 382 -56.48 45.30 67.86
C LYS A 382 -55.75 44.43 66.86
N VAL A 383 -54.47 44.72 66.65
CA VAL A 383 -53.72 43.96 65.66
C VAL A 383 -53.45 42.56 66.18
N ALA A 384 -53.57 42.35 67.48
CA ALA A 384 -53.37 41.02 68.04
C ALA A 384 -54.56 40.14 67.73
N ALA A 385 -55.73 40.51 68.26
CA ALA A 385 -56.94 39.73 68.02
C ALA A 385 -57.31 39.70 66.54
N ASN A 386 -56.77 40.62 65.75
CA ASN A 386 -57.01 40.63 64.32
C ASN A 386 -55.74 40.45 63.52
N ALA A 387 -54.77 39.72 64.05
CA ALA A 387 -53.56 39.46 63.31
C ALA A 387 -53.88 38.60 62.08
N PRO A 388 -53.38 38.99 60.91
CA PRO A 388 -53.57 38.17 59.72
C PRO A 388 -52.95 36.80 59.94
N LYS A 389 -53.70 35.76 59.60
CA LYS A 389 -53.30 34.39 59.89
C LYS A 389 -53.06 34.20 61.38
N GLY A 390 -53.77 34.97 62.20
CA GLY A 390 -53.72 34.81 63.65
C GLY A 390 -52.33 34.87 64.24
N ILE A 391 -51.38 35.43 63.50
CA ILE A 391 -49.98 35.47 63.93
C ILE A 391 -49.82 35.95 65.37
N LEU A 392 -50.63 36.91 65.80
CA LEU A 392 -50.61 37.35 67.18
C LEU A 392 -51.93 37.03 67.86
N ARG A 393 -52.64 36.02 67.36
CA ARG A 393 -53.74 35.43 68.10
C ARG A 393 -53.33 34.14 68.77
N THR A 394 -52.04 33.82 68.78
CA THR A 394 -51.53 32.64 69.44
C THR A 394 -51.84 32.76 70.92
N PRO A 395 -51.77 31.68 71.68
CA PRO A 395 -52.02 31.79 73.11
C PRO A 395 -51.01 32.70 73.79
N ASP A 396 -49.73 32.52 73.47
CA ASP A 396 -48.68 33.26 74.15
C ASP A 396 -48.92 34.75 74.07
N THR A 397 -49.59 35.22 73.01
CA THR A 397 -50.08 36.58 73.00
C THR A 397 -50.97 36.83 74.20
N ILE A 398 -52.01 36.01 74.36
CA ILE A 398 -52.96 36.21 75.44
C ILE A 398 -52.26 36.10 76.77
N ARG A 399 -51.19 35.31 76.84
CA ARG A 399 -50.45 35.14 78.07
C ARG A 399 -49.63 36.39 78.38
N ARG A 400 -48.92 36.90 77.38
CA ARG A 400 -48.33 38.23 77.49
C ARG A 400 -49.33 39.18 78.12
N PHE A 401 -50.54 39.19 77.57
CA PHE A 401 -51.55 40.11 78.06
C PHE A 401 -51.86 39.84 79.52
N GLN A 402 -52.13 38.58 79.84
CA GLN A 402 -52.53 38.22 81.19
C GLN A 402 -51.47 38.61 82.20
N SER A 403 -50.21 38.57 81.79
CA SER A 403 -49.17 39.12 82.64
C SER A 403 -49.41 40.61 82.90
N VAL A 404 -49.84 41.33 81.87
CA VAL A 404 -49.99 42.78 82.00
C VAL A 404 -51.26 43.07 82.79
N PRO A 405 -51.13 43.65 83.96
CA PRO A 405 -52.32 43.94 84.78
C PRO A 405 -53.03 45.19 84.31
N ALA A 406 -54.04 45.60 85.07
CA ALA A 406 -54.77 46.81 84.74
C ALA A 406 -53.85 48.01 84.72
N GLN A 407 -54.14 48.94 83.84
CA GLN A 407 -53.32 50.13 83.69
C GLN A 407 -54.21 51.35 83.50
N PRO A 408 -54.16 52.33 84.40
CA PRO A 408 -54.97 53.53 84.22
C PRO A 408 -54.53 54.29 82.99
N GLY A 409 -55.34 55.28 82.61
CA GLY A 409 -55.06 56.04 81.40
C GLY A 409 -55.50 55.28 80.17
N GLN A 410 -55.72 53.99 80.34
CA GLN A 410 -56.28 53.14 79.30
C GLN A 410 -57.19 52.14 79.97
N THR A 411 -57.96 51.41 79.16
CA THR A 411 -58.57 50.19 79.67
C THR A 411 -57.46 49.27 80.12
N SER A 412 -57.73 48.46 81.13
CA SER A 412 -56.80 47.40 81.44
C SER A 412 -56.47 46.68 80.14
N PRO A 413 -55.19 46.67 79.75
CA PRO A 413 -54.81 45.99 78.51
C PRO A 413 -55.54 44.69 78.32
N LEU A 414 -55.38 43.78 79.27
CA LEU A 414 -56.16 42.55 79.29
C LEU A 414 -57.59 42.79 78.86
N LEU A 415 -58.26 43.72 79.50
CA LEU A 415 -59.64 43.99 79.17
C LEU A 415 -59.76 44.56 77.76
N GLN A 416 -58.74 45.24 77.27
CA GLN A 416 -58.79 45.70 75.89
C GLN A 416 -58.85 44.52 74.93
N TYR A 417 -57.87 43.61 75.04
CA TYR A 417 -57.91 42.40 74.24
C TYR A 417 -59.24 41.68 74.40
N PHE A 418 -59.74 41.62 75.63
CA PHE A 418 -60.92 40.82 75.91
C PHE A 418 -62.17 41.44 75.30
N GLY A 419 -62.31 42.76 75.41
CA GLY A 419 -63.42 43.42 74.75
C GLY A 419 -63.37 43.22 73.26
N ILE A 420 -62.18 43.31 72.69
CA ILE A 420 -62.03 43.03 71.26
C ILE A 420 -62.53 41.62 70.96
N LEU A 421 -62.08 40.64 71.75
CA LEU A 421 -62.43 39.25 71.50
C LEU A 421 -63.93 39.04 71.58
N LEU A 422 -64.55 39.46 72.68
CA LEU A 422 -65.98 39.30 72.82
C LEU A 422 -66.71 39.99 71.68
N ASP A 423 -66.31 41.22 71.36
CA ASP A 423 -66.87 41.89 70.19
C ASP A 423 -66.62 41.10 68.93
N GLN A 424 -65.51 40.37 68.87
CA GLN A 424 -65.28 39.48 67.76
C GLN A 424 -66.08 38.20 67.86
N GLY A 425 -67.01 38.11 68.82
CA GLY A 425 -67.90 36.98 68.91
C GLY A 425 -67.16 35.67 69.08
N GLN A 426 -67.56 34.66 68.31
CA GLN A 426 -66.82 33.40 68.31
C GLN A 426 -65.36 33.67 67.95
N LEU A 427 -64.48 32.83 68.47
CA LEU A 427 -63.06 33.14 68.47
C LEU A 427 -62.27 31.89 68.17
N ASN A 428 -60.99 31.94 68.52
CA ASN A 428 -60.13 30.80 68.31
C ASN A 428 -60.00 30.00 69.59
N LYS A 429 -59.41 28.81 69.44
CA LYS A 429 -59.23 27.91 70.57
C LYS A 429 -58.40 28.58 71.66
N TYR A 430 -57.24 29.12 71.29
CA TYR A 430 -56.48 29.89 72.25
C TYR A 430 -57.29 31.04 72.78
N GLU A 431 -57.95 31.77 71.88
CA GLU A 431 -58.75 32.91 72.30
C GLU A 431 -59.83 32.49 73.28
N SER A 432 -60.75 31.64 72.85
CA SER A 432 -61.85 31.21 73.71
C SER A 432 -61.32 30.61 75.00
N LEU A 433 -60.32 29.74 74.91
CA LEU A 433 -59.78 29.09 76.09
C LEU A 433 -59.24 30.10 77.08
N GLU A 434 -58.16 30.78 76.70
CA GLU A 434 -57.54 31.75 77.59
C GLU A 434 -58.51 32.83 78.01
N LEU A 435 -59.65 32.93 77.33
CA LEU A 435 -60.71 33.78 77.83
C LEU A 435 -61.39 33.13 79.02
N CYS A 436 -61.94 31.95 78.84
CA CYS A 436 -62.67 31.31 79.93
C CYS A 436 -61.79 31.04 81.14
N ARG A 437 -60.57 30.58 80.90
CA ARG A 437 -59.74 30.06 81.98
C ARG A 437 -59.64 30.99 83.18
N PRO A 438 -59.22 32.25 83.05
CA PRO A 438 -59.21 33.12 84.23
C PRO A 438 -60.63 33.41 84.69
N VAL A 439 -61.48 33.78 83.74
CA VAL A 439 -62.84 34.18 84.08
C VAL A 439 -63.58 33.06 84.76
N LEU A 440 -63.23 31.82 84.42
CA LEU A 440 -63.67 30.68 85.22
C LEU A 440 -63.25 30.88 86.66
N GLN A 441 -61.94 30.90 86.90
CA GLN A 441 -61.43 31.12 88.25
C GLN A 441 -61.88 32.47 88.79
N GLN A 442 -62.05 33.45 87.91
CA GLN A 442 -62.55 34.75 88.35
C GLN A 442 -63.99 34.70 88.83
N GLY A 443 -64.61 33.52 88.80
CA GLY A 443 -65.98 33.39 89.27
C GLY A 443 -67.01 34.08 88.41
N ARG A 444 -66.61 34.65 87.29
CA ARG A 444 -67.55 35.29 86.36
C ARG A 444 -68.05 34.28 85.34
N LYS A 445 -68.10 33.02 85.76
CA LYS A 445 -68.53 31.94 84.90
C LYS A 445 -69.87 32.22 84.25
N GLN A 446 -70.71 33.01 84.93
CA GLN A 446 -71.98 33.38 84.32
C GLN A 446 -71.76 34.19 83.05
N LEU A 447 -70.83 35.13 83.08
CA LEU A 447 -70.50 35.88 81.88
C LEU A 447 -69.99 34.96 80.80
N LEU A 448 -69.19 33.98 81.19
CA LEU A 448 -68.73 32.96 80.25
C LEU A 448 -69.90 32.23 79.62
N GLU A 449 -70.86 31.80 80.44
CA GLU A 449 -72.08 31.21 79.92
C GLU A 449 -72.69 32.11 78.88
N LYS A 450 -72.83 33.39 79.19
CA LYS A 450 -73.41 34.34 78.25
C LYS A 450 -72.66 34.30 76.93
N TRP A 451 -71.35 34.51 76.96
CA TRP A 451 -70.55 34.43 75.74
C TRP A 451 -70.79 33.14 74.99
N LEU A 452 -71.00 32.04 75.73
CA LEU A 452 -71.30 30.78 75.06
C LEU A 452 -72.62 30.88 74.32
N LYS A 453 -73.69 31.22 75.03
CA LYS A 453 -74.95 31.52 74.37
C LYS A 453 -74.75 32.56 73.29
N GLU A 454 -74.20 33.71 73.67
CA GLU A 454 -73.94 34.80 72.77
C GLU A 454 -72.84 34.47 71.76
N ASP A 455 -72.27 33.27 71.84
CA ASP A 455 -71.27 32.81 70.87
C ASP A 455 -70.13 33.81 70.77
N LYS A 456 -69.84 34.46 71.88
CA LYS A 456 -68.63 35.26 72.00
C LYS A 456 -67.44 34.39 72.32
N LEU A 457 -67.61 33.07 72.26
CA LEU A 457 -66.54 32.12 72.45
C LEU A 457 -66.70 31.01 71.42
N GLU A 458 -65.71 30.14 71.37
CA GLU A 458 -65.81 28.98 70.50
C GLU A 458 -66.91 28.03 70.95
N CYS A 459 -67.35 28.16 72.20
CA CYS A 459 -68.24 27.19 72.80
C CYS A 459 -67.62 25.81 72.72
N SER A 460 -66.29 25.76 72.81
CA SER A 460 -65.54 24.58 72.42
C SER A 460 -65.56 23.52 73.52
N GLU A 461 -65.40 22.26 73.09
CA GLU A 461 -65.30 21.16 74.03
C GLU A 461 -64.13 21.36 74.97
N GLU A 462 -63.11 22.12 74.54
CA GLU A 462 -62.10 22.57 75.48
C GLU A 462 -62.76 23.28 76.64
N LEU A 463 -63.57 24.29 76.34
CA LEU A 463 -64.30 24.99 77.38
C LEU A 463 -65.23 24.04 78.10
N GLY A 464 -65.77 23.06 77.40
CA GLY A 464 -66.59 22.05 78.06
C GLY A 464 -65.82 21.32 79.14
N ASP A 465 -64.55 21.03 78.87
CA ASP A 465 -63.71 20.42 79.89
C ASP A 465 -63.45 21.38 81.02
N LEU A 466 -63.11 22.63 80.67
CA LEU A 466 -62.94 23.68 81.66
C LEU A 466 -64.12 23.69 82.61
N VAL A 467 -65.32 23.45 82.10
CA VAL A 467 -66.48 23.34 82.98
C VAL A 467 -66.44 22.02 83.72
N LYS A 468 -66.23 20.92 82.99
CA LYS A 468 -66.12 19.62 83.61
C LYS A 468 -65.07 19.61 84.70
N SER A 469 -64.03 20.43 84.56
CA SER A 469 -63.07 20.58 85.65
C SER A 469 -63.74 20.96 86.95
N VAL A 470 -64.92 21.59 86.89
CA VAL A 470 -65.74 21.80 88.06
C VAL A 470 -67.15 21.24 87.90
N ASP A 471 -67.67 21.18 86.68
CA ASP A 471 -69.07 20.83 86.53
C ASP A 471 -69.31 20.14 85.20
N PRO A 472 -69.74 18.89 85.20
CA PRO A 472 -70.16 18.27 83.94
C PRO A 472 -71.47 18.85 83.44
N THR A 473 -72.27 19.40 84.35
CA THR A 473 -73.57 19.92 83.96
C THR A 473 -73.44 20.94 82.84
N LEU A 474 -72.83 22.09 83.14
CA LEU A 474 -72.68 23.12 82.12
C LEU A 474 -71.71 22.67 81.05
N ALA A 475 -70.81 21.77 81.41
CA ALA A 475 -69.89 21.21 80.43
C ALA A 475 -70.67 20.66 79.24
N LEU A 476 -71.54 19.69 79.50
CA LEU A 476 -72.29 19.04 78.44
C LEU A 476 -73.05 20.05 77.59
N SER A 477 -73.31 21.23 78.13
CA SER A 477 -73.86 22.30 77.30
C SER A 477 -72.83 22.78 76.29
N VAL A 478 -71.60 23.00 76.75
CA VAL A 478 -70.55 23.46 75.84
C VAL A 478 -70.25 22.39 74.81
N TYR A 479 -70.21 21.13 75.24
CA TYR A 479 -70.08 20.02 74.30
C TYR A 479 -71.23 20.03 73.32
N LEU A 480 -72.45 20.20 73.82
CA LEU A 480 -73.56 20.54 72.95
C LEU A 480 -73.20 21.71 72.06
N ARG A 481 -72.66 22.77 72.65
CA ARG A 481 -72.40 23.99 71.93
C ARG A 481 -71.13 23.92 71.11
N ALA A 482 -70.32 22.89 71.30
CA ALA A 482 -69.29 22.69 70.29
C ALA A 482 -69.70 21.63 69.27
N ASN A 483 -69.68 20.36 69.67
CA ASN A 483 -70.02 19.32 68.71
C ASN A 483 -70.67 18.09 69.31
N VAL A 484 -70.90 18.10 70.62
CA VAL A 484 -71.46 16.96 71.33
C VAL A 484 -70.61 15.74 71.01
N PRO A 485 -69.40 15.62 71.56
CA PRO A 485 -68.54 14.47 71.20
C PRO A 485 -68.80 13.25 72.07
N ASN A 486 -68.55 12.06 71.54
CA ASN A 486 -68.56 10.87 72.39
C ASN A 486 -67.60 11.03 73.57
N LYS A 487 -66.35 11.40 73.28
CA LYS A 487 -65.27 11.12 74.22
C LYS A 487 -65.50 11.80 75.55
N VAL A 488 -65.41 13.13 75.59
CA VAL A 488 -65.38 13.79 76.89
C VAL A 488 -66.73 13.69 77.54
N ILE A 489 -67.78 13.69 76.74
CA ILE A 489 -69.13 13.53 77.26
C ILE A 489 -69.23 12.26 78.07
N GLN A 490 -68.68 11.16 77.57
CA GLN A 490 -68.75 9.93 78.35
C GLN A 490 -67.61 9.86 79.34
N CYS A 491 -66.64 10.75 79.24
CA CYS A 491 -65.58 10.77 80.24
C CYS A 491 -66.16 11.01 81.61
N PHE A 492 -67.21 11.82 81.68
CA PHE A 492 -67.84 12.13 82.93
C PHE A 492 -69.34 12.24 82.75
N ALA A 493 -70.09 11.56 83.61
CA ALA A 493 -71.51 11.86 83.76
C ALA A 493 -71.92 11.72 85.22
N GLU A 494 -71.12 12.24 86.14
CA GLU A 494 -71.62 12.41 87.49
C GLU A 494 -72.94 13.14 87.47
N THR A 495 -72.96 14.29 86.78
CA THR A 495 -74.18 15.07 86.63
C THR A 495 -74.25 15.59 85.21
N GLY A 496 -75.43 16.08 84.85
CA GLY A 496 -75.62 16.68 83.55
C GLY A 496 -76.47 15.83 82.63
N GLN A 497 -76.52 16.28 81.38
CA GLN A 497 -77.40 15.76 80.35
C GLN A 497 -77.27 14.25 80.18
N VAL A 498 -78.30 13.50 80.58
CA VAL A 498 -78.26 12.05 80.47
C VAL A 498 -78.23 11.63 79.00
N GLN A 499 -78.92 12.39 78.15
CA GLN A 499 -79.15 11.98 76.77
C GLN A 499 -77.84 11.73 76.05
N LYS A 500 -77.02 12.77 75.91
CA LYS A 500 -75.81 12.65 75.10
C LYS A 500 -74.91 11.56 75.64
N ILE A 501 -74.75 11.51 76.96
CA ILE A 501 -73.90 10.48 77.57
C ILE A 501 -74.40 9.10 77.22
N VAL A 502 -75.67 8.80 77.50
CA VAL A 502 -76.13 7.44 77.33
C VAL A 502 -76.17 7.10 75.85
N LEU A 503 -76.46 8.08 75.00
CA LEU A 503 -76.57 7.84 73.58
C LEU A 503 -75.21 7.56 72.98
N TYR A 504 -74.21 8.35 73.37
CA TYR A 504 -72.86 8.07 72.94
C TYR A 504 -72.34 6.78 73.52
N ALA A 505 -72.74 6.44 74.74
CA ALA A 505 -72.35 5.16 75.28
C ALA A 505 -72.87 4.04 74.40
N LYS A 506 -74.19 3.92 74.31
CA LYS A 506 -74.77 2.87 73.49
C LYS A 506 -74.26 2.93 72.06
N LYS A 507 -73.94 4.12 71.58
CA LYS A 507 -73.28 4.30 70.31
C LYS A 507 -71.77 4.47 70.47
N VAL A 508 -71.09 3.43 70.93
CA VAL A 508 -69.64 3.42 71.05
C VAL A 508 -69.05 4.01 69.78
N GLY A 509 -68.06 4.89 69.90
CA GLY A 509 -67.34 5.16 71.13
C GLY A 509 -68.05 5.85 72.27
N TYR A 510 -67.54 5.65 73.49
CA TYR A 510 -66.38 4.79 73.69
C TYR A 510 -66.56 3.89 74.89
N THR A 511 -66.16 2.64 74.73
CA THR A 511 -66.13 1.71 75.84
C THR A 511 -65.17 2.15 76.94
N PRO A 512 -64.02 2.76 76.64
CA PRO A 512 -63.30 3.41 77.74
C PRO A 512 -64.10 4.55 78.30
N ASP A 513 -64.75 5.31 77.44
CA ASP A 513 -65.65 6.35 77.90
C ASP A 513 -66.85 5.75 78.63
N TRP A 514 -67.34 4.60 78.16
CA TRP A 514 -68.29 3.81 78.94
C TRP A 514 -67.78 3.59 80.36
N ILE A 515 -66.53 3.16 80.46
CA ILE A 515 -65.90 2.89 81.75
C ILE A 515 -65.89 4.14 82.60
N PHE A 516 -65.52 5.26 81.99
CA PHE A 516 -65.43 6.50 82.73
C PHE A 516 -66.80 6.93 83.22
N LEU A 517 -67.84 6.64 82.46
CA LEU A 517 -69.18 6.77 82.98
C LEU A 517 -69.39 5.89 84.19
N LEU A 518 -69.29 4.57 84.00
CA LEU A 518 -69.62 3.63 85.06
C LEU A 518 -68.76 3.85 86.30
N ARG A 519 -67.75 4.70 86.18
CA ARG A 519 -67.03 5.14 87.37
C ARG A 519 -67.61 6.46 87.89
N ASN A 520 -67.52 7.48 87.05
CA ASN A 520 -67.96 8.83 87.42
C ASN A 520 -69.42 8.83 87.83
N VAL A 521 -70.29 8.35 86.94
CA VAL A 521 -71.71 8.31 87.24
C VAL A 521 -71.98 7.51 88.48
N MET A 522 -71.22 6.44 88.71
CA MET A 522 -71.35 5.68 89.94
C MET A 522 -70.42 6.27 90.99
N ARG A 523 -70.44 7.60 91.02
CA ARG A 523 -69.79 8.39 92.04
C ARG A 523 -70.56 9.69 92.17
N ILE A 524 -71.54 9.72 93.05
CA ILE A 524 -72.47 10.84 93.16
C ILE A 524 -73.05 10.86 94.56
N SER A 525 -72.99 12.01 95.20
CA SER A 525 -73.57 12.18 96.53
C SER A 525 -75.07 11.90 96.56
N PRO A 526 -75.82 12.09 95.46
CA PRO A 526 -77.19 11.58 95.45
C PRO A 526 -77.22 10.10 95.74
N ASP A 527 -78.43 9.62 95.98
CA ASP A 527 -78.63 8.35 96.65
C ASP A 527 -79.33 7.38 95.72
N GLN A 528 -79.83 6.29 96.26
CA GLN A 528 -80.62 5.32 95.50
C GLN A 528 -81.74 6.08 94.79
N GLY A 529 -82.28 5.54 93.71
CA GLY A 529 -83.40 6.20 93.09
C GLY A 529 -83.06 6.70 91.70
N GLN A 530 -84.05 7.29 91.05
CA GLN A 530 -83.96 7.66 89.65
C GLN A 530 -82.93 8.77 89.50
N GLN A 531 -81.77 8.41 88.98
CA GLN A 531 -80.66 9.33 88.83
C GLN A 531 -79.94 9.03 87.54
N PHE A 532 -78.94 9.87 87.23
CA PHE A 532 -78.15 9.65 86.03
C PHE A 532 -77.68 8.21 85.94
N ALA A 533 -77.20 7.65 87.06
CA ALA A 533 -76.86 6.24 87.11
C ALA A 533 -78.00 5.39 86.61
N GLN A 534 -79.18 5.60 87.18
CA GLN A 534 -80.33 4.80 86.79
C GLN A 534 -80.56 4.85 85.29
N MET A 535 -80.82 6.05 84.76
CA MET A 535 -81.21 6.15 83.36
C MET A 535 -80.10 5.67 82.45
N LEU A 536 -78.85 5.99 82.77
CA LEU A 536 -77.75 5.48 81.98
C LEU A 536 -77.78 3.96 81.94
N VAL A 537 -77.58 3.32 83.08
CA VAL A 537 -77.40 1.87 83.11
C VAL A 537 -78.63 1.18 82.54
N GLN A 538 -79.80 1.73 82.81
CA GLN A 538 -81.01 1.21 82.18
C GLN A 538 -80.92 1.29 80.67
N ASP A 539 -80.82 2.51 80.16
CA ASP A 539 -80.73 2.74 78.73
C ASP A 539 -79.47 2.16 78.13
N GLU A 540 -78.37 2.17 78.87
CA GLU A 540 -77.13 1.67 78.31
C GLU A 540 -77.19 0.17 78.09
N GLU A 541 -76.29 -0.29 77.24
CA GLU A 541 -76.14 -1.67 76.82
C GLU A 541 -75.30 -2.40 77.86
N PRO A 542 -75.00 -3.71 77.68
CA PRO A 542 -74.11 -4.42 78.61
C PRO A 542 -72.96 -3.57 79.13
N LEU A 543 -72.73 -3.64 80.43
CA LEU A 543 -71.95 -2.63 81.12
C LEU A 543 -70.46 -2.92 81.04
N ALA A 544 -69.69 -1.85 80.93
CA ALA A 544 -68.23 -1.91 80.94
C ALA A 544 -67.69 -0.75 81.75
N ASP A 545 -67.40 -1.01 83.02
CA ASP A 545 -67.61 -2.32 83.59
C ASP A 545 -68.61 -2.30 84.71
N ILE A 546 -69.34 -3.41 84.86
CA ILE A 546 -70.14 -3.62 86.07
C ILE A 546 -69.26 -3.46 87.29
N THR A 547 -68.08 -4.08 87.24
CA THR A 547 -67.08 -3.90 88.28
C THR A 547 -66.99 -2.45 88.71
N GLN A 548 -66.83 -1.53 87.75
CA GLN A 548 -66.75 -0.12 88.11
C GLN A 548 -67.94 0.29 88.95
N ILE A 549 -69.14 0.20 88.38
CA ILE A 549 -70.35 0.62 89.09
C ILE A 549 -70.36 0.07 90.50
N VAL A 550 -70.28 -1.25 90.61
CA VAL A 550 -70.65 -1.92 91.84
C VAL A 550 -69.55 -1.78 92.87
N ASP A 551 -68.31 -2.09 92.48
CA ASP A 551 -67.21 -1.98 93.42
C ASP A 551 -67.01 -0.53 93.86
N VAL A 552 -67.23 0.42 92.96
CA VAL A 552 -67.05 1.81 93.36
C VAL A 552 -68.14 2.22 94.34
N PHE A 553 -69.40 2.01 93.97
CA PHE A 553 -70.50 2.21 94.91
C PHE A 553 -70.19 1.55 96.25
N MET A 554 -69.62 0.36 96.20
CA MET A 554 -69.23 -0.37 97.39
C MET A 554 -68.20 0.38 98.21
N GLU A 555 -67.21 0.96 97.55
CA GLU A 555 -66.16 1.69 98.26
C GLU A 555 -66.76 2.75 99.15
N TYR A 556 -67.80 3.42 98.67
CA TYR A 556 -68.58 4.30 99.52
C TYR A 556 -69.79 3.60 100.10
N ASN A 557 -69.93 2.30 99.83
CA ASN A 557 -71.06 1.52 100.30
C ASN A 557 -72.37 2.13 99.81
N LEU A 558 -72.39 2.47 98.53
CA LEU A 558 -73.60 2.91 97.86
C LEU A 558 -74.32 1.75 97.21
N ILE A 559 -74.16 0.56 97.78
CA ILE A 559 -74.85 -0.63 97.30
C ILE A 559 -76.33 -0.34 97.34
N GLN A 560 -76.79 0.34 98.37
CA GLN A 560 -78.20 0.72 98.40
C GLN A 560 -78.56 1.56 97.17
N GLN A 561 -77.63 2.41 96.73
CA GLN A 561 -77.87 3.19 95.52
C GLN A 561 -77.72 2.32 94.28
N CYS A 562 -76.62 1.56 94.21
CA CYS A 562 -76.42 0.67 93.07
C CYS A 562 -77.65 -0.19 92.88
N THR A 563 -77.96 -1.03 93.87
CA THR A 563 -79.12 -1.92 93.82
C THR A 563 -80.32 -1.25 93.18
N ALA A 564 -80.67 -0.05 93.62
CA ALA A 564 -81.72 0.67 92.92
C ALA A 564 -81.41 0.74 91.43
N PHE A 565 -80.27 1.35 91.10
CA PHE A 565 -79.91 1.58 89.71
C PHE A 565 -79.90 0.27 88.93
N LEU A 566 -79.38 -0.77 89.56
CA LEU A 566 -79.12 -2.05 88.92
C LEU A 566 -80.39 -2.83 88.71
N LEU A 567 -81.25 -2.90 89.72
CA LEU A 567 -82.56 -3.49 89.53
C LEU A 567 -83.25 -2.81 88.37
N ASP A 568 -83.21 -1.47 88.35
CA ASP A 568 -83.84 -0.74 87.28
C ASP A 568 -83.26 -1.11 85.93
N ALA A 569 -81.94 -1.31 85.88
CA ALA A 569 -81.30 -1.61 84.61
C ALA A 569 -81.56 -3.04 84.18
N LEU A 570 -81.42 -3.99 85.11
CA LEU A 570 -81.68 -5.39 84.81
C LEU A 570 -83.12 -5.64 84.44
N LYS A 571 -84.03 -4.79 84.91
CA LYS A 571 -85.36 -4.78 84.31
C LYS A 571 -85.25 -4.68 82.80
N ASN A 572 -84.39 -3.79 82.31
CA ASN A 572 -84.04 -3.83 80.90
C ASN A 572 -83.09 -5.00 80.65
N ASN A 573 -83.17 -5.56 79.46
CA ASN A 573 -82.42 -6.75 79.16
C ASN A 573 -81.04 -6.47 78.61
N ARG A 574 -80.70 -5.20 78.38
CA ARG A 574 -79.31 -4.90 78.02
C ARG A 574 -78.38 -5.36 79.11
N PRO A 575 -78.51 -4.92 80.36
CA PRO A 575 -77.87 -5.68 81.43
C PRO A 575 -78.77 -6.83 81.85
N SER A 576 -78.50 -8.03 81.36
CA SER A 576 -79.16 -9.21 81.91
C SER A 576 -78.30 -10.45 81.88
N GLU A 577 -77.02 -10.38 81.52
CA GLU A 577 -76.23 -11.59 81.45
C GLU A 577 -76.13 -12.24 82.82
N GLY A 578 -76.18 -13.56 82.81
CA GLY A 578 -76.10 -14.35 84.02
C GLY A 578 -75.03 -13.88 84.97
N PRO A 579 -73.76 -14.00 84.57
CA PRO A 579 -72.68 -13.65 85.49
C PRO A 579 -72.73 -12.21 85.93
N LEU A 580 -73.15 -11.33 85.03
CA LEU A 580 -73.40 -9.96 85.43
C LEU A 580 -74.34 -9.91 86.62
N GLN A 581 -75.52 -10.51 86.48
CA GLN A 581 -76.48 -10.56 87.56
C GLN A 581 -75.88 -11.18 88.80
N THR A 582 -75.05 -12.20 88.63
CA THR A 582 -74.40 -12.82 89.77
C THR A 582 -73.60 -11.81 90.55
N ARG A 583 -72.65 -11.14 89.89
CA ARG A 583 -71.84 -10.14 90.56
C ARG A 583 -72.73 -9.08 91.22
N LEU A 584 -73.68 -8.56 90.45
CA LEU A 584 -74.54 -7.51 90.96
C LEU A 584 -75.20 -7.95 92.24
N LEU A 585 -76.06 -8.97 92.15
CA LEU A 585 -76.82 -9.40 93.31
C LEU A 585 -75.91 -9.88 94.43
N GLU A 586 -74.73 -10.38 94.10
CA GLU A 586 -73.77 -10.70 95.15
C GLU A 586 -73.49 -9.48 96.00
N MET A 587 -72.97 -8.43 95.38
CA MET A 587 -72.67 -7.22 96.15
C MET A 587 -73.95 -6.65 96.74
N ASN A 588 -75.07 -6.86 96.06
CA ASN A 588 -76.32 -6.23 96.47
C ASN A 588 -76.88 -6.86 97.73
N LEU A 589 -77.22 -8.14 97.64
CA LEU A 589 -77.66 -8.89 98.79
C LEU A 589 -76.64 -8.80 99.91
N MET A 590 -75.37 -8.94 99.56
CA MET A 590 -74.32 -9.16 100.54
C MET A 590 -73.98 -7.92 101.34
N HIS A 591 -73.77 -6.78 100.69
CA HIS A 591 -73.40 -5.59 101.44
C HIS A 591 -74.61 -4.77 101.85
N ALA A 592 -75.70 -4.88 101.10
CA ALA A 592 -76.92 -4.14 101.40
C ALA A 592 -78.04 -5.15 101.57
N PRO A 593 -78.12 -5.82 102.71
CA PRO A 593 -79.25 -6.71 102.96
C PRO A 593 -80.57 -5.99 102.88
N GLN A 594 -80.61 -4.76 103.40
CA GLN A 594 -81.81 -3.95 103.37
C GLN A 594 -82.55 -4.07 102.05
N VAL A 595 -81.87 -3.73 100.95
CA VAL A 595 -82.44 -3.79 99.63
C VAL A 595 -82.38 -5.20 99.04
N ALA A 596 -81.68 -6.12 99.70
CA ALA A 596 -81.65 -7.49 99.21
C ALA A 596 -83.06 -8.03 99.05
N ASP A 597 -83.88 -7.90 100.07
CA ASP A 597 -85.24 -8.41 99.98
C ASP A 597 -86.06 -7.62 99.00
N ALA A 598 -85.65 -6.39 98.70
CA ALA A 598 -86.27 -5.69 97.58
C ALA A 598 -86.04 -6.46 96.30
N ILE A 599 -84.82 -6.97 96.10
CA ILE A 599 -84.55 -7.77 94.92
C ILE A 599 -85.41 -9.02 94.93
N LEU A 600 -85.65 -9.57 96.12
CA LEU A 600 -86.66 -10.60 96.24
C LEU A 600 -87.97 -10.13 95.64
N GLY A 601 -88.50 -9.01 96.14
CA GLY A 601 -89.67 -8.41 95.54
C GLY A 601 -89.45 -8.05 94.08
N ASN A 602 -88.20 -7.90 93.68
CA ASN A 602 -87.89 -7.68 92.28
C ASN A 602 -87.87 -9.00 91.52
N GLN A 603 -87.30 -8.99 90.32
CA GLN A 603 -87.42 -10.07 89.36
C GLN A 603 -86.60 -11.28 89.76
N MET A 604 -86.17 -11.32 91.02
CA MET A 604 -85.23 -12.35 91.48
C MET A 604 -85.64 -13.74 91.04
N PHE A 605 -86.94 -13.98 90.92
CA PHE A 605 -87.40 -15.23 90.34
C PHE A 605 -88.20 -15.02 89.07
N THR A 606 -88.88 -13.90 88.96
CA THR A 606 -89.73 -13.68 87.80
C THR A 606 -88.89 -13.60 86.55
N HIS A 607 -87.77 -12.90 86.63
CA HIS A 607 -86.92 -12.70 85.47
C HIS A 607 -85.45 -12.93 85.79
N TYR A 608 -85.09 -13.02 87.05
CA TYR A 608 -83.74 -13.41 87.41
C TYR A 608 -83.73 -14.89 87.76
N ASP A 609 -82.61 -15.53 87.47
CA ASP A 609 -82.51 -16.98 87.51
C ASP A 609 -82.06 -17.41 88.90
N ARG A 610 -82.87 -18.27 89.53
CA ARG A 610 -82.69 -18.59 90.93
C ARG A 610 -81.32 -19.16 91.25
N ALA A 611 -80.98 -20.30 90.64
CA ALA A 611 -79.83 -21.08 91.06
C ALA A 611 -78.63 -20.21 91.39
N HIS A 612 -78.30 -19.28 90.50
CA HIS A 612 -77.19 -18.37 90.78
C HIS A 612 -77.44 -17.58 92.05
N ILE A 613 -78.60 -16.94 92.14
CA ILE A 613 -78.88 -16.05 93.26
C ILE A 613 -78.88 -16.84 94.56
N ALA A 614 -79.43 -18.05 94.52
CA ALA A 614 -79.39 -18.91 95.68
C ALA A 614 -77.95 -19.22 96.06
N GLN A 615 -77.12 -19.52 95.06
CA GLN A 615 -75.69 -19.68 95.34
C GLN A 615 -75.13 -18.45 96.02
N LEU A 616 -75.62 -17.28 95.64
CA LEU A 616 -75.10 -16.05 96.23
C LEU A 616 -75.50 -15.98 97.70
N CYS A 617 -76.76 -16.30 97.98
CA CYS A 617 -77.21 -16.38 99.36
C CYS A 617 -76.43 -17.44 100.12
N GLU A 618 -76.01 -18.49 99.43
CA GLU A 618 -75.08 -19.44 100.02
C GLU A 618 -73.83 -18.72 100.45
N LYS A 619 -73.17 -18.08 99.48
CA LYS A 619 -71.95 -17.33 99.75
C LYS A 619 -72.22 -16.09 100.57
N ALA A 620 -73.48 -15.67 100.70
CA ALA A 620 -73.78 -14.47 101.46
C ALA A 620 -73.25 -14.57 102.88
N GLY A 621 -73.73 -15.55 103.62
CA GLY A 621 -73.45 -15.60 105.03
C GLY A 621 -74.29 -14.66 105.87
N LEU A 622 -75.30 -14.03 105.26
CA LEU A 622 -76.27 -13.24 106.00
C LEU A 622 -77.51 -14.12 106.14
N LEU A 623 -77.48 -14.99 107.14
CA LEU A 623 -78.52 -16.01 107.28
C LEU A 623 -79.90 -15.38 107.22
N GLN A 624 -80.11 -14.27 107.92
CA GLN A 624 -81.42 -13.64 107.93
C GLN A 624 -81.95 -13.46 106.51
N ARG A 625 -81.29 -12.60 105.74
CA ARG A 625 -81.74 -12.42 104.36
C ARG A 625 -81.54 -13.69 103.57
N ALA A 626 -80.29 -14.13 103.41
CA ALA A 626 -79.96 -15.22 102.52
C ALA A 626 -80.96 -16.36 102.63
N LEU A 627 -81.39 -16.66 103.86
CA LEU A 627 -82.26 -17.81 104.07
C LEU A 627 -83.68 -17.53 103.63
N GLU A 628 -84.22 -16.35 103.93
CA GLU A 628 -85.53 -16.00 103.41
C GLU A 628 -85.50 -15.95 101.89
N HIS A 629 -84.47 -15.32 101.34
CA HIS A 629 -84.22 -15.39 99.92
C HIS A 629 -84.29 -16.83 99.44
N PHE A 630 -83.59 -17.73 100.12
CA PHE A 630 -83.58 -19.14 99.78
C PHE A 630 -84.99 -19.71 99.74
N THR A 631 -85.74 -19.49 100.82
CA THR A 631 -87.13 -19.91 100.87
C THR A 631 -87.85 -19.46 99.62
N ASP A 632 -87.63 -18.22 99.23
CA ASP A 632 -88.31 -17.70 98.06
C ASP A 632 -87.67 -18.22 96.79
N LEU A 633 -86.51 -18.85 96.91
CA LEU A 633 -85.77 -19.41 95.80
C LEU A 633 -86.10 -20.87 95.56
N TYR A 634 -86.63 -21.55 96.57
CA TYR A 634 -87.00 -22.96 96.47
C TYR A 634 -85.79 -23.79 96.03
N ASP A 635 -84.65 -23.41 96.60
CA ASP A 635 -83.38 -24.10 96.44
C ASP A 635 -82.93 -24.58 97.80
N ILE A 636 -83.89 -25.19 98.50
CA ILE A 636 -83.83 -25.43 99.94
C ILE A 636 -82.48 -25.99 100.35
N LYS A 637 -82.01 -27.00 99.61
CA LYS A 637 -80.83 -27.74 100.05
C LYS A 637 -79.66 -26.81 100.32
N ARG A 638 -79.52 -25.74 99.53
CA ARG A 638 -78.52 -24.74 99.85
C ARG A 638 -78.72 -24.18 101.25
N ALA A 639 -79.86 -23.54 101.49
CA ALA A 639 -80.13 -22.94 102.79
C ALA A 639 -79.92 -23.93 103.91
N VAL A 640 -80.42 -25.15 103.75
CA VAL A 640 -80.32 -26.10 104.84
C VAL A 640 -78.86 -26.46 105.07
N VAL A 641 -78.09 -26.64 103.98
CA VAL A 641 -76.67 -26.85 104.11
C VAL A 641 -76.05 -25.78 104.97
N HIS A 642 -76.36 -24.52 104.66
CA HIS A 642 -75.72 -23.44 105.40
C HIS A 642 -76.12 -23.46 106.86
N THR A 643 -77.41 -23.71 107.13
CA THR A 643 -77.85 -23.82 108.52
C THR A 643 -77.09 -24.91 109.24
N HIS A 644 -76.92 -26.06 108.60
CA HIS A 644 -76.07 -27.09 109.18
C HIS A 644 -74.68 -26.55 109.41
N LEU A 645 -74.10 -25.91 108.40
CA LEU A 645 -72.80 -25.29 108.54
C LEU A 645 -72.83 -24.24 109.61
N LEU A 646 -73.82 -23.38 109.58
CA LEU A 646 -73.73 -22.14 110.32
C LEU A 646 -75.08 -21.71 110.87
N ASN A 647 -75.23 -21.83 112.18
CA ASN A 647 -76.24 -21.11 112.94
C ASN A 647 -77.62 -21.31 112.33
N PRO A 648 -78.19 -22.48 112.51
CA PRO A 648 -79.50 -22.77 111.92
C PRO A 648 -80.55 -21.76 112.28
N GLU A 649 -81.04 -21.01 111.30
CA GLU A 649 -82.22 -20.19 111.51
C GLU A 649 -83.42 -21.09 111.47
N TRP A 650 -84.34 -20.86 112.43
CA TRP A 650 -85.51 -21.71 112.57
C TRP A 650 -86.10 -22.05 111.20
N LEU A 651 -86.58 -21.02 110.50
CA LEU A 651 -87.33 -21.21 109.26
C LEU A 651 -86.71 -22.28 108.38
N VAL A 652 -85.45 -22.08 108.00
CA VAL A 652 -84.82 -23.02 107.08
C VAL A 652 -84.70 -24.40 107.71
N ASN A 653 -84.46 -24.47 109.02
CA ASN A 653 -84.41 -25.76 109.67
C ASN A 653 -85.73 -26.48 109.52
N TYR A 654 -86.81 -25.80 109.91
CA TYR A 654 -88.16 -26.27 109.62
C TYR A 654 -88.27 -26.80 108.21
N PHE A 655 -87.91 -25.97 107.23
CA PHE A 655 -88.27 -26.24 105.85
C PHE A 655 -87.46 -27.41 105.30
N GLY A 656 -86.19 -27.49 105.66
CA GLY A 656 -85.41 -28.64 105.28
C GLY A 656 -85.94 -29.90 105.91
N SER A 657 -86.19 -29.88 107.21
CA SER A 657 -86.78 -31.03 107.88
C SER A 657 -88.07 -31.44 107.19
N LEU A 658 -88.82 -30.47 106.68
CA LEU A 658 -90.02 -30.77 105.93
C LEU A 658 -89.67 -31.28 104.54
N SER A 659 -88.47 -30.96 104.06
CA SER A 659 -88.16 -31.16 102.65
C SER A 659 -86.94 -32.03 102.45
N VAL A 660 -86.06 -32.13 103.43
CA VAL A 660 -84.86 -32.93 103.28
C VAL A 660 -85.09 -34.26 103.97
N GLU A 661 -84.68 -35.33 103.29
CA GLU A 661 -84.64 -36.65 103.87
C GLU A 661 -83.32 -37.29 103.49
N ASP A 662 -82.79 -36.86 102.35
CA ASP A 662 -81.62 -37.47 101.74
C ASP A 662 -80.42 -37.40 102.66
N SER A 663 -80.27 -36.31 103.39
CA SER A 663 -79.20 -36.15 104.35
C SER A 663 -79.81 -36.19 105.72
N LEU A 664 -79.99 -37.40 106.24
CA LEU A 664 -80.45 -37.53 107.62
C LEU A 664 -79.60 -36.68 108.53
N GLU A 665 -78.31 -36.98 108.60
CA GLU A 665 -77.43 -36.33 109.58
C GLU A 665 -77.68 -34.84 109.65
N CYS A 666 -77.81 -34.17 108.51
CA CYS A 666 -78.12 -32.75 108.54
C CYS A 666 -79.45 -32.49 109.23
N LEU A 667 -80.49 -33.22 108.84
CA LEU A 667 -81.78 -33.12 109.51
C LEU A 667 -81.63 -33.31 111.01
N ARG A 668 -81.11 -34.48 111.38
CA ARG A 668 -80.78 -34.80 112.77
C ARG A 668 -80.16 -33.62 113.49
N ALA A 669 -79.16 -33.00 112.87
CA ALA A 669 -78.53 -31.83 113.47
C ALA A 669 -79.54 -30.72 113.65
N MET A 670 -80.30 -30.42 112.59
CA MET A 670 -81.31 -29.37 112.70
C MET A 670 -82.27 -29.67 113.82
N LEU A 671 -82.77 -30.89 113.88
CA LEU A 671 -83.74 -31.24 114.90
C LEU A 671 -83.15 -31.10 116.29
N SER A 672 -82.06 -31.82 116.54
CA SER A 672 -81.37 -31.75 117.81
C SER A 672 -81.14 -30.32 118.23
N ALA A 673 -80.62 -29.49 117.33
CA ALA A 673 -80.37 -28.10 117.66
C ALA A 673 -81.67 -27.39 118.03
N ASN A 674 -82.64 -27.44 117.13
CA ASN A 674 -83.87 -26.70 117.32
C ASN A 674 -84.63 -27.15 118.55
N ILE A 675 -84.88 -28.46 118.65
CA ILE A 675 -85.88 -29.00 119.56
C ILE A 675 -85.81 -28.40 120.96
N ARG A 676 -84.64 -28.40 121.57
CA ARG A 676 -84.54 -27.94 122.95
C ARG A 676 -84.84 -26.46 123.07
N GLN A 677 -84.97 -25.75 121.96
CA GLN A 677 -85.44 -24.37 121.98
C GLN A 677 -86.39 -24.04 120.83
N ASN A 678 -86.45 -24.88 119.80
CA ASN A 678 -87.41 -24.64 118.72
C ASN A 678 -88.27 -25.88 118.57
N LEU A 679 -89.55 -25.76 118.92
CA LEU A 679 -90.39 -26.95 119.02
C LEU A 679 -91.14 -27.21 117.73
N GLN A 680 -91.39 -26.17 116.97
CA GLN A 680 -92.46 -26.20 115.98
C GLN A 680 -92.06 -27.03 114.77
N ILE A 681 -90.76 -27.25 114.58
CA ILE A 681 -90.30 -28.14 113.52
C ILE A 681 -90.95 -29.49 113.68
N CYS A 682 -91.02 -29.95 114.93
CA CYS A 682 -91.55 -31.27 115.21
C CYS A 682 -92.99 -31.37 114.76
N VAL A 683 -93.80 -30.37 115.11
CA VAL A 683 -95.20 -30.43 114.70
C VAL A 683 -95.32 -30.29 113.20
N GLN A 684 -94.48 -29.46 112.58
CA GLN A 684 -94.61 -29.22 111.16
C GLN A 684 -94.30 -30.48 110.37
N VAL A 685 -93.11 -31.02 110.53
CA VAL A 685 -92.77 -32.23 109.81
C VAL A 685 -93.65 -33.38 110.29
N ALA A 686 -94.03 -33.33 111.57
CA ALA A 686 -94.90 -34.35 112.13
C ALA A 686 -96.29 -34.29 111.51
N SER A 687 -96.64 -33.14 110.93
CA SER A 687 -98.00 -32.96 110.43
C SER A 687 -98.33 -34.01 109.38
N LYS A 688 -97.68 -33.94 108.23
CA LYS A 688 -97.99 -34.88 107.16
C LYS A 688 -96.72 -35.32 106.47
N TYR A 689 -95.60 -34.79 106.93
CA TYR A 689 -94.35 -34.93 106.19
C TYR A 689 -93.77 -36.31 106.41
N HIS A 690 -92.49 -36.45 106.09
CA HIS A 690 -91.85 -37.73 105.83
C HIS A 690 -92.40 -38.86 106.67
N GLU A 691 -92.73 -39.98 106.02
CA GLU A 691 -93.02 -41.19 106.77
C GLU A 691 -91.74 -41.71 107.39
N GLN A 692 -91.21 -41.00 108.39
CA GLN A 692 -89.80 -41.04 108.72
C GLN A 692 -89.31 -42.43 109.10
N LEU A 693 -88.04 -42.67 108.81
CA LEU A 693 -87.34 -43.88 109.22
C LEU A 693 -86.13 -43.57 110.09
N SER A 694 -85.61 -42.35 110.02
CA SER A 694 -84.54 -41.87 110.89
C SER A 694 -85.05 -41.64 112.31
N THR A 695 -86.28 -42.09 112.59
CA THR A 695 -86.98 -41.82 113.81
C THR A 695 -86.21 -42.24 115.05
N GLN A 696 -86.03 -43.56 115.20
CA GLN A 696 -85.70 -44.14 116.49
C GLN A 696 -84.60 -43.38 117.20
N SER A 697 -83.40 -43.42 116.63
CA SER A 697 -82.27 -42.69 117.22
C SER A 697 -82.65 -41.26 117.51
N LEU A 698 -83.16 -40.56 116.50
CA LEU A 698 -83.42 -39.14 116.60
C LEU A 698 -84.30 -38.83 117.80
N ILE A 699 -85.48 -39.42 117.82
CA ILE A 699 -86.39 -39.23 118.94
C ILE A 699 -85.70 -39.54 120.25
N GLU A 700 -84.95 -40.64 120.30
CA GLU A 700 -84.26 -40.99 121.53
C GLU A 700 -83.45 -39.82 122.05
N LEU A 701 -82.75 -39.12 121.14
CA LEU A 701 -82.04 -37.92 121.53
C LEU A 701 -83.02 -36.84 121.97
N PHE A 702 -84.15 -36.73 121.29
CA PHE A 702 -85.00 -35.55 121.42
C PHE A 702 -85.74 -35.56 122.73
N GLU A 703 -85.74 -36.69 123.41
CA GLU A 703 -86.38 -36.77 124.72
C GLU A 703 -85.62 -35.92 125.73
N SER A 704 -84.30 -36.10 125.80
CA SER A 704 -83.49 -35.21 126.61
C SER A 704 -83.66 -33.77 126.17
N PHE A 705 -83.84 -33.56 124.87
CA PHE A 705 -84.12 -32.24 124.33
C PHE A 705 -85.59 -31.92 124.36
N LYS A 706 -86.42 -32.89 124.74
CA LYS A 706 -87.77 -32.64 125.16
C LYS A 706 -88.64 -32.04 124.06
N SER A 707 -88.70 -32.73 122.92
CA SER A 707 -89.76 -32.45 121.96
C SER A 707 -90.89 -33.43 122.11
N PHE A 708 -91.10 -33.95 123.33
CA PHE A 708 -92.00 -35.07 123.55
C PHE A 708 -93.26 -34.95 122.72
N GLU A 709 -93.96 -33.83 122.84
CA GLU A 709 -95.15 -33.61 122.04
C GLU A 709 -94.90 -33.89 120.57
N GLY A 710 -94.01 -33.11 119.96
CA GLY A 710 -93.75 -33.27 118.54
C GLY A 710 -93.31 -34.67 118.19
N LEU A 711 -92.50 -35.28 119.06
CA LEU A 711 -92.13 -36.67 118.86
C LEU A 711 -93.36 -37.54 118.71
N PHE A 712 -94.26 -37.47 119.69
CA PHE A 712 -95.46 -38.29 119.66
C PHE A 712 -96.29 -37.98 118.42
N TYR A 713 -96.22 -36.74 117.96
CA TYR A 713 -97.00 -36.36 116.80
C TYR A 713 -96.45 -37.03 115.55
N PHE A 714 -95.14 -36.96 115.37
CA PHE A 714 -94.49 -37.77 114.36
C PHE A 714 -94.94 -39.21 114.46
N LEU A 715 -94.94 -39.75 115.67
CA LEU A 715 -95.20 -41.17 115.83
C LEU A 715 -96.62 -41.51 115.44
N GLY A 716 -97.60 -40.78 115.97
CA GLY A 716 -98.97 -41.04 115.61
C GLY A 716 -99.21 -40.89 114.13
N SER A 717 -98.71 -39.81 113.54
CA SER A 717 -98.84 -39.62 112.11
C SER A 717 -98.26 -40.82 111.36
N ILE A 718 -97.00 -41.14 111.62
CA ILE A 718 -96.31 -42.18 110.87
C ILE A 718 -97.00 -43.52 111.05
N VAL A 719 -97.50 -43.79 112.24
CA VAL A 719 -98.28 -45.00 112.47
C VAL A 719 -99.53 -45.00 111.60
N ASN A 720 -100.35 -43.96 111.69
CA ASN A 720 -101.54 -43.87 110.85
C ASN A 720 -101.18 -43.91 109.38
N PHE A 721 -99.91 -43.67 109.07
CA PHE A 721 -99.39 -43.88 107.74
C PHE A 721 -98.97 -45.32 107.56
N SER A 722 -99.52 -46.22 108.35
CA SER A 722 -99.33 -47.66 108.20
C SER A 722 -97.90 -48.07 108.49
N GLN A 723 -97.11 -47.15 109.02
CA GLN A 723 -95.71 -47.43 109.29
C GLN A 723 -95.56 -47.84 110.74
N ASP A 724 -95.16 -49.10 110.93
CA ASP A 724 -95.16 -49.75 112.24
C ASP A 724 -94.12 -50.85 112.22
N PRO A 725 -93.75 -51.43 113.38
CA PRO A 725 -94.09 -51.09 114.75
C PRO A 725 -92.91 -50.67 115.61
N ASP A 726 -91.73 -50.60 115.04
CA ASP A 726 -90.53 -50.36 115.83
C ASP A 726 -90.10 -48.90 115.76
N GLY B 1 -6.30 43.91 21.79
CA GLY B 1 -6.98 42.58 21.91
C GLY B 1 -6.41 41.78 23.07
N GLY B 2 -7.26 41.02 23.76
CA GLY B 2 -6.78 40.09 24.77
C GLY B 2 -6.10 38.82 24.32
N TYR B 3 -5.71 38.05 25.33
CA TYR B 3 -5.03 36.81 25.18
C TYR B 3 -5.94 35.78 24.50
N VAL B 4 -5.40 35.08 23.52
CA VAL B 4 -6.09 34.04 22.79
C VAL B 4 -5.16 32.87 22.74
N ALA B 5 -5.59 31.75 23.29
CA ALA B 5 -4.76 30.55 23.30
C ALA B 5 -4.58 29.98 21.90
N PRO B 6 -3.45 29.36 21.59
CA PRO B 6 -3.35 28.73 20.28
C PRO B 6 -4.40 27.63 20.14
N LYS B 7 -4.88 27.38 18.93
CA LYS B 7 -5.81 26.29 18.67
C LYS B 7 -5.23 24.96 19.14
N ALA B 8 -6.08 24.14 19.74
CA ALA B 8 -5.69 22.81 20.13
C ALA B 8 -6.64 21.82 19.48
N VAL B 9 -6.17 20.58 19.29
CA VAL B 9 -7.01 19.52 18.76
C VAL B 9 -8.07 19.17 19.81
N TRP B 10 -9.31 19.34 19.37
CA TRP B 10 -10.49 19.07 20.19
C TRP B 10 -11.12 17.73 19.84
N LEU B 11 -11.08 17.40 18.57
CA LEU B 11 -11.64 16.17 18.08
C LEU B 11 -10.72 15.64 16.96
N PRO B 12 -9.92 14.64 17.29
CA PRO B 12 -9.06 13.99 16.28
C PRO B 12 -9.81 13.18 15.22
N ALA B 13 -9.42 13.30 13.96
CA ALA B 13 -10.04 12.55 12.84
C ALA B 13 -10.34 11.07 13.16
N VAL B 14 -9.40 10.38 13.80
CA VAL B 14 -9.53 8.94 14.02
C VAL B 14 -10.59 8.55 15.03
N LYS B 15 -11.01 9.50 15.83
CA LYS B 15 -12.09 9.25 16.77
C LYS B 15 -13.43 9.67 16.15
N ALA B 16 -13.40 10.41 15.06
CA ALA B 16 -14.61 10.99 14.44
C ALA B 16 -14.80 10.67 12.96
N LYS B 17 -14.44 9.43 12.58
CA LYS B 17 -14.63 8.96 11.23
C LYS B 17 -14.07 9.97 10.24
N GLY B 18 -12.90 10.52 10.57
CA GLY B 18 -12.18 11.43 9.69
C GLY B 18 -12.35 12.90 9.92
N LEU B 19 -13.25 13.29 10.79
CA LEU B 19 -13.44 14.71 11.03
C LEU B 19 -12.48 15.19 12.08
N GLU B 20 -11.66 16.18 11.77
CA GLU B 20 -10.75 16.69 12.76
C GLU B 20 -11.08 18.17 13.08
N ILE B 21 -11.35 18.45 14.34
CA ILE B 21 -11.58 19.82 14.77
C ILE B 21 -10.49 20.30 15.72
N SER B 22 -9.93 21.45 15.41
CA SER B 22 -9.05 22.19 16.32
C SER B 22 -9.75 23.51 16.68
N GLY B 23 -9.47 24.04 17.85
CA GLY B 23 -10.18 25.24 18.29
C GLY B 23 -9.58 26.05 19.39
N THR B 24 -10.09 27.26 19.49
CA THR B 24 -9.75 28.18 20.57
C THR B 24 -10.90 29.13 20.72
N PHE B 25 -10.86 29.94 21.78
CA PHE B 25 -11.88 30.95 22.02
C PHE B 25 -11.25 32.30 21.98
N THR B 26 -12.01 33.25 21.49
CA THR B 26 -11.62 34.64 21.48
C THR B 26 -12.78 35.53 21.94
N HIS B 27 -12.42 36.77 22.24
CA HIS B 27 -13.38 37.78 22.59
C HIS B 27 -13.01 39.00 21.74
N ARG B 28 -13.91 39.42 20.86
CA ARG B 28 -13.66 40.53 19.93
C ARG B 28 -14.68 41.63 20.12
N GLN B 29 -14.26 42.74 20.70
CA GLN B 29 -15.17 43.88 20.86
C GLN B 29 -16.55 43.43 21.35
N GLY B 30 -16.56 42.98 22.61
CA GLY B 30 -17.76 42.55 23.29
C GLY B 30 -18.36 41.27 22.73
N HIS B 31 -17.70 40.62 21.79
CA HIS B 31 -18.28 39.39 21.20
C HIS B 31 -17.40 38.17 21.33
N ILE B 32 -18.00 37.07 21.80
CA ILE B 32 -17.27 35.83 22.03
C ILE B 32 -17.37 34.90 20.82
N TYR B 33 -16.28 34.29 20.45
CA TYR B 33 -16.25 33.35 19.35
C TYR B 33 -15.55 32.09 19.71
N MET B 34 -16.06 31.01 19.15
CA MET B 34 -15.40 29.75 19.20
C MET B 34 -14.82 29.61 17.80
N GLU B 35 -13.52 29.78 17.73
CA GLU B 35 -12.81 29.73 16.47
C GLU B 35 -12.25 28.37 16.22
N MET B 36 -12.72 27.75 15.15
CA MET B 36 -12.29 26.41 14.86
C MET B 36 -11.73 26.17 13.44
N ASN B 37 -11.03 25.05 13.29
CA ASN B 37 -10.61 24.57 12.00
C ASN B 37 -11.12 23.15 11.88
N PHE B 38 -11.90 22.88 10.81
CA PHE B 38 -12.46 21.58 10.57
C PHE B 38 -11.68 21.01 9.37
N THR B 39 -11.18 19.80 9.47
CA THR B 39 -10.49 19.22 8.34
C THR B 39 -11.13 17.87 8.04
N ASN B 40 -11.36 17.61 6.76
CA ASN B 40 -11.90 16.31 6.37
C ASN B 40 -10.79 15.33 5.99
N LYS B 41 -10.46 14.44 6.89
CA LYS B 41 -9.42 13.43 6.63
C LYS B 41 -10.03 12.11 6.23
N ALA B 42 -11.30 12.13 5.85
CA ALA B 42 -12.01 10.93 5.40
C ALA B 42 -11.99 10.84 3.89
N LEU B 43 -12.67 9.85 3.31
CA LEU B 43 -12.79 9.73 1.86
C LEU B 43 -14.21 10.03 1.34
N GLN B 44 -15.08 10.60 2.18
CA GLN B 44 -16.44 10.95 1.73
C GLN B 44 -16.56 12.46 1.90
N HIS B 45 -17.46 13.10 1.16
CA HIS B 45 -17.65 14.55 1.33
C HIS B 45 -18.41 14.69 2.63
N MET B 46 -18.19 15.76 3.35
CA MET B 46 -18.92 15.96 4.57
C MET B 46 -19.82 17.16 4.37
N THR B 47 -21.06 16.98 4.79
CA THR B 47 -22.06 18.01 4.74
C THR B 47 -22.86 18.03 6.05
N ASP B 48 -23.86 18.90 6.06
CA ASP B 48 -24.87 18.91 7.11
C ASP B 48 -24.33 19.11 8.49
N PHE B 49 -23.32 19.98 8.60
CA PHE B 49 -22.65 20.25 9.85
C PHE B 49 -23.60 20.97 10.80
N ALA B 50 -23.55 20.58 12.06
CA ALA B 50 -24.34 21.26 13.09
C ALA B 50 -23.60 21.08 14.43
N ILE B 51 -23.89 21.93 15.40
CA ILE B 51 -23.19 21.92 16.68
C ILE B 51 -24.13 22.32 17.80
N GLN B 52 -23.94 21.72 18.96
CA GLN B 52 -24.63 22.16 20.15
C GLN B 52 -23.74 21.89 21.36
N PHE B 53 -24.01 22.59 22.45
CA PHE B 53 -23.27 22.45 23.70
C PHE B 53 -24.18 21.92 24.77
N ASN B 54 -23.63 21.17 25.73
CA ASN B 54 -24.41 20.89 26.92
C ASN B 54 -24.54 22.15 27.76
N LYS B 55 -25.49 22.16 28.70
CA LYS B 55 -25.75 23.28 29.60
C LYS B 55 -24.43 23.40 30.39
N ASN B 56 -24.06 24.60 30.71
CA ASN B 56 -22.73 24.87 31.26
C ASN B 56 -22.74 26.04 32.22
N SER B 57 -21.65 26.23 32.96
CA SER B 57 -21.66 27.15 34.11
C SER B 57 -21.98 28.60 33.85
N PHE B 58 -21.57 29.06 32.67
CA PHE B 58 -21.70 30.46 32.28
C PHE B 58 -22.73 30.63 31.22
N GLY B 59 -23.52 29.58 31.00
CA GLY B 59 -24.65 29.66 30.05
C GLY B 59 -24.29 29.95 28.59
N VAL B 60 -23.14 29.43 28.18
CA VAL B 60 -22.59 29.58 26.86
C VAL B 60 -23.31 28.76 25.81
N ILE B 61 -23.71 29.40 24.72
CA ILE B 61 -24.37 28.69 23.62
C ILE B 61 -23.91 29.33 22.33
N PRO B 62 -23.99 28.62 21.21
CA PRO B 62 -23.80 29.29 19.90
C PRO B 62 -24.94 30.25 19.74
N SER B 63 -24.66 31.38 19.12
CA SER B 63 -25.72 32.35 18.85
C SER B 63 -26.31 32.19 17.45
N THR B 64 -25.68 31.41 16.60
CA THR B 64 -26.20 31.16 15.26
C THR B 64 -25.87 29.72 14.83
N PRO B 65 -26.47 29.24 13.76
CA PRO B 65 -26.02 28.00 13.14
C PRO B 65 -24.59 28.09 12.67
N LEU B 66 -23.99 26.92 12.60
CA LEU B 66 -22.60 26.82 12.23
C LEU B 66 -22.49 27.12 10.74
N ALA B 67 -21.62 28.06 10.38
CA ALA B 67 -21.59 28.62 9.04
C ALA B 67 -20.66 27.84 8.11
N ILE B 68 -21.09 26.62 7.79
CA ILE B 68 -20.37 25.78 6.84
C ILE B 68 -21.41 25.49 5.77
N HIS B 69 -21.26 26.05 4.59
CA HIS B 69 -22.34 25.98 3.62
C HIS B 69 -22.03 25.05 2.44
N THR B 70 -20.77 24.68 2.28
CA THR B 70 -20.43 23.86 1.12
C THR B 70 -19.92 22.55 1.63
N PRO B 71 -19.96 21.52 0.80
CA PRO B 71 -19.42 20.25 1.27
C PRO B 71 -17.95 20.47 1.50
N LEU B 72 -17.45 19.87 2.57
CA LEU B 72 -16.06 19.89 2.92
C LEU B 72 -15.56 18.62 2.27
N MET B 73 -14.72 18.80 1.27
CA MET B 73 -14.26 17.69 0.45
C MET B 73 -13.12 16.99 1.17
N PRO B 74 -12.88 15.74 0.80
CA PRO B 74 -11.70 15.04 1.30
C PRO B 74 -10.43 15.89 1.17
N ASN B 75 -9.64 15.94 2.25
CA ASN B 75 -8.39 16.71 2.35
C ASN B 75 -8.58 18.22 2.61
N GLN B 76 -9.81 18.71 2.54
CA GLN B 76 -10.05 20.13 2.74
C GLN B 76 -10.13 20.49 4.20
N SER B 77 -9.75 21.73 4.48
CA SER B 77 -9.65 22.26 5.81
C SER B 77 -10.20 23.67 5.80
N ILE B 78 -11.23 23.96 6.62
CA ILE B 78 -11.81 25.28 6.65
C ILE B 78 -11.76 25.91 8.04
N ASP B 79 -11.72 27.24 8.06
CA ASP B 79 -11.71 27.96 9.33
C ASP B 79 -13.13 28.38 9.54
N VAL B 80 -13.61 28.20 10.76
CA VAL B 80 -14.99 28.51 11.09
C VAL B 80 -15.01 29.36 12.39
N SER B 81 -15.66 30.51 12.33
CA SER B 81 -15.82 31.37 13.49
C SER B 81 -17.27 31.27 13.97
N LEU B 82 -17.45 30.63 15.11
CA LEU B 82 -18.80 30.46 15.64
C LEU B 82 -19.09 31.46 16.75
N PRO B 83 -19.98 32.40 16.54
CA PRO B 83 -20.30 33.37 17.57
C PRO B 83 -21.08 32.69 18.71
N LEU B 84 -20.70 33.04 19.93
CA LEU B 84 -21.32 32.54 21.16
C LEU B 84 -21.91 33.64 21.99
N ASN B 85 -22.86 33.29 22.84
CA ASN B 85 -23.25 34.22 23.84
C ASN B 85 -23.52 33.50 25.14
N THR B 86 -23.85 34.27 26.18
CA THR B 86 -24.05 33.69 27.51
C THR B 86 -25.46 33.73 27.97
N LEU B 87 -26.39 33.65 27.02
CA LEU B 87 -27.82 33.67 27.31
C LEU B 87 -28.45 32.32 27.48
N GLY B 88 -27.66 31.26 27.48
CA GLY B 88 -28.23 29.95 27.44
C GLY B 88 -28.38 29.36 28.80
N PRO B 89 -28.87 28.13 28.82
CA PRO B 89 -29.12 27.50 30.09
C PRO B 89 -27.88 27.31 30.90
N VAL B 90 -28.03 27.49 32.20
CA VAL B 90 -26.95 27.34 33.14
C VAL B 90 -27.04 26.05 33.97
N MET B 91 -25.99 25.26 33.94
CA MET B 91 -25.81 24.14 34.84
C MET B 91 -24.34 24.16 35.22
N LYS B 92 -24.09 24.07 36.51
CA LYS B 92 -22.73 24.15 37.05
C LYS B 92 -21.97 22.89 36.78
N MET B 93 -20.90 23.03 36.02
CA MET B 93 -20.08 21.92 35.61
C MET B 93 -18.81 21.83 36.48
N GLU B 94 -18.17 20.68 36.42
CA GLU B 94 -16.88 20.44 37.08
C GLU B 94 -15.99 19.86 36.02
N PRO B 95 -14.90 20.52 35.68
CA PRO B 95 -14.49 21.80 36.24
C PRO B 95 -15.42 22.88 35.76
N LEU B 96 -15.37 23.97 36.49
CA LEU B 96 -16.33 25.05 36.30
C LEU B 96 -16.40 25.58 34.86
N ASN B 97 -15.27 25.59 34.15
CA ASN B 97 -15.16 26.09 32.78
C ASN B 97 -15.21 25.03 31.67
N ASN B 98 -15.65 23.82 31.99
CA ASN B 98 -15.71 22.76 30.99
C ASN B 98 -16.93 22.95 30.14
N LEU B 99 -16.78 22.65 28.87
CA LEU B 99 -17.84 22.76 27.89
C LEU B 99 -17.90 21.45 27.11
N GLN B 100 -19.02 20.77 27.16
CA GLN B 100 -19.29 19.59 26.33
C GLN B 100 -19.95 20.00 25.02
N VAL B 101 -19.44 19.45 23.94
CA VAL B 101 -19.84 19.80 22.60
C VAL B 101 -20.23 18.55 21.80
N ALA B 102 -21.19 18.71 20.91
CA ALA B 102 -21.60 17.69 19.98
C ALA B 102 -21.54 18.35 18.62
N VAL B 103 -20.81 17.74 17.71
CA VAL B 103 -20.78 18.14 16.34
C VAL B 103 -21.23 16.98 15.46
N LYS B 104 -22.17 17.31 14.57
CA LYS B 104 -22.77 16.39 13.62
C LYS B 104 -22.41 16.74 12.22
N ASN B 105 -22.30 15.71 11.39
CA ASN B 105 -22.23 15.90 9.96
C ASN B 105 -23.12 14.81 9.37
N ASN B 106 -22.98 14.53 8.08
CA ASN B 106 -23.83 13.56 7.44
C ASN B 106 -23.45 12.11 7.74
N ILE B 107 -22.31 11.91 8.38
CA ILE B 107 -21.79 10.61 8.68
C ILE B 107 -22.26 10.20 10.07
N ASP B 108 -22.07 11.06 11.06
CA ASP B 108 -22.46 10.76 12.45
C ASP B 108 -22.43 12.02 13.29
N VAL B 109 -22.74 11.82 14.56
CA VAL B 109 -22.60 12.82 15.62
C VAL B 109 -21.42 12.45 16.50
N PHE B 110 -20.60 13.43 16.84
CA PHE B 110 -19.38 13.20 17.59
C PHE B 110 -19.37 14.12 18.83
N TYR B 111 -18.71 13.65 19.91
CA TYR B 111 -18.68 14.39 21.14
C TYR B 111 -17.31 14.63 21.66
N PHE B 112 -17.12 15.83 22.22
CA PHE B 112 -15.88 16.22 22.78
C PHE B 112 -16.11 17.30 23.81
N SER B 113 -15.10 17.54 24.63
CA SER B 113 -15.17 18.63 25.59
C SER B 113 -13.95 19.51 25.45
N CYS B 114 -14.07 20.72 25.94
CA CYS B 114 -12.97 21.64 25.93
C CYS B 114 -13.18 22.63 27.02
N LEU B 115 -12.10 23.29 27.40
CA LEU B 115 -12.13 24.18 28.53
C LEU B 115 -12.12 25.62 28.10
N ILE B 116 -13.11 26.37 28.57
CA ILE B 116 -13.21 27.78 28.21
C ILE B 116 -12.30 28.67 29.05
N PRO B 117 -11.39 29.41 28.43
CA PRO B 117 -10.56 30.34 29.22
C PRO B 117 -11.47 31.46 29.71
N LEU B 118 -11.49 31.77 30.99
CA LEU B 118 -12.47 32.74 31.51
C LEU B 118 -12.32 34.14 31.04
N ASN B 119 -11.16 34.51 30.50
CA ASN B 119 -10.98 35.89 30.06
C ASN B 119 -11.91 36.26 28.91
N VAL B 120 -12.37 35.28 28.11
CA VAL B 120 -13.35 35.63 27.09
C VAL B 120 -14.67 36.03 27.69
N LEU B 121 -14.84 35.76 28.98
CA LEU B 121 -16.06 36.11 29.70
C LEU B 121 -15.88 37.35 30.53
N PHE B 122 -14.74 38.03 30.36
CA PHE B 122 -14.52 39.28 31.10
C PHE B 122 -15.14 40.44 30.31
N VAL B 123 -16.14 41.07 30.89
CA VAL B 123 -16.86 42.09 30.16
C VAL B 123 -16.16 43.46 30.11
N GLU B 124 -16.58 44.28 29.13
CA GLU B 124 -15.98 45.62 28.95
C GLU B 124 -16.26 46.52 30.17
N ASP B 125 -17.47 46.49 30.70
CA ASP B 125 -17.84 47.34 31.85
C ASP B 125 -17.48 46.67 33.18
N GLY B 126 -16.19 46.52 33.44
CA GLY B 126 -15.71 45.85 34.64
C GLY B 126 -14.73 46.63 35.50
N LYS B 127 -14.80 47.95 35.36
CA LYS B 127 -13.92 48.87 36.10
C LYS B 127 -14.67 49.49 37.27
N MET B 128 -14.42 48.97 38.46
CA MET B 128 -15.08 49.50 39.64
C MET B 128 -14.52 50.88 40.03
N GLU B 129 -15.38 51.74 40.58
CA GLU B 129 -14.98 53.05 41.10
C GLU B 129 -14.21 52.74 42.39
N ARG B 130 -13.17 53.51 42.71
CA ARG B 130 -12.33 53.26 43.88
C ARG B 130 -13.14 53.04 45.16
N GLN B 131 -14.06 53.97 45.36
CA GLN B 131 -14.97 54.01 46.46
C GLN B 131 -15.76 52.69 46.61
N VAL B 132 -16.37 52.28 45.51
CA VAL B 132 -17.10 51.03 45.42
C VAL B 132 -16.19 49.80 45.62
N PHE B 133 -14.96 49.86 45.10
CA PHE B 133 -13.99 48.78 45.28
C PHE B 133 -13.69 48.53 46.73
N LEU B 134 -13.38 49.60 47.46
CA LEU B 134 -13.08 49.43 48.85
C LEU B 134 -14.30 48.90 49.56
N ALA B 135 -15.45 49.42 49.23
CA ALA B 135 -16.62 49.01 49.99
C ALA B 135 -16.96 47.54 49.70
N THR B 136 -16.77 47.16 48.46
CA THR B 136 -17.10 45.78 48.05
C THR B 136 -16.09 44.81 48.61
N TRP B 137 -14.80 45.15 48.51
CA TRP B 137 -13.79 44.31 49.13
C TRP B 137 -14.18 44.06 50.58
N LYS B 138 -14.52 45.12 51.32
CA LYS B 138 -14.87 44.99 52.75
C LYS B 138 -16.14 44.19 52.95
N ASP B 139 -17.09 44.38 52.06
CA ASP B 139 -18.35 43.66 52.18
C ASP B 139 -18.21 42.14 52.02
N ILE B 140 -17.36 41.70 51.09
CA ILE B 140 -17.13 40.29 50.88
C ILE B 140 -16.44 39.64 52.07
N PRO B 141 -16.99 38.52 52.49
CA PRO B 141 -16.43 37.80 53.63
C PRO B 141 -14.96 37.51 53.46
N ASN B 142 -14.22 37.76 54.54
CA ASN B 142 -12.78 37.59 54.50
C ASN B 142 -12.36 36.18 54.14
N GLU B 143 -13.16 35.19 54.54
CA GLU B 143 -12.92 33.79 54.17
C GLU B 143 -12.98 33.55 52.64
N ASN B 144 -13.59 34.47 51.91
CA ASN B 144 -13.67 34.28 50.47
C ASN B 144 -12.33 34.64 49.81
N GLU B 145 -11.50 35.42 50.49
CA GLU B 145 -10.23 35.79 49.88
C GLU B 145 -9.30 34.62 49.62
N LEU B 146 -8.83 34.48 48.41
CA LEU B 146 -7.92 33.41 48.05
C LEU B 146 -6.65 33.96 47.41
N GLN B 147 -5.54 33.30 47.73
CA GLN B 147 -4.20 33.72 47.31
C GLN B 147 -3.58 32.72 46.37
N PHE B 148 -2.98 33.25 45.32
CA PHE B 148 -2.34 32.46 44.30
C PHE B 148 -1.01 33.12 43.96
N GLN B 149 -0.12 32.33 43.36
CA GLN B 149 1.21 32.79 42.97
C GLN B 149 1.41 32.85 41.47
N ILE B 150 1.71 34.03 40.96
CA ILE B 150 2.12 34.09 39.58
C ILE B 150 3.62 33.90 39.59
N LYS B 151 4.01 32.69 39.26
CA LYS B 151 5.41 32.27 39.34
C LYS B 151 6.27 32.80 38.23
N GLU B 152 7.45 33.27 38.63
CA GLU B 152 8.44 33.72 37.69
C GLU B 152 7.91 34.82 36.76
N CYS B 153 7.47 35.93 37.33
CA CYS B 153 7.05 37.11 36.56
C CYS B 153 8.02 38.26 36.80
N HIS B 154 8.31 39.04 35.76
CA HIS B 154 9.33 40.08 35.82
C HIS B 154 8.87 41.33 35.10
N LEU B 155 7.57 41.36 34.79
CA LEU B 155 6.96 42.54 34.21
C LEU B 155 6.78 43.61 35.29
N ASN B 156 6.93 44.86 34.88
CA ASN B 156 6.68 46.00 35.77
C ASN B 156 5.20 46.22 35.93
N ALA B 157 4.85 46.88 37.01
CA ALA B 157 3.45 47.04 37.35
C ALA B 157 2.77 47.65 36.20
N ASP B 158 3.45 48.61 35.57
CA ASP B 158 2.88 49.26 34.42
C ASP B 158 2.50 48.31 33.26
N THR B 159 3.39 47.38 32.98
CA THR B 159 3.15 46.41 31.95
C THR B 159 2.10 45.38 32.35
N VAL B 160 2.04 45.09 33.63
CA VAL B 160 1.08 44.16 34.13
C VAL B 160 -0.24 44.82 33.90
N SER B 161 -0.33 46.08 34.29
CA SER B 161 -1.58 46.80 34.16
C SER B 161 -2.04 46.93 32.72
N SER B 162 -1.12 47.15 31.80
CA SER B 162 -1.56 47.38 30.44
C SER B 162 -2.06 46.07 29.80
N LYS B 163 -1.39 44.96 30.09
CA LYS B 163 -1.72 43.69 29.50
C LYS B 163 -3.08 43.28 30.04
N LEU B 164 -3.27 43.42 31.34
CA LEU B 164 -4.53 43.04 31.97
C LEU B 164 -5.67 43.88 31.43
N GLN B 165 -5.40 45.17 31.26
CA GLN B 165 -6.41 46.05 30.71
C GLN B 165 -6.87 45.59 29.34
N ASN B 166 -5.95 45.05 28.58
CA ASN B 166 -6.27 44.53 27.28
C ASN B 166 -7.21 43.32 27.31
N ASN B 167 -7.36 42.77 28.51
CA ASN B 167 -8.23 41.61 28.76
C ASN B 167 -9.36 41.98 29.69
N ASN B 168 -9.65 43.28 29.75
CA ASN B 168 -10.73 43.82 30.58
C ASN B 168 -10.59 43.55 32.07
N VAL B 169 -9.35 43.48 32.55
CA VAL B 169 -9.04 43.48 33.94
C VAL B 169 -8.44 44.85 34.24
N TYR B 170 -9.18 45.68 34.97
CA TYR B 170 -8.85 47.11 35.20
C TYR B 170 -8.10 47.33 36.48
N THR B 171 -7.06 48.16 36.41
CA THR B 171 -6.34 48.56 37.59
C THR B 171 -7.05 49.82 38.16
N ILE B 172 -7.54 49.74 39.39
CA ILE B 172 -8.34 50.79 40.05
C ILE B 172 -7.46 51.75 40.83
N ALA B 173 -6.42 51.19 41.40
CA ALA B 173 -5.45 51.96 42.15
C ALA B 173 -4.12 51.22 42.22
N LYS B 174 -3.04 51.97 42.42
CA LYS B 174 -1.77 51.38 42.66
C LYS B 174 -1.20 51.99 43.95
N ARG B 175 -0.65 51.17 44.82
CA ARG B 175 -0.04 51.64 46.05
C ARG B 175 1.41 51.26 46.03
N ASN B 176 2.29 52.23 46.27
CA ASN B 176 3.70 51.93 46.43
C ASN B 176 3.87 51.87 47.92
N VAL B 177 4.38 50.76 48.41
CA VAL B 177 4.54 50.57 49.84
C VAL B 177 5.92 50.01 50.06
N GLU B 178 6.86 50.90 50.40
CA GLU B 178 8.24 50.50 50.63
C GLU B 178 8.79 49.65 49.48
N GLY B 179 8.70 50.14 48.26
CA GLY B 179 9.30 49.43 47.15
C GLY B 179 8.32 48.51 46.44
N GLN B 180 7.39 47.95 47.22
CA GLN B 180 6.39 47.02 46.70
C GLN B 180 5.33 47.77 45.93
N ASP B 181 4.85 47.18 44.85
CA ASP B 181 3.76 47.77 44.09
C ASP B 181 2.57 46.89 44.41
N MET B 182 1.44 47.52 44.72
CA MET B 182 0.22 46.77 45.07
C MET B 182 -0.78 47.26 44.11
N LEU B 183 -1.24 46.38 43.25
CA LEU B 183 -2.18 46.81 42.24
C LEU B 183 -3.57 46.27 42.64
N TYR B 184 -4.58 47.13 42.58
CA TYR B 184 -5.93 46.78 42.97
C TYR B 184 -6.70 46.81 41.68
N GLN B 185 -7.37 45.69 41.39
CA GLN B 185 -7.93 45.46 40.10
C GLN B 185 -9.29 44.85 40.20
N SER B 186 -10.12 45.21 39.25
CA SER B 186 -11.43 44.61 39.13
C SER B 186 -11.75 44.06 37.77
N LEU B 187 -12.66 43.08 37.73
CA LEU B 187 -13.09 42.52 36.46
C LEU B 187 -14.47 42.00 36.76
N LYS B 188 -15.24 41.80 35.71
CA LYS B 188 -16.64 41.39 35.85
C LYS B 188 -16.99 40.37 34.77
N LEU B 189 -17.57 39.26 35.17
CA LEU B 189 -17.95 38.23 34.25
C LEU B 189 -19.27 38.52 33.54
N THR B 190 -19.51 37.76 32.48
CA THR B 190 -20.73 37.87 31.70
C THR B 190 -21.95 37.58 32.55
N ASN B 191 -21.79 36.80 33.61
CA ASN B 191 -22.91 36.51 34.51
C ASN B 191 -23.11 37.56 35.63
N GLY B 192 -22.30 38.60 35.65
CA GLY B 192 -22.43 39.67 36.61
C GLY B 192 -21.57 39.57 37.86
N ILE B 193 -20.84 38.48 38.01
CA ILE B 193 -20.03 38.24 39.20
C ILE B 193 -18.76 39.09 39.10
N TRP B 194 -18.54 39.89 40.13
CA TRP B 194 -17.32 40.69 40.23
C TRP B 194 -16.21 39.89 40.83
N ILE B 195 -14.99 40.12 40.33
CA ILE B 195 -13.82 39.59 40.98
C ILE B 195 -12.89 40.83 41.23
N LEU B 196 -12.53 40.98 42.47
CA LEU B 196 -11.56 42.01 42.93
C LEU B 196 -10.20 41.35 43.14
N ALA B 197 -9.13 42.09 42.90
CA ALA B 197 -7.82 41.45 43.02
C ALA B 197 -6.84 42.46 43.59
N GLU B 198 -5.89 41.92 44.32
CA GLU B 198 -4.72 42.64 44.82
C GLU B 198 -3.54 41.84 44.31
N LEU B 199 -2.75 42.47 43.46
CA LEU B 199 -1.48 41.87 42.98
C LEU B 199 -0.31 42.53 43.70
N ARG B 200 0.51 41.73 44.36
CA ARG B 200 1.64 42.29 45.13
C ARG B 200 2.91 41.98 44.39
N ILE B 201 3.62 43.04 43.99
CA ILE B 201 4.91 42.86 43.33
C ILE B 201 5.98 43.32 44.34
N GLN B 202 6.90 42.42 44.68
CA GLN B 202 8.00 42.72 45.58
C GLN B 202 9.37 42.67 44.88
N PRO B 203 10.28 43.51 45.37
CA PRO B 203 11.64 43.55 44.83
C PRO B 203 12.34 42.29 45.23
N GLY B 204 13.12 41.72 44.32
CA GLY B 204 13.82 40.47 44.57
C GLY B 204 12.99 39.20 44.55
N ASN B 205 11.65 39.29 44.48
CA ASN B 205 10.79 38.11 44.54
C ASN B 205 10.35 37.95 43.09
N PRO B 206 10.61 36.79 42.48
CA PRO B 206 10.27 36.59 41.07
C PRO B 206 8.82 36.15 40.96
N ASN B 207 8.16 36.03 42.10
CA ASN B 207 6.78 35.59 42.17
C ASN B 207 5.83 36.63 42.76
N TYR B 208 4.74 36.86 42.07
CA TYR B 208 3.77 37.83 42.51
C TYR B 208 2.67 37.13 43.26
N THR B 209 2.16 37.79 44.29
CA THR B 209 1.04 37.24 45.00
C THR B 209 -0.23 37.88 44.50
N LEU B 210 -1.13 37.03 44.01
CA LEU B 210 -2.41 37.47 43.52
C LEU B 210 -3.44 37.06 44.54
N SER B 211 -4.14 38.03 45.07
CA SER B 211 -5.13 37.78 46.07
C SER B 211 -6.48 38.13 45.43
N LEU B 212 -7.40 37.19 45.45
CA LEU B 212 -8.68 37.40 44.80
C LEU B 212 -9.83 37.30 45.76
N LYS B 213 -10.78 38.23 45.66
CA LYS B 213 -11.97 38.21 46.46
C LYS B 213 -13.16 38.19 45.52
N CYS B 214 -14.08 37.27 45.78
CA CYS B 214 -15.23 37.07 44.92
C CYS B 214 -16.42 36.50 45.80
N ARG B 215 -17.66 36.88 45.54
CA ARG B 215 -18.78 36.34 46.33
C ARG B 215 -18.97 34.89 45.96
N ALA B 216 -18.35 34.47 44.86
CA ALA B 216 -18.39 33.08 44.41
C ALA B 216 -16.97 32.58 44.24
N PRO B 217 -16.35 32.26 45.34
CA PRO B 217 -14.93 31.95 45.39
C PRO B 217 -14.49 30.77 44.57
N GLU B 218 -15.40 29.86 44.29
CA GLU B 218 -15.07 28.76 43.41
C GLU B 218 -14.48 29.21 42.05
N VAL B 219 -14.87 30.42 41.60
CA VAL B 219 -14.41 30.97 40.35
C VAL B 219 -12.91 31.38 40.34
N SER B 220 -12.45 31.77 41.52
CA SER B 220 -11.11 32.35 41.70
C SER B 220 -9.95 31.62 41.07
N GLN B 221 -9.90 30.29 41.28
CA GLN B 221 -8.86 29.42 40.73
C GLN B 221 -8.80 29.66 39.21
N TYR B 222 -9.95 29.81 38.57
CA TYR B 222 -9.99 29.95 37.14
C TYR B 222 -9.53 31.32 36.61
N ILE B 223 -9.74 32.37 37.40
CA ILE B 223 -9.29 33.72 37.08
C ILE B 223 -7.78 33.73 37.17
N TYR B 224 -7.30 33.11 38.22
CA TYR B 224 -5.87 32.98 38.42
C TYR B 224 -5.25 32.34 37.20
N GLN B 225 -5.85 31.24 36.73
CA GLN B 225 -5.26 30.53 35.62
C GLN B 225 -5.07 31.37 34.39
N VAL B 226 -6.08 32.13 34.01
CA VAL B 226 -5.99 32.90 32.83
C VAL B 226 -5.19 34.20 33.13
N TYR B 227 -5.18 34.65 34.38
CA TYR B 227 -4.42 35.85 34.76
C TYR B 227 -2.97 35.47 34.48
N ASP B 228 -2.59 34.31 34.98
CA ASP B 228 -1.26 33.74 34.77
C ASP B 228 -0.92 33.64 33.26
N SER B 229 -1.84 33.08 32.47
CA SER B 229 -1.63 32.97 31.04
C SER B 229 -1.43 34.32 30.38
N ILE B 230 -2.20 35.32 30.79
CA ILE B 230 -2.11 36.62 30.12
C ILE B 230 -0.72 37.22 30.42
N LEU B 231 -0.22 37.01 31.64
CA LEU B 231 1.06 37.62 32.00
C LEU B 231 2.21 36.88 31.35
N LYS B 232 2.03 35.59 31.11
CA LYS B 232 3.09 34.77 30.52
C LYS B 232 3.05 34.70 29.02
N ASN B 233 2.17 35.46 28.40
CA ASN B 233 2.05 35.37 26.95
C ASN B 233 1.96 36.76 26.37
N GLY C 359 -4.52 86.14 13.62
CA GLY C 359 -4.08 85.55 14.86
C GLY C 359 -5.18 85.46 15.89
N ALA C 360 -6.32 86.12 15.67
CA ALA C 360 -7.48 85.98 16.53
C ALA C 360 -8.50 84.99 15.99
N GLU C 361 -8.09 84.07 15.12
CA GLU C 361 -8.83 82.82 14.98
C GLU C 361 -9.15 82.27 16.36
N GLU C 362 -8.14 82.22 17.22
CA GLU C 362 -8.39 81.87 18.61
C GLU C 362 -9.37 82.85 19.22
N LEU C 363 -9.18 84.16 19.00
CA LEU C 363 -10.08 85.11 19.62
C LEU C 363 -11.49 84.92 19.07
N PHE C 364 -11.63 84.57 17.77
CA PHE C 364 -12.99 84.41 17.26
C PHE C 364 -13.65 83.22 17.96
N ALA C 365 -12.92 82.10 18.02
CA ALA C 365 -13.44 80.92 18.70
C ALA C 365 -13.73 81.24 20.17
N ARG C 366 -12.87 82.05 20.79
CA ARG C 366 -13.12 82.49 22.17
C ARG C 366 -14.43 83.25 22.25
N LYS C 367 -14.67 84.16 21.31
CA LYS C 367 -15.93 84.90 21.29
C LYS C 367 -17.12 83.98 21.12
N PHE C 368 -17.02 83.02 20.20
CA PHE C 368 -18.13 82.08 20.03
C PHE C 368 -18.36 81.29 21.30
N ASN C 369 -17.31 80.69 21.85
CA ASN C 369 -17.43 79.86 23.05
C ASN C 369 -17.94 80.67 24.24
N ALA C 370 -17.43 81.89 24.42
CA ALA C 370 -17.92 82.79 25.46
C ALA C 370 -19.39 83.13 25.28
N LEU C 371 -19.79 83.58 24.08
CA LEU C 371 -21.18 84.00 23.94
C LEU C 371 -22.11 82.80 24.01
N PHE C 372 -21.69 81.66 23.48
CA PHE C 372 -22.50 80.47 23.60
C PHE C 372 -22.66 80.13 25.07
N ALA C 373 -21.55 80.14 25.81
CA ALA C 373 -21.54 79.77 27.21
C ALA C 373 -22.27 80.80 28.06
N GLN C 374 -22.20 82.07 27.68
CA GLN C 374 -22.71 83.17 28.48
C GLN C 374 -24.22 83.29 28.45
N GLY C 375 -24.91 82.39 27.75
CA GLY C 375 -26.36 82.39 27.72
C GLY C 375 -26.98 83.22 26.63
N ASN C 376 -26.21 83.67 25.66
CA ASN C 376 -26.78 84.33 24.48
C ASN C 376 -26.28 83.63 23.21
N TYR C 377 -26.98 82.53 22.91
CA TYR C 377 -26.76 81.80 21.67
C TYR C 377 -27.03 82.67 20.46
N SER C 378 -27.87 83.70 20.63
CA SER C 378 -28.22 84.56 19.51
C SER C 378 -27.00 85.35 19.07
N GLU C 379 -26.29 85.97 20.02
CA GLU C 379 -25.15 86.79 19.63
C GLU C 379 -24.02 85.90 19.11
N ALA C 380 -23.83 84.73 19.73
CA ALA C 380 -22.78 83.82 19.26
C ALA C 380 -23.09 83.32 17.85
N ALA C 381 -24.36 83.08 17.57
CA ALA C 381 -24.76 82.60 16.25
C ALA C 381 -24.65 83.71 15.22
N LYS C 382 -25.10 84.91 15.58
CA LYS C 382 -24.99 86.06 14.69
C LYS C 382 -23.54 86.39 14.35
N VAL C 383 -22.63 86.32 15.33
CA VAL C 383 -21.23 86.56 15.00
C VAL C 383 -20.66 85.39 14.20
N ALA C 384 -20.90 84.16 14.65
CA ALA C 384 -20.29 83.00 14.01
C ALA C 384 -20.74 82.84 12.56
N ALA C 385 -22.05 82.93 12.32
CA ALA C 385 -22.58 82.74 10.97
C ALA C 385 -22.28 83.93 10.07
N ASN C 386 -22.46 85.15 10.56
CA ASN C 386 -22.32 86.35 9.74
C ASN C 386 -20.90 86.88 9.73
N ALA C 387 -19.92 86.06 10.11
CA ALA C 387 -18.54 86.51 10.12
C ALA C 387 -17.81 86.01 8.89
N PRO C 388 -16.71 86.67 8.51
CA PRO C 388 -16.02 86.29 7.28
C PRO C 388 -15.14 85.06 7.47
N LYS C 389 -14.49 84.67 6.37
CA LYS C 389 -13.54 83.55 6.31
C LYS C 389 -14.16 82.26 6.82
N GLY C 390 -15.49 82.23 6.93
CA GLY C 390 -16.17 81.02 7.32
C GLY C 390 -15.86 80.55 8.72
N ILE C 391 -16.20 81.36 9.73
CA ILE C 391 -15.97 80.96 11.11
C ILE C 391 -17.10 80.06 11.58
N LEU C 392 -17.88 79.50 10.65
CA LEU C 392 -18.67 78.31 10.92
C LEU C 392 -18.42 77.25 9.85
N ARG C 393 -17.29 77.37 9.14
CA ARG C 393 -16.77 76.26 8.37
C ARG C 393 -15.26 76.08 8.49
N THR C 394 -14.55 77.01 9.14
CA THR C 394 -13.22 76.67 9.63
C THR C 394 -13.43 75.47 10.53
N PRO C 395 -12.54 74.46 10.52
CA PRO C 395 -13.02 73.12 10.86
C PRO C 395 -13.62 73.02 12.25
N ASP C 396 -13.05 73.68 13.27
CA ASP C 396 -13.59 73.43 14.60
C ASP C 396 -15.01 73.96 14.67
N THR C 397 -15.21 75.13 14.08
CA THR C 397 -16.51 75.78 14.05
C THR C 397 -17.54 74.96 13.32
N ILE C 398 -17.17 74.48 12.12
CA ILE C 398 -18.10 73.65 11.35
C ILE C 398 -18.41 72.35 12.08
N ARG C 399 -17.42 71.73 12.70
CA ARG C 399 -17.74 70.50 13.39
C ARG C 399 -18.67 70.75 14.58
N ARG C 400 -18.47 71.86 15.28
CA ARG C 400 -19.43 72.25 16.30
C ARG C 400 -20.83 72.45 15.72
N PHE C 401 -20.92 73.20 14.62
CA PHE C 401 -22.23 73.51 14.08
C PHE C 401 -22.97 72.28 13.56
N GLN C 402 -22.28 71.40 12.86
CA GLN C 402 -22.87 70.13 12.44
C GLN C 402 -23.17 69.22 13.62
N SER C 403 -22.44 69.37 14.73
CA SER C 403 -22.56 68.41 15.81
C SER C 403 -23.82 68.63 16.62
N VAL C 404 -24.15 69.89 16.89
CA VAL C 404 -25.39 70.19 17.61
C VAL C 404 -26.56 69.71 16.76
N PRO C 405 -27.44 68.88 17.31
CA PRO C 405 -28.62 68.44 16.55
C PRO C 405 -29.76 69.42 16.75
N ALA C 406 -30.93 69.14 16.17
CA ALA C 406 -32.02 70.09 16.21
C ALA C 406 -32.38 70.44 17.65
N GLN C 407 -32.64 71.73 17.88
CA GLN C 407 -32.96 72.21 19.22
C GLN C 407 -34.06 73.26 19.18
N PRO C 408 -35.23 72.96 19.75
CA PRO C 408 -36.25 74.00 19.92
C PRO C 408 -35.73 75.17 20.74
N GLY C 409 -36.23 76.36 20.43
CA GLY C 409 -35.81 77.57 21.11
C GLY C 409 -35.08 78.52 20.20
N GLN C 410 -34.51 78.00 19.11
CA GLN C 410 -33.75 78.80 18.17
C GLN C 410 -33.72 78.13 16.79
N THR C 411 -33.00 78.71 15.86
CA THR C 411 -32.86 78.11 14.54
C THR C 411 -32.12 76.78 14.64
N SER C 412 -32.68 75.76 14.00
CA SER C 412 -32.09 74.43 13.98
C SER C 412 -30.65 74.51 13.50
N PRO C 413 -29.72 73.82 14.17
CA PRO C 413 -28.35 73.76 13.65
C PRO C 413 -28.30 73.32 12.21
N LEU C 414 -29.01 72.25 11.85
CA LEU C 414 -29.00 71.83 10.46
C LEU C 414 -29.52 72.96 9.58
N LEU C 415 -30.67 73.52 9.94
CA LEU C 415 -31.27 74.52 9.07
C LEU C 415 -30.43 75.80 9.10
N GLN C 416 -29.87 76.13 10.27
CA GLN C 416 -29.03 77.31 10.40
C GLN C 416 -27.82 77.15 9.50
N TYR C 417 -27.19 75.97 9.57
CA TYR C 417 -26.02 75.66 8.75
C TYR C 417 -26.33 75.65 7.27
N PHE C 418 -27.42 75.02 6.84
CA PHE C 418 -27.75 75.16 5.42
C PHE C 418 -27.92 76.64 5.05
N GLY C 419 -28.54 77.42 5.93
CA GLY C 419 -28.61 78.85 5.73
C GLY C 419 -27.22 79.43 5.54
N ILE C 420 -26.32 79.05 6.44
CA ILE C 420 -24.93 79.51 6.44
C ILE C 420 -24.24 79.09 5.16
N LEU C 421 -24.38 77.84 4.76
CA LEU C 421 -23.73 77.36 3.54
C LEU C 421 -24.22 78.12 2.34
N LEU C 422 -25.54 78.32 2.22
CA LEU C 422 -26.02 79.01 1.03
C LEU C 422 -25.62 80.48 1.05
N ASP C 423 -25.65 81.13 2.22
CA ASP C 423 -25.32 82.55 2.26
C ASP C 423 -23.82 82.77 2.10
N GLN C 424 -23.06 81.77 2.53
CA GLN C 424 -21.60 81.67 2.47
C GLN C 424 -21.11 81.10 1.16
N GLY C 425 -21.63 79.93 0.76
CA GLY C 425 -21.32 79.34 -0.53
C GLY C 425 -20.31 78.20 -0.43
N GLN C 426 -19.99 77.60 -1.58
CA GLN C 426 -18.95 76.60 -1.65
C GLN C 426 -17.66 77.15 -1.06
N LEU C 427 -16.81 76.24 -0.59
CA LEU C 427 -15.58 76.66 0.04
C LEU C 427 -14.47 75.69 -0.33
N ASN C 428 -13.26 76.02 0.13
CA ASN C 428 -12.01 75.47 -0.37
C ASN C 428 -11.93 73.96 -0.14
N LYS C 429 -10.88 73.35 -0.71
CA LYS C 429 -10.59 71.95 -0.48
C LYS C 429 -10.75 71.58 1.00
N TYR C 430 -10.14 72.36 1.89
CA TYR C 430 -10.26 72.00 3.29
C TYR C 430 -11.69 72.17 3.78
N GLU C 431 -12.28 73.34 3.51
CA GLU C 431 -13.66 73.61 3.92
C GLU C 431 -14.66 72.69 3.23
N SER C 432 -14.52 72.49 1.91
CA SER C 432 -15.35 71.51 1.19
C SER C 432 -15.14 70.11 1.76
N LEU C 433 -13.90 69.75 2.01
CA LEU C 433 -13.55 68.43 2.53
C LEU C 433 -14.18 68.27 3.90
N GLU C 434 -14.05 69.27 4.76
CA GLU C 434 -14.63 69.23 6.09
C GLU C 434 -16.14 69.11 5.96
N LEU C 435 -16.69 69.80 4.97
CA LEU C 435 -18.11 69.77 4.71
C LEU C 435 -18.50 68.34 4.38
N CYS C 436 -17.66 67.67 3.57
CA CYS C 436 -17.87 66.35 2.99
C CYS C 436 -17.58 65.18 3.90
N ARG C 437 -16.59 65.33 4.77
CA ARG C 437 -16.18 64.24 5.65
C ARG C 437 -17.27 63.74 6.58
N PRO C 438 -18.10 64.58 7.19
CA PRO C 438 -19.18 64.08 8.05
C PRO C 438 -20.47 63.77 7.31
N VAL C 439 -20.81 64.66 6.37
CA VAL C 439 -22.10 64.57 5.67
C VAL C 439 -22.30 63.22 5.00
N LEU C 440 -21.25 62.64 4.42
CA LEU C 440 -21.45 61.31 3.87
C LEU C 440 -21.83 60.35 4.99
N GLN C 441 -21.01 60.36 6.04
CA GLN C 441 -21.23 59.61 7.27
C GLN C 441 -22.49 60.04 8.02
N GLN C 442 -22.80 61.34 7.98
CA GLN C 442 -23.78 61.95 8.88
C GLN C 442 -25.21 61.48 8.65
N GLY C 443 -25.41 60.49 7.80
CA GLY C 443 -26.75 60.10 7.42
C GLY C 443 -27.25 60.94 6.28
N ARG C 444 -26.50 61.96 5.89
CA ARG C 444 -26.82 62.85 4.80
C ARG C 444 -25.88 62.62 3.63
N LYS C 445 -25.49 61.35 3.43
CA LYS C 445 -24.76 60.95 2.23
C LYS C 445 -25.33 61.60 0.99
N GLN C 446 -26.66 61.65 0.89
CA GLN C 446 -27.34 62.31 -0.22
C GLN C 446 -27.06 63.80 -0.25
N LEU C 447 -27.01 64.44 0.91
CA LEU C 447 -26.50 65.80 0.95
C LEU C 447 -25.10 65.86 0.35
N LEU C 448 -24.21 64.92 0.74
CA LEU C 448 -22.89 64.99 0.14
C LEU C 448 -22.91 64.70 -1.36
N GLU C 449 -23.81 63.84 -1.82
CA GLU C 449 -23.98 63.64 -3.25
C GLU C 449 -24.41 64.93 -3.91
N LYS C 450 -25.27 65.69 -3.25
CA LYS C 450 -25.64 66.99 -3.77
C LYS C 450 -24.47 67.97 -3.73
N TRP C 451 -23.68 67.95 -2.66
CA TRP C 451 -22.55 68.86 -2.62
C TRP C 451 -21.52 68.52 -3.69
N LEU C 452 -21.33 67.25 -4.01
CA LEU C 452 -20.45 66.91 -5.13
C LEU C 452 -21.09 67.28 -6.46
N LYS C 453 -22.37 66.95 -6.62
CA LYS C 453 -23.07 67.26 -7.86
C LYS C 453 -23.28 68.76 -8.01
N GLU C 454 -23.69 69.43 -6.94
CA GLU C 454 -23.94 70.87 -6.97
C GLU C 454 -22.66 71.67 -6.86
N ASP C 455 -21.53 71.00 -6.61
CA ASP C 455 -20.25 71.66 -6.47
C ASP C 455 -20.24 72.61 -5.28
N LYS C 456 -21.14 72.36 -4.32
CA LYS C 456 -21.03 72.94 -2.99
C LYS C 456 -19.78 72.42 -2.31
N LEU C 457 -19.28 71.29 -2.79
CA LEU C 457 -18.00 70.76 -2.39
C LEU C 457 -17.07 70.98 -3.56
N GLU C 458 -15.80 70.63 -3.39
CA GLU C 458 -14.81 71.02 -4.38
C GLU C 458 -14.87 70.20 -5.66
N CYS C 459 -15.74 69.19 -5.73
CA CYS C 459 -15.76 68.29 -6.89
C CYS C 459 -14.37 67.72 -7.14
N SER C 460 -13.59 67.62 -6.07
CA SER C 460 -12.23 67.16 -6.13
C SER C 460 -12.19 65.66 -6.33
N GLU C 461 -11.02 65.09 -6.05
CA GLU C 461 -10.89 63.65 -5.99
C GLU C 461 -11.33 63.12 -4.64
N GLU C 462 -11.00 63.84 -3.56
CA GLU C 462 -11.41 63.44 -2.23
C GLU C 462 -12.91 63.19 -2.04
N LEU C 463 -13.77 64.14 -2.40
CA LEU C 463 -15.20 63.92 -2.20
C LEU C 463 -15.71 62.76 -3.05
N GLY C 464 -15.25 62.66 -4.29
CA GLY C 464 -15.59 61.51 -5.10
C GLY C 464 -15.16 60.23 -4.43
N ASP C 465 -13.92 60.19 -3.94
CA ASP C 465 -13.45 58.98 -3.29
C ASP C 465 -14.32 58.65 -2.09
N LEU C 466 -14.71 59.65 -1.33
CA LEU C 466 -15.57 59.40 -0.19
C LEU C 466 -16.85 58.75 -0.65
N VAL C 467 -17.48 59.29 -1.68
CA VAL C 467 -18.65 58.59 -2.23
C VAL C 467 -18.26 57.20 -2.75
N LYS C 468 -17.11 57.07 -3.41
CA LYS C 468 -16.79 55.75 -3.95
C LYS C 468 -16.70 54.73 -2.84
N SER C 469 -16.30 55.16 -1.65
CA SER C 469 -16.36 54.29 -0.49
C SER C 469 -17.80 53.88 -0.19
N VAL C 470 -18.77 54.69 -0.61
CA VAL C 470 -20.18 54.38 -0.40
C VAL C 470 -20.97 54.32 -1.69
N ASP C 471 -20.43 54.85 -2.79
CA ASP C 471 -20.99 54.79 -4.14
C ASP C 471 -19.87 55.09 -5.12
N PRO C 472 -19.18 54.07 -5.60
CA PRO C 472 -18.22 54.29 -6.68
C PRO C 472 -18.82 55.03 -7.84
N THR C 473 -20.05 54.70 -8.23
CA THR C 473 -20.55 55.13 -9.53
C THR C 473 -20.73 56.64 -9.63
N LEU C 474 -21.42 57.25 -8.66
CA LEU C 474 -21.56 58.70 -8.70
C LEU C 474 -20.23 59.39 -8.54
N ALA C 475 -19.38 58.88 -7.66
CA ALA C 475 -18.02 59.37 -7.62
C ALA C 475 -17.39 59.28 -8.99
N LEU C 476 -17.59 58.13 -9.64
CA LEU C 476 -17.04 57.93 -10.96
C LEU C 476 -17.66 58.93 -11.88
N SER C 477 -18.94 59.24 -11.65
CA SER C 477 -19.59 60.28 -12.42
C SER C 477 -18.88 61.60 -12.20
N VAL C 478 -18.46 61.86 -10.95
CA VAL C 478 -17.89 63.17 -10.67
C VAL C 478 -16.51 63.27 -11.28
N TYR C 479 -15.74 62.20 -11.15
CA TYR C 479 -14.42 62.21 -11.74
C TYR C 479 -14.51 62.27 -13.24
N LEU C 480 -15.51 61.61 -13.80
CA LEU C 480 -15.72 61.70 -15.23
C LEU C 480 -16.11 63.12 -15.61
N ARG C 481 -16.73 63.85 -14.68
CA ARG C 481 -17.28 65.17 -14.94
C ARG C 481 -16.42 66.30 -14.35
N ALA C 482 -15.83 66.09 -13.17
CA ALA C 482 -15.30 67.23 -12.43
C ALA C 482 -13.81 67.43 -12.64
N ASN C 483 -13.02 66.40 -12.41
CA ASN C 483 -11.58 66.57 -12.41
C ASN C 483 -10.93 65.65 -13.44
N VAL C 484 -11.78 64.99 -14.24
CA VAL C 484 -11.43 63.96 -15.21
C VAL C 484 -10.17 63.20 -14.77
N PRO C 485 -10.16 62.59 -13.60
CA PRO C 485 -9.04 61.74 -13.26
C PRO C 485 -9.38 60.33 -13.65
N ASN C 486 -8.42 59.44 -13.48
CA ASN C 486 -8.67 58.04 -13.77
C ASN C 486 -8.42 57.19 -12.54
N LYS C 487 -7.38 57.50 -11.78
CA LYS C 487 -7.05 56.64 -10.65
C LYS C 487 -8.20 56.59 -9.67
N VAL C 488 -8.66 57.75 -9.21
CA VAL C 488 -9.73 57.76 -8.23
C VAL C 488 -11.02 57.20 -8.82
N ILE C 489 -11.36 57.61 -10.05
CA ILE C 489 -12.63 57.22 -10.66
C ILE C 489 -12.75 55.71 -10.78
N GLN C 490 -11.75 55.08 -11.35
CA GLN C 490 -11.74 53.63 -11.45
C GLN C 490 -11.52 52.99 -10.09
N CYS C 491 -10.69 53.63 -9.25
CA CYS C 491 -10.21 53.10 -7.99
C CYS C 491 -11.30 52.40 -7.21
N PHE C 492 -12.49 52.97 -7.17
CA PHE C 492 -13.64 52.20 -6.72
C PHE C 492 -14.65 52.08 -7.84
N ALA C 493 -15.05 50.85 -8.12
CA ALA C 493 -16.06 50.62 -9.12
C ALA C 493 -16.99 49.49 -8.69
N GLU C 494 -17.35 49.45 -7.40
CA GLU C 494 -18.13 48.35 -6.83
C GLU C 494 -19.16 47.84 -7.83
N THR C 495 -20.04 48.75 -8.24
CA THR C 495 -21.18 48.48 -9.11
C THR C 495 -21.86 49.80 -9.39
N GLY C 496 -22.74 49.78 -10.38
CA GLY C 496 -23.57 50.93 -10.68
C GLY C 496 -23.65 51.14 -12.18
N GLN C 497 -23.18 52.32 -12.58
CA GLN C 497 -23.03 52.55 -14.01
C GLN C 497 -21.97 51.58 -14.53
N VAL C 498 -22.43 50.53 -15.20
CA VAL C 498 -21.53 49.52 -15.73
C VAL C 498 -20.53 50.17 -16.66
N GLN C 499 -21.00 51.13 -17.45
CA GLN C 499 -20.27 51.54 -18.64
C GLN C 499 -18.92 52.10 -18.28
N LYS C 500 -18.85 52.96 -17.27
CA LYS C 500 -17.57 53.58 -16.98
C LYS C 500 -16.58 52.49 -16.59
N ILE C 501 -17.02 51.55 -15.75
CA ILE C 501 -16.21 50.42 -15.32
C ILE C 501 -15.75 49.59 -16.52
N VAL C 502 -16.71 49.17 -17.34
CA VAL C 502 -16.44 48.29 -18.45
C VAL C 502 -15.60 48.99 -19.46
N LEU C 503 -15.69 50.31 -19.48
CA LEU C 503 -14.96 51.08 -20.46
C LEU C 503 -13.55 51.28 -19.96
N TYR C 504 -13.36 51.46 -18.66
CA TYR C 504 -12.02 51.79 -18.29
C TYR C 504 -11.18 50.54 -18.23
N ALA C 505 -11.76 49.42 -17.80
CA ALA C 505 -11.12 48.12 -17.97
C ALA C 505 -10.96 47.77 -19.45
N LYS C 506 -12.02 48.01 -20.23
CA LYS C 506 -12.13 47.61 -21.62
C LYS C 506 -11.24 48.41 -22.54
N LYS C 507 -11.07 49.67 -22.21
CA LYS C 507 -10.44 50.62 -23.09
C LYS C 507 -9.05 50.94 -22.59
N VAL C 508 -8.16 49.96 -22.59
CA VAL C 508 -6.92 50.08 -21.83
C VAL C 508 -6.25 51.39 -22.23
N GLY C 509 -6.12 52.29 -21.26
CA GLY C 509 -6.53 51.97 -19.91
C GLY C 509 -7.85 52.37 -19.28
N TYR C 510 -8.10 51.78 -18.12
CA TYR C 510 -7.16 50.78 -17.64
C TYR C 510 -7.77 49.56 -16.95
N THR C 511 -7.06 48.45 -17.12
CA THR C 511 -7.22 47.16 -16.46
C THR C 511 -6.97 47.27 -14.96
N PRO C 512 -6.14 48.21 -14.49
CA PRO C 512 -6.14 48.47 -13.05
C PRO C 512 -7.51 48.89 -12.58
N ASP C 513 -8.33 49.50 -13.43
CA ASP C 513 -9.71 49.73 -13.03
C ASP C 513 -10.39 48.40 -12.86
N TRP C 514 -9.97 47.43 -13.64
CA TRP C 514 -10.42 46.07 -13.41
C TRP C 514 -9.97 45.60 -12.04
N ILE C 515 -8.75 45.96 -11.64
CA ILE C 515 -8.30 45.56 -10.30
C ILE C 515 -9.17 46.24 -9.27
N PHE C 516 -9.46 47.52 -9.49
CA PHE C 516 -10.17 48.29 -8.49
C PHE C 516 -11.55 47.74 -8.35
N LEU C 517 -12.18 47.39 -9.48
CA LEU C 517 -13.51 46.83 -9.45
C LEU C 517 -13.53 45.45 -8.81
N LEU C 518 -12.54 44.60 -9.14
CA LEU C 518 -12.40 43.31 -8.48
C LEU C 518 -12.16 43.45 -6.99
N ARG C 519 -11.43 44.51 -6.60
CA ARG C 519 -11.27 44.89 -5.20
C ARG C 519 -12.62 45.29 -4.64
N ASN C 520 -13.32 46.10 -5.40
CA ASN C 520 -14.60 46.65 -5.05
C ASN C 520 -15.66 45.55 -5.10
N VAL C 521 -15.35 44.47 -5.82
CA VAL C 521 -16.21 43.31 -5.92
C VAL C 521 -15.63 42.15 -5.09
N MET C 522 -14.41 42.32 -4.56
CA MET C 522 -13.91 41.48 -3.46
C MET C 522 -14.68 41.85 -2.19
N ARG C 523 -15.11 43.10 -2.16
CA ARG C 523 -15.96 43.61 -1.10
C ARG C 523 -17.10 44.32 -1.79
N ILE C 524 -18.14 43.58 -2.13
CA ILE C 524 -19.25 44.18 -2.85
C ILE C 524 -20.54 43.64 -2.26
N SER C 525 -21.41 44.55 -1.90
CA SER C 525 -22.72 44.11 -1.49
C SER C 525 -23.48 43.67 -2.73
N PRO C 526 -23.36 44.38 -3.86
CA PRO C 526 -23.85 43.78 -5.11
C PRO C 526 -23.10 42.51 -5.44
N ASP C 527 -23.65 41.77 -6.38
CA ASP C 527 -23.39 40.35 -6.48
C ASP C 527 -23.52 39.92 -7.93
N GLN C 528 -23.87 38.66 -8.13
CA GLN C 528 -24.14 38.06 -9.45
C GLN C 528 -25.04 39.02 -10.21
N GLY C 529 -24.94 39.08 -11.53
CA GLY C 529 -25.84 39.95 -12.24
C GLY C 529 -25.08 41.08 -12.91
N GLN C 530 -25.30 42.29 -12.40
CA GLN C 530 -24.72 43.48 -12.99
C GLN C 530 -23.25 43.53 -12.66
N GLN C 531 -22.45 43.05 -13.58
CA GLN C 531 -21.03 43.24 -13.51
C GLN C 531 -20.58 43.62 -14.90
N PHE C 532 -19.28 43.53 -15.10
CA PHE C 532 -18.62 44.54 -15.90
C PHE C 532 -17.69 43.92 -16.92
N ALA C 533 -17.13 42.75 -16.61
CA ALA C 533 -16.51 41.94 -17.65
C ALA C 533 -17.29 41.95 -18.96
N GLN C 534 -18.58 41.59 -18.97
CA GLN C 534 -19.14 41.29 -20.28
C GLN C 534 -19.39 42.54 -21.11
N MET C 535 -19.98 43.55 -20.48
CA MET C 535 -20.09 44.84 -21.15
C MET C 535 -18.70 45.29 -21.56
N LEU C 536 -17.76 45.14 -20.65
CA LEU C 536 -16.36 45.35 -20.95
C LEU C 536 -15.90 44.43 -22.06
N VAL C 537 -15.89 43.12 -21.78
CA VAL C 537 -15.41 42.18 -22.78
C VAL C 537 -16.59 41.51 -23.48
N GLN C 538 -17.00 42.12 -24.59
CA GLN C 538 -17.66 41.42 -25.68
C GLN C 538 -16.54 41.05 -26.63
N ASP C 539 -15.46 41.83 -26.53
CA ASP C 539 -14.17 41.57 -27.14
C ASP C 539 -13.30 41.07 -25.99
N GLU C 540 -12.87 39.82 -26.07
CA GLU C 540 -11.97 39.23 -25.10
C GLU C 540 -10.81 40.15 -24.80
N GLU C 541 -10.54 40.32 -23.51
CA GLU C 541 -9.37 41.04 -23.02
C GLU C 541 -8.86 40.29 -21.81
N PRO C 542 -7.57 39.94 -21.79
CA PRO C 542 -6.95 39.53 -20.52
C PRO C 542 -6.95 40.72 -19.58
N LEU C 543 -6.95 40.45 -18.29
CA LEU C 543 -6.95 41.58 -17.38
C LEU C 543 -5.70 41.48 -16.54
N ALA C 544 -5.60 42.32 -15.50
CA ALA C 544 -4.43 42.28 -14.64
C ALA C 544 -4.22 40.87 -14.14
N ASP C 545 -5.32 40.19 -13.88
CA ASP C 545 -5.34 38.76 -13.75
C ASP C 545 -6.79 38.40 -14.00
N ILE C 546 -7.07 37.76 -15.13
CA ILE C 546 -8.43 37.31 -15.26
C ILE C 546 -8.72 36.35 -14.12
N THR C 547 -7.71 35.58 -13.69
CA THR C 547 -8.01 34.66 -12.60
C THR C 547 -8.64 35.43 -11.47
N GLN C 548 -8.17 36.65 -11.23
CA GLN C 548 -8.77 37.47 -10.19
C GLN C 548 -10.26 37.54 -10.39
N ILE C 549 -10.64 37.80 -11.64
CA ILE C 549 -12.03 37.95 -11.99
C ILE C 549 -12.80 36.73 -11.56
N VAL C 550 -12.32 35.56 -11.96
CA VAL C 550 -13.02 34.35 -11.56
C VAL C 550 -12.94 34.19 -10.06
N ASP C 551 -11.79 34.47 -9.46
CA ASP C 551 -11.65 34.34 -8.02
C ASP C 551 -12.70 35.14 -7.30
N VAL C 552 -12.85 36.39 -7.71
CA VAL C 552 -13.86 37.25 -7.11
C VAL C 552 -15.23 36.67 -7.32
N PHE C 553 -15.52 36.30 -8.57
CA PHE C 553 -16.82 35.72 -8.89
C PHE C 553 -17.04 34.44 -8.10
N MET C 554 -16.09 33.51 -8.15
CA MET C 554 -16.10 32.26 -7.40
C MET C 554 -16.31 32.44 -5.92
N GLU C 555 -15.50 33.31 -5.32
CA GLU C 555 -15.58 33.55 -3.88
C GLU C 555 -16.94 34.10 -3.53
N TYR C 556 -17.48 34.92 -4.42
CA TYR C 556 -18.86 35.32 -4.40
C TYR C 556 -19.76 34.33 -5.15
N ASN C 557 -19.20 33.24 -5.68
CA ASN C 557 -19.93 32.26 -6.51
C ASN C 557 -20.59 32.95 -7.69
N LEU C 558 -20.10 34.13 -8.01
CA LEU C 558 -20.49 34.85 -9.20
C LEU C 558 -19.84 34.23 -10.42
N ILE C 559 -19.26 33.05 -10.23
CA ILE C 559 -18.66 32.20 -11.24
C ILE C 559 -19.49 32.35 -12.51
N GLN C 560 -20.80 32.23 -12.34
CA GLN C 560 -21.69 32.33 -13.48
C GLN C 560 -21.51 33.62 -14.23
N GLN C 561 -21.32 34.73 -13.53
CA GLN C 561 -21.16 35.94 -14.31
C GLN C 561 -19.79 36.00 -14.91
N CYS C 562 -18.78 35.53 -14.20
CA CYS C 562 -17.47 35.59 -14.81
C CYS C 562 -17.46 34.80 -16.10
N THR C 563 -17.93 33.55 -16.04
CA THR C 563 -17.95 32.71 -17.22
C THR C 563 -18.91 33.23 -18.28
N ALA C 564 -20.07 33.72 -17.85
CA ALA C 564 -21.05 34.25 -18.78
C ALA C 564 -20.50 35.44 -19.53
N PHE C 565 -19.92 36.37 -18.80
CA PHE C 565 -19.38 37.55 -19.41
C PHE C 565 -18.24 37.19 -20.33
N LEU C 566 -17.39 36.30 -19.87
CA LEU C 566 -16.25 35.87 -20.65
C LEU C 566 -16.69 35.24 -21.96
N LEU C 567 -17.80 34.52 -21.91
CA LEU C 567 -18.33 33.88 -23.11
C LEU C 567 -18.64 34.91 -24.15
N ASP C 568 -19.31 35.99 -23.72
CA ASP C 568 -19.65 37.05 -24.64
C ASP C 568 -18.37 37.63 -25.20
N ALA C 569 -17.36 37.80 -24.34
CA ALA C 569 -16.09 38.30 -24.85
C ALA C 569 -15.63 37.39 -25.99
N LEU C 570 -15.77 36.08 -25.78
CA LEU C 570 -15.39 35.10 -26.79
C LEU C 570 -16.29 35.19 -27.99
N LYS C 571 -17.46 35.82 -27.84
CA LYS C 571 -18.43 35.89 -28.91
C LYS C 571 -18.11 37.00 -29.88
N ASN C 572 -17.08 37.77 -29.60
CA ASN C 572 -16.26 38.30 -30.66
C ASN C 572 -15.11 37.31 -30.81
N ASN C 573 -15.01 36.73 -32.00
CA ASN C 573 -14.27 35.47 -32.14
C ASN C 573 -12.76 35.68 -32.10
N ARG C 574 -12.24 36.61 -32.88
CA ARG C 574 -10.80 36.79 -32.82
C ARG C 574 -10.43 37.28 -31.42
N PRO C 575 -11.30 37.99 -30.71
CA PRO C 575 -11.14 38.01 -29.25
C PRO C 575 -11.38 36.66 -28.66
N SER C 576 -10.38 35.79 -28.68
CA SER C 576 -10.54 34.49 -28.08
C SER C 576 -9.18 33.95 -27.69
N GLU C 577 -9.09 33.55 -26.43
CA GLU C 577 -7.86 33.05 -25.89
C GLU C 577 -8.18 31.74 -25.19
N GLY C 578 -7.34 30.75 -25.43
CA GLY C 578 -7.39 29.57 -24.62
C GLY C 578 -7.38 29.93 -23.15
N PRO C 579 -6.45 30.81 -22.70
CA PRO C 579 -6.32 30.97 -21.24
C PRO C 579 -7.59 31.46 -20.60
N LEU C 580 -8.32 32.36 -21.23
CA LEU C 580 -9.59 32.74 -20.63
C LEU C 580 -10.41 31.49 -20.47
N GLN C 581 -10.52 30.81 -21.59
CA GLN C 581 -11.25 29.57 -21.74
C GLN C 581 -10.63 28.52 -20.85
N THR C 582 -9.30 28.48 -20.81
CA THR C 582 -8.61 27.51 -19.98
C THR C 582 -9.05 27.66 -18.55
N ARG C 583 -9.00 28.87 -18.05
CA ARG C 583 -9.38 29.18 -16.70
C ARG C 583 -10.86 28.90 -16.48
N LEU C 584 -11.67 29.29 -17.45
CA LEU C 584 -13.11 29.08 -17.41
C LEU C 584 -13.41 27.60 -17.26
N LEU C 585 -12.81 26.80 -18.13
CA LEU C 585 -13.00 25.37 -18.14
C LEU C 585 -12.48 24.79 -16.85
N GLU C 586 -11.37 25.34 -16.37
CA GLU C 586 -10.77 24.88 -15.15
C GLU C 586 -11.74 25.05 -14.01
N MET C 587 -12.34 26.22 -13.95
CA MET C 587 -13.31 26.46 -12.90
C MET C 587 -14.47 25.51 -13.06
N ASN C 588 -14.95 25.32 -14.29
CA ASN C 588 -16.07 24.41 -14.53
C ASN C 588 -15.73 22.98 -14.14
N LEU C 589 -14.46 22.61 -14.23
CA LEU C 589 -14.09 21.24 -13.88
C LEU C 589 -14.22 21.02 -12.39
N MET C 590 -14.01 22.06 -11.60
CA MET C 590 -14.06 21.93 -10.16
C MET C 590 -15.40 22.34 -9.64
N HIS C 591 -16.01 23.28 -10.35
CA HIS C 591 -17.30 23.81 -10.01
C HIS C 591 -18.41 22.95 -10.57
N ALA C 592 -18.60 22.98 -11.88
CA ALA C 592 -19.63 22.21 -12.55
C ALA C 592 -19.22 22.08 -14.01
N PRO C 593 -18.92 20.90 -14.45
CA PRO C 593 -18.54 20.74 -15.86
C PRO C 593 -19.82 20.83 -16.66
N GLN C 594 -20.88 21.16 -15.95
CA GLN C 594 -22.21 21.01 -16.50
C GLN C 594 -22.35 21.86 -17.73
N VAL C 595 -21.77 23.06 -17.67
CA VAL C 595 -21.79 24.01 -18.78
C VAL C 595 -20.62 23.78 -19.71
N ALA C 596 -19.75 22.84 -19.38
CA ALA C 596 -18.59 22.61 -20.23
C ALA C 596 -18.98 22.01 -21.56
N ASP C 597 -19.76 20.94 -21.56
CA ASP C 597 -20.18 20.36 -22.83
C ASP C 597 -20.90 21.38 -23.69
N ALA C 598 -21.90 22.06 -23.13
CA ALA C 598 -22.62 23.05 -23.93
C ALA C 598 -21.68 24.10 -24.49
N ILE C 599 -20.73 24.58 -23.70
CA ILE C 599 -19.81 25.59 -24.20
C ILE C 599 -18.95 24.96 -25.28
N LEU C 600 -18.67 23.68 -25.13
CA LEU C 600 -17.86 22.95 -26.08
C LEU C 600 -18.56 22.95 -27.42
N GLY C 601 -19.87 22.81 -27.39
CA GLY C 601 -20.58 22.82 -28.65
C GLY C 601 -20.69 24.24 -29.12
N ASN C 602 -20.65 25.19 -28.20
CA ASN C 602 -20.79 26.59 -28.55
C ASN C 602 -19.54 27.26 -29.10
N GLN C 603 -18.59 27.57 -28.23
CA GLN C 603 -17.42 28.33 -28.64
C GLN C 603 -16.14 27.96 -27.90
N MET C 604 -16.23 27.17 -26.84
CA MET C 604 -15.03 26.84 -26.08
C MET C 604 -14.16 25.88 -26.86
N PHE C 605 -14.80 24.98 -27.57
CA PHE C 605 -14.09 24.04 -28.42
C PHE C 605 -13.29 24.77 -29.49
N THR C 606 -13.94 25.71 -30.16
CA THR C 606 -13.30 26.43 -31.25
C THR C 606 -12.32 27.49 -30.78
N HIS C 607 -12.54 28.12 -29.65
CA HIS C 607 -11.63 29.16 -29.22
C HIS C 607 -10.71 28.74 -28.09
N TYR C 608 -11.12 27.77 -27.30
CA TYR C 608 -10.17 27.16 -26.39
C TYR C 608 -9.54 25.97 -27.11
N ASP C 609 -8.37 25.60 -26.62
CA ASP C 609 -7.39 24.85 -27.36
C ASP C 609 -7.38 23.39 -26.87
N ARG C 610 -7.87 22.53 -27.76
CA ARG C 610 -8.21 21.13 -27.53
C ARG C 610 -7.32 20.30 -26.61
N ALA C 611 -6.00 20.34 -26.81
CA ALA C 611 -5.13 19.51 -25.98
C ALA C 611 -5.24 19.86 -24.50
N HIS C 612 -5.17 21.14 -24.16
CA HIS C 612 -5.28 21.53 -22.76
C HIS C 612 -6.60 21.11 -22.18
N ILE C 613 -7.67 21.43 -22.89
CA ILE C 613 -9.00 21.07 -22.43
C ILE C 613 -9.04 19.58 -22.21
N ALA C 614 -8.53 18.84 -23.17
CA ALA C 614 -8.45 17.40 -23.10
C ALA C 614 -7.75 17.01 -21.81
N GLN C 615 -6.60 17.61 -21.56
CA GLN C 615 -5.82 17.29 -20.37
C GLN C 615 -6.66 17.51 -19.13
N LEU C 616 -7.36 18.62 -19.08
CA LEU C 616 -8.21 18.93 -17.94
C LEU C 616 -9.27 17.86 -17.76
N CYS C 617 -9.98 17.53 -18.84
CA CYS C 617 -11.01 16.51 -18.79
C CYS C 617 -10.42 15.19 -18.36
N GLU C 618 -9.20 14.96 -18.81
CA GLU C 618 -8.44 13.77 -18.51
C GLU C 618 -8.33 13.66 -17.02
N LYS C 619 -7.91 14.75 -16.42
CA LYS C 619 -7.69 14.81 -15.00
C LYS C 619 -9.03 14.69 -14.30
N ALA C 620 -10.06 15.17 -14.98
CA ALA C 620 -11.43 15.12 -14.54
C ALA C 620 -12.09 13.76 -14.77
N GLY C 621 -11.78 13.09 -15.87
CA GLY C 621 -12.47 11.84 -16.15
C GLY C 621 -13.97 12.03 -16.32
N LEU C 622 -14.38 12.66 -17.42
CA LEU C 622 -15.75 13.13 -17.64
C LEU C 622 -16.40 12.41 -18.81
N LEU C 623 -16.49 11.10 -18.73
CA LEU C 623 -16.42 10.24 -19.90
C LEU C 623 -17.16 10.77 -21.11
N GLN C 624 -18.36 11.36 -20.97
CA GLN C 624 -18.94 11.84 -22.22
C GLN C 624 -18.00 12.83 -22.87
N ARG C 625 -17.48 13.74 -22.04
CA ARG C 625 -16.54 14.76 -22.47
C ARG C 625 -15.16 14.15 -22.53
N ALA C 626 -14.87 13.28 -21.56
CA ALA C 626 -13.56 12.66 -21.57
C ALA C 626 -13.35 12.00 -22.91
N LEU C 627 -14.37 11.33 -23.41
CA LEU C 627 -14.25 10.65 -24.68
C LEU C 627 -14.02 11.64 -25.78
N GLU C 628 -14.68 12.79 -25.71
CA GLU C 628 -14.48 13.79 -26.72
C GLU C 628 -13.02 14.18 -26.74
N HIS C 629 -12.49 14.48 -25.57
CA HIS C 629 -11.10 14.87 -25.44
C HIS C 629 -10.22 13.73 -25.91
N PHE C 630 -10.54 12.51 -25.48
CA PHE C 630 -9.77 11.34 -25.85
C PHE C 630 -9.68 11.30 -27.34
N THR C 631 -10.80 11.52 -27.98
CA THR C 631 -10.84 11.56 -29.43
C THR C 631 -9.86 12.62 -29.88
N ASP C 632 -10.00 13.80 -29.30
CA ASP C 632 -9.17 14.94 -29.58
C ASP C 632 -7.76 14.75 -29.05
N LEU C 633 -7.59 13.99 -27.97
CA LEU C 633 -6.26 13.76 -27.41
C LEU C 633 -5.71 12.38 -27.73
N TYR C 634 -6.52 11.47 -28.29
CA TYR C 634 -6.05 10.28 -29.00
C TYR C 634 -5.08 9.41 -28.20
N ASP C 635 -5.20 9.38 -26.89
CA ASP C 635 -4.39 8.43 -26.14
C ASP C 635 -5.09 7.10 -26.28
N ILE C 636 -5.15 6.69 -27.53
CA ILE C 636 -6.20 5.81 -28.01
C ILE C 636 -6.26 4.56 -27.18
N LYS C 637 -5.10 4.06 -26.81
CA LYS C 637 -5.04 2.85 -26.03
C LYS C 637 -5.80 2.98 -24.74
N ARG C 638 -5.70 4.15 -24.15
CA ARG C 638 -6.37 4.39 -22.89
C ARG C 638 -7.84 4.56 -23.13
N ALA C 639 -8.19 5.23 -24.20
CA ALA C 639 -9.59 5.46 -24.49
C ALA C 639 -10.32 4.15 -24.77
N VAL C 640 -9.67 3.22 -25.45
CA VAL C 640 -10.33 1.96 -25.75
C VAL C 640 -10.45 1.13 -24.50
N VAL C 641 -9.35 1.03 -23.74
CA VAL C 641 -9.44 0.22 -22.55
C VAL C 641 -10.56 0.71 -21.66
N HIS C 642 -10.61 2.01 -21.43
CA HIS C 642 -11.65 2.53 -20.56
C HIS C 642 -13.05 2.31 -21.12
N THR C 643 -13.28 2.60 -22.40
CA THR C 643 -14.64 2.43 -22.85
C THR C 643 -15.11 1.01 -22.73
N HIS C 644 -14.23 0.05 -22.99
CA HIS C 644 -14.68 -1.32 -22.79
C HIS C 644 -15.01 -1.48 -21.31
N LEU C 645 -14.18 -0.87 -20.47
CA LEU C 645 -14.35 -0.99 -19.04
C LEU C 645 -15.58 -0.25 -18.58
N LEU C 646 -15.74 0.97 -19.00
CA LEU C 646 -16.80 1.79 -18.46
C LEU C 646 -18.09 1.45 -19.17
N ASN C 647 -19.11 2.01 -18.69
CA ASN C 647 -20.38 1.72 -19.28
C ASN C 647 -20.75 2.88 -20.19
N PRO C 648 -20.60 2.71 -21.48
CA PRO C 648 -20.21 3.85 -22.32
C PRO C 648 -21.27 4.56 -23.12
N GLU C 649 -20.92 5.78 -23.52
CA GLU C 649 -21.74 6.53 -24.43
C GLU C 649 -21.58 5.95 -25.81
N TRP C 650 -22.52 6.30 -26.66
CA TRP C 650 -22.80 5.45 -27.79
C TRP C 650 -22.43 6.16 -29.08
N LEU C 651 -23.01 7.34 -29.27
CA LEU C 651 -22.71 8.11 -30.46
C LEU C 651 -21.23 8.43 -30.55
N VAL C 652 -20.69 8.96 -29.45
CA VAL C 652 -19.28 9.29 -29.41
C VAL C 652 -18.53 8.03 -29.75
N ASN C 653 -19.01 6.93 -29.22
CA ASN C 653 -18.41 5.65 -29.51
C ASN C 653 -18.31 5.47 -31.00
N TYR C 654 -19.38 5.76 -31.69
CA TYR C 654 -19.41 5.61 -33.15
C TYR C 654 -18.40 6.50 -33.81
N PHE C 655 -18.28 7.69 -33.32
CA PHE C 655 -17.34 8.58 -33.97
C PHE C 655 -15.93 8.14 -33.72
N GLY C 656 -15.58 7.93 -32.47
CA GLY C 656 -14.23 7.50 -32.21
C GLY C 656 -14.00 6.20 -32.92
N SER C 657 -14.99 5.32 -32.93
CA SER C 657 -14.81 4.08 -33.64
C SER C 657 -14.51 4.42 -35.08
N LEU C 658 -15.34 5.31 -35.63
CA LEU C 658 -15.15 5.74 -36.98
C LEU C 658 -13.83 6.48 -37.10
N SER C 659 -13.53 7.27 -36.09
CA SER C 659 -12.35 8.08 -36.08
C SER C 659 -11.35 7.47 -35.15
N VAL C 660 -10.75 4.92 -37.00
CA VAL C 660 -10.09 5.55 -38.14
C VAL C 660 -8.99 4.64 -38.67
N GLU C 661 -9.42 3.57 -39.34
CA GLU C 661 -8.52 2.59 -39.92
C GLU C 661 -7.48 2.15 -38.90
N ASP C 662 -7.80 2.37 -37.65
CA ASP C 662 -7.11 1.74 -36.57
C ASP C 662 -8.09 0.99 -35.71
N SER C 663 -9.30 0.80 -36.21
CA SER C 663 -10.22 -0.16 -35.63
C SER C 663 -9.52 -1.48 -35.43
N LEU C 664 -8.41 -1.66 -36.12
CA LEU C 664 -7.44 -2.67 -35.81
C LEU C 664 -7.06 -2.56 -34.34
N GLU C 665 -6.78 -1.35 -33.92
CA GLU C 665 -6.39 -1.16 -32.54
C GLU C 665 -7.58 -1.47 -31.62
N CYS C 666 -8.76 -1.02 -32.03
CA CYS C 666 -9.96 -1.23 -31.21
C CYS C 666 -10.29 -2.69 -31.05
N LEU C 667 -10.28 -3.43 -32.16
CA LEU C 667 -10.46 -4.86 -32.08
C LEU C 667 -9.41 -5.49 -31.19
N ARG C 668 -8.16 -5.06 -31.32
CA ARG C 668 -7.15 -5.63 -30.46
C ARG C 668 -7.53 -5.44 -29.01
N ALA C 669 -7.98 -4.25 -28.66
CA ALA C 669 -8.45 -4.02 -27.30
C ALA C 669 -9.63 -4.92 -26.97
N MET C 670 -10.58 -4.97 -27.88
CA MET C 670 -11.74 -5.83 -27.68
C MET C 670 -11.30 -7.28 -27.49
N LEU C 671 -10.26 -7.71 -28.16
CA LEU C 671 -9.86 -9.09 -27.96
C LEU C 671 -9.21 -9.25 -26.61
N SER C 672 -8.30 -8.34 -26.29
CA SER C 672 -7.80 -8.27 -24.93
C SER C 672 -8.96 -8.25 -23.96
N ALA C 673 -9.98 -7.48 -24.30
CA ALA C 673 -11.09 -7.19 -23.42
C ALA C 673 -12.34 -7.73 -24.08
N ASN C 674 -12.21 -8.96 -24.53
CA ASN C 674 -13.30 -9.66 -25.16
C ASN C 674 -14.40 -9.70 -24.15
N ILE C 675 -15.29 -8.73 -24.25
CA ILE C 675 -16.47 -8.74 -23.44
C ILE C 675 -17.64 -8.72 -24.36
N ARG C 676 -18.70 -9.34 -23.88
CA ARG C 676 -19.87 -9.52 -24.68
C ARG C 676 -20.40 -8.20 -25.15
N GLN C 677 -20.01 -7.13 -24.47
CA GLN C 677 -20.37 -5.79 -24.88
C GLN C 677 -19.87 -5.49 -26.28
N ASN C 678 -18.59 -5.46 -26.46
CA ASN C 678 -18.05 -5.19 -27.77
C ASN C 678 -18.19 -6.26 -28.65
N LEU C 679 -18.90 -7.35 -28.57
CA LEU C 679 -18.74 -8.30 -29.66
C LEU C 679 -19.70 -7.77 -30.71
N GLN C 680 -20.99 -7.81 -30.40
CA GLN C 680 -21.93 -7.42 -31.42
C GLN C 680 -21.67 -5.98 -31.74
N ILE C 681 -21.22 -5.23 -30.74
CA ILE C 681 -20.83 -3.85 -30.96
C ILE C 681 -19.75 -3.78 -32.01
N CYS C 682 -18.72 -4.60 -31.84
CA CYS C 682 -17.68 -4.67 -32.84
C CYS C 682 -18.26 -4.99 -34.20
N VAL C 683 -19.24 -5.86 -34.22
CA VAL C 683 -19.99 -6.17 -35.44
C VAL C 683 -20.75 -4.96 -35.95
N GLN C 684 -21.46 -4.30 -35.06
CA GLN C 684 -22.13 -3.07 -35.41
C GLN C 684 -21.17 -2.16 -36.14
N VAL C 685 -20.07 -1.83 -35.49
CA VAL C 685 -19.12 -0.97 -36.15
C VAL C 685 -18.43 -1.69 -37.29
N ALA C 686 -18.50 -3.02 -37.35
CA ALA C 686 -18.16 -3.65 -38.61
C ALA C 686 -19.02 -3.01 -39.66
N SER C 687 -20.28 -2.79 -39.32
CA SER C 687 -21.06 -1.97 -40.22
C SER C 687 -20.76 -0.52 -39.89
N LYS C 688 -19.50 -0.21 -39.72
CA LYS C 688 -19.06 1.18 -39.77
C LYS C 688 -17.75 1.30 -40.51
N TYR C 689 -16.91 0.28 -40.46
CA TYR C 689 -15.63 0.30 -41.13
C TYR C 689 -15.63 -0.67 -42.29
N HIS C 690 -16.24 -1.82 -42.07
CA HIS C 690 -16.49 -2.79 -43.12
C HIS C 690 -17.36 -2.18 -44.19
N GLU C 691 -18.31 -1.37 -43.77
CA GLU C 691 -19.22 -0.73 -44.69
C GLU C 691 -18.51 0.30 -45.56
N GLN C 692 -17.43 0.87 -45.06
CA GLN C 692 -16.57 1.67 -45.91
C GLN C 692 -15.49 0.85 -46.61
N LEU C 693 -15.00 -0.20 -45.98
CA LEU C 693 -14.06 -1.11 -46.60
C LEU C 693 -14.27 -2.44 -45.87
N SER C 694 -14.97 -3.33 -46.55
CA SER C 694 -15.32 -4.62 -45.99
C SER C 694 -14.08 -5.46 -45.95
N THR C 695 -13.11 -5.07 -45.14
CA THR C 695 -11.81 -5.64 -45.30
C THR C 695 -11.82 -7.10 -44.92
N GLN C 696 -11.08 -7.87 -45.69
CA GLN C 696 -10.85 -9.25 -45.30
C GLN C 696 -10.08 -9.29 -44.01
N SER C 697 -9.18 -8.34 -43.79
CA SER C 697 -8.45 -8.31 -42.53
C SER C 697 -9.41 -8.35 -41.36
N LEU C 698 -10.48 -7.57 -41.48
CA LEU C 698 -11.55 -7.53 -40.51
C LEU C 698 -12.10 -8.92 -40.25
N ILE C 699 -12.61 -9.55 -41.30
CA ILE C 699 -13.25 -10.85 -41.16
C ILE C 699 -12.22 -11.81 -40.62
N GLU C 700 -10.98 -11.53 -40.93
CA GLU C 700 -9.91 -12.43 -40.58
C GLU C 700 -9.73 -12.43 -39.10
N LEU C 701 -9.63 -11.26 -38.52
CA LEU C 701 -9.51 -11.17 -37.08
C LEU C 701 -10.69 -11.73 -36.35
N PHE C 702 -11.88 -11.64 -36.93
CA PHE C 702 -12.99 -12.42 -36.35
C PHE C 702 -12.61 -13.87 -36.31
N GLU C 703 -12.24 -14.41 -37.46
CA GLU C 703 -11.77 -15.79 -37.53
C GLU C 703 -10.54 -16.06 -36.69
N SER C 704 -9.74 -15.04 -36.39
CA SER C 704 -8.59 -15.20 -35.56
C SER C 704 -8.89 -15.73 -34.18
N PHE C 705 -10.06 -15.50 -33.64
CA PHE C 705 -10.13 -15.86 -32.26
C PHE C 705 -11.17 -16.94 -31.99
N LYS C 706 -12.43 -16.66 -32.29
CA LYS C 706 -13.39 -17.75 -32.21
C LYS C 706 -14.27 -17.82 -33.42
N SER C 707 -14.68 -16.67 -33.96
CA SER C 707 -15.68 -16.64 -35.00
C SER C 707 -17.02 -17.16 -34.48
N PHE C 708 -17.56 -16.46 -33.51
CA PHE C 708 -18.74 -17.01 -32.84
C PHE C 708 -19.98 -16.76 -33.69
N GLU C 709 -20.38 -15.51 -33.81
CA GLU C 709 -21.68 -15.13 -34.29
C GLU C 709 -21.59 -13.88 -35.14
N GLY C 710 -20.91 -12.89 -34.61
CA GLY C 710 -21.43 -11.56 -34.86
C GLY C 710 -21.04 -11.04 -36.21
N LEU C 711 -19.75 -11.11 -36.55
CA LEU C 711 -19.39 -10.77 -37.91
C LEU C 711 -19.91 -11.83 -38.85
N PHE C 712 -20.14 -13.02 -38.32
CA PHE C 712 -20.72 -14.03 -39.15
C PHE C 712 -22.11 -13.65 -39.58
N TYR C 713 -22.94 -13.41 -38.61
CA TYR C 713 -24.25 -12.87 -38.88
C TYR C 713 -24.15 -11.62 -39.72
N PHE C 714 -23.08 -10.88 -39.54
CA PHE C 714 -22.98 -9.57 -40.14
C PHE C 714 -22.87 -9.74 -41.64
N LEU C 715 -21.84 -10.41 -42.10
CA LEU C 715 -21.92 -10.71 -43.52
C LEU C 715 -22.98 -11.73 -43.88
N GLY C 716 -23.75 -12.23 -42.92
CA GLY C 716 -24.95 -12.97 -43.23
C GLY C 716 -25.79 -12.39 -44.34
N SER C 717 -25.96 -11.08 -44.32
CA SER C 717 -26.60 -10.33 -45.39
C SER C 717 -25.65 -9.52 -46.26
N ILE C 718 -24.42 -9.27 -45.83
CA ILE C 718 -23.64 -8.30 -46.59
C ILE C 718 -22.79 -8.90 -47.69
N VAL C 719 -21.81 -9.74 -47.36
CA VAL C 719 -21.14 -10.46 -48.42
C VAL C 719 -22.08 -11.50 -48.99
N ASN C 720 -23.09 -11.86 -48.23
CA ASN C 720 -24.24 -12.44 -48.88
C ASN C 720 -24.95 -11.34 -49.64
N PHE C 721 -25.61 -11.74 -50.73
CA PHE C 721 -25.93 -10.80 -51.80
C PHE C 721 -24.67 -10.17 -52.35
N SER C 722 -23.53 -10.81 -52.11
CA SER C 722 -22.26 -10.35 -52.64
C SER C 722 -21.48 -11.60 -52.98
N GLN C 723 -20.29 -11.42 -53.53
CA GLN C 723 -19.74 -12.41 -54.43
C GLN C 723 -19.18 -13.67 -53.78
N ASP C 724 -18.37 -13.58 -52.74
CA ASP C 724 -17.33 -14.56 -52.59
C ASP C 724 -17.88 -15.93 -52.27
N PRO C 725 -17.77 -16.88 -53.20
CA PRO C 725 -18.05 -18.28 -52.85
C PRO C 725 -17.34 -18.68 -51.60
N ASP C 726 -16.12 -18.20 -51.43
CA ASP C 726 -15.24 -18.63 -50.36
C ASP C 726 -15.65 -17.99 -49.06
N VAL C 727 -16.09 -16.74 -49.11
CA VAL C 727 -16.59 -16.14 -47.89
C VAL C 727 -17.83 -16.91 -47.46
N HIS C 728 -18.67 -17.27 -48.43
CA HIS C 728 -19.81 -18.12 -48.14
C HIS C 728 -19.32 -19.40 -47.51
N PHE C 729 -18.24 -19.94 -48.05
CA PHE C 729 -17.73 -21.23 -47.61
C PHE C 729 -17.19 -21.15 -46.19
N LYS C 730 -16.29 -20.22 -45.94
CA LYS C 730 -15.76 -20.04 -44.60
C LYS C 730 -16.88 -19.70 -43.68
N TYR C 731 -17.85 -18.96 -44.19
CA TYR C 731 -19.06 -18.65 -43.47
C TYR C 731 -19.77 -19.92 -43.05
N ILE C 732 -19.97 -20.81 -44.00
CA ILE C 732 -20.62 -22.07 -43.71
C ILE C 732 -19.85 -22.78 -42.63
N GLN C 733 -18.55 -22.93 -42.82
CA GLN C 733 -17.70 -23.53 -41.82
C GLN C 733 -17.91 -22.92 -40.44
N ALA C 734 -18.02 -21.61 -40.36
CA ALA C 734 -18.32 -20.99 -39.09
C ALA C 734 -19.66 -21.46 -38.57
N ALA C 735 -20.66 -21.49 -39.43
CA ALA C 735 -21.94 -22.06 -39.10
C ALA C 735 -21.81 -23.52 -38.70
N CYS C 736 -20.67 -24.10 -38.96
CA CYS C 736 -20.35 -25.43 -38.50
C CYS C 736 -19.68 -25.42 -37.15
N LYS C 737 -19.10 -24.29 -36.74
CA LYS C 737 -18.61 -24.22 -35.37
C LYS C 737 -19.70 -24.59 -34.39
N THR C 738 -20.89 -24.05 -34.59
CA THR C 738 -22.08 -24.60 -33.97
C THR C 738 -23.09 -24.80 -35.09
N GLY C 739 -23.08 -25.98 -35.66
CA GLY C 739 -23.97 -26.31 -36.74
C GLY C 739 -25.41 -26.01 -36.41
N GLN C 740 -26.05 -25.17 -37.22
CA GLN C 740 -27.48 -24.98 -37.10
C GLN C 740 -28.12 -25.06 -38.47
N ILE C 741 -28.47 -26.26 -38.87
CA ILE C 741 -28.89 -26.53 -40.23
C ILE C 741 -30.07 -25.68 -40.62
N LYS C 742 -30.98 -25.44 -39.68
CA LYS C 742 -32.10 -24.54 -39.88
C LYS C 742 -31.55 -23.30 -40.56
N GLU C 743 -30.31 -23.01 -40.22
CA GLU C 743 -29.56 -21.91 -40.78
C GLU C 743 -28.62 -22.38 -41.86
N VAL C 744 -27.89 -23.45 -41.59
CA VAL C 744 -26.73 -23.80 -42.39
C VAL C 744 -27.17 -24.39 -43.73
N GLU C 745 -27.85 -25.54 -43.70
CA GLU C 745 -28.25 -26.10 -44.98
C GLU C 745 -29.38 -25.31 -45.54
N ARG C 746 -29.83 -24.31 -44.80
CA ARG C 746 -30.76 -23.38 -45.39
C ARG C 746 -30.14 -22.76 -46.62
N ILE C 747 -28.94 -22.21 -46.51
CA ILE C 747 -28.43 -21.57 -47.70
C ILE C 747 -27.98 -22.62 -48.70
N CYS C 748 -27.61 -23.80 -48.20
CA CYS C 748 -27.27 -24.92 -49.07
C CYS C 748 -28.40 -25.26 -50.02
N ARG C 749 -29.64 -25.16 -49.56
CA ARG C 749 -30.71 -25.11 -50.54
C ARG C 749 -30.68 -23.79 -51.26
N GLU C 750 -30.62 -22.70 -50.53
CA GLU C 750 -30.87 -21.41 -51.13
C GLU C 750 -29.70 -20.96 -51.98
N SER C 751 -28.62 -20.56 -51.32
CA SER C 751 -27.50 -20.00 -52.04
C SER C 751 -26.76 -21.11 -52.75
N ASN C 752 -26.09 -20.76 -53.82
CA ASN C 752 -25.40 -21.74 -54.62
C ASN C 752 -24.04 -21.22 -55.04
N CYS C 753 -23.55 -20.20 -54.33
CA CYS C 753 -22.28 -19.58 -54.68
C CYS C 753 -21.23 -19.88 -53.64
N TYR C 754 -20.75 -21.11 -53.74
CA TYR C 754 -19.58 -21.60 -53.05
C TYR C 754 -18.74 -22.27 -54.13
N ASP C 755 -17.66 -22.91 -53.72
CA ASP C 755 -17.31 -24.10 -54.46
C ASP C 755 -17.96 -25.27 -53.75
N PRO C 756 -19.11 -25.70 -54.20
CA PRO C 756 -19.81 -26.80 -53.53
C PRO C 756 -19.03 -28.09 -53.53
N GLU C 757 -17.90 -28.11 -54.21
CA GLU C 757 -17.08 -29.31 -54.24
C GLU C 757 -16.07 -29.30 -53.12
N ARG C 758 -15.31 -28.23 -52.99
CA ARG C 758 -14.58 -28.03 -51.75
C ARG C 758 -15.56 -28.04 -50.59
N VAL C 759 -16.74 -27.48 -50.81
CA VAL C 759 -17.77 -27.53 -49.77
C VAL C 759 -18.11 -28.96 -49.45
N LYS C 760 -18.42 -29.73 -50.47
CA LYS C 760 -18.80 -31.11 -50.25
C LYS C 760 -17.64 -31.84 -49.68
N ASN C 761 -16.45 -31.44 -50.09
CA ASN C 761 -15.24 -31.93 -49.50
C ASN C 761 -15.27 -31.68 -48.03
N PHE C 762 -15.55 -30.44 -47.67
CA PHE C 762 -15.74 -30.09 -46.29
C PHE C 762 -16.70 -31.03 -45.61
N LEU C 763 -17.84 -31.25 -46.24
CA LEU C 763 -18.84 -32.14 -45.69
C LEU C 763 -18.20 -33.47 -45.36
N LYS C 764 -17.56 -34.05 -46.36
CA LYS C 764 -16.86 -35.30 -46.17
C LYS C 764 -15.97 -35.19 -44.97
N GLU C 765 -15.32 -34.06 -44.81
CA GLU C 765 -14.37 -33.90 -43.74
C GLU C 765 -15.04 -33.29 -42.54
N ALA C 766 -16.20 -32.68 -42.75
CA ALA C 766 -16.95 -32.14 -41.64
C ALA C 766 -17.68 -33.31 -41.02
N LYS C 767 -17.00 -33.95 -40.10
CA LYS C 767 -17.57 -35.09 -39.40
C LYS C 767 -18.50 -34.56 -38.32
N LEU C 768 -19.79 -34.48 -38.64
CA LEU C 768 -20.70 -33.73 -37.77
C LEU C 768 -21.93 -34.56 -37.47
N THR C 769 -22.05 -35.71 -38.12
CA THR C 769 -22.91 -36.82 -37.73
C THR C 769 -24.40 -36.64 -37.96
N ASP C 770 -24.84 -35.63 -38.70
CA ASP C 770 -26.24 -35.65 -39.11
C ASP C 770 -26.42 -35.07 -40.50
N GLN C 771 -25.42 -35.18 -41.36
CA GLN C 771 -25.39 -34.50 -42.64
C GLN C 771 -26.59 -34.82 -43.52
N LEU C 772 -27.39 -33.84 -43.75
CA LEU C 772 -28.18 -33.93 -44.95
C LEU C 772 -28.26 -32.61 -45.69
N PRO C 773 -27.20 -31.84 -45.79
CA PRO C 773 -27.15 -30.85 -46.86
C PRO C 773 -26.42 -31.47 -48.02
N LEU C 774 -25.57 -32.42 -47.65
CA LEU C 774 -24.87 -33.18 -48.66
C LEU C 774 -25.87 -33.83 -49.59
N ILE C 775 -26.98 -34.25 -49.01
CA ILE C 775 -28.05 -34.86 -49.75
C ILE C 775 -28.67 -33.86 -50.69
N ILE C 776 -28.30 -32.59 -50.55
CA ILE C 776 -28.84 -31.50 -51.34
C ILE C 776 -27.82 -31.02 -52.35
N VAL C 777 -26.69 -30.54 -51.88
CA VAL C 777 -25.74 -29.89 -52.77
C VAL C 777 -24.90 -30.93 -53.51
N CYS C 778 -24.57 -32.06 -52.87
CA CYS C 778 -23.75 -33.04 -53.55
C CYS C 778 -24.44 -33.51 -54.82
N ASP C 779 -25.73 -33.77 -54.71
CA ASP C 779 -26.54 -34.09 -55.87
C ASP C 779 -26.94 -32.87 -56.66
N ARG C 780 -26.87 -31.69 -56.06
CA ARG C 780 -27.03 -30.46 -56.80
C ARG C 780 -25.96 -30.35 -57.86
N PHE C 781 -24.80 -30.93 -57.57
CA PHE C 781 -23.68 -30.97 -58.50
C PHE C 781 -23.29 -32.41 -58.79
N ASP C 782 -24.09 -33.35 -58.31
CA ASP C 782 -24.05 -34.75 -58.74
C ASP C 782 -22.67 -35.37 -58.52
N PHE C 783 -22.35 -35.55 -57.24
CA PHE C 783 -21.27 -36.43 -56.87
C PHE C 783 -21.83 -37.67 -56.22
N VAL C 784 -22.95 -38.15 -56.76
CA VAL C 784 -23.87 -38.93 -55.97
C VAL C 784 -23.57 -40.41 -55.97
N HIS C 785 -23.04 -40.95 -57.06
CA HIS C 785 -22.64 -42.34 -57.01
C HIS C 785 -21.57 -42.54 -55.96
N ASP C 786 -20.44 -41.92 -56.19
CA ASP C 786 -19.41 -41.75 -55.19
C ASP C 786 -19.99 -41.34 -53.85
N LEU C 787 -20.94 -40.42 -53.86
CA LEU C 787 -21.58 -40.04 -52.62
C LEU C 787 -22.16 -41.21 -51.86
N VAL C 788 -23.21 -41.79 -52.42
CA VAL C 788 -23.93 -42.87 -51.78
C VAL C 788 -23.05 -44.08 -51.59
N LEU C 789 -22.10 -44.25 -52.48
CA LEU C 789 -21.10 -45.28 -52.40
C LEU C 789 -20.44 -45.13 -51.06
N TYR C 790 -19.74 -44.02 -50.92
CA TYR C 790 -19.12 -43.68 -49.67
C TYR C 790 -20.09 -43.76 -48.52
N LEU C 791 -21.31 -43.36 -48.76
CA LEU C 791 -22.21 -43.30 -47.66
C LEU C 791 -22.42 -44.66 -47.06
N TYR C 792 -23.06 -45.54 -47.81
CA TYR C 792 -23.17 -46.89 -47.33
C TYR C 792 -21.83 -47.39 -46.82
N ARG C 793 -20.75 -47.04 -47.53
CA ARG C 793 -19.44 -47.46 -47.07
C ARG C 793 -19.26 -47.11 -45.61
N ASN C 794 -19.40 -45.84 -45.27
CA ASN C 794 -19.53 -45.57 -43.85
C ASN C 794 -20.81 -46.23 -43.38
N ASN C 795 -21.94 -45.74 -43.89
CA ASN C 795 -23.24 -46.40 -43.80
C ASN C 795 -24.29 -45.56 -44.48
N LEU C 796 -25.36 -46.21 -44.88
CA LEU C 796 -26.48 -45.50 -45.47
C LEU C 796 -27.75 -46.28 -45.16
N GLN C 797 -28.74 -45.60 -44.63
CA GLN C 797 -29.96 -46.30 -44.23
C GLN C 797 -31.18 -45.84 -45.00
N LYS C 798 -31.54 -44.57 -44.92
CA LYS C 798 -32.69 -44.06 -45.65
C LYS C 798 -32.44 -42.70 -46.22
N TYR C 799 -31.28 -42.12 -45.96
CA TYR C 799 -31.16 -40.68 -45.97
C TYR C 799 -31.28 -40.14 -47.39
N ILE C 800 -30.45 -40.65 -48.30
CA ILE C 800 -30.71 -40.40 -49.71
C ILE C 800 -32.04 -41.00 -50.06
N GLU C 801 -32.36 -42.13 -49.46
CA GLU C 801 -33.61 -42.75 -49.76
C GLU C 801 -34.75 -41.81 -49.44
N ILE C 802 -34.79 -41.30 -48.21
CA ILE C 802 -35.87 -40.36 -47.89
C ILE C 802 -35.73 -39.06 -48.67
N TYR C 803 -34.52 -38.69 -49.04
CA TYR C 803 -34.32 -37.47 -49.83
C TYR C 803 -34.98 -37.62 -51.18
N VAL C 804 -34.58 -38.65 -51.91
CA VAL C 804 -35.18 -38.99 -53.18
C VAL C 804 -36.60 -39.45 -52.97
N GLN C 805 -36.98 -39.67 -51.72
CA GLN C 805 -38.36 -39.99 -51.42
C GLN C 805 -39.21 -38.75 -51.53
N LYS C 806 -38.95 -37.79 -50.67
CA LYS C 806 -39.80 -36.64 -50.50
C LYS C 806 -39.20 -35.40 -51.10
N VAL C 807 -37.92 -35.18 -50.85
CA VAL C 807 -37.23 -34.10 -51.54
C VAL C 807 -37.34 -34.33 -53.04
N ASN C 808 -36.96 -35.51 -53.50
CA ASN C 808 -37.02 -35.65 -54.95
C ASN C 808 -37.05 -37.08 -55.47
N PRO C 809 -38.26 -37.63 -55.63
CA PRO C 809 -38.42 -38.92 -56.31
C PRO C 809 -37.81 -38.97 -57.70
N SER C 810 -37.55 -37.82 -58.30
CA SER C 810 -37.14 -37.78 -59.69
C SER C 810 -35.84 -38.54 -59.94
N ARG C 811 -34.88 -38.40 -59.05
CA ARG C 811 -33.60 -39.05 -59.22
C ARG C 811 -33.62 -40.54 -58.88
N LEU C 812 -34.81 -41.12 -58.71
CA LEU C 812 -34.93 -42.55 -58.42
C LEU C 812 -34.11 -43.38 -59.38
N PRO C 813 -34.38 -43.34 -60.69
CA PRO C 813 -33.74 -44.33 -61.57
C PRO C 813 -32.23 -44.23 -61.48
N VAL C 814 -31.71 -43.02 -61.55
CA VAL C 814 -30.27 -42.81 -61.51
C VAL C 814 -29.67 -43.32 -60.21
N VAL C 815 -30.26 -42.94 -59.08
CA VAL C 815 -29.77 -43.49 -57.82
C VAL C 815 -29.95 -45.00 -57.75
N ILE C 816 -31.01 -45.53 -58.34
CA ILE C 816 -31.16 -46.97 -58.50
C ILE C 816 -29.95 -47.58 -59.17
N GLY C 817 -29.56 -46.99 -60.30
CA GLY C 817 -28.33 -47.39 -60.95
C GLY C 817 -27.14 -47.30 -60.05
N GLY C 818 -27.00 -46.20 -59.34
CA GLY C 818 -25.96 -46.09 -58.32
C GLY C 818 -26.01 -47.21 -57.32
N LEU C 819 -27.19 -47.53 -56.83
CA LEU C 819 -27.36 -48.65 -55.92
C LEU C 819 -26.84 -49.96 -56.48
N LEU C 820 -27.19 -50.27 -57.71
CA LEU C 820 -26.62 -51.52 -58.17
C LEU C 820 -25.18 -51.41 -58.66
N ASP C 821 -24.69 -50.22 -59.02
CA ASP C 821 -23.26 -50.07 -59.23
C ASP C 821 -22.53 -50.10 -57.91
N VAL C 822 -23.12 -49.54 -56.87
CA VAL C 822 -22.56 -49.76 -55.54
C VAL C 822 -22.94 -51.14 -55.05
N ASP C 823 -23.69 -51.90 -55.85
CA ASP C 823 -23.83 -53.34 -55.66
C ASP C 823 -24.49 -53.67 -54.32
N CYS C 824 -25.74 -53.28 -54.17
CA CYS C 824 -26.37 -53.52 -52.88
C CYS C 824 -27.77 -54.11 -53.04
N SER C 825 -28.47 -54.19 -51.92
CA SER C 825 -29.69 -54.97 -51.83
C SER C 825 -30.84 -54.33 -52.60
N GLU C 826 -32.00 -54.96 -52.48
CA GLU C 826 -32.99 -54.90 -53.55
C GLU C 826 -34.39 -54.57 -53.02
N ASP C 827 -34.79 -55.24 -51.96
CA ASP C 827 -36.14 -55.07 -51.42
C ASP C 827 -36.45 -53.64 -51.02
N VAL C 828 -35.46 -52.83 -50.69
CA VAL C 828 -35.75 -51.45 -50.33
C VAL C 828 -36.32 -50.67 -51.49
N ILE C 829 -35.59 -50.62 -52.62
CA ILE C 829 -36.10 -49.89 -53.77
C ILE C 829 -37.31 -50.57 -54.32
N LYS C 830 -37.38 -51.89 -54.17
CA LYS C 830 -38.61 -52.56 -54.55
C LYS C 830 -39.78 -51.95 -53.82
N ASN C 831 -39.76 -51.94 -52.48
CA ASN C 831 -40.82 -51.29 -51.73
C ASN C 831 -41.02 -49.83 -52.12
N LEU C 832 -39.92 -49.11 -52.34
CA LEU C 832 -39.98 -47.75 -52.86
C LEU C 832 -40.88 -47.63 -54.08
N ILE C 833 -40.67 -48.51 -55.06
CA ILE C 833 -41.56 -48.59 -56.21
C ILE C 833 -42.94 -49.04 -55.76
N LEU C 834 -42.97 -50.01 -54.88
CA LEU C 834 -44.21 -50.53 -54.34
C LEU C 834 -44.91 -49.47 -53.52
N VAL C 835 -44.19 -48.82 -52.59
CA VAL C 835 -44.75 -47.65 -51.94
C VAL C 835 -44.95 -46.59 -53.01
N VAL C 836 -45.72 -45.56 -52.69
CA VAL C 836 -46.07 -44.57 -53.69
C VAL C 836 -44.79 -43.98 -54.28
N ARG C 837 -44.71 -43.99 -55.60
CA ARG C 837 -43.59 -43.44 -56.35
C ARG C 837 -44.04 -42.12 -56.94
N GLY C 838 -43.09 -41.26 -57.23
CA GLY C 838 -43.46 -40.00 -57.82
C GLY C 838 -43.35 -40.11 -59.33
N GLN C 839 -42.27 -39.55 -59.84
CA GLN C 839 -42.01 -39.51 -61.26
C GLN C 839 -40.98 -40.55 -61.66
N PHE C 840 -41.41 -41.47 -62.53
CA PHE C 840 -40.57 -42.61 -62.91
C PHE C 840 -41.18 -43.30 -64.12
N SER C 841 -40.33 -43.85 -64.97
CA SER C 841 -40.77 -44.60 -66.13
C SER C 841 -40.26 -46.02 -66.02
N THR C 842 -41.11 -46.98 -66.35
CA THR C 842 -40.60 -48.33 -66.37
C THR C 842 -39.59 -48.51 -67.49
N ASP C 843 -39.75 -47.75 -68.56
CA ASP C 843 -38.83 -47.78 -69.69
C ASP C 843 -37.40 -47.35 -69.39
N GLU C 844 -37.15 -46.59 -68.32
CA GLU C 844 -35.77 -46.42 -67.88
C GLU C 844 -35.35 -47.40 -66.82
N LEU C 845 -36.29 -47.83 -65.99
CA LEU C 845 -35.98 -48.88 -65.03
C LEU C 845 -35.54 -50.16 -65.71
N VAL C 846 -36.25 -50.58 -66.74
CA VAL C 846 -35.90 -51.79 -67.45
C VAL C 846 -34.53 -51.66 -68.10
N ALA C 847 -34.23 -50.50 -68.68
CA ALA C 847 -32.93 -50.32 -69.31
C ALA C 847 -31.82 -50.38 -68.29
N GLU C 848 -31.99 -49.69 -67.16
CA GLU C 848 -30.97 -49.72 -66.14
C GLU C 848 -30.75 -51.13 -65.61
N VAL C 849 -31.84 -51.80 -65.23
CA VAL C 849 -31.66 -53.11 -64.64
C VAL C 849 -31.23 -54.14 -65.66
N GLU C 850 -31.54 -53.94 -66.93
CA GLU C 850 -30.99 -54.78 -67.98
C GLU C 850 -29.48 -54.59 -68.04
N LYS C 851 -29.03 -53.35 -67.95
CA LYS C 851 -27.61 -53.12 -67.77
C LYS C 851 -27.11 -53.83 -66.52
N ARG C 852 -27.97 -53.91 -65.51
CA ARG C 852 -27.70 -54.67 -64.30
C ARG C 852 -28.03 -56.14 -64.45
N ASN C 853 -28.84 -56.49 -65.43
CA ASN C 853 -29.12 -57.87 -65.80
C ASN C 853 -30.06 -58.59 -64.83
N ARG C 854 -30.67 -57.91 -63.86
CA ARG C 854 -31.52 -58.64 -62.91
C ARG C 854 -32.82 -57.90 -62.64
N LEU C 855 -33.80 -58.04 -63.53
CA LEU C 855 -35.06 -57.31 -63.45
C LEU C 855 -36.07 -57.99 -62.54
N LYS C 856 -35.63 -59.01 -61.84
CA LYS C 856 -36.42 -60.18 -61.51
C LYS C 856 -37.80 -59.95 -60.92
N LEU C 857 -37.99 -58.93 -60.10
CA LEU C 857 -39.17 -58.92 -59.25
C LEU C 857 -40.24 -57.91 -59.63
N LEU C 858 -39.93 -56.86 -60.35
CA LEU C 858 -40.79 -55.70 -60.24
C LEU C 858 -42.18 -55.90 -60.82
N LEU C 859 -42.96 -56.79 -60.23
CA LEU C 859 -44.33 -57.09 -60.59
C LEU C 859 -45.33 -55.93 -60.45
N PRO C 860 -45.18 -54.99 -59.48
CA PRO C 860 -46.10 -53.84 -59.45
C PRO C 860 -45.95 -52.95 -60.67
N TRP C 861 -44.72 -52.58 -60.91
CA TRP C 861 -44.42 -51.73 -62.05
C TRP C 861 -44.50 -52.51 -63.34
N LEU C 862 -44.35 -53.84 -63.26
CA LEU C 862 -44.66 -54.69 -64.40
C LEU C 862 -46.13 -54.59 -64.78
N GLU C 863 -47.01 -54.62 -63.77
CA GLU C 863 -48.43 -54.38 -64.03
C GLU C 863 -48.62 -53.01 -64.63
N ALA C 864 -47.92 -52.03 -64.10
CA ALA C 864 -48.05 -50.69 -64.65
C ALA C 864 -47.67 -50.65 -66.13
N ARG C 865 -46.57 -51.31 -66.50
CA ARG C 865 -46.13 -51.26 -67.90
C ARG C 865 -46.98 -52.11 -68.84
N ILE C 866 -47.03 -53.42 -68.61
CA ILE C 866 -47.78 -54.30 -69.51
C ILE C 866 -49.27 -54.01 -69.56
N HIS C 867 -49.86 -53.37 -68.54
CA HIS C 867 -51.26 -53.00 -68.70
C HIS C 867 -51.41 -51.73 -69.52
N GLU C 868 -50.33 -51.27 -70.14
CA GLU C 868 -50.40 -50.21 -71.15
C GLU C 868 -50.32 -50.75 -72.57
N GLY C 869 -50.40 -52.07 -72.74
CA GLY C 869 -50.26 -52.62 -74.07
C GLY C 869 -48.85 -53.08 -74.32
N CYS C 870 -48.26 -53.78 -73.37
CA CYS C 870 -46.89 -54.27 -73.51
C CYS C 870 -46.84 -55.79 -73.34
N THR C 871 -42.25 -57.88 -68.23
CA THR C 871 -41.70 -58.10 -69.57
C THR C 871 -42.19 -57.02 -70.52
N LEU D 558 -69.98 -22.90 14.32
CA LEU D 558 -69.22 -21.76 13.84
C LEU D 558 -68.01 -21.49 14.73
N ILE D 559 -66.95 -22.25 14.52
CA ILE D 559 -65.72 -22.07 15.28
C ILE D 559 -65.21 -20.66 15.04
N GLN D 560 -65.39 -20.16 13.81
CA GLN D 560 -64.93 -18.82 13.47
C GLN D 560 -65.62 -17.76 14.31
N GLN D 561 -66.95 -17.78 14.35
CA GLN D 561 -67.67 -16.70 15.02
C GLN D 561 -67.60 -16.82 16.54
N CYS D 562 -67.63 -18.04 17.08
CA CYS D 562 -67.45 -18.18 18.52
C CYS D 562 -66.04 -17.77 18.93
N THR D 563 -65.06 -18.09 18.09
CA THR D 563 -63.70 -17.62 18.33
C THR D 563 -63.64 -16.09 18.28
N ALA D 564 -64.40 -15.49 17.36
CA ALA D 564 -64.43 -14.03 17.30
C ALA D 564 -65.05 -13.43 18.55
N PHE D 565 -66.12 -14.04 19.04
CA PHE D 565 -66.76 -13.56 20.27
C PHE D 565 -65.82 -13.70 21.46
N LEU D 566 -65.11 -14.82 21.53
CA LEU D 566 -64.05 -14.95 22.53
C LEU D 566 -63.00 -13.87 22.36
N LEU D 567 -62.65 -13.53 21.12
CA LEU D 567 -61.72 -12.44 20.85
C LEU D 567 -62.28 -11.11 21.34
N ASP D 568 -63.57 -10.88 21.09
CA ASP D 568 -64.21 -9.67 21.58
C ASP D 568 -64.14 -9.59 23.11
N ALA D 569 -64.26 -10.74 23.77
CA ALA D 569 -64.06 -10.79 25.21
C ALA D 569 -62.61 -10.48 25.57
N LEU D 570 -61.66 -10.98 24.77
CA LEU D 570 -60.24 -10.80 25.04
C LEU D 570 -59.81 -9.34 24.98
N LYS D 571 -60.58 -8.49 24.30
CA LYS D 571 -60.29 -7.05 24.29
C LYS D 571 -60.17 -6.50 25.70
N ASN D 572 -60.91 -7.05 26.65
CA ASN D 572 -60.72 -6.76 28.07
C ASN D 572 -59.73 -7.79 28.60
N ASN D 573 -58.81 -7.34 29.45
CA ASN D 573 -57.77 -8.24 29.95
C ASN D 573 -58.34 -9.27 30.91
N ARG D 574 -59.53 -9.03 31.45
CA ARG D 574 -60.12 -9.97 32.38
C ARG D 574 -60.50 -11.27 31.66
N PRO D 575 -61.24 -11.23 30.54
CA PRO D 575 -61.42 -12.46 29.76
C PRO D 575 -60.19 -12.86 28.98
N SER D 576 -59.20 -11.99 28.87
CA SER D 576 -57.96 -12.33 28.19
C SER D 576 -57.18 -13.32 29.04
N GLU D 577 -57.33 -14.60 28.74
CA GLU D 577 -56.64 -15.67 29.43
C GLU D 577 -55.79 -16.41 28.42
N GLY D 578 -54.47 -16.39 28.62
CA GLY D 578 -53.50 -16.87 27.68
C GLY D 578 -53.86 -18.15 26.95
N PRO D 579 -54.06 -19.24 27.70
CA PRO D 579 -54.32 -20.53 27.04
C PRO D 579 -55.56 -20.52 26.14
N LEU D 580 -56.65 -19.88 26.57
CA LEU D 580 -57.83 -19.78 25.71
C LEU D 580 -57.48 -19.10 24.39
N GLN D 581 -56.98 -17.87 24.46
CA GLN D 581 -56.58 -17.16 23.25
C GLN D 581 -55.40 -17.84 22.57
N THR D 582 -54.61 -18.62 23.33
CA THR D 582 -53.58 -19.44 22.71
C THR D 582 -54.21 -20.43 21.73
N ARG D 583 -55.24 -21.15 22.18
CA ARG D 583 -55.92 -22.09 21.28
C ARG D 583 -56.61 -21.35 20.14
N LEU D 584 -57.16 -20.17 20.43
CA LEU D 584 -57.78 -19.38 19.37
C LEU D 584 -56.78 -19.08 18.26
N LEU D 585 -55.60 -18.57 18.64
CA LEU D 585 -54.58 -18.29 17.64
C LEU D 585 -54.07 -19.57 16.99
N GLU D 586 -54.04 -20.67 17.73
CA GLU D 586 -53.63 -21.94 17.16
C GLU D 586 -54.56 -22.33 16.01
N MET D 587 -55.86 -22.22 16.22
CA MET D 587 -56.81 -22.47 15.15
C MET D 587 -56.63 -21.46 14.02
N ASN D 588 -56.40 -20.19 14.37
CA ASN D 588 -56.17 -19.17 13.35
C ASN D 588 -55.00 -19.54 12.45
N LEU D 589 -53.93 -20.08 13.03
CA LEU D 589 -52.76 -20.49 12.25
C LEU D 589 -53.14 -21.49 11.18
N MET D 590 -54.07 -22.40 11.49
CA MET D 590 -54.60 -23.32 10.51
C MET D 590 -55.59 -22.66 9.56
N HIS D 591 -56.20 -21.55 9.99
CA HIS D 591 -57.27 -20.95 9.22
C HIS D 591 -56.89 -19.59 8.66
N ALA D 592 -56.48 -18.65 9.50
CA ALA D 592 -56.20 -17.29 9.05
C ALA D 592 -55.03 -16.70 9.83
N PRO D 593 -53.86 -16.58 9.21
CA PRO D 593 -52.72 -16.02 9.92
C PRO D 593 -52.69 -14.49 9.91
N GLN D 594 -53.51 -13.90 9.05
CA GLN D 594 -53.49 -12.44 8.90
C GLN D 594 -53.82 -11.75 10.22
N VAL D 595 -54.75 -12.30 10.99
CA VAL D 595 -55.09 -11.75 12.30
C VAL D 595 -53.95 -11.86 13.29
N ALA D 596 -53.00 -12.76 13.05
CA ALA D 596 -51.91 -12.96 14.01
C ALA D 596 -51.07 -11.70 14.16
N ASP D 597 -51.06 -10.83 13.15
CA ASP D 597 -50.35 -9.56 13.30
C ASP D 597 -50.97 -8.71 14.40
N ALA D 598 -52.30 -8.50 14.32
CA ALA D 598 -52.99 -7.74 15.36
C ALA D 598 -52.90 -8.45 16.70
N ILE D 599 -52.92 -9.79 16.69
CA ILE D 599 -52.82 -10.52 17.94
C ILE D 599 -51.44 -10.34 18.57
N LEU D 600 -50.38 -10.32 17.74
CA LEU D 600 -49.04 -10.08 18.25
C LEU D 600 -48.90 -8.67 18.79
N GLY D 601 -49.51 -7.70 18.09
CA GLY D 601 -49.57 -6.37 18.64
C GLY D 601 -50.27 -6.29 19.98
N ASN D 602 -51.42 -6.93 20.11
CA ASN D 602 -52.23 -6.83 21.32
C ASN D 602 -51.68 -7.63 22.49
N GLN D 603 -51.71 -8.97 22.38
CA GLN D 603 -51.47 -9.80 23.55
C GLN D 603 -50.62 -11.04 23.30
N MET D 604 -50.38 -11.40 22.04
CA MET D 604 -49.80 -12.71 21.72
C MET D 604 -48.55 -13.03 22.54
N PHE D 605 -47.51 -12.21 22.42
CA PHE D 605 -46.23 -12.54 23.05
C PHE D 605 -46.36 -12.58 24.56
N THR D 606 -47.31 -11.84 25.12
CA THR D 606 -47.49 -11.82 26.57
C THR D 606 -48.25 -13.04 27.06
N HIS D 607 -49.29 -13.46 26.34
CA HIS D 607 -50.21 -14.48 26.82
C HIS D 607 -49.93 -15.88 26.34
N TYR D 608 -49.19 -16.04 25.24
CA TYR D 608 -49.19 -17.34 24.57
C TYR D 608 -47.91 -18.11 24.86
N ASP D 609 -47.96 -19.40 24.54
CA ASP D 609 -46.80 -20.29 24.62
C ASP D 609 -46.03 -20.18 23.31
N ARG D 610 -45.19 -19.15 23.25
CA ARG D 610 -44.46 -18.78 22.04
C ARG D 610 -43.72 -19.96 21.44
N ALA D 611 -43.27 -20.89 22.28
CA ALA D 611 -42.59 -22.09 21.78
C ALA D 611 -43.55 -22.95 20.96
N HIS D 612 -44.69 -23.31 21.56
CA HIS D 612 -45.66 -24.14 20.86
C HIS D 612 -46.18 -23.45 19.60
N ILE D 613 -46.45 -22.15 19.70
CA ILE D 613 -46.98 -21.43 18.55
C ILE D 613 -45.94 -21.33 17.45
N ALA D 614 -44.66 -21.20 17.85
CA ALA D 614 -43.59 -21.19 16.87
C ALA D 614 -43.47 -22.54 16.17
N GLN D 615 -43.62 -23.62 16.94
CA GLN D 615 -43.61 -24.95 16.33
C GLN D 615 -44.78 -25.10 15.36
N LEU D 616 -45.95 -24.57 15.74
CA LEU D 616 -47.10 -24.58 14.84
C LEU D 616 -46.79 -23.86 13.54
N CYS D 617 -46.33 -22.61 13.63
CA CYS D 617 -46.06 -21.82 12.45
C CYS D 617 -44.93 -22.42 11.63
N GLU D 618 -44.01 -23.12 12.29
CA GLU D 618 -42.98 -23.88 11.59
C GLU D 618 -43.60 -24.98 10.73
N LYS D 619 -44.41 -25.84 11.36
CA LYS D 619 -45.01 -26.95 10.62
C LYS D 619 -45.96 -26.45 9.54
N ALA D 620 -46.52 -25.26 9.72
CA ALA D 620 -47.50 -24.71 8.79
C ALA D 620 -46.86 -23.85 7.71
N GLY D 621 -45.54 -23.73 7.67
CA GLY D 621 -44.92 -22.87 6.67
C GLY D 621 -45.26 -21.41 6.83
N LEU D 622 -45.07 -20.87 8.03
CA LEU D 622 -45.39 -19.48 8.32
C LEU D 622 -44.10 -18.74 8.65
N LEU D 623 -43.09 -18.95 7.81
CA LEU D 623 -41.73 -18.49 8.09
C LEU D 623 -41.68 -17.03 8.49
N GLN D 624 -42.57 -16.20 7.94
CA GLN D 624 -42.44 -14.77 8.18
C GLN D 624 -42.80 -14.42 9.62
N ARG D 625 -43.93 -14.91 10.10
CA ARG D 625 -44.21 -14.73 11.52
C ARG D 625 -43.41 -15.72 12.36
N ALA D 626 -42.86 -16.76 11.74
CA ALA D 626 -41.87 -17.56 12.43
C ALA D 626 -40.65 -16.72 12.77
N LEU D 627 -40.39 -15.68 11.98
CA LEU D 627 -39.34 -14.73 12.35
C LEU D 627 -39.72 -13.94 13.59
N GLU D 628 -40.97 -13.49 13.66
CA GLU D 628 -41.49 -12.91 14.90
C GLU D 628 -41.32 -13.89 16.05
N HIS D 629 -41.42 -15.18 15.77
CA HIS D 629 -41.30 -16.19 16.80
C HIS D 629 -39.86 -16.34 17.28
N PHE D 630 -38.92 -16.40 16.33
CA PHE D 630 -37.51 -16.38 16.71
C PHE D 630 -37.20 -15.14 17.52
N THR D 631 -37.80 -14.01 17.15
CA THR D 631 -37.73 -12.81 17.98
C THR D 631 -38.29 -13.08 19.36
N ASP D 632 -39.35 -13.90 19.42
CA ASP D 632 -39.89 -14.30 20.72
C ASP D 632 -39.03 -15.37 21.38
N LEU D 633 -38.33 -16.19 20.59
CA LEU D 633 -37.72 -17.40 21.13
C LEU D 633 -36.21 -17.44 21.03
N TYR D 634 -35.59 -16.69 20.13
CA TYR D 634 -34.13 -16.68 20.00
C TYR D 634 -33.59 -18.08 19.75
N ASP D 635 -34.15 -18.74 18.74
CA ASP D 635 -33.85 -20.13 18.42
C ASP D 635 -32.63 -20.17 17.52
N ILE D 636 -31.45 -20.21 18.14
CA ILE D 636 -30.24 -19.73 17.47
C ILE D 636 -29.97 -20.51 16.18
N LYS D 637 -29.64 -21.80 16.29
CA LYS D 637 -29.21 -22.56 15.12
C LYS D 637 -30.31 -22.62 14.07
N ARG D 638 -31.52 -22.89 14.50
CA ARG D 638 -32.62 -23.06 13.57
C ARG D 638 -33.05 -21.74 12.96
N ALA D 639 -33.09 -20.66 13.76
CA ALA D 639 -33.34 -19.36 13.16
C ALA D 639 -32.30 -19.05 12.08
N VAL D 640 -31.03 -19.32 12.37
CA VAL D 640 -29.97 -19.07 11.39
C VAL D 640 -30.24 -19.85 10.12
N VAL D 641 -30.44 -21.17 10.24
CA VAL D 641 -30.57 -21.99 9.03
C VAL D 641 -31.81 -21.59 8.26
N HIS D 642 -32.92 -21.36 8.97
CA HIS D 642 -34.18 -21.07 8.28
C HIS D 642 -34.12 -19.73 7.56
N THR D 643 -33.53 -18.71 8.20
CA THR D 643 -33.23 -17.48 7.47
C THR D 643 -32.34 -17.77 6.27
N HIS D 644 -31.41 -18.71 6.42
CA HIS D 644 -30.53 -19.05 5.32
C HIS D 644 -31.30 -19.69 4.17
N LEU D 645 -32.48 -20.26 4.46
CA LEU D 645 -33.25 -20.90 3.39
C LEU D 645 -33.63 -19.93 2.28
N LEU D 646 -34.49 -18.96 2.58
CA LEU D 646 -35.08 -18.17 1.51
C LEU D 646 -35.38 -16.76 1.98
N ASN D 647 -35.90 -15.96 1.07
CA ASN D 647 -36.29 -14.57 1.16
C ASN D 647 -37.18 -14.35 2.40
N PRO D 648 -36.64 -13.71 3.43
CA PRO D 648 -37.40 -13.51 4.67
C PRO D 648 -38.18 -12.21 4.71
N GLU D 649 -38.85 -11.96 5.83
CA GLU D 649 -39.33 -10.62 6.15
C GLU D 649 -38.18 -9.65 6.06
N TRP D 650 -38.33 -8.64 5.21
CA TRP D 650 -37.18 -7.92 4.70
C TRP D 650 -36.38 -7.26 5.82
N LEU D 651 -36.94 -6.24 6.46
CA LEU D 651 -36.16 -5.51 7.46
C LEU D 651 -36.27 -6.15 8.82
N VAL D 652 -37.34 -6.92 9.03
CA VAL D 652 -37.52 -7.61 10.30
C VAL D 652 -36.33 -8.52 10.57
N ASN D 653 -35.97 -9.35 9.58
CA ASN D 653 -34.80 -10.21 9.73
C ASN D 653 -33.55 -9.38 9.93
N TYR D 654 -33.42 -8.29 9.20
CA TYR D 654 -32.24 -7.44 9.32
C TYR D 654 -32.04 -7.01 10.76
N PHE D 655 -33.09 -6.48 11.37
CA PHE D 655 -32.94 -5.99 12.74
C PHE D 655 -32.80 -7.14 13.73
N GLY D 656 -33.59 -8.20 13.56
CA GLY D 656 -33.45 -9.34 14.44
C GLY D 656 -32.02 -9.84 14.48
N SER D 657 -31.43 -10.02 13.30
CA SER D 657 -30.00 -10.24 13.24
C SER D 657 -29.24 -9.07 13.84
N LEU D 658 -29.62 -7.85 13.47
CA LEU D 658 -28.96 -6.67 14.02
C LEU D 658 -29.06 -6.66 15.54
N SER D 659 -30.25 -6.92 16.07
CA SER D 659 -30.45 -6.84 17.51
C SER D 659 -29.91 -8.09 18.21
N VAL D 660 -28.64 -8.40 17.98
CA VAL D 660 -27.91 -9.42 18.74
C VAL D 660 -26.45 -9.36 18.36
N GLU D 661 -25.57 -9.64 19.33
CA GLU D 661 -24.14 -9.79 19.05
C GLU D 661 -23.78 -11.22 18.68
N ASP D 662 -24.77 -12.07 18.46
CA ASP D 662 -24.52 -13.43 18.02
C ASP D 662 -24.73 -13.56 16.51
N SER D 663 -25.15 -12.46 15.87
CA SER D 663 -25.11 -12.39 14.43
C SER D 663 -23.73 -12.71 13.88
N LEU D 664 -22.70 -12.61 14.71
CA LEU D 664 -21.38 -13.06 14.33
C LEU D 664 -21.42 -14.52 13.90
N GLU D 665 -21.77 -15.39 14.85
CA GLU D 665 -21.80 -16.83 14.58
C GLU D 665 -22.91 -17.15 13.60
N CYS D 666 -24.02 -16.40 13.67
CA CYS D 666 -25.06 -16.54 12.66
C CYS D 666 -24.50 -16.39 11.26
N LEU D 667 -23.68 -15.37 11.03
CA LEU D 667 -23.10 -15.16 9.72
C LEU D 667 -22.04 -16.21 9.42
N ARG D 668 -21.31 -16.66 10.44
CA ARG D 668 -20.38 -17.76 10.21
C ARG D 668 -21.12 -18.96 9.63
N ALA D 669 -22.29 -19.26 10.20
CA ALA D 669 -23.10 -20.37 9.69
C ALA D 669 -23.61 -20.09 8.29
N MET D 670 -24.38 -19.00 8.14
CA MET D 670 -24.94 -18.64 6.85
C MET D 670 -23.90 -18.49 5.76
N LEU D 671 -22.64 -18.32 6.14
CA LEU D 671 -21.56 -18.21 5.17
C LEU D 671 -20.91 -19.54 4.89
N SER D 672 -20.91 -20.43 5.89
CA SER D 672 -20.47 -21.80 5.66
C SER D 672 -21.23 -22.42 4.50
N ALA D 673 -22.51 -22.09 4.35
CA ALA D 673 -23.31 -22.54 3.23
C ALA D 673 -23.83 -21.37 2.39
N ASN D 674 -23.02 -20.33 2.21
CA ASN D 674 -23.48 -19.12 1.56
C ASN D 674 -23.65 -19.38 0.07
N ILE D 675 -24.85 -19.84 -0.29
CA ILE D 675 -25.21 -19.90 -1.69
C ILE D 675 -25.47 -18.49 -2.17
N ARG D 676 -25.49 -18.30 -3.49
CA ARG D 676 -25.53 -16.97 -4.08
C ARG D 676 -26.76 -16.16 -3.69
N GLN D 677 -27.76 -16.79 -3.06
CA GLN D 677 -28.89 -16.02 -2.54
C GLN D 677 -28.44 -15.01 -1.50
N ASN D 678 -27.92 -15.50 -0.37
CA ASN D 678 -27.52 -14.57 0.67
C ASN D 678 -26.21 -13.96 0.43
N LEU D 679 -25.75 -14.08 -0.81
CA LEU D 679 -24.37 -13.75 -1.16
C LEU D 679 -24.05 -12.31 -0.78
N GLN D 680 -24.73 -11.35 -1.42
CA GLN D 680 -24.43 -9.95 -1.16
C GLN D 680 -25.05 -9.49 0.15
N ILE D 681 -26.20 -10.03 0.51
CA ILE D 681 -26.97 -9.46 1.62
C ILE D 681 -26.15 -9.47 2.90
N CYS D 682 -25.21 -10.38 3.02
CA CYS D 682 -24.37 -10.38 4.22
C CYS D 682 -23.50 -9.12 4.27
N VAL D 683 -22.89 -8.76 3.15
CA VAL D 683 -22.12 -7.52 3.10
C VAL D 683 -23.04 -6.33 3.27
N GLN D 684 -24.25 -6.44 2.73
CA GLN D 684 -25.22 -5.36 2.88
C GLN D 684 -25.54 -5.11 4.34
N VAL D 685 -25.86 -6.18 5.08
CA VAL D 685 -26.21 -6.03 6.49
C VAL D 685 -24.96 -5.73 7.30
N ALA D 686 -23.78 -6.05 6.77
CA ALA D 686 -22.54 -5.59 7.37
C ALA D 686 -22.61 -4.08 7.46
N SER D 687 -23.25 -3.46 6.46
CA SER D 687 -23.53 -2.04 6.57
C SER D 687 -24.77 -1.85 7.43
N LYS D 688 -24.81 -2.58 8.53
CA LYS D 688 -25.65 -2.29 9.68
C LYS D 688 -24.95 -2.57 11.00
N TYR D 689 -23.84 -3.30 11.00
CA TYR D 689 -23.08 -3.54 12.20
C TYR D 689 -21.72 -2.86 12.20
N HIS D 690 -21.03 -2.85 11.06
CA HIS D 690 -19.75 -2.14 11.00
C HIS D 690 -19.93 -0.71 11.50
N GLU D 691 -21.12 -0.15 11.25
CA GLU D 691 -21.37 1.25 11.56
C GLU D 691 -21.21 1.54 13.05
N GLN D 692 -21.45 0.55 13.89
CA GLN D 692 -21.07 0.69 15.29
C GLN D 692 -19.70 0.10 15.57
N LEU D 693 -19.36 -1.00 14.91
CA LEU D 693 -18.08 -1.65 15.11
C LEU D 693 -17.60 -2.16 13.75
N SER D 694 -16.86 -1.31 13.05
CA SER D 694 -16.25 -1.69 11.77
C SER D 694 -14.97 -2.47 12.02
N THR D 695 -15.13 -3.56 12.75
CA THR D 695 -13.98 -4.27 13.31
C THR D 695 -13.16 -4.96 12.23
N GLN D 696 -11.87 -5.11 12.51
CA GLN D 696 -11.06 -6.04 11.75
C GLN D 696 -11.60 -7.45 11.84
N SER D 697 -12.41 -7.74 12.86
CA SER D 697 -13.14 -9.00 12.88
C SER D 697 -13.89 -9.18 11.58
N LEU D 698 -14.47 -8.09 11.07
CA LEU D 698 -15.20 -8.15 9.81
C LEU D 698 -14.29 -8.59 8.68
N ILE D 699 -13.11 -7.97 8.58
CA ILE D 699 -12.25 -8.28 7.45
C ILE D 699 -11.75 -9.72 7.55
N GLU D 700 -11.47 -10.19 8.76
CA GLU D 700 -10.93 -11.53 8.88
C GLU D 700 -12.00 -12.57 8.63
N LEU D 701 -13.23 -12.30 9.08
CA LEU D 701 -14.30 -13.25 8.76
C LEU D 701 -14.62 -13.22 7.27
N PHE D 702 -14.43 -12.08 6.61
CA PHE D 702 -14.54 -12.06 5.17
C PHE D 702 -13.53 -13.04 4.61
N GLU D 703 -12.25 -12.71 4.79
CA GLU D 703 -11.19 -13.48 4.16
C GLU D 703 -11.20 -14.94 4.58
N SER D 704 -11.92 -15.28 5.66
CA SER D 704 -12.02 -16.66 6.08
C SER D 704 -12.46 -17.56 4.94
N PHE D 705 -13.38 -17.09 4.12
CA PHE D 705 -13.83 -17.82 2.94
C PHE D 705 -13.04 -17.34 1.73
N LYS D 706 -13.52 -17.76 0.56
CA LYS D 706 -13.04 -17.16 -0.68
C LYS D 706 -13.05 -15.64 -0.57
N SER D 707 -14.14 -15.10 -0.03
CA SER D 707 -14.28 -13.66 0.19
C SER D 707 -13.99 -12.89 -1.10
N PHE D 708 -14.83 -13.14 -2.09
CA PHE D 708 -14.52 -12.72 -3.44
C PHE D 708 -14.28 -11.22 -3.52
N GLU D 709 -15.34 -10.41 -3.42
CA GLU D 709 -15.21 -8.96 -3.39
C GLU D 709 -16.26 -8.26 -2.55
N GLY D 710 -17.10 -8.98 -1.81
CA GLY D 710 -18.18 -8.34 -1.10
C GLY D 710 -17.68 -7.29 -0.13
N LEU D 711 -16.99 -7.73 0.93
CA LEU D 711 -16.44 -6.76 1.86
C LEU D 711 -15.40 -5.88 1.19
N PHE D 712 -14.91 -6.28 0.02
CA PHE D 712 -14.15 -5.34 -0.79
C PHE D 712 -14.98 -4.09 -1.08
N TYR D 713 -16.11 -4.24 -1.75
CA TYR D 713 -16.98 -3.10 -1.97
C TYR D 713 -17.34 -2.44 -0.65
N PHE D 714 -17.50 -3.27 0.39
CA PHE D 714 -17.84 -2.75 1.71
C PHE D 714 -16.84 -1.71 2.17
N LEU D 715 -15.56 -2.06 2.15
CA LEU D 715 -14.53 -1.08 2.52
C LEU D 715 -14.52 0.08 1.54
N GLY D 716 -14.59 -0.22 0.24
CA GLY D 716 -14.60 0.80 -0.79
C GLY D 716 -15.67 1.84 -0.54
N SER D 717 -16.69 1.45 0.21
CA SER D 717 -17.63 2.42 0.77
C SER D 717 -17.09 3.03 2.06
N ILE D 718 -16.59 2.18 2.96
CA ILE D 718 -16.19 2.64 4.29
C ILE D 718 -14.93 3.48 4.22
N VAL D 719 -14.11 3.30 3.17
CA VAL D 719 -12.83 3.98 3.04
C VAL D 719 -12.98 5.46 3.34
N ASN D 720 -14.17 6.00 3.07
CA ASN D 720 -14.47 7.37 3.44
C ASN D 720 -14.23 7.56 4.92
N PHE D 721 -13.22 8.37 5.25
CA PHE D 721 -12.71 8.50 6.61
C PHE D 721 -12.47 7.13 7.23
N SER D 722 -11.70 6.31 6.54
CA SER D 722 -11.19 5.06 7.10
C SER D 722 -9.68 5.10 7.05
N GLN D 723 -9.06 5.19 8.21
CA GLN D 723 -7.64 5.51 8.29
C GLN D 723 -6.82 4.33 8.79
N ASP D 724 -7.27 3.12 8.52
CA ASP D 724 -6.41 1.97 8.74
C ASP D 724 -5.87 1.50 7.40
N PRO D 725 -4.70 2.02 6.99
CA PRO D 725 -4.23 1.76 5.63
C PRO D 725 -3.97 0.30 5.33
N ASP D 726 -3.76 -0.53 6.35
CA ASP D 726 -3.48 -1.94 6.11
C ASP D 726 -4.68 -2.64 5.49
N VAL D 727 -5.87 -2.40 6.04
CA VAL D 727 -7.05 -3.01 5.45
C VAL D 727 -7.29 -2.44 4.07
N HIS D 728 -6.92 -1.18 3.85
CA HIS D 728 -7.05 -0.59 2.53
C HIS D 728 -6.11 -1.29 1.55
N PHE D 729 -4.92 -1.65 2.00
CA PHE D 729 -3.99 -2.37 1.15
C PHE D 729 -4.50 -3.77 0.84
N LYS D 730 -5.08 -4.43 1.84
CA LYS D 730 -5.70 -5.73 1.59
C LYS D 730 -6.82 -5.56 0.57
N TYR D 731 -7.61 -4.51 0.73
CA TYR D 731 -8.62 -4.11 -0.23
C TYR D 731 -8.03 -3.95 -1.63
N ILE D 732 -6.84 -3.37 -1.70
CA ILE D 732 -6.14 -3.24 -2.96
C ILE D 732 -5.84 -4.62 -3.54
N GLN D 733 -5.27 -5.48 -2.72
CA GLN D 733 -4.96 -6.85 -3.10
C GLN D 733 -6.21 -7.50 -3.69
N ALA D 734 -7.34 -7.24 -3.06
CA ALA D 734 -8.61 -7.74 -3.55
C ALA D 734 -8.92 -7.17 -4.93
N ALA D 735 -8.85 -5.85 -5.07
CA ALA D 735 -9.03 -5.20 -6.37
C ALA D 735 -8.12 -5.78 -7.43
N CYS D 736 -6.99 -6.35 -7.01
CA CYS D 736 -6.08 -7.04 -7.92
C CYS D 736 -6.45 -8.50 -8.16
N LYS D 737 -7.20 -9.11 -7.24
CA LYS D 737 -7.64 -10.49 -7.46
C LYS D 737 -8.29 -10.63 -8.83
N THR D 738 -9.32 -9.84 -9.09
CA THR D 738 -9.75 -9.54 -10.44
C THR D 738 -9.46 -8.07 -10.68
N GLY D 739 -8.43 -7.81 -11.48
CA GLY D 739 -7.85 -6.49 -11.54
C GLY D 739 -8.83 -5.39 -11.90
N GLN D 740 -9.20 -4.59 -10.91
CA GLN D 740 -10.01 -3.40 -11.11
C GLN D 740 -9.44 -2.26 -10.29
N ILE D 741 -8.14 -2.35 -10.02
CA ILE D 741 -7.44 -1.25 -9.36
C ILE D 741 -7.51 0.00 -10.21
N LYS D 742 -7.73 -0.18 -11.52
CA LYS D 742 -7.87 0.92 -12.47
C LYS D 742 -8.71 2.03 -11.87
N GLU D 743 -9.84 1.65 -11.32
CA GLU D 743 -10.75 2.56 -10.65
C GLU D 743 -10.40 2.74 -9.18
N VAL D 744 -9.33 2.11 -8.72
CA VAL D 744 -8.88 2.21 -7.34
C VAL D 744 -7.51 2.84 -7.25
N GLU D 745 -6.60 2.46 -8.15
CA GLU D 745 -5.29 3.11 -8.20
C GLU D 745 -5.44 4.62 -8.18
N ARG D 746 -6.53 5.12 -8.75
CA ARG D 746 -6.81 6.55 -8.72
C ARG D 746 -6.95 7.05 -7.28
N ILE D 747 -7.72 6.34 -6.46
CA ILE D 747 -7.82 6.75 -5.07
C ILE D 747 -6.57 6.36 -4.31
N CYS D 748 -5.84 5.34 -4.77
CA CYS D 748 -4.53 5.08 -4.21
C CYS D 748 -3.60 6.25 -4.44
N ARG D 749 -3.86 7.06 -5.46
CA ARG D 749 -3.18 8.35 -5.58
C ARG D 749 -3.67 9.31 -4.52
N GLU D 750 -4.96 9.25 -4.22
CA GLU D 750 -5.53 10.07 -3.15
C GLU D 750 -5.18 9.49 -1.79
N SER D 751 -5.62 8.27 -1.53
CA SER D 751 -5.27 7.57 -0.29
C SER D 751 -3.77 7.33 -0.26
N ASN D 752 -3.08 8.07 0.59
CA ASN D 752 -1.64 7.92 0.71
C ASN D 752 -1.22 7.92 2.17
N CYS D 753 -1.94 7.18 3.01
CA CYS D 753 -1.65 7.13 4.43
C CYS D 753 -1.11 5.76 4.81
N TYR D 754 -0.36 5.14 3.90
CA TYR D 754 0.04 3.74 4.04
C TYR D 754 1.55 3.66 4.07
N ASP D 755 2.04 2.43 4.19
CA ASP D 755 3.47 2.14 4.10
C ASP D 755 3.77 1.55 2.73
N PRO D 756 4.27 2.35 1.80
CA PRO D 756 4.49 1.85 0.43
C PRO D 756 5.53 0.75 0.32
N GLU D 757 6.12 0.30 1.43
CA GLU D 757 7.21 -0.66 1.33
C GLU D 757 6.68 -2.06 1.07
N ARG D 758 5.92 -2.62 2.02
CA ARG D 758 5.30 -3.92 1.77
C ARG D 758 4.27 -3.81 0.66
N VAL D 759 3.72 -2.60 0.48
CA VAL D 759 2.86 -2.34 -0.68
C VAL D 759 3.63 -2.63 -1.97
N LYS D 760 4.77 -1.97 -2.13
CA LYS D 760 5.57 -2.14 -3.34
C LYS D 760 6.06 -3.58 -3.47
N ASN D 761 6.29 -4.25 -2.34
CA ASN D 761 6.69 -5.65 -2.40
C ASN D 761 5.56 -6.49 -2.97
N PHE D 762 4.38 -6.38 -2.39
CA PHE D 762 3.19 -6.98 -2.97
C PHE D 762 3.09 -6.68 -4.46
N LEU D 763 3.34 -5.43 -4.84
CA LEU D 763 3.30 -5.05 -6.25
C LEU D 763 4.29 -5.87 -7.07
N LYS D 764 5.57 -5.82 -6.71
CA LYS D 764 6.59 -6.58 -7.40
C LYS D 764 6.34 -8.08 -7.31
N GLU D 765 5.34 -8.51 -6.54
CA GLU D 765 4.78 -9.86 -6.65
C GLU D 765 3.48 -9.85 -7.44
N ALA D 766 2.71 -8.77 -7.32
CA ALA D 766 1.48 -8.64 -8.09
C ALA D 766 1.81 -8.39 -9.55
N LYS D 767 1.67 -9.41 -10.38
CA LYS D 767 2.07 -9.29 -11.78
C LYS D 767 0.92 -8.81 -12.64
N LEU D 768 1.10 -7.63 -13.26
CA LEU D 768 0.11 -7.06 -14.15
C LEU D 768 0.66 -6.58 -15.48
N THR D 769 1.94 -6.22 -15.54
CA THR D 769 2.67 -5.93 -16.78
C THR D 769 2.29 -4.60 -17.43
N ASP D 770 1.27 -3.94 -16.93
CA ASP D 770 0.96 -2.61 -17.44
C ASP D 770 0.58 -1.65 -16.32
N GLN D 771 0.70 -2.06 -15.06
CA GLN D 771 0.44 -1.18 -13.93
C GLN D 771 1.29 0.06 -14.04
N LEU D 772 0.67 1.20 -13.79
CA LEU D 772 1.45 2.40 -13.62
C LEU D 772 0.99 3.28 -12.46
N PRO D 773 0.56 2.71 -11.31
CA PRO D 773 0.57 3.52 -10.09
C PRO D 773 1.86 3.32 -9.33
N LEU D 774 2.48 2.16 -9.55
CA LEU D 774 3.73 1.83 -8.89
C LEU D 774 4.77 2.91 -9.14
N ILE D 775 4.77 3.49 -10.34
CA ILE D 775 5.63 4.62 -10.62
C ILE D 775 5.18 5.84 -9.83
N ILE D 776 3.87 6.00 -9.68
CA ILE D 776 3.34 7.18 -8.99
C ILE D 776 3.65 7.13 -7.51
N VAL D 777 3.37 6.01 -6.86
CA VAL D 777 3.78 5.87 -5.47
C VAL D 777 5.30 5.93 -5.36
N CYS D 778 6.00 5.41 -6.36
CA CYS D 778 7.45 5.43 -6.36
C CYS D 778 7.98 6.85 -6.24
N ASP D 779 7.73 7.67 -7.25
CA ASP D 779 8.22 9.04 -7.18
C ASP D 779 7.46 9.88 -6.15
N ARG D 780 6.35 9.37 -5.63
CA ARG D 780 5.74 10.02 -4.48
C ARG D 780 6.53 9.77 -3.21
N PHE D 781 7.27 8.67 -3.17
CA PHE D 781 8.15 8.35 -2.05
C PHE D 781 9.61 8.23 -2.46
N ASP D 782 9.92 8.49 -3.73
CA ASP D 782 11.29 8.43 -4.25
C ASP D 782 11.91 7.05 -4.00
N PHE D 783 11.23 6.03 -4.53
CA PHE D 783 11.83 4.71 -4.66
C PHE D 783 12.37 4.49 -6.05
N VAL D 784 12.86 5.56 -6.67
CA VAL D 784 13.16 5.53 -8.09
C VAL D 784 14.37 4.66 -8.37
N HIS D 785 15.33 4.66 -7.44
CA HIS D 785 16.57 3.94 -7.67
C HIS D 785 16.29 2.47 -7.89
N ASP D 786 15.74 1.81 -6.88
CA ASP D 786 15.49 0.38 -6.96
C ASP D 786 14.40 0.08 -7.98
N LEU D 787 13.46 0.99 -8.15
CA LEU D 787 12.42 0.77 -9.14
C LEU D 787 13.04 0.63 -10.52
N VAL D 788 13.66 1.71 -11.01
CA VAL D 788 14.32 1.64 -12.31
C VAL D 788 15.40 0.58 -12.33
N LEU D 789 15.91 0.19 -11.16
CA LEU D 789 16.89 -0.88 -11.10
C LEU D 789 16.25 -2.17 -11.60
N TYR D 790 15.20 -2.61 -10.92
CA TYR D 790 14.51 -3.81 -11.38
C TYR D 790 13.95 -3.60 -12.79
N LEU D 791 13.69 -2.36 -13.15
CA LEU D 791 13.18 -2.07 -14.49
C LEU D 791 14.23 -2.41 -15.54
N TYR D 792 15.47 -1.97 -15.33
CA TYR D 792 16.57 -2.43 -16.17
C TYR D 792 16.69 -3.94 -16.11
N ARG D 793 16.43 -4.52 -14.93
CA ARG D 793 16.55 -5.97 -14.76
C ARG D 793 15.61 -6.69 -15.70
N ASN D 794 14.37 -6.21 -15.83
CA ASN D 794 13.42 -6.89 -16.70
C ASN D 794 13.28 -6.21 -18.05
N ASN D 795 12.86 -4.93 -18.06
CA ASN D 795 12.66 -4.23 -19.32
C ASN D 795 12.28 -2.78 -19.06
N LEU D 796 12.58 -1.93 -20.04
CA LEU D 796 12.12 -0.55 -20.09
C LEU D 796 12.03 -0.13 -21.54
N GLN D 797 10.82 0.18 -22.00
CA GLN D 797 10.65 0.74 -23.33
C GLN D 797 9.98 2.11 -23.31
N LYS D 798 8.87 2.25 -22.60
CA LYS D 798 8.11 3.50 -22.59
C LYS D 798 7.65 3.90 -21.21
N TYR D 799 7.75 3.01 -20.23
CA TYR D 799 7.24 3.29 -18.89
C TYR D 799 7.83 4.58 -18.35
N ILE D 800 9.16 4.65 -18.31
CA ILE D 800 9.89 5.87 -18.04
C ILE D 800 9.36 6.98 -18.94
N GLU D 801 9.19 6.65 -20.21
CA GLU D 801 8.78 7.62 -21.21
C GLU D 801 7.38 8.11 -20.94
N ILE D 802 6.42 7.20 -20.82
CA ILE D 802 5.06 7.61 -20.57
C ILE D 802 4.95 8.37 -19.27
N TYR D 803 5.75 8.02 -18.26
CA TYR D 803 5.79 8.77 -17.02
C TYR D 803 6.21 10.20 -17.28
N VAL D 804 7.39 10.38 -17.89
CA VAL D 804 7.88 11.74 -18.08
C VAL D 804 6.99 12.55 -19.00
N GLN D 805 6.23 11.90 -19.87
CA GLN D 805 5.40 12.67 -20.80
C GLN D 805 4.07 13.06 -20.16
N LYS D 806 3.36 12.10 -19.56
CA LYS D 806 2.06 12.40 -19.02
C LYS D 806 2.13 12.82 -17.56
N VAL D 807 2.86 12.05 -16.75
CA VAL D 807 2.94 12.31 -15.32
C VAL D 807 3.91 13.44 -15.02
N ASN D 808 5.20 13.22 -15.29
CA ASN D 808 6.14 14.21 -14.81
C ASN D 808 7.48 14.22 -15.54
N PRO D 809 7.71 15.19 -16.42
CA PRO D 809 9.07 15.39 -16.95
C PRO D 809 9.99 16.11 -15.98
N SER D 810 9.65 16.20 -14.70
CA SER D 810 10.54 16.84 -13.75
C SER D 810 11.78 15.99 -13.52
N ARG D 811 11.59 14.75 -13.12
CA ARG D 811 12.67 13.88 -12.69
C ARG D 811 13.43 13.28 -13.84
N LEU D 812 13.34 13.85 -15.03
CA LEU D 812 14.15 13.43 -16.16
C LEU D 812 15.60 13.26 -15.75
N PRO D 813 16.30 14.31 -15.32
CA PRO D 813 17.76 14.22 -15.21
C PRO D 813 18.21 13.19 -14.19
N VAL D 814 17.52 13.11 -13.06
CA VAL D 814 17.95 12.19 -12.02
C VAL D 814 17.78 10.75 -12.49
N VAL D 815 16.67 10.45 -13.15
CA VAL D 815 16.46 9.08 -13.61
C VAL D 815 17.44 8.76 -14.73
N ILE D 816 17.76 9.75 -15.56
CA ILE D 816 18.74 9.50 -16.61
C ILE D 816 20.10 9.22 -16.00
N GLY D 817 20.47 9.96 -14.97
CA GLY D 817 21.70 9.68 -14.27
C GLY D 817 21.71 8.29 -13.69
N GLY D 818 20.55 7.86 -13.17
CA GLY D 818 20.44 6.48 -12.73
C GLY D 818 20.70 5.50 -13.86
N LEU D 819 20.14 5.78 -15.04
CA LEU D 819 20.38 4.91 -16.19
C LEU D 819 21.86 4.83 -16.48
N LEU D 820 22.53 5.98 -16.50
CA LEU D 820 23.96 5.97 -16.76
C LEU D 820 24.70 5.21 -15.69
N ASP D 821 24.23 5.29 -14.45
CA ASP D 821 24.80 4.49 -13.37
C ASP D 821 24.67 3.01 -13.67
N VAL D 822 23.53 2.57 -14.18
CA VAL D 822 23.30 1.15 -14.39
C VAL D 822 23.88 0.77 -15.75
N ASP D 823 24.52 1.74 -16.40
CA ASP D 823 25.24 1.50 -17.65
C ASP D 823 24.31 0.94 -18.73
N CYS D 824 23.35 1.78 -19.11
CA CYS D 824 22.30 1.43 -20.04
C CYS D 824 22.79 1.51 -21.48
N SER D 825 21.83 1.46 -22.40
CA SER D 825 22.10 1.66 -23.82
C SER D 825 21.74 3.08 -24.20
N GLU D 826 22.76 3.88 -24.49
CA GLU D 826 22.63 5.32 -24.73
C GLU D 826 21.55 5.66 -25.75
N ASP D 827 21.32 4.78 -26.72
CA ASP D 827 20.44 5.09 -27.83
C ASP D 827 19.07 5.51 -27.34
N VAL D 828 18.50 4.72 -26.42
CA VAL D 828 17.15 5.02 -25.95
C VAL D 828 17.12 6.35 -25.22
N ILE D 829 18.22 6.72 -24.58
CA ILE D 829 18.29 8.04 -23.97
C ILE D 829 18.20 9.11 -25.05
N LYS D 830 18.96 8.94 -26.13
CA LYS D 830 18.81 9.84 -27.26
C LYS D 830 17.36 9.95 -27.66
N ASN D 831 16.73 8.80 -27.84
CA ASN D 831 15.37 8.76 -28.36
C ASN D 831 14.40 9.49 -27.45
N LEU D 832 14.47 9.21 -26.16
CA LEU D 832 13.60 9.90 -25.22
C LEU D 832 13.88 11.40 -25.21
N ILE D 833 15.14 11.78 -25.39
CA ILE D 833 15.44 13.20 -25.53
C ILE D 833 14.71 13.76 -26.73
N LEU D 834 14.64 12.98 -27.82
CA LEU D 834 13.83 13.40 -28.96
C LEU D 834 12.36 13.50 -28.58
N VAL D 835 11.90 12.64 -27.68
CA VAL D 835 10.50 12.67 -27.29
C VAL D 835 10.18 14.00 -26.63
N VAL D 836 9.00 14.53 -26.95
CA VAL D 836 8.60 15.84 -26.44
C VAL D 836 8.53 15.81 -24.92
N ARG D 837 8.98 16.88 -24.30
CA ARG D 837 8.97 17.04 -22.85
C ARG D 837 8.23 18.32 -22.47
N GLY D 838 8.17 18.55 -21.17
CA GLY D 838 7.61 19.78 -20.65
C GLY D 838 8.71 20.74 -20.23
N GLN D 839 8.99 20.78 -18.93
CA GLN D 839 10.06 21.59 -18.39
C GLN D 839 11.31 20.75 -18.19
N PHE D 840 12.43 21.41 -17.94
CA PHE D 840 13.70 20.73 -17.72
C PHE D 840 14.77 21.69 -17.22
N SER D 841 15.67 21.19 -16.37
CA SER D 841 16.80 21.97 -15.88
C SER D 841 18.08 21.32 -16.34
N THR D 842 18.89 22.08 -17.05
CA THR D 842 20.07 21.50 -17.69
C THR D 842 21.25 21.42 -16.74
N ASP D 843 21.35 22.37 -15.81
CA ASP D 843 22.50 22.48 -14.93
C ASP D 843 22.77 21.18 -14.20
N GLU D 844 21.81 20.70 -13.42
CA GLU D 844 22.05 19.47 -12.68
C GLU D 844 22.22 18.28 -13.61
N LEU D 845 21.58 18.32 -14.78
CA LEU D 845 21.78 17.27 -15.76
C LEU D 845 23.25 17.17 -16.15
N VAL D 846 23.83 18.29 -16.58
CA VAL D 846 25.22 18.27 -16.98
C VAL D 846 26.11 18.06 -15.77
N ALA D 847 25.61 18.35 -14.57
CA ALA D 847 26.38 18.07 -13.37
C ALA D 847 26.56 16.56 -13.19
N GLU D 848 25.44 15.83 -13.19
CA GLU D 848 25.53 14.38 -13.17
C GLU D 848 26.34 13.87 -14.34
N VAL D 849 26.26 14.55 -15.48
CA VAL D 849 27.10 14.20 -16.61
C VAL D 849 28.57 14.28 -16.21
N GLU D 850 29.01 15.46 -15.79
CA GLU D 850 30.39 15.67 -15.36
C GLU D 850 30.80 14.68 -14.29
N LYS D 851 29.83 14.12 -13.57
CA LYS D 851 30.14 12.93 -12.78
C LYS D 851 30.46 11.76 -13.70
N ARG D 852 29.54 11.43 -14.61
CA ARG D 852 29.73 10.33 -15.53
C ARG D 852 30.66 10.68 -16.68
N ASN D 853 30.79 11.96 -17.03
CA ASN D 853 31.76 12.42 -18.01
C ASN D 853 31.38 11.97 -19.42
N ARG D 854 30.08 11.92 -19.72
CA ARG D 854 29.63 11.33 -20.97
C ARG D 854 28.56 12.18 -21.63
N LEU D 855 28.78 13.48 -21.70
CA LEU D 855 27.87 14.46 -22.29
C LEU D 855 27.73 14.35 -23.74
N LYS D 856 28.37 13.43 -24.39
CA LYS D 856 28.59 13.56 -25.81
C LYS D 856 27.38 13.32 -26.60
N LEU D 857 26.24 13.34 -25.93
CA LEU D 857 25.03 12.76 -26.47
C LEU D 857 23.82 13.68 -26.43
N LEU D 858 23.79 14.65 -25.52
CA LEU D 858 22.79 15.69 -25.59
C LEU D 858 23.18 16.78 -26.56
N LEU D 859 24.45 16.85 -26.93
CA LEU D 859 24.90 17.84 -27.89
C LEU D 859 24.05 17.89 -29.15
N PRO D 860 23.55 16.78 -29.72
CA PRO D 860 22.62 16.94 -30.84
C PRO D 860 21.34 17.62 -30.42
N TRP D 861 20.91 17.38 -29.18
CA TRP D 861 19.72 18.05 -28.68
C TRP D 861 19.96 19.55 -28.61
N LEU D 862 21.11 19.96 -28.08
CA LEU D 862 21.45 21.37 -28.10
C LEU D 862 21.54 21.91 -29.51
N GLU D 863 22.03 21.10 -30.45
CA GLU D 863 22.12 21.54 -31.83
C GLU D 863 20.75 21.86 -32.39
N ALA D 864 19.82 20.93 -32.24
CA ALA D 864 18.47 21.15 -32.73
C ALA D 864 17.79 22.28 -31.97
N ARG D 865 18.14 22.46 -30.70
CA ARG D 865 17.45 23.45 -29.88
C ARG D 865 17.90 24.86 -30.24
N ILE D 866 19.21 25.11 -30.20
CA ILE D 866 19.75 26.39 -30.64
C ILE D 866 19.49 26.59 -32.13
N HIS D 867 19.27 25.50 -32.87
CA HIS D 867 18.90 25.59 -34.26
C HIS D 867 17.82 26.61 -34.50
N GLU D 868 16.96 26.84 -33.51
CA GLU D 868 15.99 27.92 -33.61
C GLU D 868 16.41 29.13 -32.80
N GLY D 869 17.31 28.93 -31.85
CA GLY D 869 17.96 30.05 -31.17
C GLY D 869 17.49 30.38 -29.78
N CYS D 870 17.21 29.37 -28.95
CA CYS D 870 16.85 29.62 -27.56
C CYS D 870 18.00 30.31 -26.83
N GLU D 871 17.76 31.54 -26.37
CA GLU D 871 18.80 32.34 -25.73
C GLU D 871 18.92 32.01 -24.25
N GLU D 872 19.08 30.73 -23.95
CA GLU D 872 19.22 30.36 -22.56
C GLU D 872 20.69 30.31 -22.18
N PRO D 873 21.14 31.22 -21.32
CA PRO D 873 22.55 31.22 -20.92
C PRO D 873 23.00 29.85 -20.45
N ALA D 874 22.06 29.09 -19.90
CA ALA D 874 22.32 27.71 -19.51
C ALA D 874 22.79 26.89 -20.69
N THR D 875 21.92 26.72 -21.69
CA THR D 875 22.30 25.92 -22.85
C THR D 875 23.48 26.51 -23.60
N HIS D 876 23.62 27.83 -23.58
CA HIS D 876 24.72 28.44 -24.29
C HIS D 876 26.06 28.17 -23.62
N ASN D 877 26.14 28.29 -22.30
CA ASN D 877 27.38 27.90 -21.63
C ASN D 877 27.58 26.39 -21.70
N ALA D 878 26.50 25.62 -21.83
CA ALA D 878 26.66 24.19 -22.08
C ALA D 878 27.36 23.97 -23.41
N LEU D 879 26.92 24.68 -24.45
CA LEU D 879 27.62 24.68 -25.72
C LEU D 879 29.07 25.06 -25.52
N ALA D 880 29.32 26.11 -24.74
CA ALA D 880 30.68 26.52 -24.46
C ALA D 880 31.48 25.36 -23.88
N LYS D 881 30.86 24.60 -22.99
CA LYS D 881 31.54 23.46 -22.39
C LYS D 881 31.88 22.42 -23.44
N ILE D 882 30.90 22.07 -24.28
CA ILE D 882 31.16 21.05 -25.29
C ILE D 882 32.19 21.55 -26.29
N TYR D 883 32.36 22.86 -26.40
CA TYR D 883 33.38 23.37 -27.30
C TYR D 883 34.74 23.35 -26.64
N ILE D 884 34.79 23.62 -25.34
CA ILE D 884 35.97 23.38 -24.52
C ILE D 884 36.43 21.97 -24.85
N ASP D 885 35.46 21.06 -24.85
CA ASP D 885 35.74 19.68 -25.17
C ASP D 885 36.19 19.55 -26.62
N SER D 886 35.65 20.40 -27.49
CA SER D 886 35.97 20.35 -28.91
C SER D 886 37.36 20.86 -29.21
N ASN D 887 37.95 21.60 -28.28
CA ASN D 887 39.36 21.97 -28.33
C ASN D 887 39.66 22.86 -29.53
N ASN D 888 39.08 24.05 -29.51
CA ASN D 888 39.33 25.06 -30.53
C ASN D 888 39.11 26.46 -29.93
N ASN D 889 38.92 27.43 -30.81
CA ASN D 889 38.93 28.85 -30.47
C ASN D 889 37.68 29.55 -30.99
N PRO D 890 36.58 29.43 -30.30
CA PRO D 890 35.34 30.05 -30.80
C PRO D 890 35.23 31.49 -30.35
N GLU D 891 36.32 32.24 -30.40
CA GLU D 891 36.24 33.63 -29.97
C GLU D 891 35.25 34.40 -30.81
N ARG D 892 35.24 34.15 -32.12
CA ARG D 892 34.20 34.73 -32.96
C ARG D 892 32.83 34.31 -32.44
N PHE D 893 32.67 33.00 -32.23
CA PHE D 893 31.48 32.49 -31.55
C PHE D 893 31.30 33.13 -30.18
N LEU D 894 32.39 33.23 -29.42
CA LEU D 894 32.30 33.79 -28.07
C LEU D 894 31.72 35.20 -28.10
N ARG D 895 31.97 35.93 -29.18
CA ARG D 895 31.50 37.29 -29.31
C ARG D 895 30.09 37.39 -29.88
N GLU D 896 29.81 36.71 -30.99
CA GLU D 896 28.46 36.73 -31.55
C GLU D 896 27.45 36.04 -30.65
N ASN D 897 27.91 35.24 -29.70
CA ASN D 897 27.06 34.71 -28.66
C ASN D 897 27.20 35.58 -27.42
N PRO D 898 26.30 36.54 -27.20
CA PRO D 898 26.23 37.21 -25.91
C PRO D 898 25.43 36.40 -24.90
N TYR D 899 24.94 35.24 -25.29
CA TYR D 899 23.92 34.54 -24.52
C TYR D 899 24.55 33.79 -23.34
N TYR D 900 25.70 33.16 -23.58
CA TYR D 900 26.36 32.38 -22.55
C TYR D 900 26.85 33.25 -21.40
N ASP D 901 27.32 32.61 -20.33
CA ASP D 901 27.79 33.31 -19.14
C ASP D 901 29.32 33.31 -19.16
N SER D 902 29.90 34.48 -19.37
CA SER D 902 31.35 34.61 -19.37
C SER D 902 31.94 34.29 -18.01
N ARG D 903 31.26 34.71 -16.94
CA ARG D 903 31.73 34.38 -15.60
C ARG D 903 31.84 32.87 -15.43
N VAL D 904 30.84 32.15 -15.94
CA VAL D 904 30.83 30.69 -15.83
C VAL D 904 31.98 30.08 -16.61
N VAL D 905 32.15 30.47 -17.86
CA VAL D 905 33.20 29.86 -18.67
C VAL D 905 34.57 30.20 -18.10
N GLY D 906 34.70 31.38 -17.49
CA GLY D 906 35.95 31.79 -16.89
C GLY D 906 36.27 31.00 -15.65
N LYS D 907 35.28 30.86 -14.77
CA LYS D 907 35.48 30.05 -13.59
C LYS D 907 35.68 28.59 -13.96
N TYR D 908 35.31 28.21 -15.18
CA TYR D 908 35.74 26.90 -15.67
C TYR D 908 37.21 26.92 -16.05
N CYS D 909 37.57 27.76 -17.02
CA CYS D 909 38.91 27.72 -17.59
C CYS D 909 39.97 28.28 -16.66
N GLU D 910 39.60 28.55 -15.40
CA GLU D 910 40.59 28.92 -14.39
C GLU D 910 41.88 28.13 -14.56
N LYS D 911 41.78 26.81 -14.69
CA LYS D 911 42.95 26.01 -14.99
C LYS D 911 43.34 26.11 -16.45
N ARG D 912 42.36 26.16 -17.34
CA ARG D 912 42.58 25.69 -18.71
C ARG D 912 43.25 26.74 -19.60
N ASP D 913 42.55 27.84 -19.87
CA ASP D 913 42.84 28.67 -21.05
C ASP D 913 42.63 30.13 -20.73
N PRO D 914 43.58 30.74 -20.02
CA PRO D 914 43.47 32.19 -19.75
C PRO D 914 43.47 33.00 -21.03
N HIS D 915 44.23 32.55 -22.02
CA HIS D 915 44.24 33.20 -23.33
C HIS D 915 42.86 33.26 -23.94
N LEU D 916 41.89 32.55 -23.36
CA LEU D 916 40.49 32.64 -23.76
C LEU D 916 39.64 33.30 -22.70
N ALA D 917 39.94 33.07 -21.43
CA ALA D 917 39.31 33.84 -20.38
C ALA D 917 39.49 35.33 -20.62
N CYS D 918 40.48 35.71 -21.43
CA CYS D 918 40.64 37.09 -21.83
C CYS D 918 39.37 37.58 -22.49
N VAL D 919 39.02 37.00 -23.65
CA VAL D 919 37.84 37.45 -24.37
C VAL D 919 36.59 37.15 -23.56
N ALA D 920 36.64 36.12 -22.70
CA ALA D 920 35.52 35.88 -21.80
C ALA D 920 35.23 37.12 -20.97
N TYR D 921 36.20 37.54 -20.16
CA TYR D 921 36.05 38.73 -19.33
C TYR D 921 35.88 40.00 -20.15
N GLU D 922 36.36 40.04 -21.38
CA GLU D 922 36.17 41.20 -22.23
C GLU D 922 34.74 41.33 -22.74
N ARG D 923 34.07 40.22 -23.03
CA ARG D 923 32.64 40.28 -23.28
C ARG D 923 31.91 40.71 -22.02
N GLY D 924 32.24 40.09 -20.89
CA GLY D 924 31.64 40.44 -19.62
C GLY D 924 32.23 41.66 -18.94
N GLN D 925 33.21 42.32 -19.56
CA GLN D 925 33.82 43.53 -19.01
C GLN D 925 34.40 43.28 -17.62
N CYS D 926 34.73 42.02 -17.32
CA CYS D 926 35.22 41.65 -16.00
C CYS D 926 36.68 42.04 -15.84
N ASP D 927 36.95 43.34 -15.85
CA ASP D 927 38.32 43.83 -15.80
C ASP D 927 39.03 43.40 -14.53
N LEU D 928 38.40 43.56 -13.37
CA LEU D 928 39.02 43.15 -12.13
C LEU D 928 39.29 41.64 -12.13
N GLU D 929 38.34 40.87 -12.62
CA GLU D 929 38.55 39.42 -12.72
C GLU D 929 39.71 39.13 -13.66
N LEU D 930 39.77 39.85 -14.78
CA LEU D 930 40.85 39.71 -15.72
C LEU D 930 42.20 39.91 -15.03
N ILE D 931 42.26 40.96 -14.20
CA ILE D 931 43.43 41.21 -13.37
C ILE D 931 43.69 39.99 -12.51
N ASN D 932 42.71 39.61 -11.71
CA ASN D 932 42.89 38.59 -10.70
C ASN D 932 43.23 37.23 -11.30
N VAL D 933 43.07 37.06 -12.60
CA VAL D 933 43.38 35.77 -13.20
C VAL D 933 44.71 35.85 -13.93
N CYS D 934 44.96 36.96 -14.63
CA CYS D 934 46.19 37.08 -15.40
C CYS D 934 47.40 37.12 -14.49
N ASN D 935 47.28 37.86 -13.38
CA ASN D 935 48.32 38.10 -12.39
C ASN D 935 49.17 36.88 -12.12
N GLU D 936 48.55 35.71 -12.09
CA GLU D 936 49.29 34.48 -11.90
C GLU D 936 50.32 34.36 -12.99
N ASN D 937 49.86 34.23 -14.23
CA ASN D 937 50.74 34.15 -15.39
C ASN D 937 49.86 34.26 -16.61
N SER D 938 50.31 34.99 -17.62
CA SER D 938 49.52 35.21 -18.82
C SER D 938 50.39 35.93 -19.84
N LEU D 939 49.85 36.15 -21.03
CA LEU D 939 50.42 37.06 -22.00
C LEU D 939 50.04 38.47 -21.56
N PHE D 940 50.88 39.07 -20.75
CA PHE D 940 50.58 40.36 -20.16
C PHE D 940 50.51 41.47 -21.19
N LYS D 941 51.04 41.23 -22.39
CA LYS D 941 50.79 42.16 -23.49
C LYS D 941 49.30 42.33 -23.71
N SER D 942 48.53 41.26 -23.56
CA SER D 942 47.09 41.33 -23.69
C SER D 942 46.49 42.25 -22.64
N LEU D 943 46.97 42.14 -21.41
CA LEU D 943 46.45 43.01 -20.35
C LEU D 943 46.81 44.45 -20.61
N SER D 944 48.01 44.70 -21.12
CA SER D 944 48.38 46.05 -21.47
C SER D 944 47.50 46.57 -22.60
N ARG D 945 47.11 45.68 -23.51
CA ARG D 945 46.17 46.08 -24.56
C ARG D 945 44.81 46.41 -23.99
N TYR D 946 44.32 45.60 -23.07
CA TYR D 946 43.11 45.98 -22.36
C TYR D 946 43.28 47.37 -21.76
N LEU D 947 44.41 47.61 -21.11
CA LEU D 947 44.72 48.92 -20.57
C LEU D 947 44.59 50.00 -21.63
N VAL D 948 45.33 49.85 -22.74
CA VAL D 948 45.26 50.81 -23.83
C VAL D 948 43.89 50.82 -24.48
N ARG D 949 43.00 49.96 -24.02
CA ARG D 949 41.60 50.05 -24.41
C ARG D 949 40.69 50.35 -23.23
N ARG D 950 41.13 50.07 -22.02
CA ARG D 950 40.40 50.48 -20.82
C ARG D 950 40.92 51.84 -20.36
N LYS D 951 40.17 52.87 -20.77
CA LYS D 951 40.52 54.25 -20.46
C LYS D 951 40.14 54.57 -19.01
N ASP D 952 40.68 53.77 -18.10
CA ASP D 952 40.29 53.80 -16.70
C ASP D 952 41.50 54.13 -15.83
N PRO D 953 41.87 55.40 -15.73
CA PRO D 953 43.02 55.77 -14.89
C PRO D 953 42.94 55.22 -13.49
N GLU D 954 41.74 55.15 -12.92
CA GLU D 954 41.58 54.50 -11.62
C GLU D 954 41.96 53.03 -11.69
N LEU D 955 41.65 52.37 -12.81
CA LEU D 955 42.09 50.99 -12.95
C LEU D 955 43.59 50.91 -13.14
N TRP D 956 44.17 51.89 -13.82
CA TRP D 956 45.62 51.98 -13.91
C TRP D 956 46.21 52.02 -12.51
N GLY D 957 45.65 52.90 -11.66
CA GLY D 957 46.11 52.97 -10.29
C GLY D 957 45.90 51.66 -9.54
N SER D 958 44.82 50.96 -9.84
CA SER D 958 44.65 49.61 -9.31
C SER D 958 45.83 48.73 -9.72
N VAL D 959 46.27 48.84 -10.96
CA VAL D 959 47.51 48.22 -11.37
C VAL D 959 48.70 48.85 -10.65
N LEU D 960 48.56 50.10 -10.23
CA LEU D 960 49.64 50.84 -9.59
C LEU D 960 49.59 50.74 -8.08
N LEU D 961 49.12 49.62 -7.55
CA LEU D 961 48.93 49.40 -6.12
C LEU D 961 50.23 49.44 -5.32
N GLU D 962 51.39 49.47 -5.97
CA GLU D 962 52.68 49.62 -5.30
C GLU D 962 53.04 48.43 -4.42
N SER D 963 52.20 47.40 -4.39
CA SER D 963 52.40 46.31 -3.45
C SER D 963 52.38 44.92 -4.11
N ASN D 964 51.93 44.82 -5.35
CA ASN D 964 51.82 43.52 -6.00
C ASN D 964 53.21 42.94 -6.26
N PRO D 965 53.39 41.62 -6.10
CA PRO D 965 54.70 41.03 -6.42
C PRO D 965 55.09 41.21 -7.87
N TYR D 966 54.17 40.98 -8.80
CA TYR D 966 54.46 41.09 -10.22
C TYR D 966 54.57 42.53 -10.68
N ARG D 967 54.55 43.51 -9.76
CA ARG D 967 54.39 44.90 -10.17
C ARG D 967 55.59 45.40 -10.95
N ARG D 968 56.77 45.32 -10.37
CA ARG D 968 57.97 45.55 -11.16
C ARG D 968 58.02 44.64 -12.39
N PRO D 969 57.78 43.32 -12.26
CA PRO D 969 57.64 42.50 -13.48
C PRO D 969 56.63 43.07 -14.45
N LEU D 970 55.39 43.31 -14.00
CA LEU D 970 54.36 43.71 -14.95
C LEU D 970 54.76 44.98 -15.69
N ILE D 971 55.27 45.97 -14.96
CA ILE D 971 55.64 47.21 -15.62
C ILE D 971 56.75 46.97 -16.60
N ASP D 972 57.62 45.99 -16.32
CA ASP D 972 58.70 45.68 -17.23
C ASP D 972 58.18 45.36 -18.63
N GLN D 973 57.10 44.58 -18.73
CA GLN D 973 56.55 44.33 -20.04
C GLN D 973 55.60 45.41 -20.53
N VAL D 974 54.89 46.07 -19.62
CA VAL D 974 53.96 47.08 -20.11
C VAL D 974 54.72 48.18 -20.82
N VAL D 975 55.93 48.48 -20.37
CA VAL D 975 56.68 49.51 -21.09
C VAL D 975 57.11 49.01 -22.45
N GLN D 976 57.79 47.85 -22.50
CA GLN D 976 58.26 47.28 -23.76
C GLN D 976 57.12 47.00 -24.73
N THR D 977 55.88 47.04 -24.26
CA THR D 977 54.76 46.75 -25.13
C THR D 977 53.94 47.97 -25.51
N ALA D 978 53.95 49.04 -24.69
CA ALA D 978 53.14 50.22 -24.99
C ALA D 978 53.42 50.71 -26.40
N LEU D 979 54.64 50.54 -26.87
CA LEU D 979 55.01 50.91 -28.23
C LEU D 979 54.16 50.23 -29.30
N SER D 980 53.36 49.22 -28.93
CA SER D 980 52.67 48.43 -29.95
C SER D 980 51.69 49.26 -30.78
N GLU D 981 50.84 50.05 -30.13
CA GLU D 981 49.72 50.67 -30.84
C GLU D 981 50.19 51.75 -31.79
N THR D 982 50.91 52.75 -31.26
CA THR D 982 51.44 53.90 -31.97
C THR D 982 50.49 54.44 -33.04
N GLN D 983 49.22 54.60 -32.70
CA GLN D 983 48.24 55.20 -33.60
C GLN D 983 47.41 56.28 -32.94
N ASP D 984 47.21 56.23 -31.62
CA ASP D 984 46.53 57.34 -30.96
C ASP D 984 47.20 57.68 -29.64
N PRO D 985 47.20 58.96 -29.26
CA PRO D 985 47.87 59.34 -28.01
C PRO D 985 46.90 59.49 -26.84
N GLU D 986 45.64 59.07 -27.02
CA GLU D 986 44.65 59.30 -25.97
C GLU D 986 44.98 58.50 -24.73
N GLU D 987 45.09 57.17 -24.86
CA GLU D 987 45.44 56.36 -23.71
C GLU D 987 46.86 56.69 -23.24
N VAL D 988 47.72 57.12 -24.16
CA VAL D 988 49.02 57.63 -23.76
C VAL D 988 48.86 58.75 -22.77
N SER D 989 48.04 59.73 -23.11
CA SER D 989 47.83 60.89 -22.27
C SER D 989 47.20 60.50 -20.94
N VAL D 990 46.23 59.59 -20.97
CA VAL D 990 45.60 59.22 -19.70
C VAL D 990 46.60 58.46 -18.84
N THR D 991 47.49 57.70 -19.46
CA THR D 991 48.48 56.96 -18.70
C THR D 991 49.48 57.90 -18.06
N VAL D 992 49.86 58.96 -18.78
CA VAL D 992 50.80 59.89 -18.18
C VAL D 992 50.12 60.76 -17.14
N LYS D 993 48.83 61.05 -17.30
CA LYS D 993 48.09 61.72 -16.24
C LYS D 993 48.07 60.87 -14.98
N ALA D 994 47.78 59.58 -15.15
CA ALA D 994 47.86 58.64 -14.02
C ALA D 994 49.24 58.70 -13.37
N PHE D 995 50.28 58.64 -14.19
CA PHE D 995 51.65 58.80 -13.70
C PHE D 995 51.78 60.02 -12.82
N MET D 996 51.28 61.16 -13.30
CA MET D 996 51.31 62.38 -12.50
C MET D 996 50.59 62.18 -11.17
N THR D 997 49.33 61.77 -11.20
CA THR D 997 48.60 61.62 -9.95
C THR D 997 49.12 60.44 -9.13
N ALA D 998 49.60 59.39 -9.79
CA ALA D 998 50.29 58.34 -9.07
C ALA D 998 51.68 58.77 -8.63
N ASP D 999 52.10 59.99 -9.02
CA ASP D 999 53.36 60.59 -8.63
C ASP D 999 54.51 59.59 -8.69
N LEU D 1000 54.45 58.70 -9.66
CA LEU D 1000 55.43 57.64 -9.80
C LEU D 1000 56.81 58.27 -9.92
N PRO D 1001 57.71 58.01 -8.98
CA PRO D 1001 58.98 58.73 -8.97
C PRO D 1001 59.86 58.38 -10.16
N ASN D 1002 61.06 58.93 -10.17
CA ASN D 1002 62.02 58.56 -11.22
C ASN D 1002 62.19 57.04 -11.25
N GLU D 1003 62.53 56.53 -12.43
CA GLU D 1003 62.50 55.12 -12.79
C GLU D 1003 61.08 54.56 -12.82
N LEU D 1004 60.09 55.43 -12.86
CA LEU D 1004 58.74 54.92 -13.03
C LEU D 1004 57.99 55.59 -14.16
N ILE D 1005 58.14 56.90 -14.35
CA ILE D 1005 57.40 57.62 -15.37
C ILE D 1005 58.32 57.90 -16.55
N GLU D 1006 59.38 58.65 -16.28
CA GLU D 1006 60.31 59.07 -17.32
C GLU D 1006 60.86 57.92 -18.12
N LEU D 1007 60.80 56.70 -17.62
CA LEU D 1007 61.20 55.56 -18.43
C LEU D 1007 60.33 55.48 -19.67
N LEU D 1008 59.05 55.79 -19.53
CA LEU D 1008 58.18 55.81 -20.68
C LEU D 1008 58.49 57.00 -21.58
N GLU D 1009 58.80 58.15 -20.99
CA GLU D 1009 59.36 59.26 -21.76
C GLU D 1009 60.49 58.74 -22.65
N LYS D 1010 61.42 58.00 -22.06
CA LYS D 1010 62.58 57.51 -22.80
C LYS D 1010 62.14 56.58 -23.92
N ILE D 1011 61.25 55.64 -23.60
CA ILE D 1011 60.90 54.67 -24.61
C ILE D 1011 60.16 55.34 -25.77
N VAL D 1012 59.36 56.35 -25.48
CA VAL D 1012 58.55 56.93 -26.54
C VAL D 1012 59.37 57.91 -27.36
N LEU D 1013 60.37 58.56 -26.76
CA LEU D 1013 61.16 59.50 -27.54
C LEU D 1013 61.93 58.82 -28.65
N ASP D 1014 61.99 57.49 -28.64
CA ASP D 1014 62.74 56.77 -29.66
C ASP D 1014 61.97 56.82 -30.97
N ASN D 1015 62.22 57.86 -31.76
CA ASN D 1015 61.50 58.12 -33.01
C ASN D 1015 60.01 58.28 -32.73
N SER D 1016 59.70 59.25 -31.87
CA SER D 1016 58.33 59.49 -31.43
C SER D 1016 57.45 59.82 -32.62
N VAL D 1017 56.38 59.06 -32.75
CA VAL D 1017 55.39 59.37 -33.78
C VAL D 1017 54.68 60.68 -33.44
N PHE D 1018 54.40 60.91 -32.17
CA PHE D 1018 53.92 62.20 -31.71
C PHE D 1018 55.13 63.08 -31.38
N SER D 1019 55.74 63.60 -32.44
CA SER D 1019 57.03 64.24 -32.32
C SER D 1019 56.92 65.68 -31.88
N GLU D 1020 55.82 66.03 -31.21
CA GLU D 1020 55.72 67.31 -30.52
C GLU D 1020 56.73 67.35 -29.38
N HIS D 1021 56.85 68.50 -28.73
CA HIS D 1021 57.65 68.60 -27.52
C HIS D 1021 56.84 68.96 -26.30
N ARG D 1022 55.76 69.72 -26.48
CA ARG D 1022 54.79 69.92 -25.40
C ARG D 1022 54.40 68.57 -24.86
N ASN D 1023 54.24 68.51 -23.54
CA ASN D 1023 53.83 67.33 -22.78
C ASN D 1023 54.84 66.19 -22.96
N LEU D 1024 55.90 66.44 -23.72
CA LEU D 1024 56.99 65.49 -23.80
C LEU D 1024 58.28 66.13 -23.31
N GLN D 1025 58.68 67.21 -23.97
CA GLN D 1025 59.92 67.88 -23.63
C GLN D 1025 59.81 68.55 -22.28
N ASN D 1026 58.88 69.49 -22.16
CA ASN D 1026 58.51 70.05 -20.87
C ASN D 1026 58.34 68.95 -19.84
N LEU D 1027 57.60 67.91 -20.19
CA LEU D 1027 57.44 66.80 -19.28
C LEU D 1027 58.73 66.03 -19.09
N LEU D 1028 59.60 66.01 -20.09
CA LEU D 1028 60.95 65.54 -19.86
C LEU D 1028 61.73 66.51 -18.98
N ILE D 1029 61.45 67.79 -19.11
CA ILE D 1029 62.16 68.78 -18.29
C ILE D 1029 61.85 68.57 -16.81
N LEU D 1030 60.58 68.35 -16.49
CA LEU D 1030 60.20 68.14 -15.10
C LEU D 1030 60.84 66.87 -14.56
N THR D 1031 60.83 65.80 -15.36
CA THR D 1031 61.48 64.57 -14.95
C THR D 1031 62.97 64.81 -14.71
N ALA D 1032 63.60 65.61 -15.56
CA ALA D 1032 65.00 65.94 -15.38
C ALA D 1032 65.22 66.70 -14.08
N ILE D 1033 64.34 67.65 -13.78
CA ILE D 1033 64.37 68.35 -12.51
C ILE D 1033 64.35 67.36 -11.37
N LYS D 1034 63.47 66.37 -11.46
CA LYS D 1034 63.37 65.39 -10.39
C LYS D 1034 64.57 64.46 -10.38
N ALA D 1035 65.27 64.36 -11.50
CA ALA D 1035 66.39 63.42 -11.64
C ALA D 1035 67.74 64.06 -11.38
N ASP D 1036 68.05 65.15 -12.06
CA ASP D 1036 69.29 65.88 -11.87
C ASP D 1036 70.49 64.97 -12.11
N ARG D 1037 70.52 64.37 -13.29
CA ARG D 1037 71.56 63.45 -13.69
C ARG D 1037 72.27 63.98 -14.94
N THR D 1038 73.34 63.29 -15.34
CA THR D 1038 74.08 63.69 -16.53
C THR D 1038 73.20 63.62 -17.77
N ARG D 1039 72.20 62.75 -17.75
CA ARG D 1039 71.27 62.61 -18.87
C ARG D 1039 70.66 63.93 -19.27
N VAL D 1040 70.43 64.80 -18.28
CA VAL D 1040 69.71 66.04 -18.53
C VAL D 1040 70.51 66.94 -19.46
N MET D 1041 71.84 66.79 -19.47
CA MET D 1041 72.65 67.63 -20.32
C MET D 1041 72.47 67.26 -21.78
N GLU D 1042 72.61 65.98 -22.11
CA GLU D 1042 72.45 65.58 -23.50
C GLU D 1042 71.00 65.62 -23.94
N TYR D 1043 70.07 65.74 -22.99
CA TYR D 1043 68.69 66.02 -23.38
C TYR D 1043 68.62 67.12 -24.42
N ILE D 1044 69.38 68.20 -24.20
CA ILE D 1044 69.28 69.36 -25.07
C ILE D 1044 69.67 68.99 -26.50
N ASN D 1045 70.86 68.43 -26.68
CA ASN D 1045 71.32 68.04 -28.00
C ASN D 1045 70.52 66.89 -28.59
N ARG D 1046 69.73 66.20 -27.78
CA ARG D 1046 68.87 65.14 -28.28
C ARG D 1046 67.59 65.70 -28.89
N LEU D 1047 66.89 66.58 -28.17
CA LEU D 1047 65.66 67.15 -28.68
C LEU D 1047 65.88 68.57 -29.20
N ASP D 1048 64.77 69.24 -29.49
CA ASP D 1048 64.77 70.58 -30.08
C ASP D 1048 63.60 71.35 -29.53
N ASN D 1049 63.24 72.43 -30.24
CA ASN D 1049 62.03 73.23 -30.09
C ASN D 1049 61.54 73.40 -28.65
N TYR D 1050 62.39 73.95 -27.79
CA TYR D 1050 62.05 74.25 -26.40
C TYR D 1050 61.96 75.77 -26.21
N ASP D 1051 61.78 76.18 -24.95
CA ASP D 1051 61.83 77.59 -24.57
C ASP D 1051 62.94 77.79 -23.56
N ALA D 1052 63.38 79.03 -23.42
CA ALA D 1052 64.49 79.38 -22.53
C ALA D 1052 64.11 79.49 -21.06
N PRO D 1053 63.08 80.26 -20.69
CA PRO D 1053 62.98 80.68 -19.28
C PRO D 1053 62.96 79.54 -18.28
N ASP D 1054 62.23 78.47 -18.58
CA ASP D 1054 62.20 77.32 -17.69
C ASP D 1054 63.60 76.80 -17.43
N ILE D 1055 64.31 76.38 -18.48
CA ILE D 1055 65.62 75.79 -18.32
C ILE D 1055 66.60 76.80 -17.75
N ALA D 1056 66.39 78.09 -18.01
CA ALA D 1056 67.22 79.11 -17.39
C ALA D 1056 67.05 79.07 -15.88
N ASN D 1057 65.80 79.04 -15.41
CA ASN D 1057 65.52 78.96 -13.98
C ASN D 1057 66.12 77.71 -13.38
N ILE D 1058 65.98 76.58 -14.06
CA ILE D 1058 66.47 75.32 -13.51
C ILE D 1058 67.99 75.31 -13.49
N ALA D 1059 68.61 75.88 -14.53
CA ALA D 1059 70.06 75.84 -14.66
C ALA D 1059 70.71 76.81 -13.67
N ILE D 1060 70.04 77.92 -13.36
CA ILE D 1060 70.54 78.76 -12.28
C ILE D 1060 70.29 78.09 -10.95
N SER D 1061 69.24 77.28 -10.85
CA SER D 1061 69.14 76.35 -9.73
C SER D 1061 70.14 75.21 -9.87
N ASN D 1062 70.58 74.94 -11.10
CA ASN D 1062 71.59 73.93 -11.38
C ASN D 1062 72.97 74.59 -11.42
N GLU D 1063 73.94 73.86 -11.99
CA GLU D 1063 75.33 74.32 -12.03
C GLU D 1063 75.50 75.63 -12.79
N LEU D 1064 74.65 75.90 -13.76
CA LEU D 1064 74.88 77.01 -14.70
C LEU D 1064 74.55 78.36 -14.04
N PHE D 1065 75.61 79.10 -13.69
CA PHE D 1065 75.44 80.42 -13.08
C PHE D 1065 75.45 81.54 -14.12
N GLU D 1066 76.40 81.52 -15.06
CA GLU D 1066 76.44 82.51 -16.12
C GLU D 1066 76.13 81.91 -17.48
N GLU D 1067 76.13 80.57 -17.59
CA GLU D 1067 75.60 79.94 -18.79
C GLU D 1067 74.17 80.36 -19.04
N ALA D 1068 73.46 80.83 -18.00
CA ALA D 1068 72.18 81.47 -18.23
C ALA D 1068 72.31 82.64 -19.21
N PHE D 1069 73.24 83.55 -18.94
CA PHE D 1069 73.44 84.70 -19.82
C PHE D 1069 74.01 84.25 -21.16
N ALA D 1070 74.92 83.28 -21.12
CA ALA D 1070 75.49 82.73 -22.35
C ALA D 1070 74.43 82.07 -23.23
N ILE D 1071 73.39 81.51 -22.63
CA ILE D 1071 72.31 80.89 -23.40
C ILE D 1071 71.33 81.95 -23.87
N PHE D 1072 71.13 82.99 -23.07
CA PHE D 1072 70.42 84.18 -23.53
C PHE D 1072 70.99 84.65 -24.85
N ARG D 1073 72.31 84.61 -24.97
CA ARG D 1073 72.92 85.02 -26.24
C ARG D 1073 73.07 83.86 -27.22
N LYS D 1074 72.96 82.61 -26.74
CA LYS D 1074 73.45 81.45 -27.48
C LYS D 1074 72.35 80.69 -28.22
N PHE D 1075 71.33 80.22 -27.51
CA PHE D 1075 70.40 79.26 -28.10
C PHE D 1075 69.17 79.95 -28.66
N ASN E 1248 65.96 63.23 -53.26
CA ASN E 1248 64.70 63.06 -53.95
C ASN E 1248 64.87 63.18 -55.46
N SER E 1249 65.92 63.89 -55.86
CA SER E 1249 66.12 64.18 -57.27
C SER E 1249 66.57 62.92 -57.99
N THR E 1250 65.61 62.06 -58.30
CA THR E 1250 65.87 60.78 -58.95
C THR E 1250 66.77 60.91 -60.16
N ARG E 1251 66.57 61.95 -60.96
CA ARG E 1251 67.45 62.21 -62.09
C ARG E 1251 68.90 62.30 -61.64
N THR E 1252 69.15 63.08 -60.60
CA THR E 1252 70.51 63.20 -60.09
C THR E 1252 71.03 61.86 -59.60
N TRP E 1253 70.18 61.05 -58.96
CA TRP E 1253 70.66 59.79 -58.41
C TRP E 1253 71.03 58.83 -59.53
N LYS E 1254 70.20 58.77 -60.57
CA LYS E 1254 70.52 57.89 -61.69
C LYS E 1254 71.72 58.42 -62.46
N GLU E 1255 71.95 59.73 -62.43
CA GLU E 1255 73.21 60.24 -62.96
C GLU E 1255 74.37 59.73 -62.13
N VAL E 1256 74.37 60.05 -60.84
CA VAL E 1256 75.52 59.81 -59.97
C VAL E 1256 75.87 58.33 -59.85
N CYS E 1257 74.88 57.44 -59.87
CA CYS E 1257 75.20 56.04 -59.72
C CYS E 1257 76.14 55.58 -60.82
N PHE E 1258 75.69 55.68 -62.08
CA PHE E 1258 76.57 55.33 -63.18
C PHE E 1258 77.79 56.24 -63.24
N ALA E 1259 77.68 57.47 -62.74
CA ALA E 1259 78.84 58.34 -62.70
C ALA E 1259 79.97 57.69 -61.93
N CYS E 1260 79.71 57.32 -60.68
CA CYS E 1260 80.73 56.69 -59.86
C CYS E 1260 81.03 55.27 -60.30
N VAL E 1261 80.07 54.59 -60.92
CA VAL E 1261 80.32 53.25 -61.44
C VAL E 1261 81.36 53.29 -62.55
N ASP E 1262 81.09 54.05 -63.60
CA ASP E 1262 82.08 54.27 -64.64
C ASP E 1262 83.33 54.91 -64.07
N GLY E 1263 83.16 55.84 -63.14
CA GLY E 1263 84.28 56.33 -62.38
C GLY E 1263 84.95 55.28 -61.52
N LYS E 1264 84.26 54.18 -61.23
CA LYS E 1264 84.79 53.12 -60.39
C LYS E 1264 85.18 53.64 -59.00
N GLU E 1265 84.41 54.60 -58.51
CA GLU E 1265 84.66 55.18 -57.19
C GLU E 1265 83.89 54.38 -56.14
N PHE E 1266 84.52 53.26 -55.77
CA PHE E 1266 83.84 52.25 -54.97
C PHE E 1266 83.42 52.80 -53.60
N ARG E 1267 84.36 53.37 -52.85
CA ARG E 1267 83.97 53.97 -51.59
C ARG E 1267 82.95 55.06 -51.81
N LEU E 1268 83.07 55.79 -52.91
CA LEU E 1268 82.13 56.86 -53.20
C LEU E 1268 80.78 56.29 -53.61
N ALA E 1269 80.78 55.38 -54.58
CA ALA E 1269 79.55 54.72 -54.99
C ALA E 1269 78.80 54.13 -53.82
N GLN E 1270 79.51 53.66 -52.80
CA GLN E 1270 78.90 53.21 -51.56
C GLN E 1270 77.88 54.23 -51.08
N MET E 1271 78.33 55.47 -50.91
CA MET E 1271 77.41 56.51 -50.48
C MET E 1271 76.41 56.87 -51.57
N CYS E 1272 76.86 56.92 -52.82
CA CYS E 1272 75.97 57.34 -53.91
C CYS E 1272 74.75 56.44 -54.05
N GLY E 1273 74.85 55.17 -53.69
CA GLY E 1273 73.73 54.27 -53.88
C GLY E 1273 72.71 54.37 -52.78
N LEU E 1274 73.06 55.04 -51.68
CA LEU E 1274 72.18 55.11 -50.53
C LEU E 1274 70.91 55.89 -50.82
N HIS E 1275 70.91 56.71 -51.88
CA HIS E 1275 69.70 57.39 -52.28
C HIS E 1275 68.71 56.48 -52.97
N ILE E 1276 69.16 55.66 -53.91
CA ILE E 1276 68.30 54.94 -54.83
C ILE E 1276 67.63 53.75 -54.16
N VAL E 1277 68.01 53.48 -52.91
CA VAL E 1277 67.51 52.33 -52.17
C VAL E 1277 65.99 52.24 -52.15
N VAL E 1278 65.28 53.33 -52.43
CA VAL E 1278 63.82 53.29 -52.45
C VAL E 1278 63.33 52.34 -53.51
N HIS E 1279 64.10 52.13 -54.56
CA HIS E 1279 63.68 51.31 -55.69
C HIS E 1279 64.75 50.28 -56.01
N ALA E 1280 64.39 49.00 -55.84
CA ALA E 1280 65.36 47.93 -56.07
C ALA E 1280 65.53 47.62 -57.54
N ASP E 1281 64.60 48.07 -58.39
CA ASP E 1281 64.71 47.81 -59.81
C ASP E 1281 65.83 48.60 -60.48
N GLU E 1282 65.87 49.91 -60.29
CA GLU E 1282 66.87 50.74 -60.94
C GLU E 1282 68.27 50.47 -60.43
N LEU E 1283 68.40 49.71 -59.36
CA LEU E 1283 69.70 49.19 -58.93
C LEU E 1283 69.88 47.75 -59.31
N GLU E 1284 68.80 47.03 -59.59
CA GLU E 1284 68.91 45.71 -60.18
C GLU E 1284 69.57 45.80 -61.55
N GLU E 1285 69.13 46.75 -62.37
CA GLU E 1285 69.83 47.00 -63.62
C GLU E 1285 71.28 47.38 -63.36
N LEU E 1286 71.53 48.03 -62.22
CA LEU E 1286 72.91 48.33 -61.85
C LEU E 1286 73.71 47.07 -61.56
N ILE E 1287 73.10 46.11 -60.86
CA ILE E 1287 73.73 44.82 -60.67
C ILE E 1287 74.07 44.22 -62.03
N ASN E 1288 73.09 44.20 -62.92
CA ASN E 1288 73.29 43.68 -64.27
C ASN E 1288 74.48 44.35 -64.94
N TYR E 1289 74.52 45.67 -64.87
CA TYR E 1289 75.67 46.46 -65.32
C TYR E 1289 76.94 45.88 -64.74
N TYR E 1290 76.93 45.64 -63.43
CA TYR E 1290 78.14 45.19 -62.75
C TYR E 1290 78.62 43.87 -63.30
N GLN E 1291 77.77 42.84 -63.24
CA GLN E 1291 78.21 41.52 -63.66
C GLN E 1291 78.53 41.48 -65.15
N ASP E 1292 77.72 42.13 -65.99
CA ASP E 1292 78.04 42.22 -67.40
C ASP E 1292 79.41 42.88 -67.61
N ARG E 1293 79.63 43.98 -66.90
CA ARG E 1293 80.93 44.62 -66.92
C ARG E 1293 81.95 43.89 -66.06
N GLY E 1294 81.63 42.67 -65.63
CA GLY E 1294 82.54 41.91 -64.82
C GLY E 1294 82.73 42.45 -63.43
N TYR E 1295 81.84 43.33 -62.96
CA TYR E 1295 82.03 43.92 -61.65
C TYR E 1295 81.49 43.01 -60.57
N PHE E 1296 81.91 41.74 -60.60
CA PHE E 1296 81.39 40.75 -59.68
C PHE E 1296 81.80 41.05 -58.24
N GLU E 1297 83.11 41.12 -57.99
CA GLU E 1297 83.56 41.54 -56.67
C GLU E 1297 83.02 42.92 -56.33
N GLU E 1298 82.94 43.79 -57.33
CA GLU E 1298 82.37 45.11 -57.11
C GLU E 1298 80.90 45.04 -56.72
N LEU E 1299 80.11 44.22 -57.38
CA LEU E 1299 78.71 44.12 -56.98
C LEU E 1299 78.55 43.43 -55.64
N ILE E 1300 79.42 42.50 -55.28
CA ILE E 1300 79.30 41.89 -53.95
C ILE E 1300 79.69 42.91 -52.88
N THR E 1301 80.65 43.78 -53.19
CA THR E 1301 80.94 44.87 -52.26
C THR E 1301 79.75 45.80 -52.12
N MET E 1302 79.09 46.12 -53.24
CA MET E 1302 77.87 46.89 -53.21
C MET E 1302 76.80 46.19 -52.38
N LEU E 1303 76.78 44.86 -52.42
CA LEU E 1303 75.94 44.09 -51.52
C LEU E 1303 76.30 44.37 -50.07
N GLU E 1304 77.60 44.30 -49.77
CA GLU E 1304 78.05 44.58 -48.41
C GLU E 1304 77.58 45.95 -47.97
N ALA E 1305 77.63 46.91 -48.86
CA ALA E 1305 77.06 48.23 -48.63
C ALA E 1305 75.57 48.13 -48.30
N ALA E 1306 74.82 47.45 -49.15
CA ALA E 1306 73.39 47.29 -48.97
C ALA E 1306 73.02 46.51 -47.71
N LEU E 1307 74.00 45.90 -47.05
CA LEU E 1307 73.68 45.05 -45.92
C LEU E 1307 72.99 45.78 -44.78
N GLY E 1308 73.12 47.09 -44.67
CA GLY E 1308 72.59 47.76 -43.50
C GLY E 1308 71.56 48.84 -43.76
N LEU E 1309 70.67 48.62 -44.72
CA LEU E 1309 69.71 49.65 -45.09
C LEU E 1309 68.63 49.81 -44.02
N GLU E 1310 67.77 50.81 -44.23
CA GLU E 1310 66.74 51.11 -43.24
C GLU E 1310 65.31 50.89 -43.73
N ARG E 1311 64.90 51.58 -44.79
CA ARG E 1311 63.52 51.48 -45.24
C ARG E 1311 63.36 50.59 -46.46
N ALA E 1312 63.66 49.29 -46.31
CA ALA E 1312 63.78 48.38 -47.46
C ALA E 1312 62.71 47.29 -47.41
N HIS E 1313 62.12 47.04 -48.57
CA HIS E 1313 61.20 45.92 -48.71
C HIS E 1313 62.01 44.62 -48.82
N MET E 1314 61.31 43.53 -49.09
CA MET E 1314 61.94 42.21 -49.04
C MET E 1314 62.88 42.01 -50.22
N GLY E 1315 62.52 42.53 -51.39
CA GLY E 1315 63.28 42.28 -52.60
C GLY E 1315 64.78 42.51 -52.42
N MET E 1316 65.13 43.48 -51.58
CA MET E 1316 66.51 43.65 -51.19
C MET E 1316 67.11 42.33 -50.71
N PHE E 1317 66.56 41.79 -49.64
CA PHE E 1317 67.04 40.55 -49.06
C PHE E 1317 66.96 39.41 -50.07
N THR E 1318 65.97 39.45 -50.94
CA THR E 1318 65.86 38.42 -51.97
C THR E 1318 67.09 38.41 -52.85
N GLU E 1319 67.35 39.52 -53.51
CA GLU E 1319 68.52 39.60 -54.37
C GLU E 1319 69.79 39.36 -53.57
N LEU E 1320 69.79 39.74 -52.30
CA LEU E 1320 70.87 39.37 -51.41
C LEU E 1320 71.10 37.87 -51.44
N ALA E 1321 70.06 37.11 -51.14
CA ALA E 1321 70.16 35.66 -51.20
C ALA E 1321 70.56 35.19 -52.59
N ILE E 1322 70.10 35.89 -53.62
CA ILE E 1322 70.44 35.51 -54.99
C ILE E 1322 71.94 35.54 -55.19
N LEU E 1323 72.55 36.65 -54.79
CA LEU E 1323 73.97 36.82 -55.02
C LEU E 1323 74.77 35.89 -54.13
N TYR E 1324 74.30 35.67 -52.90
CA TYR E 1324 74.85 34.57 -52.12
C TYR E 1324 74.84 33.28 -52.90
N SER E 1325 73.70 32.91 -53.46
CA SER E 1325 73.60 31.71 -54.26
C SER E 1325 74.67 31.67 -55.33
N LYS E 1326 74.78 32.71 -56.14
CA LYS E 1326 75.76 32.72 -57.19
C LYS E 1326 77.15 33.07 -56.68
N PHE E 1327 77.28 33.55 -55.44
CA PHE E 1327 78.63 33.76 -54.95
C PHE E 1327 78.90 33.25 -53.55
N LYS E 1328 77.97 33.39 -52.61
CA LYS E 1328 78.22 33.09 -51.20
C LYS E 1328 77.18 32.13 -50.65
N PRO E 1329 77.12 30.91 -51.17
CA PRO E 1329 76.17 29.93 -50.62
C PRO E 1329 76.51 29.59 -49.18
N GLN E 1330 77.79 29.29 -48.93
CA GLN E 1330 78.23 29.00 -47.56
C GLN E 1330 77.92 30.13 -46.62
N LYS E 1331 77.61 31.31 -47.16
CA LYS E 1331 77.07 32.39 -46.33
C LYS E 1331 75.55 32.43 -46.42
N MET E 1332 75.02 31.99 -47.57
CA MET E 1332 73.61 32.15 -47.87
C MET E 1332 72.72 31.65 -46.73
N ARG E 1333 72.75 30.35 -46.47
CA ARG E 1333 71.81 29.75 -45.53
C ARG E 1333 71.90 30.40 -44.16
N GLU E 1334 73.12 30.58 -43.67
CA GLU E 1334 73.35 31.22 -42.37
C GLU E 1334 72.66 32.58 -42.34
N HIS E 1335 72.73 33.32 -43.44
CA HIS E 1335 71.96 34.56 -43.52
C HIS E 1335 70.47 34.29 -43.55
N LEU E 1336 70.05 33.29 -44.30
CA LEU E 1336 68.63 33.00 -44.45
C LEU E 1336 68.00 32.61 -43.13
N GLU E 1337 68.82 32.26 -42.14
CA GLU E 1337 68.31 31.97 -40.81
C GLU E 1337 67.58 33.18 -40.21
N LEU E 1338 67.56 34.31 -40.91
CA LEU E 1338 67.13 35.56 -40.33
C LEU E 1338 65.80 36.07 -40.86
N PHE E 1339 65.67 36.24 -42.16
CA PHE E 1339 64.51 37.01 -42.58
C PHE E 1339 63.41 36.20 -43.13
N TRP E 1340 63.24 35.00 -42.58
CA TRP E 1340 62.15 34.12 -42.98
C TRP E 1340 60.84 34.88 -43.15
N SER E 1341 60.58 35.86 -42.29
CA SER E 1341 59.35 36.62 -42.32
C SER E 1341 59.39 37.75 -43.34
N ARG E 1342 60.33 37.70 -44.27
CA ARG E 1342 60.56 38.82 -45.20
C ARG E 1342 60.80 38.32 -46.61
N VAL E 1343 59.98 37.39 -47.09
CA VAL E 1343 60.36 36.56 -48.23
C VAL E 1343 59.28 36.55 -49.29
N ASN E 1344 59.70 36.41 -50.53
CA ASN E 1344 58.80 36.00 -51.61
C ASN E 1344 59.09 34.55 -52.00
N ILE E 1345 58.02 33.83 -52.27
CA ILE E 1345 58.11 32.38 -52.48
C ILE E 1345 58.94 32.05 -53.72
N PRO E 1346 58.51 32.43 -54.93
CA PRO E 1346 59.09 31.81 -56.13
C PRO E 1346 60.53 32.23 -56.38
N LYS E 1347 60.85 33.48 -56.12
CA LYS E 1347 62.21 33.95 -56.32
C LYS E 1347 63.18 33.11 -55.52
N VAL E 1348 62.94 33.01 -54.21
CA VAL E 1348 63.84 32.26 -53.37
C VAL E 1348 63.79 30.79 -53.72
N LEU E 1349 62.63 30.28 -54.14
CA LEU E 1349 62.55 28.90 -54.59
C LEU E 1349 63.54 28.65 -55.71
N ARG E 1350 63.44 29.45 -56.77
CA ARG E 1350 64.27 29.25 -57.94
C ARG E 1350 65.74 29.43 -57.61
N ALA E 1351 66.06 30.44 -56.80
CA ALA E 1351 67.45 30.62 -56.40
C ALA E 1351 67.96 29.39 -55.68
N ALA E 1352 67.25 29.01 -54.61
CA ALA E 1352 67.61 27.83 -53.85
C ALA E 1352 67.84 26.64 -54.76
N GLU E 1353 66.93 26.39 -55.69
CA GLU E 1353 67.07 25.19 -56.51
C GLU E 1353 68.22 25.32 -57.49
N GLN E 1354 68.54 26.54 -57.91
CA GLN E 1354 69.78 26.70 -58.67
C GLN E 1354 70.95 26.24 -57.84
N ALA E 1355 70.97 26.64 -56.58
CA ALA E 1355 71.87 26.00 -55.64
C ALA E 1355 71.42 24.60 -55.27
N HIS E 1356 70.11 24.36 -55.28
CA HIS E 1356 69.47 23.13 -54.80
C HIS E 1356 70.18 22.63 -53.55
N LEU E 1357 70.50 23.55 -52.65
CA LEU E 1357 71.02 23.18 -51.36
C LEU E 1357 69.90 22.53 -50.59
N TRP E 1358 69.90 21.20 -50.58
CA TRP E 1358 68.68 20.46 -50.32
C TRP E 1358 68.20 20.65 -48.89
N ALA E 1359 69.08 20.50 -47.90
CA ALA E 1359 68.68 20.77 -46.52
C ALA E 1359 68.14 22.17 -46.36
N GLU E 1360 68.73 23.11 -47.08
CA GLU E 1360 68.24 24.48 -47.07
C GLU E 1360 66.87 24.57 -47.70
N LEU E 1361 66.66 23.81 -48.78
CA LEU E 1361 65.32 23.70 -49.35
C LEU E 1361 64.32 23.20 -48.31
N VAL E 1362 64.74 22.24 -47.50
CA VAL E 1362 63.86 21.73 -46.44
C VAL E 1362 63.56 22.83 -45.44
N PHE E 1363 64.56 23.63 -45.11
CA PHE E 1363 64.34 24.73 -44.19
C PHE E 1363 63.33 25.72 -44.76
N LEU E 1364 63.50 26.06 -46.03
CA LEU E 1364 62.49 26.81 -46.77
C LEU E 1364 61.11 26.23 -46.53
N TYR E 1365 60.97 24.93 -46.79
CA TYR E 1365 59.67 24.30 -46.67
C TYR E 1365 59.14 24.39 -45.24
N ASP E 1366 60.04 24.28 -44.26
CA ASP E 1366 59.66 24.48 -42.87
C ASP E 1366 59.02 25.83 -42.68
N LYS E 1367 59.58 26.85 -43.33
CA LYS E 1367 59.00 28.18 -43.17
C LYS E 1367 57.73 28.36 -43.99
N TYR E 1368 57.59 27.61 -45.07
CA TYR E 1368 56.44 27.79 -45.96
C TYR E 1368 55.40 26.70 -45.82
N GLU E 1369 55.70 25.63 -45.09
CA GLU E 1369 54.75 24.55 -44.82
C GLU E 1369 54.39 23.77 -46.07
N GLU E 1370 55.33 23.66 -47.01
CA GLU E 1370 55.14 22.85 -48.21
C GLU E 1370 55.89 21.52 -48.05
N TYR E 1371 55.23 20.61 -47.32
CA TYR E 1371 55.88 19.39 -46.86
C TYR E 1371 56.26 18.48 -48.02
N ASP E 1372 55.35 18.33 -48.97
CA ASP E 1372 55.47 17.37 -50.05
C ASP E 1372 56.87 17.32 -50.64
N ASN E 1373 57.32 18.44 -51.18
CA ASN E 1373 58.57 18.44 -51.92
C ASN E 1373 59.77 18.25 -51.01
N ALA E 1374 59.67 18.76 -49.77
CA ALA E 1374 60.69 18.46 -48.78
C ALA E 1374 60.84 16.97 -48.63
N ILE E 1375 59.72 16.26 -48.56
CA ILE E 1375 59.76 14.81 -48.46
C ILE E 1375 60.35 14.22 -49.73
N ILE E 1376 59.92 14.73 -50.89
CA ILE E 1376 60.43 14.28 -52.18
C ILE E 1376 61.94 14.26 -52.16
N THR E 1377 62.52 15.40 -51.86
CA THR E 1377 63.97 15.52 -51.83
C THR E 1377 64.59 14.66 -50.74
N MET E 1378 64.22 14.89 -49.48
CA MET E 1378 64.75 14.14 -48.36
C MET E 1378 64.73 12.64 -48.61
N MET E 1379 63.86 12.19 -49.50
CA MET E 1379 63.91 10.82 -49.99
C MET E 1379 64.93 10.64 -51.10
N ASN E 1380 64.88 11.49 -52.13
CA ASN E 1380 65.85 11.34 -53.21
C ASN E 1380 67.18 11.96 -52.83
N HIS E 1381 67.24 12.69 -51.72
CA HIS E 1381 68.50 13.23 -51.21
C HIS E 1381 68.49 13.10 -49.69
N PRO E 1382 68.54 11.89 -49.18
CA PRO E 1382 68.56 11.70 -47.73
C PRO E 1382 69.91 11.95 -47.09
N THR E 1383 70.96 11.41 -47.70
CA THR E 1383 72.28 11.43 -47.08
C THR E 1383 72.68 12.86 -46.75
N ASP E 1384 72.86 13.67 -47.78
CA ASP E 1384 72.96 15.11 -47.63
C ASP E 1384 71.85 15.68 -46.77
N ALA E 1385 70.59 15.33 -47.07
CA ALA E 1385 69.44 16.05 -46.52
C ALA E 1385 68.43 15.06 -45.95
N TRP E 1386 68.60 14.74 -44.67
CA TRP E 1386 67.57 14.02 -43.93
C TRP E 1386 67.90 14.02 -42.46
N LYS E 1387 66.88 14.21 -41.62
CA LYS E 1387 67.00 14.06 -40.18
C LYS E 1387 65.81 13.24 -39.70
N GLU E 1388 66.05 12.30 -38.80
CA GLU E 1388 64.98 11.42 -38.34
C GLU E 1388 63.97 12.16 -37.47
N GLY E 1389 64.44 13.02 -36.58
CA GLY E 1389 63.57 13.69 -35.62
C GLY E 1389 62.40 14.40 -36.29
N GLN E 1390 62.72 15.40 -37.10
CA GLN E 1390 61.67 16.07 -37.87
C GLN E 1390 60.83 15.08 -38.66
N PHE E 1391 61.47 14.17 -39.38
CA PHE E 1391 60.76 13.20 -40.19
C PHE E 1391 59.73 12.44 -39.36
N LYS E 1392 59.96 12.31 -38.06
CA LYS E 1392 59.10 11.51 -37.22
C LYS E 1392 57.67 12.04 -37.17
N ASP E 1393 57.48 13.33 -37.42
CA ASP E 1393 56.14 13.89 -37.34
C ASP E 1393 55.76 14.75 -38.52
N ILE E 1394 56.73 15.42 -39.15
CA ILE E 1394 56.41 16.36 -40.22
C ILE E 1394 55.59 15.70 -41.32
N ILE E 1395 55.66 14.38 -41.42
CA ILE E 1395 54.95 13.67 -42.48
C ILE E 1395 53.44 13.81 -42.30
N THR E 1396 52.99 14.04 -41.08
CA THR E 1396 51.57 13.91 -40.77
C THR E 1396 50.74 15.04 -41.38
N LYS E 1397 51.34 15.92 -42.17
CA LYS E 1397 50.67 17.13 -42.60
C LYS E 1397 50.17 17.07 -44.04
N VAL E 1398 50.20 15.90 -44.68
CA VAL E 1398 49.77 15.78 -46.06
C VAL E 1398 48.95 14.50 -46.18
N ALA E 1399 48.08 14.45 -47.21
CA ALA E 1399 47.07 13.40 -47.32
C ALA E 1399 47.54 12.18 -48.10
N ASN E 1400 47.91 12.38 -49.36
CA ASN E 1400 48.15 11.25 -50.26
C ASN E 1400 49.15 10.28 -49.65
N VAL E 1401 49.00 9.01 -50.02
CA VAL E 1401 49.63 7.92 -49.28
C VAL E 1401 50.83 7.31 -49.99
N GLU E 1402 50.90 7.40 -51.31
CA GLU E 1402 52.09 6.97 -52.06
C GLU E 1402 53.35 7.40 -51.35
N LEU E 1403 53.28 8.54 -50.67
CA LEU E 1403 54.36 9.01 -49.83
C LEU E 1403 54.81 7.92 -48.87
N TYR E 1404 53.85 7.37 -48.13
CA TYR E 1404 54.15 6.34 -47.16
C TYR E 1404 54.87 5.18 -47.82
N TYR E 1405 54.32 4.70 -48.93
CA TYR E 1405 54.92 3.56 -49.61
C TYR E 1405 56.34 3.86 -50.05
N ARG E 1406 56.57 5.05 -50.59
CA ARG E 1406 57.91 5.40 -51.01
C ARG E 1406 58.87 5.40 -49.83
N ALA E 1407 58.48 6.06 -48.74
CA ALA E 1407 59.37 6.15 -47.60
C ALA E 1407 59.65 4.78 -47.00
N ILE E 1408 58.63 3.94 -46.91
CA ILE E 1408 58.82 2.64 -46.30
C ILE E 1408 59.68 1.77 -47.20
N GLN E 1409 59.45 1.84 -48.51
CA GLN E 1409 60.31 1.12 -49.43
C GLN E 1409 61.75 1.54 -49.24
N PHE E 1410 61.96 2.84 -49.06
CA PHE E 1410 63.31 3.34 -48.83
C PHE E 1410 63.91 2.72 -47.58
N TYR E 1411 63.26 2.95 -46.45
CA TYR E 1411 63.83 2.50 -45.19
C TYR E 1411 64.04 1.00 -45.19
N LEU E 1412 63.04 0.25 -45.67
CA LEU E 1412 63.23 -1.14 -46.00
C LEU E 1412 64.57 -1.31 -46.70
N GLU E 1413 64.75 -0.60 -47.79
CA GLU E 1413 66.00 -0.65 -48.53
C GLU E 1413 67.14 -0.05 -47.73
N PHE E 1414 66.85 0.92 -46.87
CA PHE E 1414 67.93 1.61 -46.15
C PHE E 1414 67.84 1.45 -44.64
N LYS E 1415 66.74 1.85 -44.01
CA LYS E 1415 66.68 1.98 -42.55
C LYS E 1415 65.41 1.33 -42.02
N PRO E 1416 65.33 0.01 -42.07
CA PRO E 1416 64.19 -0.67 -41.45
C PRO E 1416 64.20 -0.53 -39.94
N LEU E 1417 65.39 -0.58 -39.34
CA LEU E 1417 65.55 -0.23 -37.94
C LEU E 1417 64.92 1.12 -37.65
N LEU E 1418 65.09 2.05 -38.56
CA LEU E 1418 64.42 3.33 -38.41
C LEU E 1418 63.04 3.32 -38.97
N LEU E 1419 62.56 2.23 -39.55
CA LEU E 1419 61.25 2.17 -40.16
C LEU E 1419 60.16 1.67 -39.24
N ASN E 1420 60.48 0.62 -38.48
CA ASN E 1420 59.50 -0.05 -37.63
C ASN E 1420 58.69 0.95 -36.82
N ASP E 1421 59.38 1.70 -35.96
CA ASP E 1421 58.80 2.79 -35.19
C ASP E 1421 57.84 3.63 -36.01
N LEU E 1422 58.32 4.12 -37.14
CA LEU E 1422 57.52 4.97 -38.00
C LEU E 1422 56.21 4.31 -38.37
N LEU E 1423 56.27 3.03 -38.73
CA LEU E 1423 55.08 2.28 -39.09
C LEU E 1423 54.03 2.44 -38.00
N MET E 1424 54.46 2.35 -36.74
CA MET E 1424 53.52 2.63 -35.65
C MET E 1424 53.06 4.07 -35.70
N VAL E 1425 53.98 5.00 -35.93
CA VAL E 1425 53.64 6.42 -35.79
C VAL E 1425 52.60 6.84 -36.83
N LEU E 1426 52.55 6.14 -37.96
CA LEU E 1426 51.67 6.51 -39.06
C LEU E 1426 50.34 5.76 -39.02
N SER E 1427 49.86 5.42 -37.85
CA SER E 1427 48.79 4.44 -37.71
C SER E 1427 47.44 4.85 -38.29
N PRO E 1428 46.85 6.00 -37.91
CA PRO E 1428 45.39 6.12 -38.01
C PRO E 1428 44.85 5.94 -39.41
N ARG E 1429 45.27 6.80 -40.32
CA ARG E 1429 44.79 6.77 -41.69
C ARG E 1429 45.77 5.91 -42.50
N LEU E 1430 45.29 4.77 -42.98
CA LEU E 1430 46.19 3.84 -43.67
C LEU E 1430 45.39 2.95 -44.62
N ASP E 1431 46.02 2.61 -45.75
CA ASP E 1431 45.58 1.51 -46.60
C ASP E 1431 46.35 0.29 -46.15
N HIS E 1432 45.95 -0.24 -44.99
CA HIS E 1432 46.71 -1.27 -44.31
C HIS E 1432 46.91 -2.48 -45.20
N THR E 1433 45.87 -2.88 -45.93
CA THR E 1433 45.95 -4.11 -46.71
C THR E 1433 46.95 -3.99 -47.85
N ARG E 1434 46.98 -2.84 -48.53
CA ARG E 1434 47.98 -2.67 -49.56
C ARG E 1434 49.38 -2.79 -48.97
N ALA E 1435 49.57 -2.21 -47.78
CA ALA E 1435 50.85 -2.31 -47.11
C ALA E 1435 51.21 -3.76 -46.84
N VAL E 1436 50.25 -4.55 -46.34
CA VAL E 1436 50.57 -5.91 -45.97
C VAL E 1436 50.83 -6.75 -47.21
N ASN E 1437 50.15 -6.45 -48.31
CA ASN E 1437 50.48 -7.10 -49.56
C ASN E 1437 51.90 -6.78 -49.97
N TYR E 1438 52.28 -5.52 -49.84
CA TYR E 1438 53.65 -5.14 -50.15
C TYR E 1438 54.65 -5.88 -49.28
N PHE E 1439 54.34 -6.04 -48.00
CA PHE E 1439 55.26 -6.72 -47.10
C PHE E 1439 55.36 -8.20 -47.45
N SER E 1440 54.23 -8.83 -47.75
CA SER E 1440 54.24 -10.17 -48.33
C SER E 1440 55.20 -10.23 -49.49
N LYS E 1441 55.13 -9.25 -50.38
CA LYS E 1441 56.06 -9.18 -51.49
C LYS E 1441 57.50 -9.11 -50.99
N VAL E 1442 57.72 -8.39 -49.89
CA VAL E 1442 59.08 -8.26 -49.36
C VAL E 1442 59.40 -9.27 -48.28
N LYS E 1443 58.43 -10.07 -47.86
CA LYS E 1443 58.65 -11.22 -46.97
C LYS E 1443 59.05 -10.84 -45.55
N GLN E 1444 59.24 -9.54 -45.27
CA GLN E 1444 59.78 -9.13 -43.98
C GLN E 1444 58.69 -8.73 -43.01
N LEU E 1445 57.48 -9.18 -43.25
CA LEU E 1445 56.36 -9.07 -42.33
C LEU E 1445 56.75 -9.52 -40.92
N PRO E 1446 57.46 -10.64 -40.75
CA PRO E 1446 57.87 -11.02 -39.39
C PRO E 1446 58.62 -9.93 -38.66
N LEU E 1447 59.33 -9.08 -39.40
CA LEU E 1447 60.03 -7.98 -38.74
C LEU E 1447 59.03 -6.92 -38.28
N VAL E 1448 58.02 -6.63 -39.09
CA VAL E 1448 57.03 -5.62 -38.72
C VAL E 1448 55.95 -6.20 -37.82
N LYS E 1449 56.11 -7.45 -37.40
CA LYS E 1449 55.18 -8.07 -36.46
C LYS E 1449 54.71 -7.20 -35.31
N PRO E 1450 55.54 -6.36 -34.67
CA PRO E 1450 55.02 -5.54 -33.56
C PRO E 1450 53.80 -4.73 -33.94
N TYR E 1451 53.91 -3.91 -34.99
CA TYR E 1451 52.75 -3.17 -35.47
C TYR E 1451 51.58 -4.09 -35.74
N LEU E 1452 51.85 -5.26 -36.27
CA LEU E 1452 50.78 -6.19 -36.60
C LEU E 1452 49.99 -6.53 -35.34
N ARG E 1453 50.69 -7.04 -34.33
CA ARG E 1453 50.07 -7.37 -33.07
C ARG E 1453 49.39 -6.15 -32.47
N SER E 1454 49.92 -4.96 -32.77
CA SER E 1454 49.26 -3.75 -32.33
C SER E 1454 47.86 -3.64 -32.93
N VAL E 1455 47.80 -3.57 -34.25
CA VAL E 1455 46.55 -3.26 -34.94
C VAL E 1455 45.65 -4.47 -35.01
N GLN E 1456 46.07 -5.57 -34.39
CA GLN E 1456 45.33 -6.83 -34.38
C GLN E 1456 43.83 -6.67 -34.17
N ASN E 1457 43.42 -5.60 -33.50
CA ASN E 1457 42.03 -5.42 -33.10
C ASN E 1457 41.06 -5.42 -34.26
N HIS E 1458 41.43 -4.85 -35.40
CA HIS E 1458 40.45 -4.48 -36.41
C HIS E 1458 39.81 -5.66 -37.12
N ASN E 1459 40.38 -6.87 -37.01
CA ASN E 1459 39.75 -8.09 -37.51
C ASN E 1459 39.51 -8.01 -39.03
N ASN E 1460 40.61 -7.93 -39.77
CA ASN E 1460 40.57 -8.00 -41.22
C ASN E 1460 41.19 -9.30 -41.70
N LYS E 1461 40.68 -9.77 -42.84
CA LYS E 1461 41.24 -10.95 -43.50
C LYS E 1461 42.75 -10.88 -43.56
N SER E 1462 43.27 -9.73 -43.98
CA SER E 1462 44.71 -9.54 -44.00
C SER E 1462 45.31 -9.81 -42.63
N VAL E 1463 44.72 -9.22 -41.59
CA VAL E 1463 45.19 -9.47 -40.23
C VAL E 1463 45.24 -10.96 -39.97
N ASN E 1464 44.16 -11.65 -40.31
CA ASN E 1464 44.07 -13.07 -40.05
C ASN E 1464 45.24 -13.76 -40.71
N GLU E 1465 45.28 -13.73 -42.04
CA GLU E 1465 46.26 -14.51 -42.78
C GLU E 1465 47.67 -14.17 -42.33
N SER E 1466 47.93 -12.90 -42.04
CA SER E 1466 49.22 -12.51 -41.53
C SER E 1466 49.56 -13.30 -40.28
N LEU E 1467 48.73 -13.16 -39.26
CA LEU E 1467 49.01 -13.86 -38.01
C LEU E 1467 49.08 -15.36 -38.23
N ASN E 1468 48.27 -15.88 -39.15
CA ASN E 1468 48.20 -17.31 -39.36
C ASN E 1468 49.51 -17.84 -39.92
N ASN E 1469 50.00 -17.21 -40.99
CA ASN E 1469 51.26 -17.64 -41.57
C ASN E 1469 52.41 -17.40 -40.60
N LEU E 1470 52.34 -16.31 -39.84
CA LEU E 1470 53.37 -16.08 -38.85
C LEU E 1470 53.40 -17.17 -37.80
N PHE E 1471 52.24 -17.73 -37.47
CA PHE E 1471 52.21 -18.84 -36.54
C PHE E 1471 52.67 -20.12 -37.22
N ILE E 1472 52.26 -20.32 -38.47
CA ILE E 1472 52.67 -21.50 -39.23
C ILE E 1472 54.19 -21.59 -39.23
N THR E 1473 54.84 -20.56 -39.78
CA THR E 1473 56.27 -20.41 -39.66
C THR E 1473 56.71 -20.53 -38.20
N GLU E 1474 55.96 -19.93 -37.30
CA GLU E 1474 56.33 -19.88 -35.89
C GLU E 1474 56.04 -21.19 -35.19
N GLU E 1475 54.98 -21.90 -35.57
CA GLU E 1475 54.58 -23.16 -34.95
C GLU E 1475 54.27 -22.98 -33.47
N ASP E 1476 53.70 -21.83 -33.09
CA ASP E 1476 53.21 -21.61 -31.74
C ASP E 1476 51.74 -21.98 -31.68
N TYR E 1477 51.28 -22.35 -30.48
CA TYR E 1477 49.88 -22.68 -30.28
C TYR E 1477 49.20 -21.81 -29.24
N GLN E 1478 49.84 -21.54 -28.11
CA GLN E 1478 49.24 -20.79 -27.02
C GLN E 1478 48.77 -19.44 -27.53
N ALA E 1479 49.72 -18.61 -27.95
CA ALA E 1479 49.35 -17.36 -28.58
C ALA E 1479 48.48 -17.60 -29.80
N LEU E 1480 48.70 -18.71 -30.50
CA LEU E 1480 47.84 -19.05 -31.62
C LEU E 1480 46.42 -19.28 -31.14
N ARG E 1481 46.26 -20.03 -30.06
CA ARG E 1481 44.93 -20.22 -29.49
C ARG E 1481 44.29 -18.87 -29.19
N THR E 1482 45.02 -18.02 -28.48
CA THR E 1482 44.51 -16.69 -28.14
C THR E 1482 44.04 -15.97 -29.39
N SER E 1483 44.90 -15.92 -30.41
CA SER E 1483 44.59 -15.18 -31.62
C SER E 1483 43.34 -15.73 -32.30
N ILE E 1484 43.35 -17.02 -32.61
CA ILE E 1484 42.23 -17.61 -33.33
C ILE E 1484 40.94 -17.44 -32.57
N ASP E 1485 41.00 -17.46 -31.24
CA ASP E 1485 39.79 -17.21 -30.47
C ASP E 1485 39.44 -15.74 -30.47
N ALA E 1486 40.40 -14.87 -30.74
CA ALA E 1486 40.16 -13.44 -30.61
C ALA E 1486 39.20 -12.94 -31.68
N TYR E 1487 39.22 -13.54 -32.87
CA TYR E 1487 38.40 -13.03 -33.97
C TYR E 1487 37.93 -14.19 -34.83
N ASP E 1488 37.16 -13.86 -35.86
CA ASP E 1488 36.44 -14.85 -36.64
C ASP E 1488 36.50 -14.64 -38.16
N ASN E 1489 36.98 -13.50 -38.63
CA ASN E 1489 36.77 -13.12 -40.02
C ASN E 1489 37.69 -13.88 -40.97
N PHE E 1490 37.56 -15.20 -41.03
CA PHE E 1490 38.45 -16.01 -41.85
C PHE E 1490 37.95 -17.45 -41.85
N ASP E 1491 38.24 -18.15 -42.94
CA ASP E 1491 37.89 -19.56 -43.03
C ASP E 1491 38.91 -20.40 -42.27
N ASN E 1492 38.66 -21.70 -42.21
CA ASN E 1492 39.53 -22.62 -41.50
C ASN E 1492 39.80 -23.91 -42.25
N ILE E 1493 39.19 -24.13 -43.42
CA ILE E 1493 39.38 -25.37 -44.16
C ILE E 1493 40.87 -25.58 -44.44
N SER E 1494 41.50 -24.65 -45.16
CA SER E 1494 42.93 -24.75 -45.42
C SER E 1494 43.71 -24.83 -44.13
N LEU E 1495 43.24 -24.16 -43.08
CA LEU E 1495 43.89 -24.25 -41.79
C LEU E 1495 43.88 -25.69 -41.29
N ALA E 1496 42.72 -26.35 -41.40
CA ALA E 1496 42.65 -27.77 -41.05
C ALA E 1496 43.58 -28.59 -41.93
N GLN E 1497 43.73 -28.21 -43.19
CA GLN E 1497 44.64 -28.94 -44.07
C GLN E 1497 46.07 -28.81 -43.58
N ARG E 1498 46.46 -27.61 -43.17
CA ARG E 1498 47.77 -27.41 -42.57
C ARG E 1498 47.94 -28.30 -41.36
N LEU E 1499 46.96 -28.28 -40.46
CA LEU E 1499 47.14 -28.92 -39.17
C LEU E 1499 47.15 -30.44 -39.29
N GLU E 1500 46.29 -30.99 -40.15
CA GLU E 1500 46.10 -32.44 -40.22
C GLU E 1500 47.40 -33.19 -40.37
N LYS E 1501 48.43 -32.53 -40.89
CA LYS E 1501 49.77 -33.09 -40.95
C LYS E 1501 50.75 -32.28 -40.10
N HIS E 1502 50.27 -31.56 -39.10
CA HIS E 1502 51.12 -30.71 -38.29
C HIS E 1502 52.14 -31.51 -37.48
N GLU E 1503 52.01 -32.85 -37.50
CA GLU E 1503 52.92 -33.75 -36.81
C GLU E 1503 52.73 -33.60 -35.30
N LEU E 1504 51.88 -32.66 -34.90
CA LEU E 1504 51.64 -32.34 -33.50
C LEU E 1504 50.15 -32.41 -33.23
N ILE E 1505 49.72 -33.51 -32.63
CA ILE E 1505 48.33 -33.66 -32.22
C ILE E 1505 47.92 -32.50 -31.32
N GLU E 1506 48.84 -31.98 -30.52
CA GLU E 1506 48.58 -30.77 -29.75
C GLU E 1506 47.99 -29.69 -30.65
N PHE E 1507 48.60 -29.49 -31.80
CA PHE E 1507 48.07 -28.54 -32.77
C PHE E 1507 46.91 -29.15 -33.54
N ARG E 1508 47.02 -30.44 -33.85
CA ARG E 1508 45.90 -31.14 -34.46
C ARG E 1508 44.71 -31.21 -33.52
N ARG E 1509 44.95 -31.15 -32.20
CA ARG E 1509 43.86 -30.91 -31.27
C ARG E 1509 43.16 -29.60 -31.62
N ILE E 1510 43.92 -28.58 -31.99
CA ILE E 1510 43.31 -27.32 -32.35
C ILE E 1510 42.59 -27.43 -33.67
N ALA E 1511 43.09 -28.28 -34.56
CA ALA E 1511 42.36 -28.59 -35.79
C ALA E 1511 40.99 -29.14 -35.45
N ALA E 1512 40.96 -30.16 -34.58
CA ALA E 1512 39.69 -30.69 -34.14
C ALA E 1512 38.82 -29.61 -33.50
N TYR E 1513 39.45 -28.72 -32.74
CA TYR E 1513 38.72 -27.66 -32.08
C TYR E 1513 38.00 -26.79 -33.11
N LEU E 1514 38.74 -26.29 -34.08
CA LEU E 1514 38.12 -25.46 -35.11
C LEU E 1514 37.12 -26.23 -35.95
N PHE E 1515 37.26 -27.56 -36.05
CA PHE E 1515 36.24 -28.35 -36.71
C PHE E 1515 34.88 -28.18 -36.05
N LYS E 1516 34.82 -28.39 -34.73
CA LYS E 1516 33.58 -28.11 -34.03
C LYS E 1516 33.26 -26.63 -34.08
N GLY E 1517 34.30 -25.79 -34.13
CA GLY E 1517 34.07 -24.39 -34.46
C GLY E 1517 33.52 -24.22 -35.86
N ASN E 1518 34.02 -25.01 -36.79
CA ASN E 1518 33.44 -25.08 -38.12
C ASN E 1518 32.18 -25.90 -38.15
N ASN E 1519 31.81 -26.43 -36.98
CA ASN E 1519 30.61 -27.25 -36.84
C ASN E 1519 30.68 -28.51 -37.70
N ARG E 1520 31.90 -28.94 -37.98
CA ARG E 1520 32.11 -30.17 -38.72
C ARG E 1520 32.71 -31.15 -37.71
N TRP E 1521 31.82 -31.79 -36.96
CA TRP E 1521 32.21 -32.64 -35.84
C TRP E 1521 32.54 -34.02 -36.37
N LYS E 1522 32.62 -35.01 -35.48
CA LYS E 1522 32.41 -36.42 -35.82
C LYS E 1522 33.35 -36.94 -36.88
N GLN E 1523 34.25 -36.10 -37.37
CA GLN E 1523 35.39 -36.54 -38.16
C GLN E 1523 36.70 -36.13 -37.53
N SER E 1524 36.82 -34.85 -37.18
CA SER E 1524 37.93 -34.40 -36.37
C SER E 1524 38.10 -35.27 -35.14
N VAL E 1525 37.06 -35.35 -34.32
CA VAL E 1525 37.11 -36.24 -33.16
C VAL E 1525 37.24 -37.68 -33.62
N GLU E 1526 36.60 -38.02 -34.75
CA GLU E 1526 36.77 -39.36 -35.30
C GLU E 1526 38.23 -39.64 -35.61
N LEU E 1527 38.94 -38.67 -36.20
CA LEU E 1527 40.33 -38.90 -36.52
C LEU E 1527 41.17 -38.97 -35.24
N CYS E 1528 40.92 -38.05 -34.32
CA CYS E 1528 41.70 -38.06 -33.09
C CYS E 1528 41.43 -39.31 -32.26
N LYS E 1529 40.35 -40.03 -32.57
CA LYS E 1529 40.30 -41.42 -32.12
C LYS E 1529 41.59 -42.12 -32.45
N LYS E 1530 41.94 -42.18 -33.74
CA LYS E 1530 43.20 -42.79 -34.15
C LYS E 1530 44.39 -42.00 -33.65
N ASP E 1531 44.19 -40.74 -33.28
CA ASP E 1531 45.28 -39.91 -32.80
C ASP E 1531 45.33 -39.85 -31.28
N SER E 1532 44.24 -39.43 -30.63
CA SER E 1532 44.22 -39.26 -29.18
C SER E 1532 44.13 -40.62 -28.50
N LEU E 1533 45.23 -41.37 -28.62
CA LEU E 1533 45.40 -42.57 -27.82
C LEU E 1533 45.28 -42.28 -26.33
N TYR E 1534 45.52 -41.04 -25.91
CA TYR E 1534 45.27 -40.61 -24.55
C TYR E 1534 43.82 -40.16 -24.41
N LYS E 1535 42.92 -41.00 -24.91
CA LYS E 1535 41.49 -40.91 -24.62
C LYS E 1535 40.84 -39.64 -25.19
N ASP E 1536 41.65 -38.69 -25.65
CA ASP E 1536 41.14 -37.35 -25.79
C ASP E 1536 40.03 -37.26 -26.82
N ALA E 1537 39.96 -38.21 -27.74
CA ALA E 1537 38.76 -38.38 -28.54
C ALA E 1537 37.57 -38.64 -27.64
N MET E 1538 37.67 -39.69 -26.83
CA MET E 1538 36.56 -40.06 -25.96
C MET E 1538 36.11 -38.88 -25.11
N GLN E 1539 37.07 -38.19 -24.48
CA GLN E 1539 36.78 -36.90 -23.86
C GLN E 1539 36.00 -36.00 -24.81
N TYR E 1540 36.48 -35.87 -26.03
CA TYR E 1540 35.89 -34.89 -26.93
C TYR E 1540 34.66 -35.43 -27.63
N ALA E 1541 34.64 -36.72 -27.94
CA ALA E 1541 33.39 -37.32 -28.39
C ALA E 1541 32.30 -37.14 -27.35
N SER E 1542 32.67 -37.16 -26.07
CA SER E 1542 31.75 -36.91 -25.00
C SER E 1542 31.24 -35.48 -25.11
N GLU E 1543 32.15 -34.52 -24.98
CA GLU E 1543 31.72 -33.12 -24.99
C GLU E 1543 31.11 -32.72 -26.33
N SER E 1544 31.11 -33.60 -27.33
CA SER E 1544 30.51 -33.30 -28.61
C SER E 1544 29.06 -32.85 -28.45
N LYS E 1545 28.33 -33.49 -27.55
CA LYS E 1545 26.92 -33.17 -27.31
C LYS E 1545 26.13 -33.33 -28.60
N ASP E 1546 26.02 -34.57 -29.06
CA ASP E 1546 25.33 -34.90 -30.30
C ASP E 1546 24.80 -36.32 -30.23
N THR E 1547 23.72 -36.59 -30.97
CA THR E 1547 22.93 -37.80 -30.74
C THR E 1547 23.37 -38.95 -31.65
N GLU E 1548 22.74 -40.10 -31.41
CA GLU E 1548 22.67 -41.25 -32.32
C GLU E 1548 24.04 -41.72 -32.81
N LEU E 1549 25.13 -41.27 -32.19
CA LEU E 1549 26.44 -41.68 -32.62
C LEU E 1549 27.26 -42.33 -31.51
N ALA E 1550 27.22 -41.76 -30.30
CA ALA E 1550 27.96 -42.30 -29.17
C ALA E 1550 27.70 -43.80 -29.02
N GLU E 1551 26.56 -44.25 -29.54
CA GLU E 1551 26.25 -45.67 -29.63
C GLU E 1551 27.33 -46.38 -30.43
N GLU E 1552 27.42 -46.07 -31.71
CA GLU E 1552 28.43 -46.70 -32.55
C GLU E 1552 29.82 -46.26 -32.17
N LEU E 1553 29.98 -45.06 -31.60
CA LEU E 1553 31.30 -44.63 -31.17
C LEU E 1553 31.83 -45.54 -30.07
N LEU E 1554 31.06 -45.68 -28.99
CA LEU E 1554 31.42 -46.61 -27.95
C LEU E 1554 31.47 -48.04 -28.46
N GLN E 1555 30.70 -48.36 -29.50
CA GLN E 1555 30.80 -49.69 -30.09
C GLN E 1555 32.19 -49.92 -30.68
N TRP E 1556 32.62 -49.01 -31.55
CA TRP E 1556 34.00 -49.03 -32.00
C TRP E 1556 34.94 -49.13 -30.81
N PHE E 1557 34.69 -48.32 -29.79
CA PHE E 1557 35.52 -48.33 -28.60
C PHE E 1557 35.58 -49.73 -28.00
N LEU E 1558 34.52 -50.51 -28.21
CA LEU E 1558 34.54 -51.92 -27.83
C LEU E 1558 35.29 -52.78 -28.81
N GLN E 1559 35.41 -52.35 -30.06
CA GLN E 1559 36.21 -53.11 -31.01
C GLN E 1559 37.64 -53.27 -30.50
N GLU E 1560 38.16 -52.25 -29.82
CA GLU E 1560 39.39 -52.39 -29.07
C GLU E 1560 39.05 -52.59 -27.60
N GLU E 1561 40.04 -53.00 -26.82
CA GLU E 1561 39.86 -53.10 -25.39
C GLU E 1561 40.58 -51.95 -24.70
N LYS E 1562 39.91 -50.79 -24.67
CA LYS E 1562 40.23 -49.75 -23.72
C LYS E 1562 39.11 -49.54 -22.73
N ARG E 1563 38.29 -50.57 -22.53
CA ARG E 1563 37.14 -50.55 -21.64
C ARG E 1563 37.55 -50.23 -20.21
N GLU E 1564 38.85 -50.27 -19.91
CA GLU E 1564 39.39 -49.76 -18.66
C GLU E 1564 38.76 -48.42 -18.28
N CYS E 1565 38.49 -47.58 -19.27
CA CYS E 1565 37.91 -46.27 -19.05
C CYS E 1565 36.51 -46.16 -19.64
N PHE E 1566 35.87 -47.30 -19.95
CA PHE E 1566 34.53 -47.26 -20.48
C PHE E 1566 33.55 -46.64 -19.48
N GLY E 1567 33.93 -46.58 -18.21
CA GLY E 1567 33.09 -45.90 -17.24
C GLY E 1567 32.73 -44.50 -17.68
N ALA E 1568 33.72 -43.68 -18.01
CA ALA E 1568 33.43 -42.33 -18.49
C ALA E 1568 32.69 -42.39 -19.81
N CYS E 1569 33.10 -43.30 -20.70
CA CYS E 1569 32.46 -43.40 -22.01
C CYS E 1569 30.96 -43.54 -21.89
N LEU E 1570 30.50 -44.33 -20.92
CA LEU E 1570 29.06 -44.42 -20.70
C LEU E 1570 28.56 -43.23 -19.88
N PHE E 1571 29.38 -42.77 -18.91
CA PHE E 1571 29.05 -41.71 -17.97
C PHE E 1571 28.66 -40.41 -18.63
N THR E 1572 29.56 -39.84 -19.43
CA THR E 1572 29.30 -38.53 -20.01
C THR E 1572 28.00 -38.51 -20.79
N CYS E 1573 27.81 -39.45 -21.70
CA CYS E 1573 26.65 -39.47 -22.58
C CYS E 1573 25.49 -40.25 -21.99
N TYR E 1574 25.59 -40.65 -20.72
CA TYR E 1574 24.47 -41.36 -20.12
C TYR E 1574 23.20 -40.53 -20.18
N ASP E 1575 23.34 -39.21 -20.16
CA ASP E 1575 22.19 -38.31 -20.11
C ASP E 1575 21.13 -38.70 -21.13
N LEU E 1576 21.55 -39.12 -22.32
CA LEU E 1576 20.64 -39.28 -23.44
C LEU E 1576 20.82 -40.61 -24.15
N LEU E 1577 20.87 -41.71 -23.40
CA LEU E 1577 21.03 -43.02 -23.99
C LEU E 1577 19.75 -43.84 -23.88
N ARG E 1578 19.80 -45.03 -24.46
CA ARG E 1578 18.77 -46.05 -24.33
C ARG E 1578 19.42 -47.31 -23.78
N PRO E 1579 19.11 -47.68 -22.54
CA PRO E 1579 19.83 -48.80 -21.91
C PRO E 1579 19.54 -50.15 -22.54
N ASP E 1580 18.59 -50.21 -23.48
CA ASP E 1580 18.25 -51.49 -24.09
C ASP E 1580 19.47 -52.11 -24.76
N VAL E 1581 19.98 -51.44 -25.80
CA VAL E 1581 21.15 -51.95 -26.50
C VAL E 1581 22.36 -51.93 -25.58
N VAL E 1582 22.37 -51.03 -24.59
CA VAL E 1582 23.42 -51.04 -23.59
C VAL E 1582 23.53 -52.43 -22.97
N LEU E 1583 22.44 -52.89 -22.37
CA LEU E 1583 22.42 -54.21 -21.78
C LEU E 1583 22.65 -55.29 -22.82
N GLU E 1584 22.02 -55.14 -23.99
CA GLU E 1584 22.19 -56.13 -25.04
C GLU E 1584 23.66 -56.41 -25.26
N THR E 1585 24.42 -55.37 -25.58
CA THR E 1585 25.82 -55.54 -25.87
C THR E 1585 26.62 -55.95 -24.63
N ALA E 1586 26.34 -55.31 -23.50
CA ALA E 1586 27.11 -55.60 -22.29
C ALA E 1586 27.03 -57.06 -21.93
N TRP E 1587 25.82 -57.60 -21.87
CA TRP E 1587 25.63 -59.03 -21.69
C TRP E 1587 26.22 -59.81 -22.86
N ARG E 1588 25.97 -59.37 -24.09
CA ARG E 1588 26.62 -59.93 -25.26
C ARG E 1588 28.12 -60.01 -25.04
N HIS E 1589 28.70 -58.92 -24.59
CA HIS E 1589 30.11 -58.89 -24.22
C HIS E 1589 30.33 -59.35 -22.80
N ASN E 1590 29.27 -59.74 -22.10
CA ASN E 1590 29.34 -60.28 -20.74
C ASN E 1590 29.87 -59.23 -19.76
N ILE E 1591 29.50 -57.97 -19.94
CA ILE E 1591 30.08 -56.87 -19.19
C ILE E 1591 29.03 -56.30 -18.25
N MET E 1592 28.95 -56.85 -17.06
CA MET E 1592 28.37 -56.17 -15.92
C MET E 1592 29.45 -55.62 -15.01
N ASP E 1593 30.57 -56.35 -14.90
CA ASP E 1593 31.77 -55.87 -14.25
C ASP E 1593 32.13 -54.49 -14.77
N PHE E 1594 32.56 -53.62 -13.83
CA PHE E 1594 32.86 -52.21 -14.09
C PHE E 1594 31.79 -51.55 -14.94
N ALA E 1595 30.58 -52.10 -14.89
CA ALA E 1595 29.38 -51.56 -15.51
C ALA E 1595 28.21 -51.56 -14.55
N MET E 1596 28.25 -52.42 -13.53
CA MET E 1596 27.27 -52.46 -12.47
C MET E 1596 26.94 -51.06 -11.96
N PRO E 1597 27.91 -50.25 -11.51
CA PRO E 1597 27.55 -48.91 -11.01
C PRO E 1597 26.66 -48.13 -11.95
N TYR E 1598 26.87 -48.30 -13.25
CA TYR E 1598 25.99 -47.66 -14.22
C TYR E 1598 24.55 -48.10 -14.02
N PHE E 1599 24.33 -49.41 -13.91
CA PHE E 1599 22.98 -49.91 -13.75
C PHE E 1599 22.39 -49.48 -12.42
N ILE E 1600 23.21 -49.47 -11.37
CA ILE E 1600 22.75 -49.01 -10.07
C ILE E 1600 22.25 -47.58 -10.17
N GLN E 1601 23.02 -46.74 -10.86
CA GLN E 1601 22.57 -45.38 -11.10
C GLN E 1601 21.30 -45.36 -11.95
N VAL E 1602 21.23 -46.25 -12.94
CA VAL E 1602 20.07 -46.34 -13.80
C VAL E 1602 18.81 -46.56 -12.99
N MET E 1603 18.90 -47.46 -12.02
CA MET E 1603 17.78 -47.74 -11.15
C MET E 1603 17.53 -46.63 -10.14
N LYS E 1604 18.58 -45.94 -9.67
CA LYS E 1604 18.35 -44.69 -8.96
C LYS E 1604 17.42 -43.81 -9.77
N GLU E 1605 17.77 -43.60 -11.03
CA GLU E 1605 17.07 -42.65 -11.88
C GLU E 1605 15.64 -43.08 -12.13
N TYR E 1606 15.45 -44.26 -12.71
CA TYR E 1606 14.10 -44.71 -13.03
C TYR E 1606 13.23 -44.84 -11.80
N LEU E 1607 13.81 -45.24 -10.67
CA LEU E 1607 13.00 -45.39 -9.48
C LEU E 1607 12.60 -44.02 -8.94
N THR E 1608 13.50 -43.04 -9.03
CA THR E 1608 13.11 -41.68 -8.72
C THR E 1608 11.98 -41.23 -9.65
N LYS E 1609 12.10 -41.57 -10.94
CA LYS E 1609 11.05 -41.23 -11.89
C LYS E 1609 9.71 -41.76 -11.42
N VAL E 1610 9.67 -43.06 -11.12
CA VAL E 1610 8.39 -43.67 -10.81
C VAL E 1610 7.82 -43.11 -9.53
N ASP E 1611 8.66 -42.88 -8.52
CA ASP E 1611 8.09 -42.39 -7.27
C ASP E 1611 7.57 -40.97 -7.41
N LYS E 1612 8.31 -40.09 -8.10
CA LYS E 1612 7.81 -38.73 -8.24
C LYS E 1612 6.53 -38.70 -9.05
N LEU E 1613 6.46 -39.51 -10.11
CA LEU E 1613 5.22 -39.53 -10.87
C LEU E 1613 4.10 -40.13 -10.06
N ASP E 1614 4.41 -41.08 -9.18
CA ASP E 1614 3.41 -41.58 -8.25
C ASP E 1614 2.84 -40.46 -7.42
N ALA E 1615 3.73 -39.64 -6.85
CA ALA E 1615 3.29 -38.48 -6.08
C ALA E 1615 2.36 -37.62 -6.92
N SER E 1616 2.79 -37.28 -8.13
CA SER E 1616 2.01 -36.38 -8.97
C SER E 1616 0.63 -36.96 -9.26
N GLU E 1617 0.57 -38.21 -9.71
CA GLU E 1617 -0.71 -38.79 -10.07
C GLU E 1617 -1.60 -38.92 -8.85
N SER E 1618 -1.03 -39.27 -7.70
CA SER E 1618 -1.82 -39.34 -6.47
C SER E 1618 -2.44 -38.00 -6.16
N LEU E 1619 -1.69 -36.92 -6.37
CA LEU E 1619 -2.26 -35.59 -6.19
C LEU E 1619 -3.40 -35.36 -7.18
N ARG E 1620 -3.24 -35.81 -8.41
CA ARG E 1620 -4.33 -35.67 -9.37
C ARG E 1620 -5.57 -36.40 -8.88
N LYS E 1621 -5.38 -37.60 -8.34
CA LYS E 1621 -6.49 -38.40 -7.85
C LYS E 1621 -7.18 -37.71 -6.69
N GLU E 1622 -6.41 -37.10 -5.80
CA GLU E 1622 -7.05 -36.46 -4.65
C GLU E 1622 -7.75 -35.18 -5.06
N GLU E 1623 -7.26 -34.51 -6.11
CA GLU E 1623 -7.88 -33.24 -6.47
C GLU E 1623 -9.11 -33.44 -7.35
N GLU E 1624 -9.20 -34.54 -8.09
CA GLU E 1624 -10.27 -34.67 -9.06
C GLU E 1624 -11.65 -34.86 -8.44
N GLN E 1625 -11.79 -34.66 -7.13
CA GLN E 1625 -13.08 -34.89 -6.47
C GLN E 1625 -14.17 -33.99 -7.03
N ALA E 1626 -13.89 -32.69 -7.12
CA ALA E 1626 -14.89 -31.70 -7.54
C ALA E 1626 -16.16 -31.77 -6.70
N PRO F 809 52.80 86.80 -50.87
CA PRO F 809 52.09 85.59 -50.44
C PRO F 809 50.58 85.79 -50.31
N SER F 810 50.14 87.00 -49.97
CA SER F 810 48.71 87.24 -49.84
C SER F 810 48.01 87.27 -51.19
N ARG F 811 48.75 87.05 -52.28
CA ARG F 811 48.21 86.90 -53.62
C ARG F 811 47.69 85.50 -53.86
N LEU F 812 47.27 84.86 -52.77
CA LEU F 812 47.39 83.43 -52.50
C LEU F 812 47.17 82.44 -53.64
N PRO F 813 46.19 82.61 -54.53
CA PRO F 813 46.03 81.59 -55.59
C PRO F 813 47.32 81.30 -56.35
N VAL F 814 47.88 82.35 -56.94
CA VAL F 814 49.11 82.18 -57.69
C VAL F 814 50.26 81.77 -56.77
N VAL F 815 50.24 82.21 -55.50
CA VAL F 815 51.41 81.91 -54.67
C VAL F 815 51.38 80.46 -54.20
N ILE F 816 50.20 79.85 -54.08
CA ILE F 816 50.17 78.43 -53.74
C ILE F 816 50.50 77.60 -54.96
N GLY F 817 50.06 78.03 -56.15
CA GLY F 817 50.59 77.42 -57.37
C GLY F 817 52.11 77.43 -57.37
N GLY F 818 52.70 78.59 -57.09
CA GLY F 818 54.15 78.69 -57.05
C GLY F 818 54.78 77.88 -55.93
N LEU F 819 54.07 77.71 -54.82
CA LEU F 819 54.55 76.84 -53.75
C LEU F 819 54.69 75.42 -54.25
N LEU F 820 53.66 74.93 -54.93
CA LEU F 820 53.79 73.68 -55.64
C LEU F 820 54.96 73.72 -56.61
N ASP F 821 55.24 74.89 -57.18
CA ASP F 821 56.24 74.99 -58.24
C ASP F 821 57.67 75.07 -57.70
N VAL F 822 57.83 75.39 -56.42
CA VAL F 822 59.06 76.06 -56.01
C VAL F 822 60.20 75.15 -55.56
N ASP F 823 59.93 74.17 -54.70
CA ASP F 823 61.00 73.44 -54.00
C ASP F 823 61.87 74.44 -53.22
N CYS F 824 61.18 75.15 -52.34
CA CYS F 824 61.76 76.26 -51.59
C CYS F 824 62.51 75.74 -50.37
N SER F 825 62.85 76.65 -49.46
CA SER F 825 63.47 76.29 -48.19
C SER F 825 62.46 75.50 -47.35
N GLU F 826 62.89 75.09 -46.15
CA GLU F 826 62.21 74.03 -45.41
C GLU F 826 61.16 74.55 -44.43
N ASP F 827 61.57 75.35 -43.45
CA ASP F 827 60.64 75.80 -42.42
C ASP F 827 59.50 76.61 -43.00
N VAL F 828 59.72 77.24 -44.14
CA VAL F 828 58.81 78.25 -44.67
C VAL F 828 57.39 77.70 -44.80
N ILE F 829 57.24 76.44 -45.20
CA ILE F 829 55.90 75.88 -45.29
C ILE F 829 55.24 75.86 -43.93
N LYS F 830 55.82 75.11 -42.98
CA LYS F 830 55.32 75.08 -41.61
C LYS F 830 54.96 76.47 -41.13
N ASN F 831 55.74 77.46 -41.55
CA ASN F 831 55.42 78.84 -41.19
C ASN F 831 54.14 79.30 -41.84
N LEU F 832 53.97 79.01 -43.13
CA LEU F 832 52.92 79.65 -43.91
C LEU F 832 51.57 78.96 -43.81
N ILE F 833 51.57 77.65 -43.53
CA ILE F 833 50.39 76.82 -43.76
C ILE F 833 49.14 77.47 -43.17
N LEU F 834 49.30 78.27 -42.13
CA LEU F 834 48.19 78.92 -41.47
C LEU F 834 47.58 80.05 -42.29
N VAL F 835 48.15 80.35 -43.46
CA VAL F 835 47.75 81.53 -44.21
C VAL F 835 46.32 81.37 -44.75
N VAL F 836 45.76 82.50 -45.19
CA VAL F 836 44.46 82.50 -45.86
C VAL F 836 44.55 81.68 -47.13
N ARG F 837 43.40 81.24 -47.63
CA ARG F 837 43.35 80.39 -48.82
C ARG F 837 43.38 81.22 -50.11
N GLY F 838 43.66 80.52 -51.21
CA GLY F 838 43.62 81.07 -52.55
C GLY F 838 42.98 80.05 -53.48
N GLN F 839 43.63 79.72 -54.59
CA GLN F 839 43.20 78.52 -55.32
C GLN F 839 43.70 77.33 -54.50
N PHE F 840 42.76 76.62 -53.89
CA PHE F 840 43.12 75.73 -52.80
C PHE F 840 42.54 74.35 -53.06
N SER F 841 43.42 73.34 -53.08
CA SER F 841 43.04 71.94 -53.03
C SER F 841 44.01 71.22 -52.11
N THR F 842 43.91 69.89 -52.09
CA THR F 842 44.87 69.07 -51.37
C THR F 842 45.43 67.94 -52.24
N ASP F 843 44.60 67.36 -53.08
CA ASP F 843 44.95 66.18 -53.84
C ASP F 843 45.93 66.46 -54.93
N GLU F 844 46.37 67.71 -54.94
CA GLU F 844 47.43 68.22 -55.79
C GLU F 844 48.75 68.39 -55.05
N LEU F 845 48.73 69.05 -53.90
CA LEU F 845 49.95 69.16 -53.10
C LEU F 845 50.43 67.81 -52.63
N VAL F 846 49.52 66.84 -52.49
CA VAL F 846 49.96 65.48 -52.26
C VAL F 846 50.83 65.02 -53.43
N ALA F 847 50.42 65.33 -54.65
CA ALA F 847 51.26 64.99 -55.80
C ALA F 847 52.60 65.69 -55.71
N GLU F 848 52.59 66.93 -55.23
CA GLU F 848 53.83 67.67 -55.05
C GLU F 848 54.78 66.90 -54.15
N VAL F 849 54.34 66.58 -52.93
CA VAL F 849 55.23 65.92 -51.98
C VAL F 849 55.60 64.53 -52.48
N GLU F 850 54.73 63.90 -53.27
CA GLU F 850 55.11 62.63 -53.87
C GLU F 850 56.28 62.82 -54.83
N LYS F 851 56.27 63.93 -55.57
CA LYS F 851 57.49 64.28 -56.28
C LYS F 851 58.62 64.60 -55.32
N ARG F 852 58.28 65.02 -54.10
CA ARG F 852 59.31 65.40 -53.14
C ARG F 852 59.74 64.24 -52.26
N ASN F 853 58.85 63.27 -52.04
CA ASN F 853 59.11 62.16 -51.12
C ASN F 853 59.45 62.69 -49.74
N ARG F 854 58.73 63.73 -49.32
CA ARG F 854 59.06 64.45 -48.10
C ARG F 854 57.82 64.59 -47.22
N LEU F 855 57.13 63.48 -47.02
CA LEU F 855 55.88 63.44 -46.26
C LEU F 855 55.85 64.36 -45.05
N LYS F 856 57.00 64.58 -44.40
CA LYS F 856 57.07 65.22 -43.09
C LYS F 856 56.24 66.49 -43.00
N LEU F 857 56.05 67.18 -44.12
CA LEU F 857 55.58 68.57 -44.12
C LEU F 857 54.34 68.80 -43.27
N LEU F 858 53.22 68.18 -43.65
CA LEU F 858 51.96 68.55 -43.05
C LEU F 858 51.54 67.63 -41.91
N LEU F 859 52.34 66.63 -41.59
CA LEU F 859 51.99 65.60 -40.61
C LEU F 859 51.31 66.17 -39.38
N PRO F 860 51.89 67.17 -38.71
CA PRO F 860 51.17 67.77 -37.58
C PRO F 860 49.96 68.56 -38.07
N TRP F 861 50.15 69.29 -39.17
CA TRP F 861 49.04 70.01 -39.75
C TRP F 861 47.95 69.06 -40.22
N LEU F 862 48.35 67.92 -40.78
CA LEU F 862 47.37 66.90 -41.14
C LEU F 862 46.63 66.42 -39.91
N GLU F 863 47.36 66.16 -38.82
CA GLU F 863 46.72 65.82 -37.56
C GLU F 863 45.65 66.84 -37.20
N ALA F 864 46.05 68.12 -37.19
CA ALA F 864 45.11 69.18 -36.89
C ALA F 864 43.87 69.06 -37.76
N ARG F 865 44.08 69.11 -39.07
CA ARG F 865 42.98 69.14 -40.02
C ARG F 865 42.04 67.95 -39.80
N ILE F 866 42.60 66.76 -39.62
CA ILE F 866 41.76 65.57 -39.54
C ILE F 866 41.03 65.50 -38.21
N HIS F 867 41.71 65.77 -37.11
CA HIS F 867 41.04 65.72 -35.82
C HIS F 867 40.01 66.84 -35.70
N GLU F 868 40.08 67.83 -36.59
CA GLU F 868 38.94 68.72 -36.75
C GLU F 868 37.74 67.99 -37.34
N GLY F 869 37.98 66.89 -38.05
CA GLY F 869 36.87 66.12 -38.60
C GLY F 869 36.59 66.38 -40.06
N CYS F 870 37.64 66.38 -40.90
CA CYS F 870 37.46 66.47 -42.34
C CYS F 870 37.51 65.06 -42.93
N GLU F 871 36.40 64.63 -43.51
CA GLU F 871 36.33 63.28 -44.07
C GLU F 871 36.71 63.27 -45.54
N GLU F 872 37.85 63.87 -45.86
CA GLU F 872 38.38 63.84 -47.21
C GLU F 872 39.24 62.60 -47.36
N PRO F 873 38.79 61.59 -48.09
CA PRO F 873 39.57 60.34 -48.19
C PRO F 873 41.03 60.57 -48.50
N ALA F 874 41.34 61.47 -49.43
CA ALA F 874 42.74 61.74 -49.75
C ALA F 874 43.55 62.10 -48.51
N THR F 875 42.96 62.86 -47.60
CA THR F 875 43.59 63.08 -46.30
C THR F 875 43.81 61.78 -45.55
N HIS F 876 42.73 61.05 -45.28
CA HIS F 876 42.87 59.69 -44.77
C HIS F 876 43.85 58.91 -45.63
N ASN F 877 43.78 59.09 -46.94
CA ASN F 877 44.74 58.43 -47.83
C ASN F 877 46.14 58.94 -47.60
N ALA F 878 46.29 60.26 -47.41
CA ALA F 878 47.61 60.80 -47.09
C ALA F 878 48.12 60.23 -45.78
N LEU F 879 47.24 60.19 -44.78
CA LEU F 879 47.55 59.49 -43.53
C LEU F 879 48.09 58.10 -43.82
N ALA F 880 47.32 57.30 -44.55
CA ALA F 880 47.73 55.94 -44.83
C ALA F 880 49.08 55.90 -45.52
N LYS F 881 49.32 56.83 -46.43
CA LYS F 881 50.57 56.83 -47.16
C LYS F 881 51.74 57.07 -46.23
N ILE F 882 51.66 58.12 -45.42
CA ILE F 882 52.75 58.36 -44.47
C ILE F 882 52.89 57.19 -43.52
N TYR F 883 51.80 56.49 -43.25
CA TYR F 883 51.89 55.35 -42.34
C TYR F 883 52.66 54.21 -43.00
N ILE F 884 52.26 53.84 -44.20
CA ILE F 884 53.07 52.95 -45.03
C ILE F 884 54.53 53.34 -44.91
N ASP F 885 54.80 54.63 -45.06
CA ASP F 885 56.17 55.11 -44.96
C ASP F 885 56.76 54.82 -43.59
N SER F 886 55.93 54.77 -42.55
CA SER F 886 56.44 54.71 -41.18
C SER F 886 56.77 53.31 -40.70
N ASN F 887 56.88 52.32 -41.59
CA ASN F 887 57.36 50.99 -41.21
C ASN F 887 56.53 50.38 -40.09
N ASN F 888 55.28 50.07 -40.38
CA ASN F 888 54.28 49.84 -39.35
C ASN F 888 53.21 48.85 -39.84
N ASN F 889 52.11 48.79 -39.10
CA ASN F 889 50.88 48.12 -39.55
C ASN F 889 49.69 48.74 -38.84
N PRO F 890 48.97 49.63 -39.51
CA PRO F 890 47.83 50.29 -38.87
C PRO F 890 46.55 49.51 -39.02
N GLU F 891 46.63 48.20 -38.81
CA GLU F 891 45.51 47.31 -39.08
C GLU F 891 44.21 47.86 -38.52
N ARG F 892 44.24 48.36 -37.28
CA ARG F 892 43.05 48.91 -36.68
C ARG F 892 42.80 50.32 -37.22
N PHE F 893 43.86 51.06 -37.47
CA PHE F 893 43.72 52.43 -37.93
C PHE F 893 43.04 52.47 -39.28
N LEU F 894 43.60 51.76 -40.25
CA LEU F 894 42.90 51.56 -41.51
C LEU F 894 41.55 50.90 -41.26
N ARG F 895 41.48 50.03 -40.26
CA ARG F 895 40.24 49.32 -39.98
C ARG F 895 39.15 50.27 -39.50
N GLU F 896 39.46 51.09 -38.49
CA GLU F 896 38.49 52.00 -37.90
C GLU F 896 38.07 53.11 -38.85
N ASN F 897 38.62 53.14 -40.07
CA ASN F 897 38.51 54.29 -40.96
C ASN F 897 37.75 53.91 -42.22
N PRO F 898 36.43 53.89 -42.16
CA PRO F 898 35.64 53.80 -43.39
C PRO F 898 35.45 55.18 -43.98
N TYR F 899 36.53 55.93 -44.13
CA TYR F 899 36.47 57.28 -44.65
C TYR F 899 37.48 57.55 -45.75
N TYR F 900 38.49 56.70 -45.89
CA TYR F 900 39.33 56.70 -47.08
C TYR F 900 38.69 55.79 -48.11
N ASP F 901 39.35 55.61 -49.24
CA ASP F 901 38.95 54.61 -50.22
C ASP F 901 39.85 53.40 -50.07
N SER F 902 39.26 52.29 -49.64
CA SER F 902 40.02 51.06 -49.48
C SER F 902 40.70 50.66 -50.78
N ARG F 903 40.06 50.98 -51.91
CA ARG F 903 40.62 50.58 -53.20
C ARG F 903 41.98 51.21 -53.44
N VAL F 904 42.09 52.52 -53.28
CA VAL F 904 43.37 53.17 -53.56
C VAL F 904 44.41 52.79 -52.52
N VAL F 905 44.02 52.74 -51.25
CA VAL F 905 44.98 52.44 -50.20
C VAL F 905 45.51 51.03 -50.38
N GLY F 906 44.70 50.14 -50.94
CA GLY F 906 45.21 48.83 -51.30
C GLY F 906 46.13 48.88 -52.49
N LYS F 907 45.64 49.47 -53.59
CA LYS F 907 46.39 49.43 -54.85
C LYS F 907 47.70 50.20 -54.78
N TYR F 908 47.92 51.00 -53.74
CA TYR F 908 49.20 51.70 -53.64
C TYR F 908 50.32 50.72 -53.32
N CYS F 909 50.11 49.87 -52.32
CA CYS F 909 51.17 49.08 -51.73
C CYS F 909 51.39 47.76 -52.43
N GLU F 910 51.06 47.66 -53.72
CA GLU F 910 51.17 46.41 -54.45
C GLU F 910 52.52 45.74 -54.21
N LYS F 911 53.59 46.42 -54.58
CA LYS F 911 54.91 45.86 -54.32
C LYS F 911 55.26 45.94 -52.84
N ARG F 912 54.60 46.81 -52.09
CA ARG F 912 55.00 47.03 -50.70
C ARG F 912 54.57 45.87 -49.81
N ASP F 913 53.28 45.66 -49.65
CA ASP F 913 52.85 44.62 -48.73
C ASP F 913 51.57 43.95 -49.19
N PRO F 914 51.59 42.63 -49.35
CA PRO F 914 50.34 41.90 -49.55
C PRO F 914 49.39 42.01 -48.38
N HIS F 915 49.88 42.03 -47.15
CA HIS F 915 49.01 41.93 -45.99
C HIS F 915 48.12 43.15 -45.89
N LEU F 916 48.71 44.32 -46.04
CA LEU F 916 47.93 45.55 -45.88
C LEU F 916 46.88 45.66 -46.97
N ALA F 917 47.27 45.49 -48.23
CA ALA F 917 46.30 45.58 -49.31
C ALA F 917 45.23 44.51 -49.17
N CYS F 918 45.60 43.34 -48.63
CA CYS F 918 44.64 42.26 -48.55
C CYS F 918 43.60 42.55 -47.48
N VAL F 919 44.04 43.01 -46.31
CA VAL F 919 43.07 43.33 -45.28
C VAL F 919 42.27 44.56 -45.69
N ALA F 920 42.85 45.43 -46.51
CA ALA F 920 42.09 46.54 -47.06
C ALA F 920 40.97 46.04 -47.94
N TYR F 921 41.29 45.15 -48.88
CA TYR F 921 40.24 44.53 -49.68
C TYR F 921 39.23 43.83 -48.81
N GLU F 922 39.69 43.23 -47.72
CA GLU F 922 38.77 42.65 -46.74
C GLU F 922 37.75 43.69 -46.31
N ARG F 923 38.22 44.80 -45.75
CA ARG F 923 37.29 45.85 -45.37
C ARG F 923 36.71 46.54 -46.60
N GLY F 924 37.40 46.44 -47.73
CA GLY F 924 36.93 47.06 -48.95
C GLY F 924 36.07 46.17 -49.81
N GLN F 925 35.96 44.89 -49.44
CA GLN F 925 35.18 43.91 -50.20
C GLN F 925 35.63 43.86 -51.66
N CYS F 926 36.92 44.07 -51.87
CA CYS F 926 37.50 44.13 -53.21
C CYS F 926 37.71 42.74 -53.79
N ASP F 927 36.61 42.02 -54.01
CA ASP F 927 36.67 40.60 -54.36
C ASP F 927 37.49 40.37 -55.62
N LEU F 928 37.17 41.06 -56.71
CA LEU F 928 37.96 40.97 -57.92
C LEU F 928 39.41 41.32 -57.63
N GLU F 929 39.61 42.33 -56.78
CA GLU F 929 40.96 42.75 -56.46
C GLU F 929 41.66 41.75 -55.56
N LEU F 930 40.95 41.21 -54.57
CA LEU F 930 41.49 40.06 -53.84
C LEU F 930 42.00 39.01 -54.79
N ILE F 931 41.20 38.66 -55.80
CA ILE F 931 41.63 37.72 -56.81
C ILE F 931 42.91 38.19 -57.47
N ASN F 932 42.84 39.36 -58.11
CA ASN F 932 43.92 39.86 -58.93
C ASN F 932 45.15 40.26 -58.13
N VAL F 933 45.15 40.04 -56.81
CA VAL F 933 46.35 40.18 -56.01
C VAL F 933 46.81 38.86 -55.43
N CYS F 934 45.88 37.96 -55.11
CA CYS F 934 46.24 36.80 -54.30
C CYS F 934 47.11 35.84 -55.07
N ASN F 935 46.54 35.26 -56.14
CA ASN F 935 47.26 34.31 -56.97
C ASN F 935 48.63 34.86 -57.35
N GLU F 936 48.71 36.17 -57.57
CA GLU F 936 49.97 36.82 -57.87
C GLU F 936 51.05 36.37 -56.90
N ASN F 937 50.82 36.58 -55.60
CA ASN F 937 51.69 35.98 -54.59
C ASN F 937 50.98 36.10 -53.25
N SER F 938 50.66 34.97 -52.63
CA SER F 938 50.11 34.98 -51.28
C SER F 938 49.92 33.57 -50.76
N LEU F 939 49.73 33.45 -49.45
CA LEU F 939 49.21 32.24 -48.83
C LEU F 939 47.69 32.40 -48.76
N PHE F 940 47.00 31.69 -49.66
CA PHE F 940 45.63 32.00 -49.99
C PHE F 940 44.66 31.53 -48.91
N LYS F 941 45.21 31.03 -47.80
CA LYS F 941 44.40 30.70 -46.64
C LYS F 941 43.51 31.88 -46.24
N SER F 942 44.09 33.07 -46.24
CA SER F 942 43.33 34.28 -45.99
C SER F 942 42.22 34.45 -47.01
N LEU F 943 42.48 34.11 -48.27
CA LEU F 943 41.46 34.23 -49.30
C LEU F 943 40.28 33.34 -48.96
N SER F 944 40.58 32.08 -48.65
CA SER F 944 39.56 31.17 -48.13
C SER F 944 38.78 31.81 -47.00
N ARG F 945 39.50 32.35 -46.02
CA ARG F 945 38.86 33.00 -44.89
C ARG F 945 37.85 34.03 -45.38
N TYR F 946 38.23 34.82 -46.37
CA TYR F 946 37.26 35.70 -47.00
C TYR F 946 36.09 34.91 -47.54
N LEU F 947 36.36 33.80 -48.22
CA LEU F 947 35.30 32.96 -48.74
C LEU F 947 34.48 32.37 -47.60
N VAL F 948 35.15 31.77 -46.62
CA VAL F 948 34.46 31.08 -45.54
C VAL F 948 33.69 32.09 -44.70
N ARG F 949 33.92 33.37 -44.95
CA ARG F 949 33.08 34.41 -44.39
C ARG F 949 32.07 34.93 -45.39
N ARG F 950 32.54 35.36 -46.56
CA ARG F 950 31.65 35.84 -47.62
C ARG F 950 31.13 34.64 -48.41
N LYS F 951 29.93 34.22 -48.03
CA LYS F 951 29.29 33.06 -48.62
C LYS F 951 28.75 33.37 -50.01
N ASP F 952 29.59 33.14 -51.03
CA ASP F 952 29.26 33.51 -52.40
C ASP F 952 29.74 32.40 -53.32
N PRO F 953 28.91 31.38 -53.54
CA PRO F 953 29.32 30.28 -54.43
C PRO F 953 29.70 30.75 -55.82
N GLU F 954 29.03 31.79 -56.32
CA GLU F 954 29.45 32.38 -57.58
C GLU F 954 30.88 32.87 -57.50
N LEU F 955 31.30 33.36 -56.34
CA LEU F 955 32.69 33.75 -56.18
C LEU F 955 33.60 32.54 -56.26
N TRP F 956 33.13 31.39 -55.84
CA TRP F 956 33.91 30.17 -56.04
C TRP F 956 34.01 29.88 -57.52
N GLY F 957 32.87 29.78 -58.20
CA GLY F 957 32.89 29.55 -59.63
C GLY F 957 33.83 30.50 -60.36
N SER F 958 33.93 31.73 -59.89
CA SER F 958 34.98 32.62 -60.35
C SER F 958 36.35 32.05 -60.03
N VAL F 959 36.59 31.74 -58.76
CA VAL F 959 37.83 31.06 -58.38
C VAL F 959 37.93 29.74 -59.10
N LEU F 960 36.83 29.00 -59.18
CA LEU F 960 36.84 27.65 -59.69
C LEU F 960 36.27 27.61 -61.11
N LEU F 961 37.18 27.77 -62.07
CA LEU F 961 36.83 27.63 -63.48
C LEU F 961 37.90 26.93 -64.30
N GLU F 962 38.91 26.34 -63.68
CA GLU F 962 39.78 25.32 -64.28
C GLU F 962 40.75 25.85 -65.32
N SER F 963 40.63 27.10 -65.75
CA SER F 963 41.61 27.61 -66.68
C SER F 963 42.81 28.21 -65.95
N ASN F 964 42.64 28.49 -64.66
CA ASN F 964 43.76 28.96 -63.86
C ASN F 964 44.66 27.79 -63.51
N PRO F 965 45.92 27.80 -63.93
CA PRO F 965 46.84 26.75 -63.46
C PRO F 965 47.02 26.79 -61.96
N TYR F 966 46.98 27.98 -61.38
CA TYR F 966 47.10 28.14 -59.95
C TYR F 966 45.87 27.67 -59.20
N ARG F 967 44.84 27.21 -59.91
CA ARG F 967 43.69 26.64 -59.21
C ARG F 967 44.11 25.45 -58.37
N ARG F 968 45.16 24.75 -58.79
CA ARG F 968 45.62 23.61 -58.01
C ARG F 968 46.23 24.03 -56.67
N PRO F 969 47.24 24.90 -56.62
CA PRO F 969 47.77 25.28 -55.30
C PRO F 969 46.72 25.81 -54.34
N LEU F 970 45.76 26.60 -54.83
CA LEU F 970 44.76 27.13 -53.93
C LEU F 970 43.87 26.05 -53.37
N ILE F 971 43.44 25.10 -54.20
CA ILE F 971 42.65 24.01 -53.65
C ILE F 971 43.50 23.18 -52.71
N ASP F 972 44.78 23.03 -53.01
CA ASP F 972 45.65 22.33 -52.08
C ASP F 972 45.75 23.06 -50.76
N GLN F 973 45.52 24.37 -50.76
CA GLN F 973 45.47 25.09 -49.50
C GLN F 973 44.11 24.94 -48.84
N VAL F 974 43.06 24.80 -49.63
CA VAL F 974 41.73 24.73 -49.03
C VAL F 974 41.50 23.37 -48.40
N VAL F 975 42.14 22.33 -48.93
CA VAL F 975 41.86 20.99 -48.45
C VAL F 975 42.27 20.79 -47.01
N GLN F 976 42.91 21.79 -46.41
CA GLN F 976 43.21 21.77 -44.99
C GLN F 976 42.78 23.04 -44.30
N THR F 977 42.88 24.19 -44.97
CA THR F 977 42.55 25.45 -44.32
C THR F 977 41.06 25.59 -44.05
N ALA F 978 40.22 25.22 -45.02
CA ALA F 978 38.78 25.43 -44.88
C ALA F 978 38.23 24.76 -43.63
N LEU F 979 38.91 23.72 -43.16
CA LEU F 979 38.41 22.94 -42.05
C LEU F 979 38.73 23.56 -40.70
N SER F 980 39.58 24.58 -40.68
CA SER F 980 40.14 25.07 -39.42
C SER F 980 39.04 25.59 -38.49
N GLU F 981 38.19 26.48 -39.00
CA GLU F 981 37.17 27.09 -38.15
C GLU F 981 36.22 26.05 -37.58
N THR F 982 35.42 25.43 -38.45
CA THR F 982 34.51 24.36 -38.08
C THR F 982 33.53 24.82 -36.99
N GLN F 983 32.69 25.78 -37.37
CA GLN F 983 31.60 26.21 -36.51
C GLN F 983 30.24 25.73 -36.96
N ASP F 984 29.88 25.94 -38.22
CA ASP F 984 28.59 25.53 -38.73
C ASP F 984 28.73 25.22 -40.20
N PRO F 985 27.95 24.26 -40.72
CA PRO F 985 28.19 23.76 -42.07
C PRO F 985 27.73 24.69 -43.17
N GLU F 986 27.48 25.95 -42.87
CA GLU F 986 26.95 26.84 -43.90
C GLU F 986 27.85 26.88 -45.12
N GLU F 987 29.06 27.44 -44.96
CA GLU F 987 29.99 27.50 -46.07
C GLU F 987 30.39 26.11 -46.54
N VAL F 988 30.33 25.12 -45.64
CA VAL F 988 30.56 23.74 -46.05
C VAL F 988 29.59 23.36 -47.15
N SER F 989 28.31 23.42 -46.84
CA SER F 989 27.26 23.17 -47.81
C SER F 989 27.44 24.01 -49.05
N VAL F 990 27.73 25.30 -48.87
CA VAL F 990 27.83 26.19 -50.02
C VAL F 990 28.96 25.74 -50.94
N THR F 991 30.09 25.34 -50.37
CA THR F 991 31.23 24.99 -51.19
C THR F 991 31.04 23.63 -51.84
N VAL F 992 30.34 22.71 -51.16
CA VAL F 992 30.08 21.43 -51.82
C VAL F 992 29.05 21.61 -52.93
N LYS F 993 28.12 22.55 -52.74
CA LYS F 993 27.25 22.94 -53.84
C LYS F 993 28.06 23.44 -55.02
N ALA F 994 28.96 24.38 -54.77
CA ALA F 994 29.86 24.86 -55.81
C ALA F 994 30.59 23.71 -56.47
N PHE F 995 31.00 22.72 -55.69
CA PHE F 995 31.73 21.59 -56.23
C PHE F 995 30.87 20.81 -57.21
N MET F 996 29.74 20.29 -56.72
CA MET F 996 28.88 19.47 -57.55
C MET F 996 28.31 20.23 -58.73
N THR F 997 27.98 21.51 -58.55
CA THR F 997 27.45 22.34 -59.62
C THR F 997 28.50 22.67 -60.66
N ALA F 998 29.70 23.03 -60.23
CA ALA F 998 30.78 23.10 -61.18
C ALA F 998 31.30 21.73 -61.54
N ASP F 999 30.60 20.71 -61.04
CA ASP F 999 30.98 19.32 -61.24
C ASP F 999 32.45 19.11 -60.86
N LEU F 1000 32.74 19.32 -59.59
CA LEU F 1000 34.05 18.95 -59.10
C LEU F 1000 34.08 17.43 -59.00
N PRO F 1001 34.79 16.77 -59.89
CA PRO F 1001 34.62 15.32 -60.01
C PRO F 1001 35.31 14.56 -58.88
N ASN F 1002 35.28 13.24 -59.01
CA ASN F 1002 36.09 12.40 -58.15
C ASN F 1002 37.55 12.83 -58.24
N GLU F 1003 38.33 12.42 -57.26
CA GLU F 1003 39.69 12.91 -57.01
C GLU F 1003 39.71 14.34 -56.51
N LEU F 1004 38.56 14.98 -56.43
CA LEU F 1004 38.56 16.35 -55.92
C LEU F 1004 37.67 16.54 -54.71
N ILE F 1005 36.46 16.00 -54.73
CA ILE F 1005 35.54 16.23 -53.63
C ILE F 1005 35.83 15.23 -52.52
N GLU F 1006 35.93 13.96 -52.89
CA GLU F 1006 36.19 12.89 -51.94
C GLU F 1006 37.28 13.26 -50.96
N LEU F 1007 38.24 14.08 -51.38
CA LEU F 1007 39.16 14.71 -50.44
C LEU F 1007 38.38 15.36 -49.31
N LEU F 1008 37.51 16.29 -49.66
CA LEU F 1008 36.69 16.98 -48.67
C LEU F 1008 35.95 15.98 -47.81
N GLU F 1009 35.35 14.98 -48.45
CA GLU F 1009 34.53 14.02 -47.76
C GLU F 1009 35.33 13.37 -46.65
N LYS F 1010 36.42 12.71 -47.03
CA LYS F 1010 37.18 11.96 -46.04
C LYS F 1010 37.79 12.87 -45.00
N ILE F 1011 38.22 14.08 -45.37
CA ILE F 1011 38.89 14.89 -44.39
C ILE F 1011 37.91 15.41 -43.36
N VAL F 1012 36.71 15.78 -43.78
CA VAL F 1012 35.73 16.26 -42.83
C VAL F 1012 35.18 15.05 -42.11
N LEU F 1013 35.41 13.86 -42.68
CA LEU F 1013 34.91 12.64 -42.08
C LEU F 1013 35.61 12.36 -40.76
N ASP F 1014 36.93 12.34 -40.78
CA ASP F 1014 37.68 11.75 -39.68
C ASP F 1014 37.72 12.68 -38.49
N ASN F 1015 36.95 12.35 -37.45
CA ASN F 1015 37.06 12.97 -36.13
C ASN F 1015 36.93 14.49 -36.20
N SER F 1016 35.77 14.94 -36.66
CA SER F 1016 35.48 16.36 -36.71
C SER F 1016 34.41 16.65 -35.66
N VAL F 1017 34.03 17.93 -35.59
CA VAL F 1017 32.85 18.28 -34.80
C VAL F 1017 31.64 17.52 -35.31
N PHE F 1018 31.64 17.15 -36.58
CA PHE F 1018 30.46 16.55 -37.19
C PHE F 1018 30.53 15.04 -37.25
N SER F 1019 30.01 14.37 -36.23
CA SER F 1019 29.82 12.94 -36.26
C SER F 1019 28.46 12.54 -36.77
N GLU F 1020 27.65 13.50 -37.20
CA GLU F 1020 26.32 13.23 -37.72
C GLU F 1020 26.40 12.86 -39.20
N HIS F 1021 25.26 12.78 -39.87
CA HIS F 1021 25.22 12.30 -41.25
C HIS F 1021 24.33 13.11 -42.17
N ARG F 1022 24.34 14.45 -42.10
CA ARG F 1022 23.41 15.24 -42.87
C ARG F 1022 23.78 15.21 -44.35
N ASN F 1023 23.46 14.10 -45.01
CA ASN F 1023 23.85 13.86 -46.40
C ASN F 1023 25.35 13.64 -46.48
N LEU F 1024 26.03 13.72 -45.34
CA LEU F 1024 27.48 13.62 -45.31
C LEU F 1024 27.93 12.28 -45.86
N GLN F 1025 27.63 11.21 -45.12
CA GLN F 1025 27.94 9.86 -45.56
C GLN F 1025 27.18 9.53 -46.83
N ASN F 1026 26.09 10.23 -47.09
CA ASN F 1026 25.27 9.88 -48.25
C ASN F 1026 25.96 10.29 -49.54
N LEU F 1027 26.32 11.57 -49.66
CA LEU F 1027 27.17 11.97 -50.78
C LEU F 1027 28.49 11.23 -50.74
N LEU F 1028 28.94 10.84 -49.54
CA LEU F 1028 30.11 9.98 -49.47
C LEU F 1028 29.92 8.72 -50.28
N ILE F 1029 28.81 8.03 -50.08
CA ILE F 1029 28.57 6.79 -50.80
C ILE F 1029 28.31 7.06 -52.27
N LEU F 1030 27.68 8.20 -52.55
CA LEU F 1030 27.48 8.58 -53.95
C LEU F 1030 28.82 8.71 -54.66
N THR F 1031 29.77 9.37 -54.00
CA THR F 1031 31.12 9.47 -54.53
C THR F 1031 31.78 8.11 -54.60
N ALA F 1032 31.50 7.24 -53.63
CA ALA F 1032 31.98 5.88 -53.71
C ALA F 1032 31.51 5.21 -54.98
N ILE F 1033 30.25 5.44 -55.33
CA ILE F 1033 29.70 4.94 -56.58
C ILE F 1033 30.45 5.52 -57.76
N LYS F 1034 30.61 6.85 -57.77
CA LYS F 1034 31.34 7.49 -58.86
C LYS F 1034 32.82 7.13 -58.84
N ALA F 1035 33.26 6.40 -57.83
CA ALA F 1035 34.67 6.06 -57.67
C ALA F 1035 34.94 4.58 -57.90
N ASP F 1036 34.15 3.70 -57.28
CA ASP F 1036 34.28 2.26 -57.46
C ASP F 1036 35.70 1.80 -57.11
N ARG F 1037 36.09 2.06 -55.87
CA ARG F 1037 37.44 1.80 -55.41
C ARG F 1037 37.37 1.11 -54.06
N THR F 1038 38.29 0.17 -53.85
CA THR F 1038 38.29 -0.71 -52.69
C THR F 1038 38.09 0.05 -51.39
N ARG F 1039 38.52 1.31 -51.38
CA ARG F 1039 38.33 2.18 -50.23
C ARG F 1039 36.91 2.15 -49.67
N VAL F 1040 35.93 1.88 -50.54
CA VAL F 1040 34.53 1.87 -50.13
C VAL F 1040 34.33 0.91 -48.96
N MET F 1041 35.03 -0.22 -49.00
CA MET F 1041 34.84 -1.25 -47.98
C MET F 1041 35.11 -0.70 -46.59
N GLU F 1042 36.34 -0.26 -46.37
CA GLU F 1042 36.71 0.29 -45.06
C GLU F 1042 35.88 1.52 -44.74
N TYR F 1043 35.48 2.27 -45.76
CA TYR F 1043 34.60 3.40 -45.50
C TYR F 1043 33.33 2.93 -44.81
N ILE F 1044 32.69 1.91 -45.36
CA ILE F 1044 31.55 1.28 -44.71
C ILE F 1044 31.95 0.86 -43.32
N ASN F 1045 33.08 0.19 -43.24
CA ASN F 1045 33.50 -0.43 -41.98
C ASN F 1045 33.73 0.63 -40.92
N ARG F 1046 33.86 1.88 -41.32
CA ARG F 1046 33.89 3.00 -40.41
C ARG F 1046 32.58 3.74 -40.38
N LEU F 1047 31.67 3.45 -41.32
CA LEU F 1047 30.42 4.17 -41.44
C LEU F 1047 29.44 3.66 -40.40
N ASP F 1048 28.52 4.53 -40.01
CA ASP F 1048 27.48 4.23 -39.05
C ASP F 1048 26.41 5.29 -39.17
N ASN F 1049 25.50 5.33 -38.21
CA ASN F 1049 24.54 6.42 -38.00
C ASN F 1049 23.81 6.82 -39.28
N TYR F 1050 23.56 5.88 -40.18
CA TYR F 1050 22.93 6.19 -41.45
C TYR F 1050 22.04 5.03 -41.88
N ASP F 1051 21.46 5.16 -43.07
CA ASP F 1051 20.58 4.12 -43.64
C ASP F 1051 21.40 3.23 -44.55
N ALA F 1052 21.87 2.12 -44.01
CA ALA F 1052 22.63 1.15 -44.77
C ALA F 1052 21.79 0.37 -45.78
N PRO F 1053 20.60 -0.12 -45.42
CA PRO F 1053 19.90 -1.03 -46.34
C PRO F 1053 19.60 -0.43 -47.69
N ASP F 1054 18.92 0.73 -47.72
CA ASP F 1054 18.54 1.33 -48.98
C ASP F 1054 19.75 1.67 -49.83
N ILE F 1055 20.82 2.17 -49.21
CA ILE F 1055 21.96 2.57 -49.99
C ILE F 1055 22.69 1.35 -50.54
N ALA F 1056 22.71 0.25 -49.80
CA ALA F 1056 23.26 -0.98 -50.35
C ALA F 1056 22.39 -1.50 -51.47
N ASN F 1057 21.08 -1.27 -51.37
CA ASN F 1057 20.18 -1.63 -52.46
C ASN F 1057 20.47 -0.79 -53.68
N ILE F 1058 20.88 0.45 -53.47
CA ILE F 1058 21.32 1.28 -54.59
C ILE F 1058 22.61 0.72 -55.16
N ALA F 1059 23.52 0.29 -54.28
CA ALA F 1059 24.78 -0.28 -54.71
C ALA F 1059 24.56 -1.52 -55.57
N ILE F 1060 23.59 -2.35 -55.20
CA ILE F 1060 23.30 -3.51 -56.03
C ILE F 1060 22.47 -3.09 -57.24
N SER F 1061 21.76 -1.96 -57.15
CA SER F 1061 21.24 -1.36 -58.37
C SER F 1061 22.37 -0.93 -59.28
N ASN F 1062 23.57 -0.72 -58.73
CA ASN F 1062 24.76 -0.58 -59.54
C ASN F 1062 25.37 -1.95 -59.78
N GLU F 1063 26.59 -1.98 -60.27
CA GLU F 1063 27.17 -3.21 -60.76
C GLU F 1063 27.86 -4.03 -59.68
N LEU F 1064 28.60 -3.38 -58.78
CA LEU F 1064 29.36 -4.10 -57.77
C LEU F 1064 28.40 -4.67 -56.74
N PHE F 1065 28.74 -5.84 -56.21
CA PHE F 1065 27.84 -6.53 -55.32
C PHE F 1065 28.57 -7.05 -54.09
N GLU F 1066 29.86 -7.36 -54.24
CA GLU F 1066 30.63 -7.91 -53.15
C GLU F 1066 30.51 -7.06 -51.90
N GLU F 1067 30.79 -5.77 -52.04
CA GLU F 1067 30.63 -4.84 -50.94
C GLU F 1067 29.24 -4.94 -50.33
N ALA F 1068 28.22 -5.14 -51.17
CA ALA F 1068 26.86 -5.20 -50.65
C ALA F 1068 26.64 -6.43 -49.79
N PHE F 1069 27.19 -7.57 -50.19
CA PHE F 1069 27.10 -8.75 -49.35
C PHE F 1069 27.85 -8.54 -48.05
N ALA F 1070 28.99 -7.85 -48.11
CA ALA F 1070 29.69 -7.49 -46.88
C ALA F 1070 28.77 -6.69 -45.98
N ILE F 1071 28.08 -5.71 -46.55
CA ILE F 1071 27.11 -4.92 -45.81
C ILE F 1071 26.09 -5.84 -45.14
N PHE F 1072 25.46 -6.69 -45.94
CA PHE F 1072 24.32 -7.45 -45.46
C PHE F 1072 24.73 -8.45 -44.40
N ARG F 1073 25.91 -9.05 -44.56
CA ARG F 1073 26.41 -9.93 -43.51
C ARG F 1073 26.84 -9.14 -42.28
N LYS F 1074 27.16 -7.87 -42.46
CA LYS F 1074 27.37 -7.01 -41.31
C LYS F 1074 26.06 -6.69 -40.61
N PHE F 1075 25.08 -6.18 -41.36
CA PHE F 1075 23.81 -5.85 -40.73
C PHE F 1075 22.78 -6.96 -40.83
N ASP F 1076 23.21 -8.17 -41.13
CA ASP F 1076 22.56 -9.40 -40.72
C ASP F 1076 21.29 -9.72 -41.50
N VAL F 1077 20.96 -8.97 -42.54
CA VAL F 1077 19.89 -9.38 -43.45
C VAL F 1077 20.56 -10.27 -44.49
N ASN F 1078 20.78 -11.52 -44.11
CA ASN F 1078 21.43 -12.48 -44.99
C ASN F 1078 20.47 -12.95 -46.06
N THR F 1079 19.17 -12.75 -45.84
CA THR F 1079 18.17 -13.17 -46.82
C THR F 1079 18.44 -12.51 -48.17
N SER F 1080 18.31 -11.18 -48.21
CA SER F 1080 18.59 -10.45 -49.44
C SER F 1080 20.04 -10.64 -49.86
N ALA F 1081 20.93 -10.85 -48.88
CA ALA F 1081 22.34 -11.07 -49.20
C ALA F 1081 22.50 -12.25 -50.13
N VAL F 1082 22.15 -13.44 -49.65
CA VAL F 1082 22.29 -14.64 -50.47
C VAL F 1082 21.37 -14.55 -51.68
N GLN F 1083 20.27 -13.81 -51.56
CA GLN F 1083 19.40 -13.59 -52.71
C GLN F 1083 20.17 -12.94 -53.85
N VAL F 1084 20.81 -11.81 -53.59
CA VAL F 1084 21.51 -11.09 -54.64
C VAL F 1084 22.76 -11.85 -55.05
N LEU F 1085 23.34 -12.60 -54.11
CA LEU F 1085 24.44 -13.50 -54.46
C LEU F 1085 23.98 -14.50 -55.52
N ILE F 1086 22.84 -15.12 -55.29
CA ILE F 1086 22.34 -16.15 -56.20
C ILE F 1086 22.01 -15.53 -57.55
N GLU F 1087 21.19 -14.49 -57.55
CA GLU F 1087 20.83 -13.86 -58.81
C GLU F 1087 22.06 -13.27 -59.49
N HIS F 1088 23.14 -13.07 -58.74
CA HIS F 1088 24.34 -12.47 -59.30
C HIS F 1088 25.40 -13.52 -59.61
N ILE F 1089 25.72 -14.39 -58.65
CA ILE F 1089 26.71 -15.43 -58.88
C ILE F 1089 26.20 -16.83 -58.61
N GLY F 1090 25.09 -17.01 -57.89
CA GLY F 1090 24.58 -18.35 -57.64
C GLY F 1090 25.52 -19.22 -56.84
N ASN F 1091 26.40 -18.61 -56.04
CA ASN F 1091 27.42 -19.35 -55.32
C ASN F 1091 26.79 -20.06 -54.12
N LEU F 1092 26.06 -21.14 -54.41
CA LEU F 1092 25.61 -22.01 -53.34
C LEU F 1092 26.79 -22.57 -52.57
N ASP F 1093 27.86 -22.88 -53.28
CA ASP F 1093 29.02 -23.55 -52.72
C ASP F 1093 29.72 -22.72 -51.65
N ARG F 1094 29.41 -21.43 -51.55
CA ARG F 1094 29.92 -20.61 -50.45
C ARG F 1094 28.79 -20.06 -49.59
N ALA F 1095 27.81 -19.39 -50.20
CA ALA F 1095 26.77 -18.74 -49.40
C ALA F 1095 25.85 -19.75 -48.76
N TYR F 1096 25.61 -20.89 -49.41
CA TYR F 1096 24.88 -21.97 -48.77
C TYR F 1096 25.47 -22.29 -47.41
N GLU F 1097 26.78 -22.55 -47.38
CA GLU F 1097 27.43 -22.90 -46.13
C GLU F 1097 27.47 -21.70 -45.19
N PHE F 1098 27.64 -20.50 -45.75
CA PHE F 1098 27.56 -19.28 -44.97
C PHE F 1098 26.29 -19.23 -44.14
N ALA F 1099 25.16 -19.32 -44.80
CA ALA F 1099 23.89 -19.37 -44.09
C ALA F 1099 23.78 -20.63 -43.24
N GLU F 1100 24.42 -21.72 -43.68
CA GLU F 1100 24.39 -22.98 -42.96
C GLU F 1100 25.03 -22.82 -41.59
N ARG F 1101 25.93 -21.84 -41.44
CA ARG F 1101 26.50 -21.55 -40.14
C ARG F 1101 25.40 -21.32 -39.11
N CYS F 1102 24.51 -20.37 -39.36
CA CYS F 1102 23.33 -20.14 -38.54
C CYS F 1102 22.16 -20.93 -39.13
N ASN F 1103 20.93 -20.66 -38.69
CA ASN F 1103 19.75 -21.18 -39.35
C ASN F 1103 18.78 -20.06 -39.62
N GLU F 1104 18.22 -20.05 -40.84
CA GLU F 1104 17.16 -19.13 -41.22
C GLU F 1104 16.26 -19.87 -42.21
N PRO F 1105 15.04 -20.20 -41.81
CA PRO F 1105 14.14 -20.95 -42.69
C PRO F 1105 13.90 -20.29 -44.03
N ALA F 1106 13.63 -18.98 -44.07
CA ALA F 1106 13.35 -18.32 -45.34
C ALA F 1106 14.52 -18.46 -46.30
N VAL F 1107 15.75 -18.36 -45.79
CA VAL F 1107 16.90 -18.59 -46.64
C VAL F 1107 16.87 -20.01 -47.20
N TRP F 1108 16.49 -20.98 -46.37
CA TRP F 1108 16.35 -22.34 -46.87
C TRP F 1108 15.28 -22.41 -47.96
N SER F 1109 14.25 -21.57 -47.87
CA SER F 1109 13.27 -21.51 -48.93
C SER F 1109 13.89 -21.01 -50.22
N GLN F 1110 14.68 -19.95 -50.12
CA GLN F 1110 15.39 -19.46 -51.30
C GLN F 1110 16.30 -20.54 -51.85
N LEU F 1111 16.91 -21.32 -50.97
CA LEU F 1111 17.79 -22.39 -51.39
C LEU F 1111 17.02 -23.46 -52.14
N ALA F 1112 15.88 -23.88 -51.60
CA ALA F 1112 15.04 -24.84 -52.28
C ALA F 1112 14.62 -24.32 -53.64
N LYS F 1113 14.27 -23.04 -53.72
CA LYS F 1113 13.95 -22.44 -55.00
C LYS F 1113 15.13 -22.53 -55.95
N ALA F 1114 16.33 -22.32 -55.43
CA ALA F 1114 17.54 -22.45 -56.24
C ALA F 1114 17.66 -23.86 -56.80
N GLN F 1115 17.56 -24.85 -55.92
CA GLN F 1115 17.65 -26.25 -56.36
C GLN F 1115 16.61 -26.52 -57.43
N LEU F 1116 15.39 -26.05 -57.21
CA LEU F 1116 14.33 -26.13 -58.20
C LEU F 1116 14.81 -25.60 -59.55
N GLN F 1117 15.22 -24.34 -59.58
CA GLN F 1117 15.59 -23.70 -60.83
C GLN F 1117 16.71 -24.47 -61.53
N LYS F 1118 17.75 -24.81 -60.79
CA LYS F 1118 18.82 -25.62 -61.35
C LYS F 1118 18.48 -27.10 -61.38
N GLY F 1119 17.25 -27.46 -60.98
CA GLY F 1119 16.86 -28.86 -60.98
C GLY F 1119 17.68 -29.66 -59.99
N MET F 1120 18.25 -28.99 -59.01
CA MET F 1120 19.11 -29.67 -58.05
C MET F 1120 18.25 -30.47 -57.07
N VAL F 1121 17.60 -31.51 -57.59
CA VAL F 1121 16.64 -32.25 -56.79
C VAL F 1121 17.33 -32.92 -55.60
N LYS F 1122 18.53 -33.47 -55.84
CA LYS F 1122 19.30 -34.04 -54.74
C LYS F 1122 19.56 -33.00 -53.67
N GLU F 1123 19.65 -31.74 -54.06
CA GLU F 1123 19.84 -30.63 -53.15
C GLU F 1123 18.53 -30.03 -52.71
N ALA F 1124 17.51 -30.10 -53.56
CA ALA F 1124 16.15 -29.84 -53.10
C ALA F 1124 15.80 -30.70 -51.90
N ILE F 1125 16.37 -31.90 -51.82
CA ILE F 1125 16.11 -32.83 -50.73
C ILE F 1125 16.36 -32.14 -49.39
N ASP F 1126 17.62 -31.79 -49.15
CA ASP F 1126 17.99 -31.27 -47.85
C ASP F 1126 17.58 -29.81 -47.72
N SER F 1127 17.41 -29.11 -48.85
CA SER F 1127 16.80 -27.80 -48.76
C SER F 1127 15.43 -27.88 -48.13
N TYR F 1128 14.62 -28.86 -48.54
CA TYR F 1128 13.31 -29.05 -47.93
C TYR F 1128 13.43 -29.59 -46.52
N ILE F 1129 14.39 -30.50 -46.30
CA ILE F 1129 14.65 -31.00 -44.95
C ILE F 1129 14.74 -29.85 -43.96
N LYS F 1130 15.39 -28.76 -44.37
CA LYS F 1130 15.48 -27.58 -43.53
C LYS F 1130 14.33 -26.61 -43.79
N ALA F 1131 13.96 -26.41 -45.06
CA ALA F 1131 12.86 -25.52 -45.36
C ALA F 1131 11.53 -26.08 -44.90
N ASP F 1132 11.20 -27.29 -45.32
CA ASP F 1132 9.94 -27.92 -44.91
C ASP F 1132 8.78 -27.04 -45.29
N ASP F 1133 8.57 -26.83 -46.59
CA ASP F 1133 7.56 -25.91 -47.10
C ASP F 1133 6.47 -26.66 -47.84
N PRO F 1134 5.21 -26.56 -47.40
CA PRO F 1134 4.15 -27.35 -48.04
C PRO F 1134 3.87 -26.95 -49.47
N SER F 1135 4.07 -25.68 -49.81
CA SER F 1135 3.81 -25.22 -51.16
C SER F 1135 4.76 -25.90 -52.15
N SER F 1136 4.52 -25.67 -53.43
CA SER F 1136 5.33 -26.19 -54.52
C SER F 1136 5.35 -27.70 -54.57
N TYR F 1137 4.38 -28.35 -53.94
CA TYR F 1137 4.37 -29.81 -53.94
C TYR F 1137 4.22 -30.36 -55.35
N MET F 1138 3.44 -29.69 -56.19
CA MET F 1138 3.37 -30.08 -57.59
C MET F 1138 4.73 -29.95 -58.26
N GLU F 1139 5.49 -28.93 -57.87
CA GLU F 1139 6.86 -28.81 -58.34
C GLU F 1139 7.70 -29.95 -57.80
N VAL F 1140 7.42 -30.39 -56.58
CA VAL F 1140 8.10 -31.57 -56.07
C VAL F 1140 7.76 -32.78 -56.92
N VAL F 1141 6.56 -32.81 -57.49
CA VAL F 1141 6.21 -33.86 -58.44
C VAL F 1141 7.01 -33.72 -59.72
N GLN F 1142 7.09 -32.49 -60.24
CA GLN F 1142 7.88 -32.23 -61.44
C GLN F 1142 9.32 -32.66 -61.23
N ALA F 1143 9.77 -32.63 -59.98
CA ALA F 1143 11.06 -33.22 -59.64
C ALA F 1143 10.97 -34.73 -59.53
N ALA F 1144 9.82 -35.25 -59.09
CA ALA F 1144 9.69 -36.68 -58.85
C ALA F 1144 9.93 -37.46 -60.14
N ASN F 1145 9.03 -37.29 -61.11
CA ASN F 1145 9.14 -37.97 -62.38
C ASN F 1145 10.50 -37.75 -63.04
N THR F 1146 11.16 -36.66 -62.69
CA THR F 1146 12.39 -36.28 -63.38
C THR F 1146 13.45 -37.36 -63.29
N SER F 1147 13.72 -37.85 -62.07
CA SER F 1147 14.78 -38.81 -61.87
C SER F 1147 14.37 -39.79 -60.78
N GLY F 1148 15.17 -40.83 -60.58
CA GLY F 1148 14.93 -41.74 -59.48
C GLY F 1148 15.10 -41.01 -58.17
N ASN F 1149 13.98 -40.66 -57.55
CA ASN F 1149 14.02 -39.82 -56.36
C ASN F 1149 12.97 -40.19 -55.32
N TRP F 1150 12.28 -41.31 -55.49
CA TRP F 1150 11.17 -41.64 -54.62
C TRP F 1150 11.64 -42.25 -53.30
N GLU F 1151 12.57 -41.57 -52.63
CA GLU F 1151 13.09 -42.05 -51.37
C GLU F 1151 12.98 -40.93 -50.34
N GLU F 1152 13.25 -39.72 -50.83
CA GLU F 1152 13.13 -38.49 -50.08
C GLU F 1152 11.80 -37.81 -50.29
N LEU F 1153 11.21 -37.98 -51.47
CA LEU F 1153 9.80 -37.68 -51.63
C LEU F 1153 9.00 -38.32 -50.52
N VAL F 1154 9.46 -39.49 -50.07
CA VAL F 1154 8.78 -40.21 -48.99
C VAL F 1154 8.69 -39.33 -47.75
N LYS F 1155 9.84 -38.98 -47.18
CA LYS F 1155 9.84 -38.14 -46.00
C LYS F 1155 9.18 -36.80 -46.28
N TYR F 1156 9.30 -36.32 -47.51
CA TYR F 1156 8.72 -35.04 -47.87
C TYR F 1156 7.21 -35.06 -47.68
N LEU F 1157 6.55 -35.96 -48.41
CA LEU F 1157 5.12 -36.10 -48.29
C LEU F 1157 4.72 -36.51 -46.88
N GLN F 1158 5.61 -37.23 -46.20
CA GLN F 1158 5.36 -37.58 -44.80
C GLN F 1158 5.15 -36.32 -43.97
N MET F 1159 6.16 -35.46 -43.92
CA MET F 1159 6.02 -34.20 -43.21
C MET F 1159 4.86 -33.38 -43.75
N ALA F 1160 4.59 -33.50 -45.05
CA ALA F 1160 3.47 -32.79 -45.65
C ALA F 1160 2.16 -33.17 -44.97
N ARG F 1161 1.96 -34.47 -44.72
CA ARG F 1161 0.81 -34.85 -43.92
C ARG F 1161 0.92 -34.31 -42.51
N LYS F 1162 2.13 -34.35 -41.94
CA LYS F 1162 2.36 -33.70 -40.65
C LYS F 1162 2.24 -32.19 -40.76
N LYS F 1163 2.10 -31.65 -41.96
CA LYS F 1163 1.81 -30.24 -42.17
C LYS F 1163 0.32 -29.97 -42.27
N ALA F 1164 -0.37 -30.67 -43.17
CA ALA F 1164 -1.78 -30.39 -43.43
C ALA F 1164 -2.43 -31.63 -44.02
N ARG F 1165 -3.73 -31.74 -43.84
CA ARG F 1165 -4.54 -32.81 -44.43
C ARG F 1165 -4.92 -32.40 -45.86
N GLU F 1166 -4.00 -32.66 -46.79
CA GLU F 1166 -4.29 -32.43 -48.20
C GLU F 1166 -4.44 -33.76 -48.92
N SER F 1167 -5.54 -33.89 -49.66
CA SER F 1167 -5.79 -35.14 -50.35
C SER F 1167 -4.80 -35.38 -51.49
N TYR F 1168 -4.48 -34.34 -52.26
CA TYR F 1168 -3.58 -34.53 -53.38
C TYR F 1168 -2.23 -35.04 -52.95
N VAL F 1169 -1.69 -34.50 -51.86
CA VAL F 1169 -0.39 -34.97 -51.41
C VAL F 1169 -0.50 -36.43 -50.98
N GLU F 1170 -1.63 -36.83 -50.40
CA GLU F 1170 -1.84 -38.23 -50.08
C GLU F 1170 -1.79 -39.08 -51.34
N THR F 1171 -2.53 -38.66 -52.36
CA THR F 1171 -2.62 -39.40 -53.61
C THR F 1171 -1.23 -39.57 -54.22
N GLU F 1172 -0.50 -38.47 -54.35
CA GLU F 1172 0.82 -38.57 -54.95
C GLU F 1172 1.77 -39.35 -54.05
N LEU F 1173 1.59 -39.26 -52.74
CA LEU F 1173 2.44 -39.98 -51.82
C LEU F 1173 2.26 -41.48 -51.98
N ILE F 1174 1.02 -41.93 -52.00
CA ILE F 1174 0.77 -43.36 -52.15
C ILE F 1174 1.18 -43.82 -53.54
N PHE F 1175 1.02 -42.96 -54.55
CA PHE F 1175 1.46 -43.31 -55.87
C PHE F 1175 2.97 -43.49 -55.90
N ALA F 1176 3.70 -42.65 -55.15
CA ALA F 1176 5.15 -42.78 -55.09
C ALA F 1176 5.55 -44.00 -54.30
N LEU F 1177 4.83 -44.28 -53.21
CA LEU F 1177 5.06 -45.51 -52.45
C LEU F 1177 4.96 -46.71 -53.35
N ALA F 1178 3.99 -46.69 -54.27
CA ALA F 1178 3.97 -47.67 -55.33
C ALA F 1178 5.19 -47.55 -56.22
N LYS F 1179 5.57 -46.31 -56.58
CA LYS F 1179 6.73 -46.09 -57.42
C LYS F 1179 7.99 -46.66 -56.77
N THR F 1180 8.19 -46.38 -55.50
CA THR F 1180 9.27 -46.99 -54.74
C THR F 1180 8.89 -48.34 -54.18
N ASN F 1181 7.80 -48.93 -54.65
CA ASN F 1181 7.40 -50.31 -54.32
C ASN F 1181 7.46 -50.60 -52.83
N ARG F 1182 7.18 -49.59 -52.01
CA ARG F 1182 7.19 -49.76 -50.56
C ARG F 1182 5.78 -50.15 -50.10
N LEU F 1183 5.55 -51.46 -50.15
CA LEU F 1183 4.19 -52.00 -50.15
C LEU F 1183 3.56 -52.04 -48.77
N ALA F 1184 4.12 -52.82 -47.84
CA ALA F 1184 3.47 -53.11 -46.56
C ALA F 1184 3.13 -51.86 -45.79
N GLU F 1185 4.09 -50.95 -45.70
CA GLU F 1185 3.87 -49.66 -45.06
C GLU F 1185 2.74 -48.90 -45.71
N LEU F 1186 2.73 -48.84 -47.05
CA LEU F 1186 1.63 -48.19 -47.76
C LEU F 1186 0.29 -48.79 -47.35
N GLU F 1187 0.20 -50.13 -47.36
CA GLU F 1187 -1.08 -50.76 -47.10
C GLU F 1187 -1.54 -50.55 -45.67
N GLU F 1188 -0.63 -50.70 -44.70
CA GLU F 1188 -1.02 -50.44 -43.32
C GLU F 1188 -1.36 -48.98 -43.11
N PHE F 1189 -0.83 -48.09 -43.94
CA PHE F 1189 -1.27 -46.70 -43.89
C PHE F 1189 -2.73 -46.55 -44.26
N ILE F 1190 -3.22 -47.40 -45.19
CA ILE F 1190 -4.61 -47.31 -45.62
C ILE F 1190 -5.54 -47.45 -44.43
N ASN F 1191 -5.08 -48.10 -43.37
CA ASN F 1191 -5.85 -48.17 -42.15
C ASN F 1191 -6.03 -46.79 -41.52
N GLY F 1192 -5.12 -45.86 -41.82
CA GLY F 1192 -5.36 -44.48 -41.50
C GLY F 1192 -6.42 -43.88 -42.40
N PRO F 1193 -7.05 -42.82 -41.92
CA PRO F 1193 -8.11 -42.20 -42.71
C PRO F 1193 -7.57 -41.51 -43.95
N ASN F 1194 -7.30 -42.29 -44.99
CA ASN F 1194 -6.62 -41.81 -46.18
C ASN F 1194 -7.33 -40.61 -46.81
N ASN F 1195 -8.61 -40.78 -47.15
CA ASN F 1195 -9.37 -39.76 -47.85
C ASN F 1195 -8.74 -39.46 -49.22
N ALA F 1196 -7.83 -40.32 -49.65
CA ALA F 1196 -7.13 -40.12 -50.92
C ALA F 1196 -8.06 -40.54 -52.07
N HIS F 1197 -7.50 -40.60 -53.27
CA HIS F 1197 -8.30 -40.86 -54.48
C HIS F 1197 -7.76 -42.10 -55.19
N ILE F 1198 -8.23 -43.26 -54.76
CA ILE F 1198 -8.07 -44.50 -55.50
C ILE F 1198 -8.93 -44.36 -56.75
N GLN F 1199 -8.68 -45.21 -57.75
CA GLN F 1199 -9.32 -45.11 -59.07
C GLN F 1199 -8.80 -43.88 -59.78
N GLN F 1200 -7.96 -43.12 -59.08
CA GLN F 1200 -7.19 -42.06 -59.69
C GLN F 1200 -5.73 -42.45 -59.51
N VAL F 1201 -5.35 -42.72 -58.27
CA VAL F 1201 -4.08 -43.38 -58.00
C VAL F 1201 -4.26 -44.90 -57.98
N GLY F 1202 -5.37 -45.37 -57.42
CA GLY F 1202 -5.73 -46.77 -57.60
C GLY F 1202 -5.73 -47.16 -59.06
N ASP F 1203 -6.03 -46.20 -59.94
CA ASP F 1203 -5.75 -46.40 -61.35
C ASP F 1203 -4.27 -46.27 -61.64
N ARG F 1204 -3.68 -45.13 -61.25
CA ARG F 1204 -2.32 -44.77 -61.66
C ARG F 1204 -1.34 -45.92 -61.46
N CYS F 1205 -1.55 -46.73 -60.42
CA CYS F 1205 -0.63 -47.83 -60.18
C CYS F 1205 -0.61 -48.82 -61.33
N TYR F 1206 -1.74 -49.49 -61.57
CA TYR F 1206 -1.78 -50.44 -62.66
C TYR F 1206 -1.59 -49.77 -64.01
N ASP F 1207 -1.89 -48.47 -64.11
CA ASP F 1207 -1.53 -47.73 -65.32
C ASP F 1207 -0.03 -47.75 -65.53
N GLU F 1208 0.73 -47.39 -64.51
CA GLU F 1208 2.17 -47.56 -64.53
C GLU F 1208 2.58 -49.02 -64.61
N LYS F 1209 1.62 -49.93 -64.49
CA LYS F 1209 1.85 -51.36 -64.55
C LYS F 1209 2.70 -51.86 -63.39
N MET F 1210 2.91 -51.01 -62.38
CA MET F 1210 3.59 -51.43 -61.16
C MET F 1210 2.63 -52.31 -60.36
N TYR F 1211 2.41 -53.49 -60.92
CA TYR F 1211 1.34 -54.37 -60.45
C TYR F 1211 1.70 -54.94 -59.08
N ASP F 1212 0.81 -55.79 -58.55
CA ASP F 1212 0.82 -56.32 -57.20
C ASP F 1212 0.61 -55.23 -56.17
N ALA F 1213 0.31 -54.01 -56.59
CA ALA F 1213 0.06 -52.92 -55.67
C ALA F 1213 -1.37 -52.39 -55.78
N ALA F 1214 -1.80 -52.03 -56.99
CA ALA F 1214 -3.19 -51.62 -57.18
C ALA F 1214 -4.15 -52.71 -56.73
N LYS F 1215 -3.67 -53.95 -56.71
CA LYS F 1215 -4.44 -55.07 -56.19
C LYS F 1215 -4.96 -54.76 -54.80
N LEU F 1216 -4.04 -54.57 -53.86
CA LEU F 1216 -4.40 -54.28 -52.47
C LEU F 1216 -5.37 -53.10 -52.41
N LEU F 1217 -5.09 -52.07 -53.21
CA LEU F 1217 -5.93 -50.88 -53.23
C LEU F 1217 -7.36 -51.24 -53.57
N TYR F 1218 -7.55 -51.78 -54.78
CA TYR F 1218 -8.89 -52.10 -55.25
C TYR F 1218 -9.59 -53.08 -54.32
N ASN F 1219 -8.81 -53.85 -53.56
CA ASN F 1219 -9.41 -54.69 -52.53
C ASN F 1219 -9.95 -53.84 -51.40
N ASN F 1220 -9.07 -53.11 -50.72
CA ASN F 1220 -9.45 -52.37 -49.53
C ASN F 1220 -10.45 -51.27 -49.81
N VAL F 1221 -10.63 -50.88 -51.07
CA VAL F 1221 -11.67 -49.95 -51.46
C VAL F 1221 -12.74 -50.64 -52.29
N SER F 1222 -12.65 -51.97 -52.45
CA SER F 1222 -13.74 -52.76 -52.97
C SER F 1222 -14.14 -52.30 -54.38
N ASN F 1223 -13.25 -52.56 -55.32
CA ASN F 1223 -13.32 -52.01 -56.66
C ASN F 1223 -13.68 -53.08 -57.66
N PHE F 1224 -14.71 -53.86 -57.32
CA PHE F 1224 -15.16 -55.01 -58.08
C PHE F 1224 -15.23 -54.72 -59.58
N GLY F 1225 -14.99 -55.76 -60.36
CA GLY F 1225 -14.86 -55.66 -61.79
C GLY F 1225 -13.55 -55.04 -62.18
N ARG F 1226 -13.28 -53.83 -61.67
CA ARG F 1226 -11.99 -53.21 -61.86
C ARG F 1226 -10.91 -53.94 -61.07
N LEU F 1227 -11.20 -54.34 -59.83
CA LEU F 1227 -10.22 -55.12 -59.09
C LEU F 1227 -9.96 -56.45 -59.78
N ALA F 1228 -11.01 -57.11 -60.28
CA ALA F 1228 -10.82 -58.39 -60.95
C ALA F 1228 -10.02 -58.23 -62.23
N SER F 1229 -10.39 -57.25 -63.06
CA SER F 1229 -9.67 -57.02 -64.29
C SER F 1229 -8.22 -56.69 -64.02
N THR F 1230 -7.95 -55.85 -63.02
CA THR F 1230 -6.58 -55.52 -62.66
C THR F 1230 -5.84 -56.72 -62.12
N LEU F 1231 -6.57 -57.63 -61.45
CA LEU F 1231 -5.96 -58.89 -61.03
C LEU F 1231 -5.50 -59.69 -62.24
N VAL F 1232 -6.37 -59.86 -63.22
CA VAL F 1232 -6.01 -60.57 -64.45
C VAL F 1232 -4.78 -59.92 -65.09
N HIS F 1233 -4.87 -58.62 -65.35
CA HIS F 1233 -3.74 -57.87 -65.92
C HIS F 1233 -2.51 -57.97 -65.04
N LEU F 1234 -2.68 -58.29 -63.75
CA LEU F 1234 -1.60 -58.26 -62.79
C LEU F 1234 -0.78 -59.55 -62.83
N GLY F 1235 -1.25 -60.55 -63.57
CA GLY F 1235 -0.74 -61.89 -63.45
C GLY F 1235 -1.47 -62.72 -62.42
N GLU F 1236 -2.42 -62.12 -61.72
CA GLU F 1236 -3.26 -62.87 -60.80
C GLU F 1236 -4.48 -63.41 -61.53
N TYR F 1237 -4.69 -64.72 -61.42
CA TYR F 1237 -5.80 -65.31 -62.16
C TYR F 1237 -6.70 -66.16 -61.27
N GLN F 1238 -6.15 -66.82 -60.26
CA GLN F 1238 -7.01 -67.56 -59.33
C GLN F 1238 -7.89 -66.60 -58.53
N ALA F 1239 -7.29 -65.66 -57.80
CA ALA F 1239 -8.07 -64.66 -57.10
C ALA F 1239 -8.88 -63.79 -58.06
N ALA F 1240 -8.38 -63.61 -59.29
CA ALA F 1240 -9.15 -62.89 -60.29
C ALA F 1240 -10.51 -63.54 -60.52
N VAL F 1241 -10.53 -64.85 -60.77
CA VAL F 1241 -11.81 -65.52 -60.97
C VAL F 1241 -12.57 -65.62 -59.65
N ASP F 1242 -11.85 -65.68 -58.52
CA ASP F 1242 -12.51 -65.71 -57.24
C ASP F 1242 -13.34 -64.46 -57.00
N GLY F 1243 -12.86 -63.31 -57.49
CA GLY F 1243 -13.65 -62.10 -57.39
C GLY F 1243 -14.67 -61.98 -58.51
N ALA F 1244 -14.32 -62.43 -59.71
CA ALA F 1244 -15.21 -62.28 -60.85
C ALA F 1244 -16.45 -63.15 -60.72
N ARG F 1245 -16.36 -64.25 -59.96
CA ARG F 1245 -17.55 -65.06 -59.71
C ARG F 1245 -18.63 -64.24 -59.02
N LYS F 1246 -18.23 -63.26 -58.21
CA LYS F 1246 -19.20 -62.28 -57.72
C LYS F 1246 -19.44 -61.20 -58.76
N ALA F 1247 -18.38 -60.75 -59.43
CA ALA F 1247 -18.53 -59.68 -60.43
C ALA F 1247 -19.33 -60.16 -61.63
N ASN F 1248 -19.03 -61.37 -62.11
CA ASN F 1248 -19.71 -61.97 -63.27
C ASN F 1248 -19.54 -61.15 -64.53
N SER F 1249 -18.53 -60.27 -64.56
CA SER F 1249 -18.22 -59.52 -65.76
C SER F 1249 -17.62 -60.45 -66.79
N THR F 1250 -18.31 -60.61 -67.91
CA THR F 1250 -17.98 -61.58 -68.95
C THR F 1250 -16.69 -61.30 -69.67
N ARG F 1251 -15.96 -60.25 -69.27
CA ARG F 1251 -14.87 -59.71 -70.07
C ARG F 1251 -13.73 -60.71 -70.26
N THR F 1252 -13.05 -61.05 -69.17
CA THR F 1252 -11.92 -61.98 -69.29
C THR F 1252 -12.38 -63.37 -69.67
N TRP F 1253 -13.58 -63.74 -69.25
CA TRP F 1253 -14.20 -65.00 -69.67
C TRP F 1253 -14.19 -65.11 -71.17
N LYS F 1254 -14.85 -64.17 -71.85
CA LYS F 1254 -14.92 -64.23 -73.31
C LYS F 1254 -13.57 -64.00 -73.96
N GLU F 1255 -12.68 -63.24 -73.31
CA GLU F 1255 -11.32 -63.10 -73.81
C GLU F 1255 -10.65 -64.46 -73.96
N VAL F 1256 -10.50 -65.17 -72.85
CA VAL F 1256 -9.86 -66.49 -72.89
C VAL F 1256 -10.66 -67.43 -73.77
N CYS F 1257 -11.99 -67.31 -73.75
CA CYS F 1257 -12.88 -68.18 -74.52
C CYS F 1257 -12.57 -68.11 -76.01
N PHE F 1258 -12.66 -66.91 -76.59
CA PHE F 1258 -12.37 -66.77 -78.01
C PHE F 1258 -10.90 -66.95 -78.33
N ALA F 1259 -10.00 -66.66 -77.39
CA ALA F 1259 -8.58 -66.94 -77.63
C ALA F 1259 -8.36 -68.43 -77.84
N CYS F 1260 -9.04 -69.27 -77.06
CA CYS F 1260 -8.89 -70.71 -77.22
C CYS F 1260 -9.74 -71.24 -78.37
N VAL F 1261 -10.90 -70.63 -78.63
CA VAL F 1261 -11.77 -71.11 -79.69
C VAL F 1261 -11.14 -70.87 -81.05
N ASP F 1262 -10.67 -69.64 -81.29
CA ASP F 1262 -9.94 -69.36 -82.52
C ASP F 1262 -8.65 -70.17 -82.57
N GLY F 1263 -8.02 -70.39 -81.43
CA GLY F 1263 -6.90 -71.30 -81.32
C GLY F 1263 -7.28 -72.76 -81.28
N LYS F 1264 -8.58 -73.06 -81.40
CA LYS F 1264 -9.09 -74.43 -81.43
C LYS F 1264 -8.76 -75.20 -80.15
N GLU F 1265 -8.60 -74.49 -79.04
CA GLU F 1265 -8.27 -75.12 -77.78
C GLU F 1265 -9.54 -75.44 -77.00
N PHE F 1266 -9.37 -76.24 -75.93
CA PHE F 1266 -10.51 -76.70 -75.14
C PHE F 1266 -10.28 -76.69 -73.63
N ARG F 1267 -9.15 -76.23 -73.12
CA ARG F 1267 -8.92 -76.31 -71.68
C ARG F 1267 -9.33 -75.03 -70.95
N LEU F 1268 -8.66 -73.92 -71.26
CA LEU F 1268 -8.90 -72.69 -70.51
C LEU F 1268 -10.29 -72.13 -70.79
N ALA F 1269 -10.71 -72.19 -72.04
CA ALA F 1269 -12.04 -71.69 -72.41
C ALA F 1269 -13.14 -72.48 -71.71
N GLN F 1270 -13.04 -73.81 -71.74
CA GLN F 1270 -14.08 -74.64 -71.14
C GLN F 1270 -14.02 -74.58 -69.62
N MET F 1271 -12.84 -74.29 -69.06
CA MET F 1271 -12.74 -74.05 -67.63
C MET F 1271 -13.45 -72.76 -67.24
N CYS F 1272 -13.10 -71.66 -67.88
CA CYS F 1272 -13.66 -70.36 -67.50
C CYS F 1272 -15.06 -70.14 -68.07
N GLY F 1273 -15.59 -71.07 -68.85
CA GLY F 1273 -16.89 -70.91 -69.46
C GLY F 1273 -18.07 -71.03 -68.52
N LEU F 1274 -17.84 -71.02 -67.22
CA LEU F 1274 -18.92 -71.15 -66.25
C LEU F 1274 -19.75 -69.87 -66.18
N HIS F 1275 -19.24 -68.78 -66.76
CA HIS F 1275 -19.94 -67.50 -66.81
C HIS F 1275 -20.55 -67.22 -68.16
N ILE F 1276 -21.08 -68.24 -68.83
CA ILE F 1276 -21.71 -68.05 -70.14
C ILE F 1276 -23.21 -68.27 -70.03
N PRO G 100 82.93 36.99 -72.63
CA PRO G 100 83.31 37.16 -71.22
C PRO G 100 82.60 36.15 -70.34
N GLU G 101 81.78 36.64 -69.43
CA GLU G 101 80.93 35.80 -68.58
C GLU G 101 81.77 34.79 -67.78
N SER G 102 82.61 35.30 -66.88
CA SER G 102 83.33 34.41 -65.98
C SER G 102 82.38 33.54 -65.17
N ILE G 103 81.16 34.02 -64.93
CA ILE G 103 80.17 33.20 -64.25
C ILE G 103 79.83 31.98 -65.08
N ARG G 104 80.11 32.00 -66.38
CA ARG G 104 79.94 30.78 -67.16
C ARG G 104 80.85 29.67 -66.67
N LYS G 105 82.14 29.97 -66.49
CA LYS G 105 83.06 29.01 -65.90
C LYS G 105 82.66 28.72 -64.47
N TRP G 106 82.19 29.74 -63.76
CA TRP G 106 81.78 29.60 -62.38
C TRP G 106 80.67 28.56 -62.23
N ARG G 107 79.65 28.63 -63.07
CA ARG G 107 78.49 27.77 -62.92
C ARG G 107 78.81 26.34 -63.33
N GLU G 108 79.65 26.15 -64.34
CA GLU G 108 80.03 24.80 -64.70
C GLU G 108 80.93 24.19 -63.64
N GLU G 109 81.78 24.99 -63.01
CA GLU G 109 82.52 24.53 -61.85
C GLU G 109 81.55 24.05 -60.78
N GLN G 110 80.53 24.86 -60.49
CA GLN G 110 79.53 24.48 -59.52
C GLN G 110 78.89 23.15 -59.88
N ARG G 111 78.46 23.01 -61.14
CA ARG G 111 77.71 21.84 -61.53
C ARG G 111 78.57 20.60 -61.49
N LYS G 112 79.86 20.70 -61.83
CA LYS G 112 80.70 19.52 -61.74
C LYS G 112 80.98 19.16 -60.28
N ARG G 113 81.11 20.17 -59.42
CA ARG G 113 81.13 19.92 -57.99
C ARG G 113 79.91 19.10 -57.58
N LEU G 114 78.76 19.44 -58.15
CA LEU G 114 77.54 18.70 -57.86
C LEU G 114 77.58 17.29 -58.43
N GLN G 115 78.19 17.12 -59.61
CA GLN G 115 78.35 15.78 -60.18
C GLN G 115 79.29 14.94 -59.33
N GLU G 116 80.07 15.58 -58.48
CA GLU G 116 80.77 14.85 -57.44
C GLU G 116 79.88 14.56 -56.23
N LEU G 117 79.17 15.58 -55.76
CA LEU G 117 78.40 15.46 -54.53
C LEU G 117 77.33 14.39 -54.64
N ASP G 118 76.68 14.32 -55.81
CA ASP G 118 75.66 13.31 -56.01
C ASP G 118 76.27 11.91 -55.90
N ALA G 119 77.40 11.68 -56.55
CA ALA G 119 78.03 10.38 -56.49
C ALA G 119 78.45 10.04 -55.06
N ALA G 120 78.88 11.05 -54.30
CA ALA G 120 79.17 10.81 -52.89
C ALA G 120 77.92 10.35 -52.16
N SER G 121 76.82 11.07 -52.35
CA SER G 121 75.54 10.65 -51.79
C SER G 121 75.21 9.23 -52.22
N LYS G 122 75.56 8.88 -53.45
CA LYS G 122 75.16 7.59 -54.00
C LYS G 122 75.97 6.45 -53.40
N VAL G 123 77.27 6.68 -53.19
CA VAL G 123 78.06 5.65 -52.53
C VAL G 123 77.60 5.51 -51.08
N THR G 124 77.21 6.62 -50.46
CA THR G 124 76.68 6.55 -49.10
C THR G 124 75.39 5.74 -49.06
N GLU G 125 74.49 5.99 -50.02
CA GLU G 125 73.24 5.27 -50.06
C GLU G 125 73.47 3.80 -50.37
N GLN G 126 74.48 3.48 -51.19
CA GLN G 126 74.77 2.09 -51.47
C GLN G 126 75.29 1.40 -50.22
N GLU G 127 76.14 2.09 -49.45
CA GLU G 127 76.58 1.53 -48.19
C GLU G 127 75.40 1.28 -47.25
N TRP G 128 74.48 2.24 -47.19
CA TRP G 128 73.31 2.08 -46.34
C TRP G 128 72.46 0.91 -46.80
N ARG G 129 72.36 0.73 -48.11
CA ARG G 129 71.63 -0.41 -48.65
C ARG G 129 72.29 -1.71 -48.23
N GLU G 130 73.61 -1.78 -48.37
CA GLU G 130 74.35 -2.99 -47.98
C GLU G 130 74.13 -3.30 -46.51
N LYS G 131 74.21 -2.27 -45.66
CA LYS G 131 74.05 -2.52 -44.24
C LYS G 131 72.63 -2.91 -43.91
N ALA G 132 71.64 -2.36 -44.63
CA ALA G 132 70.28 -2.83 -44.44
C ALA G 132 70.16 -4.31 -44.78
N LYS G 133 70.80 -4.72 -45.88
CA LYS G 133 70.80 -6.14 -46.24
C LYS G 133 71.38 -6.98 -45.12
N LYS G 134 72.58 -6.62 -44.66
CA LYS G 134 73.24 -7.43 -43.65
C LYS G 134 72.44 -7.46 -42.36
N ASP G 135 71.74 -6.36 -42.05
CA ASP G 135 70.88 -6.35 -40.88
C ASP G 135 69.74 -7.33 -41.03
N LEU G 136 69.06 -7.29 -42.17
CA LEU G 136 68.02 -8.27 -42.44
C LEU G 136 68.56 -9.68 -42.23
N GLU G 137 69.74 -9.94 -42.78
CA GLU G 137 70.31 -11.27 -42.71
C GLU G 137 70.55 -11.70 -41.27
N GLU G 138 71.26 -10.86 -40.51
CA GLU G 138 71.61 -11.24 -39.14
C GLU G 138 70.37 -11.37 -38.28
N TRP G 139 69.38 -10.51 -38.49
CA TRP G 139 68.14 -10.63 -37.75
C TRP G 139 67.45 -11.95 -38.08
N ASN G 140 67.27 -12.21 -39.37
CA ASN G 140 66.49 -13.35 -39.81
C ASN G 140 67.14 -14.67 -39.43
N GLN G 141 68.47 -14.76 -39.51
CA GLN G 141 69.13 -16.02 -39.20
C GLN G 141 68.90 -16.42 -37.75
N ARG G 142 68.99 -15.45 -36.84
CA ARG G 142 68.80 -15.79 -35.44
C ARG G 142 67.33 -16.04 -35.13
N GLN G 143 66.43 -15.29 -35.76
CA GLN G 143 65.01 -15.62 -35.65
C GLN G 143 64.79 -17.09 -36.01
N SER G 144 65.34 -17.51 -37.14
CA SER G 144 65.09 -18.85 -37.65
C SER G 144 65.70 -19.91 -36.75
N GLU G 145 66.94 -19.71 -36.33
CA GLU G 145 67.59 -20.72 -35.49
C GLU G 145 66.88 -20.84 -34.16
N GLN G 146 66.38 -19.72 -33.63
CA GLN G 146 65.64 -19.80 -32.38
C GLN G 146 64.31 -20.51 -32.57
N VAL G 147 63.63 -20.24 -33.69
CA VAL G 147 62.42 -20.98 -34.00
C VAL G 147 62.70 -22.47 -34.00
N GLU G 148 63.73 -22.87 -34.74
CA GLU G 148 64.15 -24.26 -34.77
C GLU G 148 64.45 -24.80 -33.38
N LYS G 149 65.12 -23.99 -32.57
CA LYS G 149 65.55 -24.44 -31.24
C LYS G 149 64.36 -24.72 -30.35
N ASN G 150 63.52 -23.72 -30.12
CA ASN G 150 62.32 -23.93 -29.32
C ASN G 150 61.46 -25.03 -29.91
N LYS G 151 61.44 -25.14 -31.24
CA LYS G 151 60.69 -26.19 -31.91
C LYS G 151 61.14 -27.57 -31.44
N ILE G 152 62.45 -27.84 -31.54
CA ILE G 152 62.92 -29.16 -31.17
C ILE G 152 62.81 -29.38 -29.67
N ASN G 153 62.84 -28.30 -28.88
CA ASN G 153 62.54 -28.44 -27.46
C ASN G 153 61.13 -28.97 -27.27
N ASN G 154 60.16 -28.38 -27.96
CA ASN G 154 58.80 -28.87 -27.90
C ASN G 154 58.71 -30.29 -28.46
N ARG G 155 59.54 -30.61 -29.44
CA ARG G 155 59.53 -31.95 -30.00
C ARG G 155 59.92 -32.98 -28.95
N ILE G 156 61.09 -32.82 -28.36
CA ILE G 156 61.55 -33.77 -27.35
C ILE G 156 60.57 -33.81 -26.18
N ALA G 157 59.98 -32.66 -25.84
CA ALA G 157 58.95 -32.64 -24.81
C ALA G 157 57.79 -33.55 -25.19
N ASP G 158 57.28 -33.41 -26.41
CA ASP G 158 56.17 -34.23 -26.86
C ASP G 158 56.52 -35.71 -26.86
N LYS G 159 57.72 -36.04 -27.34
CA LYS G 159 58.16 -37.44 -27.35
C LYS G 159 58.15 -38.02 -25.95
N ALA G 160 58.61 -37.23 -24.97
CA ALA G 160 58.43 -37.63 -23.58
C ALA G 160 56.96 -37.81 -23.24
N PHE G 161 56.11 -36.91 -23.74
CA PHE G 161 54.69 -36.93 -23.40
C PHE G 161 53.96 -38.09 -24.06
N TYR G 162 54.62 -38.83 -24.94
CA TYR G 162 53.97 -39.92 -25.66
C TYR G 162 53.97 -41.22 -24.88
N GLN G 163 54.06 -41.14 -23.55
CA GLN G 163 53.97 -42.31 -22.68
C GLN G 163 52.65 -42.18 -21.91
N GLN G 164 51.65 -42.97 -22.32
CA GLN G 164 50.34 -42.94 -21.71
C GLN G 164 49.77 -44.35 -21.63
N PRO G 165 49.22 -44.74 -20.49
CA PRO G 165 48.66 -46.09 -20.36
C PRO G 165 47.37 -46.24 -21.15
N ASP G 166 47.22 -47.41 -21.75
CA ASP G 166 46.08 -47.69 -22.60
C ASP G 166 45.64 -49.14 -22.48
N GLY G 189 41.81 -51.84 -9.19
CA GLY G 189 42.06 -50.50 -8.67
C GLY G 189 42.67 -49.59 -9.70
N THR G 190 43.78 -50.05 -10.31
CA THR G 190 44.42 -49.27 -11.36
C THR G 190 43.46 -48.95 -12.50
N GLU G 191 42.64 -49.93 -12.90
CA GLU G 191 41.56 -49.63 -13.83
C GLU G 191 40.61 -48.59 -13.25
N TRP G 192 40.19 -48.78 -12.01
CA TRP G 192 39.33 -47.80 -11.36
C TRP G 192 40.07 -46.48 -11.18
N GLU G 193 41.36 -46.55 -10.86
CA GLU G 193 42.18 -45.35 -10.77
C GLU G 193 42.10 -44.53 -12.05
N LYS G 194 42.35 -45.17 -13.19
CA LYS G 194 42.29 -44.48 -14.47
C LYS G 194 40.88 -43.95 -14.74
N VAL G 195 39.90 -44.85 -14.76
CA VAL G 195 38.53 -44.47 -15.12
C VAL G 195 37.97 -43.43 -14.17
N ALA G 196 38.57 -43.24 -13.00
CA ALA G 196 38.13 -42.20 -12.09
C ALA G 196 38.89 -40.90 -12.33
N GLN G 197 40.21 -40.93 -12.19
CA GLN G 197 41.00 -39.70 -12.25
C GLN G 197 41.17 -39.23 -13.69
N LEU G 198 41.76 -40.08 -14.54
CA LEU G 198 42.13 -39.65 -15.89
C LEU G 198 40.92 -39.16 -16.66
N CYS G 199 39.74 -39.65 -16.29
CA CYS G 199 38.47 -39.14 -16.79
C CYS G 199 37.59 -38.89 -15.57
N ASP G 200 37.66 -37.66 -15.05
CA ASP G 200 37.06 -37.28 -13.78
C ASP G 200 35.88 -36.35 -14.00
N PHE G 201 34.98 -36.32 -13.03
CA PHE G 201 33.83 -35.44 -13.07
C PHE G 201 34.27 -33.99 -12.93
N ASN G 202 33.30 -33.09 -13.01
CA ASN G 202 33.52 -31.68 -12.73
C ASN G 202 32.27 -31.13 -12.06
N PRO G 203 32.42 -30.27 -11.07
CA PRO G 203 31.25 -29.57 -10.52
C PRO G 203 30.71 -28.56 -11.53
N LYS G 204 30.20 -29.08 -12.63
CA LYS G 204 29.76 -28.28 -13.76
C LYS G 204 28.36 -27.71 -13.46
N SER G 205 27.71 -27.17 -14.48
CA SER G 205 26.34 -26.71 -14.36
C SER G 205 25.39 -27.41 -15.33
N SER G 206 25.89 -28.32 -16.16
CA SER G 206 25.08 -29.08 -17.09
C SER G 206 24.42 -30.29 -16.42
N LYS G 207 24.37 -30.30 -15.09
CA LYS G 207 23.86 -31.45 -14.34
C LYS G 207 22.37 -31.65 -14.53
N GLN G 208 21.70 -30.72 -15.21
CA GLN G 208 20.24 -30.65 -15.19
C GLN G 208 19.55 -31.90 -15.72
N CYS G 209 20.26 -32.78 -16.43
CA CYS G 209 19.60 -33.95 -16.99
C CYS G 209 19.08 -34.87 -15.91
N LYS G 210 19.96 -35.40 -15.06
CA LYS G 210 19.56 -36.37 -14.05
C LYS G 210 20.03 -36.03 -12.64
N ASP G 211 21.07 -35.22 -12.50
CA ASP G 211 21.72 -35.00 -11.20
C ASP G 211 22.13 -36.33 -10.58
N VAL G 212 23.07 -36.98 -11.28
CA VAL G 212 23.61 -38.24 -10.80
C VAL G 212 24.23 -38.05 -9.42
N SER G 213 24.10 -39.06 -8.59
CA SER G 213 24.94 -39.20 -7.41
C SER G 213 26.05 -40.20 -7.62
N ARG G 214 26.24 -40.68 -8.85
CA ARG G 214 27.31 -41.62 -9.15
C ARG G 214 28.68 -41.07 -8.81
N LEU G 215 28.76 -39.78 -8.48
CA LEU G 215 29.99 -39.18 -8.00
C LEU G 215 30.51 -39.96 -6.81
N ARG G 216 29.69 -40.07 -5.77
CA ARG G 216 30.08 -40.82 -4.58
C ARG G 216 30.37 -42.27 -4.98
N SER G 217 29.65 -42.77 -5.99
CA SER G 217 29.84 -44.15 -6.40
C SER G 217 31.26 -44.39 -6.87
N VAL G 218 31.71 -43.64 -7.87
CA VAL G 218 33.05 -43.78 -8.39
C VAL G 218 34.04 -43.43 -7.29
N LEU G 219 33.65 -42.52 -6.41
CA LEU G 219 34.57 -42.10 -5.36
C LEU G 219 34.74 -43.18 -4.30
N MET G 220 34.05 -44.31 -4.43
CA MET G 220 34.23 -45.40 -3.49
C MET G 220 34.23 -46.78 -4.14
N SER G 221 34.15 -46.87 -5.46
CA SER G 221 33.90 -48.15 -6.11
C SER G 221 35.00 -49.15 -5.82
N LEU G 222 36.18 -48.95 -6.41
CA LEU G 222 37.38 -49.65 -6.00
C LEU G 222 38.53 -48.71 -5.70
N LYS G 223 38.62 -47.59 -6.39
CA LYS G 223 39.41 -46.47 -5.90
C LYS G 223 38.79 -45.99 -4.59
N GLN G 224 39.64 -45.55 -3.66
CA GLN G 224 39.21 -45.25 -2.30
C GLN G 224 38.60 -46.47 -1.61
N THR G 225 39.00 -47.66 -2.05
CA THR G 225 38.41 -48.90 -1.55
C THR G 225 39.44 -50.03 -1.55
N PRO H 100 62.08 6.32 0.60
CA PRO H 100 62.91 6.14 1.78
C PRO H 100 64.05 7.12 1.76
N GLU H 101 63.78 8.30 1.19
CA GLU H 101 64.82 9.30 0.94
C GLU H 101 65.94 8.72 0.08
N SER H 102 65.58 7.75 -0.75
CA SER H 102 66.55 7.12 -1.64
C SER H 102 67.01 8.06 -2.74
N ILE H 103 66.59 9.32 -2.71
CA ILE H 103 67.02 10.30 -3.70
C ILE H 103 68.53 10.42 -3.73
N ARG H 104 69.20 9.99 -2.65
CA ARG H 104 70.59 10.32 -2.42
C ARG H 104 71.48 9.88 -3.58
N LYS H 105 71.17 8.73 -4.18
CA LYS H 105 72.04 8.19 -5.20
C LYS H 105 72.17 9.12 -6.40
N TRP H 106 71.07 9.32 -7.14
CA TRP H 106 71.08 10.21 -8.27
C TRP H 106 71.40 11.63 -7.83
N ARG H 107 71.05 11.96 -6.59
CA ARG H 107 71.29 13.31 -6.10
C ARG H 107 72.79 13.60 -6.05
N GLU H 108 73.55 12.73 -5.39
CA GLU H 108 75.01 12.81 -5.40
C GLU H 108 75.55 12.76 -6.81
N GLU H 109 74.96 11.89 -7.63
CA GLU H 109 75.40 11.79 -9.02
C GLU H 109 75.38 13.15 -9.70
N GLN H 110 74.20 13.77 -9.74
CA GLN H 110 74.05 15.04 -10.44
C GLN H 110 74.88 16.13 -9.76
N ARG H 111 74.97 16.08 -8.43
CA ARG H 111 75.78 17.05 -7.72
C ARG H 111 77.22 17.01 -8.21
N LYS H 112 77.82 15.83 -8.21
CA LYS H 112 79.22 15.70 -8.60
C LYS H 112 79.38 15.98 -10.09
N ARG H 113 78.35 15.66 -10.87
CA ARG H 113 78.37 15.99 -12.29
C ARG H 113 78.54 17.50 -12.49
N LEU H 114 77.72 18.29 -11.80
CA LEU H 114 77.86 19.74 -11.88
C LEU H 114 79.17 20.20 -11.26
N GLN H 115 79.61 19.54 -10.19
CA GLN H 115 80.85 19.90 -9.52
C GLN H 115 82.07 19.63 -10.39
N GLU H 116 81.91 18.85 -11.45
CA GLU H 116 82.92 18.80 -12.49
C GLU H 116 82.67 19.85 -13.56
N LEU H 117 81.43 19.91 -14.07
CA LEU H 117 81.10 20.81 -15.15
C LEU H 117 81.58 22.23 -14.87
N ASP H 118 81.49 22.65 -13.62
CA ASP H 118 81.96 23.98 -13.26
C ASP H 118 83.44 24.16 -13.59
N ALA H 119 84.28 23.24 -13.13
CA ALA H 119 85.71 23.34 -13.38
C ALA H 119 86.03 23.21 -14.85
N ALA H 120 85.29 22.36 -15.57
CA ALA H 120 85.46 22.27 -17.01
C ALA H 120 85.20 23.63 -17.67
N SER H 121 84.07 24.23 -17.33
CA SER H 121 83.75 25.56 -17.84
C SER H 121 84.83 26.57 -17.47
N LYS H 122 85.42 26.42 -16.29
CA LYS H 122 86.36 27.42 -15.81
C LYS H 122 87.70 27.31 -16.52
N VAL H 123 88.16 26.08 -16.74
CA VAL H 123 89.39 25.94 -17.54
C VAL H 123 89.14 26.41 -18.96
N THR H 124 87.93 26.20 -19.48
CA THR H 124 87.63 26.68 -20.82
C THR H 124 87.63 28.21 -20.88
N GLU H 125 87.01 28.85 -19.91
CA GLU H 125 87.00 30.31 -19.90
C GLU H 125 88.41 30.85 -19.70
N GLN H 126 89.24 30.14 -18.95
CA GLN H 126 90.61 30.60 -18.75
C GLN H 126 91.41 30.50 -20.03
N GLU H 127 91.30 29.38 -20.74
CA GLU H 127 92.02 29.27 -22.01
C GLU H 127 91.52 30.31 -23.00
N TRP H 128 90.21 30.57 -23.00
CA TRP H 128 89.69 31.63 -23.86
C TRP H 128 90.29 32.97 -23.48
N ARG H 129 90.37 33.25 -22.18
CA ARG H 129 90.96 34.48 -21.69
C ARG H 129 92.38 34.64 -22.22
N GLU H 130 93.21 33.63 -22.02
CA GLU H 130 94.61 33.76 -22.40
C GLU H 130 94.78 33.87 -23.89
N LYS H 131 94.00 33.12 -24.68
CA LYS H 131 94.14 33.20 -26.13
C LYS H 131 93.69 34.58 -26.62
N ALA H 132 92.64 35.13 -26.02
CA ALA H 132 92.26 36.50 -26.33
C ALA H 132 93.36 37.49 -26.00
N LYS H 133 94.07 37.29 -24.89
CA LYS H 133 95.22 38.13 -24.61
C LYS H 133 96.25 38.00 -25.73
N LYS H 134 96.56 36.76 -26.13
CA LYS H 134 97.51 36.54 -27.22
C LYS H 134 97.13 37.28 -28.47
N ASP H 135 95.83 37.37 -28.76
CA ASP H 135 95.37 38.10 -29.93
C ASP H 135 95.80 39.55 -29.89
N LEU H 136 95.52 40.23 -28.77
CA LEU H 136 95.97 41.61 -28.63
C LEU H 136 97.48 41.71 -28.70
N GLU H 137 98.17 40.71 -28.15
CA GLU H 137 99.63 40.78 -28.08
C GLU H 137 100.25 40.64 -29.47
N GLU H 138 99.62 39.87 -30.35
CA GLU H 138 100.09 39.81 -31.72
C GLU H 138 99.60 40.98 -32.56
N TRP H 139 98.52 41.63 -32.15
CA TRP H 139 98.02 42.79 -32.85
C TRP H 139 98.87 44.04 -32.60
N ASN H 140 99.03 44.40 -31.33
CA ASN H 140 99.66 45.66 -30.98
C ASN H 140 101.10 45.75 -31.44
N GLN H 141 101.80 44.61 -31.51
CA GLN H 141 103.17 44.62 -32.00
C GLN H 141 103.25 45.17 -33.42
N ARG H 142 102.37 44.68 -34.30
CA ARG H 142 102.35 45.13 -35.68
C ARG H 142 101.84 46.56 -35.77
N GLN H 143 100.85 46.90 -34.94
CA GLN H 143 100.38 48.28 -34.88
C GLN H 143 101.56 49.22 -34.61
N SER H 144 102.29 48.98 -33.53
CA SER H 144 103.40 49.83 -33.16
C SER H 144 104.49 49.83 -34.23
N GLU H 145 104.75 48.67 -34.82
CA GLU H 145 105.74 48.61 -35.89
C GLU H 145 105.38 49.58 -37.01
N GLN H 146 104.16 49.48 -37.54
CA GLN H 146 103.81 50.34 -38.66
C GLN H 146 103.73 51.79 -38.23
N VAL H 147 103.30 52.04 -36.99
CA VAL H 147 103.21 53.41 -36.50
C VAL H 147 104.58 54.06 -36.49
N GLU H 148 105.56 53.40 -35.88
CA GLU H 148 106.90 53.97 -35.85
C GLU H 148 107.50 54.06 -37.23
N LYS H 149 107.17 53.12 -38.11
CA LYS H 149 107.69 53.17 -39.48
C LYS H 149 107.24 54.44 -40.17
N ASN H 150 105.92 54.66 -40.23
CA ASN H 150 105.42 55.87 -40.88
C ASN H 150 105.84 57.13 -40.12
N LYS H 151 106.03 57.01 -38.81
CA LYS H 151 106.47 58.15 -38.02
C LYS H 151 107.86 58.60 -38.42
N ILE H 152 108.81 57.68 -38.48
CA ILE H 152 110.17 58.02 -38.87
C ILE H 152 110.21 58.40 -40.34
N ASN H 153 109.24 57.91 -41.13
CA ASN H 153 109.16 58.35 -42.51
C ASN H 153 108.68 59.78 -42.66
N ASN H 154 107.78 60.24 -41.78
CA ASN H 154 107.04 61.47 -42.02
C ASN H 154 107.42 62.61 -41.08
N ARG H 155 108.23 62.36 -40.05
CA ARG H 155 108.61 63.45 -39.14
C ARG H 155 109.32 64.58 -39.88
N ILE H 156 109.86 64.30 -41.06
CA ILE H 156 110.62 65.30 -41.81
C ILE H 156 109.84 66.58 -42.10
N ALA H 157 108.54 66.62 -41.80
CA ALA H 157 107.73 67.81 -42.01
C ALA H 157 107.43 68.56 -40.72
N ASP H 158 106.79 67.90 -39.75
CA ASP H 158 106.40 68.55 -38.51
C ASP H 158 106.17 67.53 -37.40
N SER I 1462 -23.08 -87.46 -47.91
CA SER I 1462 -22.86 -87.21 -49.33
C SER I 1462 -21.63 -87.95 -49.83
N VAL I 1463 -21.40 -87.91 -51.14
CA VAL I 1463 -20.19 -88.48 -51.71
C VAL I 1463 -18.96 -87.84 -51.07
N ASN I 1464 -19.09 -86.55 -50.70
CA ASN I 1464 -18.00 -85.85 -50.04
C ASN I 1464 -17.69 -86.46 -48.68
N GLU I 1465 -18.71 -86.62 -47.83
CA GLU I 1465 -18.50 -87.16 -46.50
C GLU I 1465 -18.02 -88.60 -46.56
N SER I 1466 -18.55 -89.38 -47.50
CA SER I 1466 -18.06 -90.75 -47.68
C SER I 1466 -16.60 -90.75 -48.07
N LEU I 1467 -16.20 -89.85 -48.97
CA LEU I 1467 -14.79 -89.77 -49.36
C LEU I 1467 -13.92 -89.32 -48.20
N ASN I 1468 -14.44 -88.48 -47.32
CA ASN I 1468 -13.68 -88.10 -46.14
C ASN I 1468 -13.48 -89.28 -45.21
N ASN I 1469 -14.54 -90.07 -45.00
CA ASN I 1469 -14.38 -91.30 -44.23
C ASN I 1469 -13.37 -92.23 -44.89
N LEU I 1470 -13.37 -92.28 -46.22
CA LEU I 1470 -12.37 -93.07 -46.93
C LEU I 1470 -10.96 -92.60 -46.63
N PHE I 1471 -10.72 -91.29 -46.77
CA PHE I 1471 -9.40 -90.74 -46.48
C PHE I 1471 -9.01 -90.99 -45.03
N ILE I 1472 -9.99 -91.02 -44.13
CA ILE I 1472 -9.72 -91.45 -42.76
C ILE I 1472 -9.21 -92.88 -42.77
N THR I 1473 -9.91 -93.78 -43.46
CA THR I 1473 -9.43 -95.15 -43.61
C THR I 1473 -8.16 -95.19 -44.45
N GLU I 1474 -8.13 -94.44 -45.57
CA GLU I 1474 -6.95 -94.41 -46.44
C GLU I 1474 -5.76 -93.75 -45.78
N GLU I 1475 -5.89 -93.32 -44.53
CA GLU I 1475 -4.81 -92.64 -43.78
C GLU I 1475 -4.42 -91.34 -44.47
N ASP I 1476 -5.40 -90.68 -45.07
CA ASP I 1476 -5.20 -89.38 -45.71
C ASP I 1476 -5.84 -88.31 -44.86
N TYR I 1477 -5.02 -87.35 -44.41
CA TYR I 1477 -5.51 -86.18 -43.72
C TYR I 1477 -5.58 -84.95 -44.62
N GLN I 1478 -4.63 -84.79 -45.53
CA GLN I 1478 -4.51 -83.60 -46.36
C GLN I 1478 -5.79 -83.30 -47.14
N ALA I 1479 -6.15 -84.19 -48.06
CA ALA I 1479 -7.42 -84.04 -48.75
C ALA I 1479 -8.58 -84.09 -47.78
N LEU I 1480 -8.47 -84.92 -46.74
CA LEU I 1480 -9.47 -84.93 -45.68
C LEU I 1480 -9.58 -83.56 -45.03
N ARG I 1481 -8.45 -82.91 -44.76
CA ARG I 1481 -8.47 -81.56 -44.21
C ARG I 1481 -9.18 -80.60 -45.15
N THR I 1482 -8.78 -80.59 -46.43
CA THR I 1482 -9.41 -79.70 -47.40
C THR I 1482 -10.91 -79.91 -47.44
N SER I 1483 -11.35 -81.17 -47.37
CA SER I 1483 -12.77 -81.46 -47.47
C SER I 1483 -13.52 -81.03 -46.21
N ILE I 1484 -12.97 -81.31 -45.03
CA ILE I 1484 -13.64 -80.90 -43.80
C ILE I 1484 -13.65 -79.38 -43.70
N ASP I 1485 -12.74 -78.71 -44.40
CA ASP I 1485 -12.91 -77.26 -44.57
C ASP I 1485 -14.03 -76.95 -45.56
N ALA I 1486 -14.19 -77.78 -46.58
CA ALA I 1486 -15.16 -77.51 -47.63
C ALA I 1486 -16.61 -77.67 -47.18
N TYR I 1487 -16.87 -78.41 -46.12
CA TYR I 1487 -18.24 -78.64 -45.66
C TYR I 1487 -18.28 -78.76 -44.14
N ASP I 1488 -19.49 -78.64 -43.60
CA ASP I 1488 -19.75 -78.83 -42.19
C ASP I 1488 -20.85 -79.84 -41.90
N ASN I 1489 -21.37 -80.54 -42.91
CA ASN I 1489 -22.52 -81.43 -42.75
C ASN I 1489 -22.05 -82.73 -42.08
N PHE I 1490 -21.50 -82.57 -40.88
CA PHE I 1490 -21.00 -83.67 -40.06
C PHE I 1490 -20.52 -83.09 -38.75
N ASP I 1491 -20.25 -83.97 -37.79
CA ASP I 1491 -19.65 -83.57 -36.53
C ASP I 1491 -18.16 -83.84 -36.56
N ASN I 1492 -17.45 -83.23 -35.62
CA ASN I 1492 -16.02 -83.42 -35.52
C ASN I 1492 -15.60 -84.24 -34.31
N ILE I 1493 -16.52 -84.53 -33.39
CA ILE I 1493 -16.20 -85.41 -32.27
C ILE I 1493 -15.78 -86.78 -32.78
N SER I 1494 -16.59 -87.36 -33.67
CA SER I 1494 -16.19 -88.60 -34.33
C SER I 1494 -14.94 -88.39 -35.18
N LEU I 1495 -14.87 -87.26 -35.88
CA LEU I 1495 -13.64 -86.91 -36.60
C LEU I 1495 -12.47 -86.86 -35.65
N ALA I 1496 -12.67 -86.27 -34.47
CA ALA I 1496 -11.61 -86.23 -33.47
C ALA I 1496 -11.17 -87.63 -33.06
N GLN I 1497 -12.13 -88.52 -32.81
CA GLN I 1497 -11.79 -89.87 -32.38
C GLN I 1497 -11.02 -90.62 -33.45
N ARG I 1498 -11.44 -90.46 -34.71
CA ARG I 1498 -10.74 -91.14 -35.80
C ARG I 1498 -9.34 -90.58 -36.00
N LEU I 1499 -9.19 -89.26 -35.93
CA LEU I 1499 -7.89 -88.64 -36.22
C LEU I 1499 -6.90 -88.88 -35.09
N GLU I 1500 -7.34 -88.73 -33.84
CA GLU I 1500 -6.40 -88.71 -32.71
C GLU I 1500 -5.72 -90.05 -32.50
N LYS I 1501 -6.25 -91.11 -33.11
CA LYS I 1501 -5.69 -92.45 -32.94
C LYS I 1501 -5.31 -93.10 -34.27
N HIS I 1502 -5.11 -92.30 -35.30
CA HIS I 1502 -4.83 -92.85 -36.62
C HIS I 1502 -3.35 -92.92 -36.95
N GLU I 1503 -2.49 -92.96 -35.93
CA GLU I 1503 -1.09 -93.34 -36.07
C GLU I 1503 -0.26 -92.25 -36.76
N LEU I 1504 -0.92 -91.21 -37.28
CA LEU I 1504 -0.21 -90.11 -37.92
C LEU I 1504 -0.23 -88.90 -37.00
N ILE I 1505 0.95 -88.29 -36.84
CA ILE I 1505 1.05 -87.06 -36.06
C ILE I 1505 0.17 -85.97 -36.67
N GLU I 1506 -0.04 -86.02 -37.98
CA GLU I 1506 -0.89 -85.05 -38.65
C GLU I 1506 -2.37 -85.31 -38.37
N PHE I 1507 -2.77 -86.58 -38.32
CA PHE I 1507 -4.15 -86.90 -37.96
C PHE I 1507 -4.48 -86.39 -36.56
N ARG I 1508 -3.64 -86.73 -35.57
CA ARG I 1508 -3.82 -86.23 -34.22
C ARG I 1508 -3.72 -84.72 -34.18
N ARG I 1509 -2.88 -84.13 -35.04
CA ARG I 1509 -2.80 -82.68 -35.13
C ARG I 1509 -4.15 -82.08 -35.51
N ILE I 1510 -4.80 -82.65 -36.53
CA ILE I 1510 -6.07 -82.11 -36.98
C ILE I 1510 -7.15 -82.36 -35.94
N ALA I 1511 -7.07 -83.51 -35.24
CA ALA I 1511 -8.00 -83.77 -34.15
C ALA I 1511 -7.90 -82.71 -33.06
N ALA I 1512 -6.67 -82.42 -32.64
CA ALA I 1512 -6.47 -81.36 -31.64
C ALA I 1512 -6.93 -80.01 -32.19
N TYR I 1513 -6.64 -79.73 -33.45
CA TYR I 1513 -7.14 -78.52 -34.10
C TYR I 1513 -8.63 -78.36 -33.91
N LEU I 1514 -9.39 -79.37 -34.32
CA LEU I 1514 -10.84 -79.24 -34.25
C LEU I 1514 -11.37 -79.39 -32.83
N PHE I 1515 -10.52 -79.78 -31.88
CA PHE I 1515 -10.93 -79.76 -30.47
C PHE I 1515 -11.39 -78.36 -30.08
N LYS I 1516 -10.45 -77.41 -30.13
CA LYS I 1516 -10.78 -76.03 -29.80
C LYS I 1516 -11.79 -75.46 -30.79
N GLY I 1517 -11.76 -75.93 -32.04
CA GLY I 1517 -12.79 -75.56 -32.99
C GLY I 1517 -14.18 -75.92 -32.50
N ASN I 1518 -14.29 -77.03 -31.76
CA ASN I 1518 -15.52 -77.42 -31.10
C ASN I 1518 -15.63 -76.87 -29.69
N ASN I 1519 -14.90 -75.79 -29.40
CA ASN I 1519 -14.90 -75.17 -28.07
C ASN I 1519 -14.44 -76.15 -27.01
N ARG I 1520 -13.43 -76.97 -27.32
CA ARG I 1520 -12.96 -78.03 -26.44
C ARG I 1520 -11.45 -77.89 -26.29
N TRP I 1521 -11.03 -77.21 -25.23
CA TRP I 1521 -9.64 -76.86 -25.01
C TRP I 1521 -9.02 -77.79 -23.98
N LYS I 1522 -7.78 -77.49 -23.56
CA LYS I 1522 -7.08 -78.17 -22.46
C LYS I 1522 -6.68 -79.59 -22.84
N GLN I 1523 -7.08 -80.03 -24.01
CA GLN I 1523 -6.72 -81.35 -24.51
C GLN I 1523 -6.06 -81.27 -25.88
N SER I 1524 -6.45 -80.30 -26.70
CA SER I 1524 -5.84 -80.08 -28.01
C SER I 1524 -4.34 -79.93 -27.86
N VAL I 1525 -3.92 -78.95 -27.06
CA VAL I 1525 -2.51 -78.81 -26.73
C VAL I 1525 -1.98 -80.10 -26.13
N GLU I 1526 -2.76 -80.75 -25.27
CA GLU I 1526 -2.32 -82.00 -24.68
C GLU I 1526 -2.26 -83.10 -25.75
N LEU I 1527 -3.18 -83.08 -26.71
CA LEU I 1527 -3.14 -84.08 -27.77
C LEU I 1527 -1.88 -83.93 -28.62
N CYS I 1528 -1.55 -82.68 -28.98
CA CYS I 1528 -0.28 -82.47 -29.67
C CYS I 1528 0.90 -82.86 -28.78
N LYS I 1529 0.77 -82.68 -27.47
CA LYS I 1529 1.80 -83.14 -26.56
C LYS I 1529 1.90 -84.66 -26.56
N LYS I 1530 0.86 -85.36 -27.00
CA LYS I 1530 0.93 -86.80 -27.13
C LYS I 1530 1.88 -87.20 -28.24
N ASP I 1531 1.74 -86.57 -29.41
CA ASP I 1531 2.47 -86.97 -30.60
C ASP I 1531 3.49 -85.93 -31.04
N SER I 1532 3.11 -84.66 -31.12
CA SER I 1532 3.95 -83.61 -31.68
C SER I 1532 4.80 -82.98 -30.57
N LEU I 1533 5.71 -83.80 -30.03
CA LEU I 1533 6.52 -83.41 -28.89
C LEU I 1533 7.53 -82.32 -29.20
N TYR I 1534 8.16 -82.35 -30.37
CA TYR I 1534 9.23 -81.39 -30.69
C TYR I 1534 8.64 -80.01 -30.97
N LYS I 1535 8.07 -79.43 -29.93
CA LYS I 1535 7.63 -78.03 -29.92
C LYS I 1535 6.44 -77.86 -30.86
N ASP I 1536 6.14 -78.87 -31.65
CA ASP I 1536 4.97 -78.80 -32.52
C ASP I 1536 3.70 -78.80 -31.69
N ALA I 1537 3.76 -79.38 -30.49
CA ALA I 1537 2.70 -79.14 -29.51
C ALA I 1537 2.64 -77.67 -29.13
N MET I 1538 3.77 -77.13 -28.64
CA MET I 1538 3.85 -75.72 -28.30
C MET I 1538 3.63 -74.82 -29.51
N GLN I 1539 4.01 -75.28 -30.70
CA GLN I 1539 3.77 -74.57 -31.95
C GLN I 1539 2.32 -74.09 -32.04
N TYR I 1540 1.38 -74.95 -31.66
CA TYR I 1540 -0.02 -74.58 -31.75
C TYR I 1540 -0.60 -74.20 -30.39
N ALA I 1541 0.04 -74.63 -29.30
CA ALA I 1541 -0.27 -74.04 -28.01
C ALA I 1541 -0.16 -72.53 -28.07
N SER I 1542 0.78 -72.04 -28.88
CA SER I 1542 0.85 -70.62 -29.18
C SER I 1542 -0.47 -70.12 -29.73
N GLU I 1543 -0.86 -70.63 -30.90
CA GLU I 1543 -2.08 -70.14 -31.53
C GLU I 1543 -3.34 -70.53 -30.79
N SER I 1544 -3.23 -71.33 -29.73
CA SER I 1544 -4.42 -71.72 -28.98
C SER I 1544 -5.12 -70.51 -28.37
N LYS I 1545 -4.48 -69.35 -28.35
CA LYS I 1545 -5.08 -68.05 -28.11
C LYS I 1545 -5.48 -67.82 -26.65
N ASP I 1546 -5.39 -68.83 -25.79
CA ASP I 1546 -5.93 -68.72 -24.45
C ASP I 1546 -4.82 -68.76 -23.43
N THR I 1547 -5.00 -68.01 -22.34
CA THR I 1547 -4.02 -67.94 -21.26
C THR I 1547 -4.18 -69.17 -20.36
N GLU I 1548 -3.53 -69.12 -19.20
CA GLU I 1548 -3.63 -70.17 -18.20
C GLU I 1548 -3.04 -71.47 -18.72
N LEU I 1549 -2.18 -71.36 -19.72
CA LEU I 1549 -1.48 -72.51 -20.29
C LEU I 1549 0.02 -72.42 -20.05
N ALA I 1550 0.62 -71.26 -20.33
CA ALA I 1550 2.06 -71.13 -20.28
C ALA I 1550 2.63 -71.36 -18.88
N GLU I 1551 1.85 -71.09 -17.84
CA GLU I 1551 2.36 -71.26 -16.48
C GLU I 1551 2.71 -72.72 -16.23
N GLU I 1552 1.69 -73.57 -16.23
CA GLU I 1552 1.91 -74.97 -15.94
C GLU I 1552 2.69 -75.67 -17.05
N LEU I 1553 2.38 -75.36 -18.31
CA LEU I 1553 3.09 -76.02 -19.40
C LEU I 1553 4.55 -75.64 -19.40
N LEU I 1554 4.84 -74.38 -19.13
CA LEU I 1554 6.22 -73.94 -19.11
C LEU I 1554 6.95 -74.46 -17.88
N GLN I 1555 6.25 -74.61 -16.76
CA GLN I 1555 6.88 -75.27 -15.62
C GLN I 1555 7.24 -76.71 -15.96
N TRP I 1556 6.30 -77.45 -16.54
CA TRP I 1556 6.58 -78.81 -16.99
C TRP I 1556 7.75 -78.83 -17.96
N PHE I 1557 7.77 -77.88 -18.89
CA PHE I 1557 8.84 -77.83 -19.87
C PHE I 1557 10.16 -77.39 -19.24
N LEU I 1558 10.10 -76.81 -18.04
CA LEU I 1558 11.29 -76.63 -17.24
C LEU I 1558 11.71 -77.92 -16.57
N GLN I 1559 10.74 -78.79 -16.26
CA GLN I 1559 11.06 -80.05 -15.61
C GLN I 1559 11.95 -80.91 -16.50
N GLU I 1560 11.55 -81.10 -17.75
CA GLU I 1560 12.43 -81.70 -18.74
C GLU I 1560 13.16 -80.57 -19.46
N GLU I 1561 14.46 -80.49 -19.24
CA GLU I 1561 15.21 -79.30 -19.65
C GLU I 1561 15.42 -79.28 -21.17
N LYS I 1562 14.33 -79.08 -21.91
CA LYS I 1562 14.39 -78.90 -23.36
C LYS I 1562 14.33 -77.43 -23.74
N ARG I 1563 15.01 -76.59 -22.96
CA ARG I 1563 14.97 -75.14 -23.11
C ARG I 1563 15.12 -74.68 -24.55
N GLU I 1564 15.71 -75.52 -25.42
CA GLU I 1564 15.77 -75.27 -26.85
C GLU I 1564 14.43 -74.78 -27.40
N CYS I 1565 13.33 -75.35 -26.91
CA CYS I 1565 12.03 -74.87 -27.32
C CYS I 1565 11.46 -73.85 -26.35
N PHE I 1566 11.99 -73.79 -25.13
CA PHE I 1566 11.39 -72.92 -24.12
C PHE I 1566 11.48 -71.45 -24.49
N GLY I 1567 12.52 -71.06 -25.23
CA GLY I 1567 12.59 -69.71 -25.74
C GLY I 1567 11.35 -69.34 -26.52
N ALA I 1568 10.90 -70.24 -27.40
CA ALA I 1568 9.67 -69.99 -28.13
C ALA I 1568 8.47 -69.95 -27.20
N CYS I 1569 8.45 -70.81 -26.19
CA CYS I 1569 7.33 -70.80 -25.25
C CYS I 1569 7.19 -69.43 -24.60
N LEU I 1570 8.24 -68.96 -23.94
CA LEU I 1570 8.18 -67.63 -23.34
C LEU I 1570 7.95 -66.55 -24.37
N PHE I 1571 8.45 -66.72 -25.59
CA PHE I 1571 8.19 -65.75 -26.66
C PHE I 1571 6.69 -65.60 -26.91
N THR I 1572 6.02 -66.70 -27.24
CA THR I 1572 4.64 -66.63 -27.71
C THR I 1572 3.77 -65.86 -26.73
N CYS I 1573 3.98 -66.07 -25.43
CA CYS I 1573 3.19 -65.41 -24.40
C CYS I 1573 4.04 -64.46 -23.56
N TYR I 1574 4.97 -63.74 -24.19
CA TYR I 1574 5.67 -62.68 -23.46
C TYR I 1574 4.69 -61.64 -22.94
N ASP I 1575 3.53 -61.50 -23.58
CA ASP I 1575 2.60 -60.43 -23.25
C ASP I 1575 2.03 -60.58 -21.85
N LEU I 1576 1.76 -61.80 -21.43
CA LEU I 1576 1.01 -62.05 -20.19
C LEU I 1576 1.89 -62.52 -19.05
N LEU I 1577 3.09 -61.98 -18.91
CA LEU I 1577 4.06 -62.50 -17.96
C LEU I 1577 4.36 -61.48 -16.86
N ARG I 1578 4.78 -61.98 -15.70
CA ARG I 1578 5.22 -61.16 -14.60
C ARG I 1578 6.63 -61.61 -14.24
N PRO I 1579 7.53 -60.68 -13.89
CA PRO I 1579 8.93 -61.06 -13.66
C PRO I 1579 9.12 -61.96 -12.47
N ASP I 1580 8.17 -61.97 -11.54
CA ASP I 1580 8.26 -62.79 -10.34
C ASP I 1580 8.66 -64.21 -10.69
N VAL I 1581 7.80 -64.89 -11.44
CA VAL I 1581 8.04 -66.27 -11.82
C VAL I 1581 9.26 -66.38 -12.69
N VAL I 1582 9.60 -65.30 -13.41
CA VAL I 1582 10.76 -65.36 -14.29
C VAL I 1582 12.04 -65.49 -13.48
N LEU I 1583 12.21 -64.63 -12.46
CA LEU I 1583 13.38 -64.78 -11.61
C LEU I 1583 13.30 -66.07 -10.81
N GLU I 1584 12.08 -66.46 -10.44
CA GLU I 1584 11.91 -67.76 -9.80
C GLU I 1584 12.61 -68.83 -10.60
N THR I 1585 12.18 -69.01 -11.86
CA THR I 1585 12.73 -70.09 -12.67
C THR I 1585 14.15 -69.83 -13.10
N ALA I 1586 14.56 -68.57 -13.18
CA ALA I 1586 15.94 -68.26 -13.52
C ALA I 1586 16.87 -68.70 -12.39
N TRP I 1587 16.69 -68.13 -11.21
CA TRP I 1587 17.47 -68.52 -10.05
C TRP I 1587 17.31 -69.99 -9.71
N ARG I 1588 16.20 -70.61 -10.11
CA ARG I 1588 16.01 -72.03 -9.83
C ARG I 1588 16.79 -72.89 -10.81
N HIS I 1589 16.45 -72.79 -12.09
CA HIS I 1589 17.07 -73.59 -13.14
C HIS I 1589 18.37 -72.99 -13.63
N ASN I 1590 18.82 -71.89 -13.02
CA ASN I 1590 20.09 -71.26 -13.37
C ASN I 1590 20.13 -70.92 -14.85
N ILE I 1591 19.13 -70.18 -15.32
CA ILE I 1591 18.91 -69.94 -16.74
C ILE I 1591 18.85 -68.44 -16.97
N MET I 1592 19.86 -67.91 -17.66
CA MET I 1592 19.88 -66.52 -18.09
C MET I 1592 19.73 -66.34 -19.59
N ASP I 1593 20.18 -67.30 -20.39
CA ASP I 1593 19.93 -67.28 -21.82
C ASP I 1593 18.44 -67.19 -22.09
N PHE I 1594 18.09 -66.42 -23.13
CA PHE I 1594 16.72 -66.07 -23.49
C PHE I 1594 15.91 -65.64 -22.28
N ALA I 1595 16.61 -65.19 -21.25
CA ALA I 1595 16.05 -64.54 -20.08
C ALA I 1595 16.62 -63.15 -19.87
N MET I 1596 17.93 -63.00 -20.06
CA MET I 1596 18.50 -61.68 -20.27
C MET I 1596 17.80 -60.92 -21.39
N PRO I 1597 17.54 -61.51 -22.57
CA PRO I 1597 16.71 -60.79 -23.54
C PRO I 1597 15.33 -60.50 -23.01
N TYR I 1598 14.81 -61.36 -22.15
CA TYR I 1598 13.55 -61.04 -21.48
C TYR I 1598 13.71 -59.79 -20.64
N PHE I 1599 14.81 -59.72 -19.86
CA PHE I 1599 15.15 -58.48 -19.17
C PHE I 1599 15.10 -57.29 -20.11
N ILE I 1600 15.72 -57.44 -21.28
CA ILE I 1600 15.86 -56.31 -22.20
C ILE I 1600 14.50 -55.86 -22.68
N GLN I 1601 13.65 -56.81 -23.12
CA GLN I 1601 12.33 -56.44 -23.60
C GLN I 1601 11.48 -55.87 -22.47
N VAL I 1602 11.65 -56.40 -21.26
CA VAL I 1602 10.92 -55.88 -20.10
C VAL I 1602 11.27 -54.43 -19.87
N MET I 1603 12.55 -54.11 -19.82
CA MET I 1603 12.93 -52.71 -19.62
C MET I 1603 12.52 -51.85 -20.81
N LYS I 1604 12.64 -52.36 -22.03
CA LYS I 1604 12.23 -51.60 -23.21
C LYS I 1604 10.79 -51.19 -23.12
N GLU I 1605 9.90 -52.16 -22.90
CA GLU I 1605 8.49 -51.84 -22.71
C GLU I 1605 8.31 -50.95 -21.49
N TYR I 1606 9.18 -51.09 -20.50
CA TYR I 1606 9.16 -50.21 -19.35
C TYR I 1606 9.68 -48.81 -19.68
N LEU I 1607 10.70 -48.71 -20.52
CA LEU I 1607 11.08 -47.41 -21.04
C LEU I 1607 9.88 -46.73 -21.69
N THR I 1608 9.22 -47.46 -22.59
CA THR I 1608 8.00 -46.95 -23.21
C THR I 1608 6.99 -46.52 -22.16
N LYS I 1609 6.79 -47.34 -21.13
CA LYS I 1609 5.87 -46.98 -20.07
C LYS I 1609 6.25 -45.63 -19.50
N VAL I 1610 7.39 -45.57 -18.82
CA VAL I 1610 7.76 -44.36 -18.09
C VAL I 1610 7.66 -43.15 -18.99
N ASP I 1611 8.03 -43.29 -20.26
CA ASP I 1611 8.07 -42.13 -21.14
C ASP I 1611 6.67 -41.67 -21.50
N LYS I 1612 5.78 -42.59 -21.86
CA LYS I 1612 4.42 -42.17 -22.16
C LYS I 1612 3.73 -41.65 -20.92
N LEU I 1613 4.10 -42.18 -19.75
CA LEU I 1613 3.61 -41.60 -18.51
C LEU I 1613 4.05 -40.16 -18.37
N ASP I 1614 5.33 -39.88 -18.65
CA ASP I 1614 5.82 -38.52 -18.64
C ASP I 1614 5.00 -37.65 -19.57
N ALA I 1615 4.77 -38.13 -20.78
CA ALA I 1615 3.97 -37.38 -21.75
C ALA I 1615 2.61 -37.03 -21.17
N SER I 1616 1.93 -38.04 -20.65
CA SER I 1616 0.58 -37.85 -20.12
C SER I 1616 0.57 -36.83 -18.99
N GLU I 1617 1.45 -37.02 -18.00
CA GLU I 1617 1.43 -36.13 -16.85
C GLU I 1617 1.82 -34.72 -17.24
N SER I 1618 2.74 -34.57 -18.19
CA SER I 1618 3.14 -33.25 -18.64
C SER I 1618 1.95 -32.54 -19.28
N LEU I 1619 1.23 -33.25 -20.15
CA LEU I 1619 0.03 -32.67 -20.74
C LEU I 1619 -0.96 -32.27 -19.65
N ARG I 1620 -1.17 -33.15 -18.67
CA ARG I 1620 -2.16 -32.86 -17.65
C ARG I 1620 -1.78 -31.62 -16.84
N LYS I 1621 -0.50 -31.49 -16.48
CA LYS I 1621 -0.10 -30.34 -15.69
C LYS I 1621 -0.21 -29.06 -16.51
N GLU I 1622 0.29 -29.06 -17.75
CA GLU I 1622 0.20 -27.85 -18.55
C GLU I 1622 -1.26 -27.45 -18.75
N GLU I 1623 -2.15 -28.43 -18.84
CA GLU I 1623 -3.57 -28.12 -18.92
C GLU I 1623 -4.04 -27.45 -17.65
N GLU I 1624 -3.72 -28.03 -16.49
CA GLU I 1624 -4.22 -27.47 -15.25
C GLU I 1624 -3.55 -26.15 -14.87
N GLN I 1625 -2.50 -25.73 -15.59
CA GLN I 1625 -1.93 -24.42 -15.32
C GLN I 1625 -2.92 -23.31 -15.65
N ALA I 1626 -3.86 -23.57 -16.56
CA ALA I 1626 -4.86 -22.58 -16.91
C ALA I 1626 -5.79 -22.28 -15.74
N GLU J 1370 -13.08 -47.22 77.36
CA GLU J 1370 -12.42 -48.51 77.53
C GLU J 1370 -11.54 -48.83 76.32
N TYR J 1371 -11.81 -48.13 75.22
CA TYR J 1371 -11.04 -48.35 74.00
C TYR J 1371 -9.57 -48.01 74.23
N ASP J 1372 -9.31 -46.78 74.67
CA ASP J 1372 -7.96 -46.41 75.12
C ASP J 1372 -7.50 -47.35 76.22
N ASN J 1373 -8.40 -47.69 77.16
CA ASN J 1373 -8.06 -48.67 78.17
C ASN J 1373 -7.70 -50.02 77.55
N ALA J 1374 -8.39 -50.40 76.48
CA ALA J 1374 -8.10 -51.67 75.83
C ALA J 1374 -6.71 -51.67 75.21
N ILE J 1375 -6.38 -50.62 74.46
CA ILE J 1375 -5.05 -50.59 73.85
C ILE J 1375 -3.97 -50.50 74.92
N ILE J 1376 -4.24 -49.80 76.03
CA ILE J 1376 -3.28 -49.80 77.14
C ILE J 1376 -3.08 -51.22 77.66
N THR J 1377 -4.14 -51.82 78.21
CA THR J 1377 -4.00 -53.13 78.83
C THR J 1377 -3.49 -54.19 77.88
N MET J 1378 -3.60 -53.96 76.56
CA MET J 1378 -2.95 -54.84 75.61
C MET J 1378 -1.46 -54.55 75.52
N MET J 1379 -1.09 -53.27 75.33
CA MET J 1379 0.31 -52.93 75.12
C MET J 1379 1.07 -52.73 76.43
N ASN J 1380 0.38 -52.36 77.51
CA ASN J 1380 1.08 -51.95 78.72
C ASN J 1380 1.92 -53.06 79.32
N HIS J 1381 1.50 -54.31 79.15
CA HIS J 1381 2.15 -55.45 79.80
C HIS J 1381 2.63 -56.44 78.76
N PRO J 1382 3.80 -56.19 78.16
CA PRO J 1382 4.40 -57.19 77.28
C PRO J 1382 4.79 -58.44 78.05
N THR J 1383 4.96 -58.29 79.36
CA THR J 1383 5.37 -59.43 80.18
C THR J 1383 4.24 -60.45 80.32
N ASP J 1384 3.05 -60.03 80.72
CA ASP J 1384 1.97 -60.96 81.03
C ASP J 1384 0.63 -60.63 80.41
N ALA J 1385 0.33 -59.37 80.13
CA ALA J 1385 -1.00 -58.98 79.63
C ALA J 1385 -0.86 -58.30 78.27
N TRP J 1386 -0.89 -59.12 77.22
CA TRP J 1386 -0.92 -58.63 75.84
C TRP J 1386 -1.62 -59.68 74.98
N LYS J 1387 -2.26 -59.23 73.91
CA LYS J 1387 -3.08 -60.11 73.09
C LYS J 1387 -3.13 -59.57 71.67
N GLU J 1388 -3.00 -60.47 70.69
CA GLU J 1388 -2.89 -60.06 69.29
C GLU J 1388 -4.25 -59.72 68.70
N GLY J 1389 -5.23 -60.60 68.86
CA GLY J 1389 -6.44 -60.50 68.07
C GLY J 1389 -7.39 -59.42 68.55
N GLN J 1390 -7.50 -59.24 69.86
CA GLN J 1390 -8.53 -58.39 70.46
C GLN J 1390 -8.55 -56.98 69.90
N PHE J 1391 -7.48 -56.53 69.23
CA PHE J 1391 -7.38 -55.15 68.81
C PHE J 1391 -8.11 -54.83 67.52
N LYS J 1392 -8.62 -55.85 66.81
CA LYS J 1392 -9.14 -55.65 65.46
C LYS J 1392 -10.51 -54.98 65.42
N ASP J 1393 -11.08 -54.63 66.56
CA ASP J 1393 -12.44 -54.08 66.58
C ASP J 1393 -12.50 -52.61 66.92
N ILE J 1394 -11.78 -52.16 67.97
CA ILE J 1394 -11.88 -50.78 68.41
C ILE J 1394 -11.26 -49.83 67.41
N ILE J 1395 -10.55 -50.37 66.40
CA ILE J 1395 -9.86 -49.54 65.43
C ILE J 1395 -10.81 -48.65 64.64
N THR J 1396 -12.10 -49.02 64.56
CA THR J 1396 -13.03 -48.31 63.70
C THR J 1396 -13.22 -46.85 64.10
N LYS J 1397 -13.04 -46.51 65.38
CA LYS J 1397 -13.29 -45.16 65.85
C LYS J 1397 -12.01 -44.42 66.21
N VAL J 1398 -10.85 -45.08 66.07
CA VAL J 1398 -9.56 -44.46 66.36
C VAL J 1398 -9.24 -43.47 65.25
N ALA J 1399 -8.97 -42.22 65.65
CA ALA J 1399 -8.74 -41.16 64.68
C ALA J 1399 -7.34 -41.28 64.07
N ASN J 1400 -6.31 -41.32 64.91
CA ASN J 1400 -4.95 -41.37 64.42
C ASN J 1400 -4.68 -42.72 63.75
N VAL J 1401 -3.56 -42.79 63.02
CA VAL J 1401 -3.20 -43.98 62.27
C VAL J 1401 -1.94 -44.60 62.87
N GLU J 1402 -1.15 -43.78 63.56
CA GLU J 1402 0.07 -44.25 64.20
C GLU J 1402 -0.23 -45.31 65.26
N LEU J 1403 -1.45 -45.31 65.81
CA LEU J 1403 -1.82 -46.35 66.76
C LEU J 1403 -1.79 -47.74 66.12
N TYR J 1404 -2.30 -47.86 64.90
CA TYR J 1404 -2.22 -49.14 64.20
C TYR J 1404 -0.78 -49.49 63.88
N TYR J 1405 0.06 -48.48 63.63
CA TYR J 1405 1.48 -48.72 63.44
C TYR J 1405 2.11 -49.30 64.71
N ARG J 1406 1.80 -48.73 65.86
CA ARG J 1406 2.27 -49.28 67.12
C ARG J 1406 1.80 -50.72 67.31
N ALA J 1407 0.53 -50.98 66.96
CA ALA J 1407 0.01 -52.33 67.04
C ALA J 1407 0.83 -53.29 66.20
N ILE J 1408 0.97 -53.00 64.91
CA ILE J 1408 1.66 -53.92 64.00
C ILE J 1408 3.13 -54.06 64.39
N GLN J 1409 3.73 -53.00 64.92
CA GLN J 1409 5.12 -53.07 65.37
C GLN J 1409 5.27 -53.98 66.57
N PHE J 1410 4.40 -53.82 67.57
CA PHE J 1410 4.41 -54.72 68.72
C PHE J 1410 4.14 -56.15 68.28
N TYR J 1411 3.36 -56.33 67.22
CA TYR J 1411 3.09 -57.68 66.73
C TYR J 1411 4.35 -58.29 66.12
N LEU J 1412 5.00 -57.57 65.21
CA LEU J 1412 6.30 -57.97 64.70
C LEU J 1412 7.29 -58.29 65.82
N GLU J 1413 7.24 -57.51 66.90
CA GLU J 1413 8.13 -57.77 68.03
C GLU J 1413 7.89 -59.14 68.64
N PHE J 1414 6.64 -59.60 68.66
CA PHE J 1414 6.30 -60.86 69.30
C PHE J 1414 5.72 -61.87 68.32
N LYS J 1415 4.68 -61.51 67.57
CA LYS J 1415 3.98 -62.44 66.69
C LYS J 1415 3.92 -61.89 65.28
N PRO J 1416 5.01 -62.00 64.53
CA PRO J 1416 5.00 -61.50 63.15
C PRO J 1416 4.16 -62.34 62.20
N LEU J 1417 3.83 -63.56 62.59
CA LEU J 1417 3.02 -64.42 61.72
C LEU J 1417 1.56 -64.00 61.73
N LEU J 1418 1.11 -63.34 62.80
CA LEU J 1418 -0.27 -62.90 62.95
C LEU J 1418 -0.48 -61.46 62.47
N LEU J 1419 0.35 -60.99 61.55
CA LEU J 1419 0.15 -59.67 60.96
C LEU J 1419 -0.93 -59.69 59.89
N ASN J 1420 -0.95 -60.76 59.09
CA ASN J 1420 -1.83 -60.85 57.92
C ASN J 1420 -3.26 -60.47 58.28
N ASP J 1421 -3.71 -60.84 59.47
CA ASP J 1421 -5.05 -60.46 59.92
C ASP J 1421 -5.22 -58.95 59.92
N LEU J 1422 -4.36 -58.26 60.69
CA LEU J 1422 -4.43 -56.80 60.75
C LEU J 1422 -4.29 -56.19 59.36
N LEU J 1423 -3.47 -56.79 58.51
CA LEU J 1423 -3.35 -56.33 57.14
C LEU J 1423 -4.69 -56.38 56.44
N MET J 1424 -5.40 -57.51 56.57
CA MET J 1424 -6.72 -57.64 55.96
C MET J 1424 -7.71 -56.62 56.51
N VAL J 1425 -7.59 -56.31 57.80
CA VAL J 1425 -8.60 -55.45 58.44
C VAL J 1425 -8.23 -53.98 58.29
N LEU J 1426 -6.93 -53.67 58.24
CA LEU J 1426 -6.46 -52.30 58.25
C LEU J 1426 -6.38 -51.75 56.82
N SER J 1427 -7.14 -52.36 55.91
CA SER J 1427 -7.07 -51.99 54.50
C SER J 1427 -7.61 -50.59 54.21
N PRO J 1428 -8.84 -50.22 54.60
CA PRO J 1428 -9.38 -48.95 54.08
C PRO J 1428 -8.64 -47.73 54.60
N ARG J 1429 -8.45 -47.65 55.91
CA ARG J 1429 -7.77 -46.53 56.56
C ARG J 1429 -6.32 -46.91 56.78
N LEU J 1430 -5.43 -46.44 55.91
CA LEU J 1430 -4.03 -46.81 56.02
C LEU J 1430 -3.18 -45.77 55.30
N ASP J 1431 -2.12 -45.32 55.98
CA ASP J 1431 -1.08 -44.51 55.36
C ASP J 1431 0.02 -45.47 54.90
N HIS J 1432 -0.20 -46.05 53.71
CA HIS J 1432 0.65 -47.13 53.23
C HIS J 1432 2.10 -46.71 53.07
N THR J 1433 2.37 -45.41 52.96
CA THR J 1433 3.74 -44.94 52.81
C THR J 1433 4.61 -45.38 53.98
N ARG J 1434 4.30 -44.89 55.18
CA ARG J 1434 5.08 -45.24 56.35
C ARG J 1434 4.96 -46.72 56.66
N ALA J 1435 3.84 -47.33 56.26
CA ALA J 1435 3.69 -48.77 56.41
C ALA J 1435 4.78 -49.52 55.68
N VAL J 1436 4.90 -49.30 54.37
CA VAL J 1436 5.93 -49.99 53.60
C VAL J 1436 7.32 -49.54 54.01
N ASN J 1437 7.46 -48.29 54.47
CA ASN J 1437 8.76 -47.84 54.97
C ASN J 1437 9.20 -48.70 56.14
N TYR J 1438 8.34 -48.83 57.15
CA TYR J 1438 8.69 -49.63 58.31
C TYR J 1438 8.81 -51.11 57.96
N PHE J 1439 8.07 -51.58 56.97
CA PHE J 1439 8.22 -52.96 56.53
C PHE J 1439 9.59 -53.20 55.92
N SER J 1440 10.10 -52.22 55.17
CA SER J 1440 11.46 -52.28 54.68
C SER J 1440 12.46 -52.19 55.82
N LYS J 1441 12.17 -51.37 56.83
CA LYS J 1441 13.03 -51.30 58.01
C LYS J 1441 13.19 -52.66 58.65
N VAL J 1442 12.07 -53.30 59.00
CA VAL J 1442 12.12 -54.65 59.55
C VAL J 1442 12.53 -55.64 58.47
N LYS J 1443 12.50 -55.21 57.20
CA LYS J 1443 12.85 -56.05 56.06
C LYS J 1443 11.95 -57.29 55.99
N GLN J 1444 10.74 -57.18 56.53
CA GLN J 1444 9.72 -58.21 56.35
C GLN J 1444 8.87 -57.93 55.13
N LEU J 1445 9.43 -57.24 54.15
CA LEU J 1445 8.75 -57.07 52.87
C LEU J 1445 8.32 -58.40 52.27
N PRO J 1446 9.13 -59.45 52.22
CA PRO J 1446 8.62 -60.75 51.77
C PRO J 1446 7.58 -61.33 52.71
N LEU J 1447 7.54 -60.87 53.96
CA LEU J 1447 6.51 -61.33 54.88
C LEU J 1447 5.24 -60.51 54.74
N VAL J 1448 5.38 -59.19 54.60
CA VAL J 1448 4.22 -58.34 54.31
C VAL J 1448 3.77 -58.47 52.86
N LYS J 1449 4.41 -59.35 52.09
CA LYS J 1449 4.08 -59.61 50.70
C LYS J 1449 2.58 -59.66 50.39
N PRO J 1450 1.73 -60.35 51.17
CA PRO J 1450 0.30 -60.30 50.85
C PRO J 1450 -0.28 -58.89 50.92
N TYR J 1451 0.12 -58.12 51.93
CA TYR J 1451 -0.27 -56.71 51.98
C TYR J 1451 0.20 -55.98 50.73
N LEU J 1452 1.39 -56.34 50.23
CA LEU J 1452 1.88 -55.73 49.01
C LEU J 1452 1.00 -56.08 47.82
N ARG J 1453 0.56 -57.35 47.73
CA ARG J 1453 -0.39 -57.71 46.68
C ARG J 1453 -1.68 -56.93 46.83
N SER J 1454 -2.08 -56.65 48.06
CA SER J 1454 -3.29 -55.88 48.29
C SER J 1454 -3.16 -54.46 47.78
N VAL J 1455 -2.05 -53.80 48.09
CA VAL J 1455 -1.95 -52.36 47.85
C VAL J 1455 -1.24 -52.00 46.55
N GLN J 1456 -0.68 -52.97 45.82
CA GLN J 1456 0.07 -52.64 44.61
C GLN J 1456 -0.83 -52.09 43.51
N ASN J 1457 -2.14 -52.32 43.61
CA ASN J 1457 -3.08 -51.82 42.61
C ASN J 1457 -3.08 -50.30 42.51
N HIS J 1458 -2.39 -49.61 43.42
CA HIS J 1458 -2.41 -48.16 43.49
C HIS J 1458 -1.36 -47.49 42.62
N ASN J 1459 -0.37 -48.26 42.13
CA ASN J 1459 0.67 -47.75 41.23
C ASN J 1459 1.39 -46.55 41.86
N ASN J 1460 1.82 -46.75 43.10
CA ASN J 1460 2.54 -45.74 43.85
C ASN J 1460 4.04 -45.99 43.77
N LYS J 1461 4.80 -44.89 43.77
CA LYS J 1461 6.26 -44.98 43.68
C LYS J 1461 6.82 -46.01 44.65
N SER J 1462 6.44 -45.90 45.93
CA SER J 1462 7.02 -46.76 46.95
C SER J 1462 6.66 -48.23 46.73
N VAL J 1463 5.37 -48.50 46.51
CA VAL J 1463 4.94 -49.90 46.36
C VAL J 1463 5.53 -50.49 45.09
N ASN J 1464 5.62 -49.70 44.03
CA ASN J 1464 6.18 -50.18 42.78
C ASN J 1464 7.66 -50.50 42.91
N GLU J 1465 8.42 -49.59 43.53
CA GLU J 1465 9.85 -49.84 43.69
C GLU J 1465 10.09 -51.03 44.61
N SER J 1466 9.26 -51.18 45.64
CA SER J 1466 9.42 -52.32 46.53
C SER J 1466 9.20 -53.63 45.78
N LEU J 1467 8.12 -53.69 44.99
CA LEU J 1467 7.88 -54.90 44.20
C LEU J 1467 8.98 -55.13 43.19
N ASN J 1468 9.54 -54.06 42.63
CA ASN J 1468 10.62 -54.20 41.67
C ASN J 1468 11.85 -54.79 42.34
N ASN J 1469 12.15 -54.36 43.56
CA ASN J 1469 13.25 -54.97 44.30
C ASN J 1469 12.93 -56.42 44.65
N LEU J 1470 11.68 -56.70 44.98
CA LEU J 1470 11.24 -58.07 45.18
C LEU J 1470 11.52 -58.92 43.96
N PHE J 1471 11.31 -58.37 42.77
CA PHE J 1471 11.59 -59.09 41.54
C PHE J 1471 13.09 -59.22 41.27
N ILE J 1472 13.85 -58.17 41.58
CA ILE J 1472 15.30 -58.20 41.39
C ILE J 1472 15.91 -59.31 42.22
N THR J 1473 15.74 -59.22 43.55
CA THR J 1473 16.22 -60.27 44.44
C THR J 1473 15.54 -61.59 44.14
N GLU J 1474 14.31 -61.52 43.62
CA GLU J 1474 13.57 -62.70 43.24
C GLU J 1474 14.11 -63.33 41.96
N GLU J 1475 14.85 -62.56 41.16
CA GLU J 1475 15.33 -63.00 39.86
C GLU J 1475 14.15 -63.43 38.97
N ASP J 1476 13.02 -62.78 39.19
CA ASP J 1476 11.79 -63.02 38.43
C ASP J 1476 11.64 -61.95 37.36
N TYR J 1477 11.17 -62.37 36.20
CA TYR J 1477 11.01 -61.48 35.06
C TYR J 1477 9.60 -61.49 34.47
N GLN J 1478 8.97 -62.66 34.37
CA GLN J 1478 7.64 -62.77 33.78
C GLN J 1478 6.63 -61.96 34.58
N ALA J 1479 6.45 -62.31 35.84
CA ALA J 1479 5.62 -61.51 36.72
C ALA J 1479 6.16 -60.10 36.84
N LEU J 1480 7.49 -59.94 36.81
CA LEU J 1480 8.06 -58.60 36.77
C LEU J 1480 7.63 -57.86 35.52
N ARG J 1481 7.66 -58.54 34.36
CA ARG J 1481 7.16 -57.95 33.13
C ARG J 1481 5.73 -57.46 33.31
N THR J 1482 4.83 -58.37 33.71
CA THR J 1482 3.42 -58.04 33.85
C THR J 1482 3.22 -56.87 34.82
N SER J 1483 4.01 -56.85 35.89
CA SER J 1483 3.88 -55.78 36.88
C SER J 1483 4.26 -54.44 36.28
N ILE J 1484 5.44 -54.36 35.67
CA ILE J 1484 5.88 -53.09 35.11
C ILE J 1484 5.02 -52.69 33.93
N ASP J 1485 4.26 -53.64 33.37
CA ASP J 1485 3.24 -53.24 32.40
C ASP J 1485 2.04 -52.62 33.10
N ALA J 1486 1.53 -53.26 34.16
CA ALA J 1486 0.37 -52.75 34.84
C ALA J 1486 0.68 -51.44 35.56
N TYR J 1487 1.88 -51.32 36.12
CA TYR J 1487 2.25 -50.17 36.91
C TYR J 1487 3.53 -49.57 36.32
N ASP J 1488 3.65 -48.25 36.44
CA ASP J 1488 4.71 -47.55 35.74
C ASP J 1488 5.37 -46.45 36.57
N ASN J 1489 5.02 -46.29 37.84
CA ASN J 1489 5.45 -45.15 38.63
C ASN J 1489 6.90 -45.35 39.04
N PHE J 1490 7.80 -45.21 38.06
CA PHE J 1490 9.24 -45.36 38.28
C PHE J 1490 9.97 -44.86 37.04
N ASP J 1491 11.29 -44.91 37.08
CA ASP J 1491 12.15 -44.49 35.98
C ASP J 1491 12.64 -45.71 35.22
N ASN J 1492 13.24 -45.47 34.05
CA ASN J 1492 13.74 -46.58 33.23
C ASN J 1492 15.23 -46.80 33.42
N ILE J 1493 15.97 -45.78 33.84
CA ILE J 1493 17.42 -45.81 33.82
C ILE J 1493 17.95 -46.91 34.72
N SER J 1494 17.66 -46.80 36.02
CA SER J 1494 18.16 -47.77 36.98
C SER J 1494 17.63 -49.16 36.67
N LEU J 1495 16.37 -49.26 36.24
CA LEU J 1495 15.81 -50.56 35.93
C LEU J 1495 16.56 -51.23 34.79
N ALA J 1496 16.87 -50.45 33.75
CA ALA J 1496 17.73 -50.95 32.69
C ALA J 1496 19.08 -51.40 33.24
N GLN J 1497 19.66 -50.60 34.14
CA GLN J 1497 20.95 -50.97 34.72
C GLN J 1497 20.87 -52.35 35.36
N ARG J 1498 19.86 -52.58 36.18
CA ARG J 1498 19.74 -53.86 36.85
C ARG J 1498 19.49 -54.99 35.86
N LEU J 1499 18.51 -54.83 34.96
CA LEU J 1499 18.10 -55.94 34.12
C LEU J 1499 19.20 -56.32 33.13
N GLU J 1500 19.93 -55.32 32.61
CA GLU J 1500 20.99 -55.60 31.65
C GLU J 1500 22.07 -56.47 32.24
N LYS J 1501 22.20 -56.49 33.56
CA LYS J 1501 23.24 -57.25 34.24
C LYS J 1501 22.63 -58.36 35.08
N HIS J 1502 21.43 -58.80 34.73
CA HIS J 1502 20.68 -59.75 35.54
C HIS J 1502 20.71 -61.18 34.99
N GLU J 1503 21.81 -61.56 34.32
CA GLU J 1503 22.17 -62.96 34.07
C GLU J 1503 21.29 -63.64 33.02
N LEU J 1504 20.20 -63.01 32.63
CA LEU J 1504 19.29 -63.61 31.67
C LEU J 1504 19.14 -62.72 30.45
N ILE J 1505 19.22 -63.34 29.28
CA ILE J 1505 18.94 -62.62 28.04
C ILE J 1505 17.53 -62.02 28.11
N GLU J 1506 16.65 -62.65 28.88
CA GLU J 1506 15.32 -62.08 29.07
C GLU J 1506 15.35 -60.85 29.96
N PHE J 1507 16.19 -60.87 31.01
CA PHE J 1507 16.27 -59.70 31.89
C PHE J 1507 16.80 -58.49 31.14
N ARG J 1508 17.99 -58.61 30.55
CA ARG J 1508 18.49 -57.51 29.72
C ARG J 1508 17.57 -57.23 28.54
N ARG J 1509 16.80 -58.23 28.09
CA ARG J 1509 15.84 -57.99 27.02
C ARG J 1509 14.76 -57.02 27.48
N ILE J 1510 14.32 -57.16 28.73
CA ILE J 1510 13.33 -56.21 29.24
C ILE J 1510 14.00 -54.88 29.57
N ALA J 1511 15.26 -54.90 29.98
CA ALA J 1511 16.03 -53.67 30.11
C ALA J 1511 16.00 -52.89 28.81
N ALA J 1512 16.15 -53.60 27.69
CA ALA J 1512 16.08 -52.95 26.38
C ALA J 1512 14.64 -52.56 26.05
N TYR J 1513 13.69 -53.40 26.43
CA TYR J 1513 12.29 -53.11 26.14
C TYR J 1513 11.85 -51.80 26.79
N LEU J 1514 12.31 -51.57 27.99
CA LEU J 1514 11.94 -50.31 28.62
C LEU J 1514 12.63 -49.12 27.99
N PHE J 1515 13.53 -49.32 27.03
CA PHE J 1515 14.10 -48.18 26.30
C PHE J 1515 13.04 -47.52 25.44
N LYS J 1516 12.37 -48.30 24.60
CA LYS J 1516 11.14 -47.81 23.97
C LYS J 1516 10.07 -47.57 25.01
N GLY J 1517 10.10 -48.32 26.11
CA GLY J 1517 9.34 -47.93 27.28
C GLY J 1517 9.73 -46.56 27.78
N ASN J 1518 10.99 -46.19 27.57
CA ASN J 1518 11.44 -44.83 27.83
C ASN J 1518 11.47 -43.97 26.59
N ASN J 1519 11.09 -44.53 25.43
CA ASN J 1519 11.06 -43.82 24.16
C ASN J 1519 12.44 -43.36 23.71
N ARG J 1520 13.44 -44.22 23.95
CA ARG J 1520 14.79 -43.98 23.42
C ARG J 1520 15.30 -45.30 22.84
N TRP J 1521 15.17 -45.42 21.53
CA TRP J 1521 15.49 -46.60 20.75
C TRP J 1521 16.99 -46.68 20.54
N LYS J 1522 17.43 -47.45 19.55
CA LYS J 1522 18.78 -47.39 18.98
C LYS J 1522 19.85 -47.72 20.00
N GLN J 1523 19.42 -48.06 21.21
CA GLN J 1523 20.31 -48.46 22.29
C GLN J 1523 19.91 -49.86 22.67
N SER J 1524 18.60 -50.07 22.71
CA SER J 1524 17.99 -51.36 22.95
C SER J 1524 18.38 -52.35 21.86
N VAL J 1525 17.96 -52.07 20.63
CA VAL J 1525 18.38 -52.90 19.51
C VAL J 1525 19.89 -52.86 19.36
N GLU J 1526 20.52 -51.78 19.82
CA GLU J 1526 21.97 -51.75 19.89
C GLU J 1526 22.49 -52.76 20.88
N LEU J 1527 21.77 -52.97 21.98
CA LEU J 1527 22.16 -54.02 22.92
C LEU J 1527 21.95 -55.40 22.33
N CYS J 1528 20.86 -55.57 21.56
CA CYS J 1528 20.70 -56.80 20.81
C CYS J 1528 21.89 -57.03 19.89
N LYS J 1529 22.38 -55.97 19.28
CA LYS J 1529 23.63 -56.02 18.54
C LYS J 1529 24.81 -56.37 19.43
N LYS J 1530 24.76 -55.98 20.70
CA LYS J 1530 25.84 -56.33 21.61
C LYS J 1530 25.93 -57.84 21.80
N ASP J 1531 24.87 -58.43 22.37
CA ASP J 1531 24.91 -59.82 22.77
C ASP J 1531 23.80 -60.65 22.13
N SER J 1532 22.55 -60.18 22.19
CA SER J 1532 21.44 -60.98 21.70
C SER J 1532 21.42 -60.92 20.18
N LEU J 1533 22.42 -61.53 19.55
CA LEU J 1533 22.51 -61.54 18.10
C LEU J 1533 21.75 -62.69 17.47
N TYR J 1534 21.46 -63.74 18.24
CA TYR J 1534 20.88 -64.96 17.68
C TYR J 1534 19.43 -64.72 17.32
N LYS J 1535 19.20 -63.95 16.26
CA LYS J 1535 17.86 -63.62 15.75
C LYS J 1535 17.17 -62.64 16.69
N ASP J 1536 17.78 -62.39 17.85
CA ASP J 1536 17.25 -61.41 18.77
C ASP J 1536 17.65 -60.01 18.36
N ALA J 1537 18.86 -59.86 17.83
CA ALA J 1537 19.21 -58.64 17.11
C ALA J 1537 18.11 -58.29 16.12
N MET J 1538 17.69 -59.26 15.32
CA MET J 1538 16.55 -59.05 14.42
C MET J 1538 15.26 -58.84 15.20
N GLN J 1539 15.10 -59.52 16.34
CA GLN J 1539 13.88 -59.41 17.12
C GLN J 1539 13.62 -57.97 17.51
N TYR J 1540 14.68 -57.22 17.81
CA TYR J 1540 14.47 -55.81 18.08
C TYR J 1540 14.71 -54.91 16.88
N ALA J 1541 15.38 -55.40 15.85
CA ALA J 1541 15.38 -54.67 14.58
C ALA J 1541 13.96 -54.47 14.09
N SER J 1542 13.10 -55.48 14.32
CA SER J 1542 11.70 -55.36 14.02
C SER J 1542 11.10 -54.15 14.72
N GLU J 1543 11.14 -54.14 16.05
CA GLU J 1543 10.50 -53.06 16.80
C GLU J 1543 11.15 -51.71 16.53
N SER J 1544 12.40 -51.70 16.06
CA SER J 1544 13.10 -50.44 15.84
C SER J 1544 12.28 -49.52 14.94
N LYS J 1545 11.63 -50.07 13.92
CA LYS J 1545 10.52 -49.44 13.20
C LYS J 1545 10.86 -48.05 12.67
N ASP J 1546 12.15 -47.73 12.59
CA ASP J 1546 12.55 -46.41 12.14
C ASP J 1546 13.73 -46.51 11.18
N THR J 1547 13.80 -45.55 10.26
CA THR J 1547 14.76 -45.58 9.18
C THR J 1547 16.13 -45.05 9.58
N GLU J 1548 16.98 -44.83 8.57
CA GLU J 1548 18.29 -44.17 8.70
C GLU J 1548 19.16 -44.76 9.82
N LEU J 1549 18.83 -45.95 10.30
CA LEU J 1549 19.75 -46.71 11.14
C LEU J 1549 20.05 -48.07 10.52
N ALA J 1550 18.98 -48.76 10.11
CA ALA J 1550 19.09 -50.15 9.66
C ALA J 1550 20.06 -50.30 8.50
N GLU J 1551 20.31 -49.24 7.75
CA GLU J 1551 21.26 -49.29 6.67
C GLU J 1551 22.63 -49.67 7.22
N GLU J 1552 23.19 -48.81 8.06
CA GLU J 1552 24.53 -49.03 8.58
C GLU J 1552 24.57 -50.17 9.57
N LEU J 1553 23.54 -50.31 10.41
CA LEU J 1553 23.49 -51.45 11.32
C LEU J 1553 23.50 -52.75 10.54
N LEU J 1554 22.67 -52.83 9.50
CA LEU J 1554 22.58 -54.04 8.71
C LEU J 1554 23.86 -54.29 7.93
N GLN J 1555 24.53 -53.22 7.48
CA GLN J 1555 25.81 -53.39 6.81
C GLN J 1555 26.85 -53.95 7.77
N TRP J 1556 26.97 -53.35 8.96
CA TRP J 1556 27.85 -53.92 9.97
C TRP J 1556 27.49 -55.37 10.25
N PHE J 1557 26.20 -55.66 10.31
CA PHE J 1557 25.73 -57.04 10.44
C PHE J 1557 26.27 -57.91 9.32
N LEU J 1558 26.38 -57.37 8.12
CA LEU J 1558 26.95 -58.09 6.99
C LEU J 1558 28.44 -58.26 7.11
N GLN J 1559 29.11 -57.37 7.84
CA GLN J 1559 30.55 -57.51 8.07
C GLN J 1559 30.86 -58.90 8.62
N GLU J 1560 30.14 -59.31 9.65
CA GLU J 1560 30.16 -60.69 10.09
C GLU J 1560 29.19 -61.51 9.23
N GLU J 1561 29.47 -62.80 9.10
CA GLU J 1561 28.69 -63.64 8.21
C GLU J 1561 27.51 -64.26 8.97
N LYS J 1562 26.76 -63.40 9.63
CA LYS J 1562 25.40 -63.72 10.04
C LYS J 1562 24.40 -63.31 8.98
N ARG J 1563 24.89 -62.71 7.88
CA ARG J 1563 24.09 -62.40 6.70
C ARG J 1563 23.29 -63.59 6.20
N GLU J 1564 23.67 -64.81 6.61
CA GLU J 1564 23.00 -66.03 6.16
C GLU J 1564 21.49 -65.86 6.07
N CYS J 1565 20.91 -65.18 7.06
CA CYS J 1565 19.50 -64.87 7.06
C CYS J 1565 19.22 -63.39 6.83
N PHE J 1566 20.12 -62.70 6.12
CA PHE J 1566 20.00 -61.25 5.98
C PHE J 1566 18.77 -60.84 5.20
N GLY J 1567 18.21 -61.75 4.40
CA GLY J 1567 16.92 -61.46 3.80
C GLY J 1567 15.87 -61.13 4.85
N ALA J 1568 15.78 -61.96 5.88
CA ALA J 1568 14.92 -61.63 7.01
C ALA J 1568 15.44 -60.41 7.76
N CYS J 1569 16.76 -60.35 7.98
CA CYS J 1569 17.32 -59.24 8.74
C CYS J 1569 16.99 -57.89 8.11
N LEU J 1570 16.84 -57.85 6.79
CA LEU J 1570 16.41 -56.62 6.14
C LEU J 1570 14.90 -56.51 6.12
N PHE J 1571 14.19 -57.64 5.94
CA PHE J 1571 12.74 -57.56 5.85
C PHE J 1571 12.12 -57.18 7.19
N THR J 1572 12.74 -57.62 8.29
CA THR J 1572 12.20 -57.31 9.61
C THR J 1572 11.99 -55.81 9.82
N CYS J 1573 12.59 -54.99 8.97
CA CYS J 1573 12.38 -53.55 8.95
C CYS J 1573 12.23 -53.05 7.52
N TYR J 1574 11.59 -53.85 6.66
CA TYR J 1574 11.62 -53.57 5.24
C TYR J 1574 10.91 -52.28 4.87
N ASP J 1575 9.96 -51.83 5.72
CA ASP J 1575 9.00 -50.80 5.34
C ASP J 1575 9.62 -49.69 4.48
N LEU J 1576 10.72 -49.10 4.94
CA LEU J 1576 11.30 -47.94 4.27
C LEU J 1576 12.71 -48.23 3.75
N LEU J 1577 12.89 -49.33 3.04
CA LEU J 1577 14.17 -49.61 2.39
C LEU J 1577 14.08 -49.27 0.90
N ARG J 1578 15.13 -48.62 0.38
CA ARG J 1578 15.24 -48.37 -1.05
C ARG J 1578 16.26 -49.33 -1.64
N PRO J 1579 15.89 -50.12 -2.65
CA PRO J 1579 16.73 -51.24 -3.07
C PRO J 1579 18.01 -50.83 -3.75
N ASP J 1580 18.20 -49.54 -4.01
CA ASP J 1580 19.37 -49.12 -4.77
C ASP J 1580 20.65 -49.39 -3.99
N VAL J 1581 20.69 -48.95 -2.73
CA VAL J 1581 21.84 -49.25 -1.90
C VAL J 1581 21.97 -50.76 -1.73
N VAL J 1582 20.84 -51.47 -1.77
CA VAL J 1582 20.88 -52.92 -1.67
C VAL J 1582 21.65 -53.51 -2.84
N LEU J 1583 21.33 -53.06 -4.05
CA LEU J 1583 22.05 -53.49 -5.23
C LEU J 1583 23.52 -53.11 -5.12
N GLU J 1584 23.79 -51.91 -4.63
CA GLU J 1584 25.17 -51.47 -4.45
C GLU J 1584 25.94 -52.44 -3.57
N THR J 1585 25.45 -52.69 -2.36
CA THR J 1585 26.18 -53.53 -1.43
C THR J 1585 26.20 -54.98 -1.90
N ALA J 1586 25.16 -55.40 -2.61
CA ALA J 1586 25.19 -56.71 -3.25
C ALA J 1586 26.35 -56.79 -4.22
N TRP J 1587 26.61 -55.71 -4.93
CA TRP J 1587 27.76 -55.64 -5.83
C TRP J 1587 29.06 -55.60 -5.03
N ARG J 1588 29.04 -54.93 -3.88
CA ARG J 1588 30.29 -54.66 -3.17
C ARG J 1588 30.90 -55.97 -2.69
N HIS J 1589 30.09 -56.89 -2.17
CA HIS J 1589 30.56 -58.21 -1.83
C HIS J 1589 30.36 -59.20 -2.97
N ASN J 1590 29.78 -58.76 -4.09
CA ASN J 1590 29.36 -59.65 -5.16
C ASN J 1590 28.40 -60.70 -4.61
N ILE J 1591 27.45 -60.25 -3.80
CA ILE J 1591 26.60 -61.13 -3.01
C ILE J 1591 25.18 -61.05 -3.56
N MET J 1592 24.56 -62.20 -3.78
CA MET J 1592 23.23 -62.29 -4.35
C MET J 1592 22.24 -63.08 -3.50
N ASP J 1593 22.72 -64.06 -2.73
CA ASP J 1593 21.83 -64.84 -1.88
C ASP J 1593 21.16 -63.92 -0.86
N PHE J 1594 19.94 -64.33 -0.44
CA PHE J 1594 19.02 -63.54 0.39
C PHE J 1594 18.95 -62.10 -0.12
N ALA J 1595 19.33 -61.92 -1.37
CA ALA J 1595 19.12 -60.69 -2.12
C ALA J 1595 18.38 -60.95 -3.41
N MET J 1596 18.77 -62.00 -4.15
CA MET J 1596 17.98 -62.54 -5.25
C MET J 1596 16.53 -62.65 -4.82
N PRO J 1597 16.23 -63.19 -3.63
CA PRO J 1597 14.85 -63.09 -3.14
C PRO J 1597 14.39 -61.67 -2.98
N TYR J 1598 15.20 -60.85 -2.29
CA TYR J 1598 14.82 -59.45 -2.13
C TYR J 1598 14.75 -58.77 -3.49
N PHE J 1599 15.55 -59.22 -4.46
CA PHE J 1599 15.41 -58.70 -5.81
C PHE J 1599 14.05 -59.04 -6.41
N ILE J 1600 13.59 -60.27 -6.22
CA ILE J 1600 12.24 -60.62 -6.62
C ILE J 1600 11.23 -59.69 -5.95
N GLN J 1601 11.42 -59.45 -4.66
CA GLN J 1601 10.61 -58.47 -3.95
C GLN J 1601 10.59 -57.15 -4.69
N VAL J 1602 11.78 -56.62 -4.95
CA VAL J 1602 11.92 -55.32 -5.57
C VAL J 1602 11.09 -55.25 -6.84
N MET J 1603 11.36 -56.18 -7.75
CA MET J 1603 10.69 -56.13 -9.04
C MET J 1603 9.20 -56.42 -8.95
N LYS J 1604 8.76 -57.24 -8.00
CA LYS J 1604 7.36 -57.60 -7.95
C LYS J 1604 6.54 -56.47 -7.35
N GLU J 1605 7.07 -55.83 -6.31
CA GLU J 1605 6.47 -54.58 -5.84
C GLU J 1605 6.48 -53.56 -6.96
N TYR J 1606 7.61 -53.43 -7.65
CA TYR J 1606 7.74 -52.56 -8.79
C TYR J 1606 6.84 -52.99 -9.94
N LEU J 1607 6.70 -54.30 -10.15
CA LEU J 1607 5.75 -54.84 -11.11
C LEU J 1607 4.36 -54.32 -10.81
N THR J 1608 3.85 -54.64 -9.63
CA THR J 1608 2.54 -54.17 -9.20
C THR J 1608 2.43 -52.66 -9.33
N LYS J 1609 3.51 -51.95 -9.02
CA LYS J 1609 3.49 -50.50 -9.07
C LYS J 1609 3.25 -50.00 -10.48
N VAL J 1610 4.11 -50.41 -11.41
CA VAL J 1610 3.94 -49.98 -12.79
C VAL J 1610 2.59 -50.44 -13.33
N ASP J 1611 2.09 -51.57 -12.86
CA ASP J 1611 0.80 -52.05 -13.34
C ASP J 1611 -0.32 -51.11 -12.93
N LYS J 1612 -0.42 -50.84 -11.64
CA LYS J 1612 -1.44 -49.90 -11.18
C LYS J 1612 -1.25 -48.54 -11.81
N LEU J 1613 -0.01 -48.19 -12.13
CA LEU J 1613 0.25 -46.91 -12.78
C LEU J 1613 -0.33 -46.89 -14.18
N ASP J 1614 -0.04 -47.93 -14.96
CA ASP J 1614 -0.64 -48.05 -16.29
C ASP J 1614 -2.16 -47.99 -16.21
N ALA J 1615 -2.73 -48.66 -15.21
CA ALA J 1615 -4.17 -48.64 -15.02
C ALA J 1615 -4.68 -47.23 -14.81
N SER J 1616 -4.19 -46.59 -13.75
CA SER J 1616 -4.59 -45.22 -13.43
C SER J 1616 -4.41 -44.30 -14.62
N GLU J 1617 -3.31 -44.47 -15.36
CA GLU J 1617 -3.06 -43.63 -16.51
C GLU J 1617 -4.14 -43.83 -17.57
N SER J 1618 -4.48 -45.08 -17.85
CA SER J 1618 -5.55 -45.36 -18.79
C SER J 1618 -6.83 -44.67 -18.37
N LEU J 1619 -7.18 -44.79 -17.08
CA LEU J 1619 -8.36 -44.12 -16.57
C LEU J 1619 -8.30 -42.63 -16.83
N ARG J 1620 -7.14 -42.03 -16.57
CA ARG J 1620 -7.03 -40.59 -16.72
C ARG J 1620 -7.19 -40.18 -18.16
N LYS J 1621 -6.48 -40.84 -19.07
CA LYS J 1621 -6.55 -40.41 -20.46
C LYS J 1621 -7.93 -40.64 -21.03
N GLU J 1622 -8.64 -41.68 -20.57
CA GLU J 1622 -9.99 -41.86 -21.09
C GLU J 1622 -10.94 -40.82 -20.53
N GLU J 1623 -10.76 -40.42 -19.26
CA GLU J 1623 -11.68 -39.44 -18.71
C GLU J 1623 -11.36 -38.03 -19.19
N GLU J 1624 -10.17 -37.83 -19.75
CA GLU J 1624 -9.81 -36.49 -20.22
C GLU J 1624 -10.74 -36.02 -21.34
N GLN J 1625 -11.30 -36.94 -22.12
CA GLN J 1625 -12.11 -36.56 -23.27
C GLN J 1625 -13.28 -35.68 -22.86
N ALA J 1626 -14.04 -36.12 -21.86
CA ALA J 1626 -15.20 -35.37 -21.42
C ALA J 1626 -14.80 -34.01 -20.83
N ASP K 927 -35.45 -31.34 77.90
CA ASP K 927 -35.01 -30.51 76.78
C ASP K 927 -33.87 -29.56 77.19
N LEU K 928 -34.20 -28.30 77.45
CA LEU K 928 -33.20 -27.30 77.82
C LEU K 928 -32.55 -27.67 79.15
N GLU K 929 -33.35 -27.75 80.22
CA GLU K 929 -32.81 -28.09 81.53
C GLU K 929 -32.23 -29.49 81.57
N LEU K 930 -32.82 -30.44 80.82
CA LEU K 930 -32.23 -31.77 80.73
C LEU K 930 -30.79 -31.70 80.23
N ILE K 931 -30.57 -30.91 79.19
CA ILE K 931 -29.22 -30.72 78.67
C ILE K 931 -28.35 -30.00 79.69
N ASN K 932 -28.88 -28.95 80.31
CA ASN K 932 -28.15 -28.17 81.29
C ASN K 932 -27.78 -28.97 82.53
N VAL K 933 -28.39 -30.15 82.75
CA VAL K 933 -28.02 -30.97 83.89
C VAL K 933 -27.18 -32.17 83.46
N CYS K 934 -27.40 -32.67 82.23
CA CYS K 934 -26.65 -33.86 81.82
C CYS K 934 -25.28 -33.50 81.27
N ASN K 935 -25.17 -32.34 80.62
CA ASN K 935 -23.90 -31.94 80.02
C ASN K 935 -22.79 -31.86 81.05
N GLU K 936 -23.14 -31.73 82.33
CA GLU K 936 -22.13 -31.69 83.38
C GLU K 936 -21.44 -33.04 83.55
N ASN K 937 -22.21 -34.08 83.82
CA ASN K 937 -21.67 -35.43 83.95
C ASN K 937 -22.68 -36.43 83.39
N SER K 938 -22.55 -36.72 82.10
CA SER K 938 -23.37 -37.74 81.43
C SER K 938 -22.75 -38.00 80.07
N LEU K 939 -23.30 -38.99 79.37
CA LEU K 939 -22.90 -39.29 78.00
C LEU K 939 -23.51 -38.25 77.09
N PHE K 940 -22.68 -37.59 76.29
CA PHE K 940 -23.09 -36.49 75.43
C PHE K 940 -23.71 -36.96 74.12
N LYS K 941 -24.09 -38.25 74.10
CA LYS K 941 -24.84 -38.80 72.99
C LYS K 941 -26.11 -37.98 72.73
N SER K 942 -26.87 -37.71 73.79
CA SER K 942 -28.10 -36.94 73.62
C SER K 942 -27.79 -35.50 73.18
N LEU K 943 -26.79 -34.87 73.80
CA LEU K 943 -26.41 -33.52 73.40
C LEU K 943 -26.01 -33.46 71.93
N SER K 944 -25.06 -34.30 71.54
CA SER K 944 -24.60 -34.34 70.15
C SER K 944 -25.77 -34.59 69.20
N ARG K 945 -26.54 -35.65 69.45
CA ARG K 945 -27.66 -35.97 68.57
C ARG K 945 -28.66 -34.84 68.47
N TYR K 946 -29.11 -34.30 69.62
CA TYR K 946 -30.01 -33.16 69.63
C TYR K 946 -29.46 -32.04 68.77
N LEU K 947 -28.18 -31.71 68.95
CA LEU K 947 -27.58 -30.63 68.18
C LEU K 947 -27.54 -30.97 66.68
N VAL K 948 -27.48 -32.25 66.34
CA VAL K 948 -27.43 -32.65 64.93
C VAL K 948 -28.80 -33.23 64.56
N ARG K 949 -29.78 -33.09 65.45
CA ARG K 949 -31.17 -33.38 65.12
C ARG K 949 -32.03 -32.13 65.21
N ARG K 950 -31.92 -31.39 66.31
CA ARG K 950 -32.51 -30.06 66.42
C ARG K 950 -31.36 -29.08 66.25
N LYS K 951 -31.29 -28.46 65.08
CA LYS K 951 -30.24 -27.49 64.80
C LYS K 951 -30.27 -26.35 65.81
N ASP K 952 -29.18 -26.20 66.55
CA ASP K 952 -29.08 -25.17 67.59
C ASP K 952 -27.64 -24.69 67.66
N PRO K 953 -27.19 -23.94 66.66
CA PRO K 953 -25.82 -23.40 66.71
C PRO K 953 -25.58 -22.51 67.91
N GLU K 954 -26.63 -21.89 68.46
CA GLU K 954 -26.50 -21.19 69.72
C GLU K 954 -26.19 -22.16 70.85
N LEU K 955 -26.82 -23.34 70.84
CA LEU K 955 -26.48 -24.36 71.81
C LEU K 955 -25.12 -24.97 71.50
N TRP K 956 -24.78 -25.10 70.22
CA TRP K 956 -23.42 -25.47 69.86
C TRP K 956 -22.41 -24.54 70.52
N GLY K 957 -22.65 -23.23 70.47
CA GLY K 957 -21.71 -22.28 71.04
C GLY K 957 -21.70 -22.31 72.56
N SER K 958 -22.89 -22.28 73.17
CA SER K 958 -22.96 -22.29 74.62
C SER K 958 -22.39 -23.58 75.21
N VAL K 959 -22.49 -24.69 74.49
CA VAL K 959 -21.84 -25.93 74.93
C VAL K 959 -20.38 -25.93 74.54
N LEU K 960 -20.10 -25.76 73.25
CA LEU K 960 -18.73 -25.73 72.75
C LEU K 960 -18.24 -24.29 72.67
N LEU K 961 -17.87 -23.78 73.84
CA LEU K 961 -17.40 -22.40 74.00
C LEU K 961 -15.89 -22.30 73.83
N GLU K 962 -15.28 -23.21 73.06
CA GLU K 962 -13.85 -23.30 72.82
C GLU K 962 -13.07 -23.62 74.09
N SER K 963 -13.74 -23.85 75.21
CA SER K 963 -13.10 -24.24 76.45
C SER K 963 -13.76 -25.41 77.14
N ASN K 964 -14.91 -25.89 76.65
CA ASN K 964 -15.58 -27.04 77.22
C ASN K 964 -14.64 -28.25 77.20
N PRO K 965 -14.19 -28.71 78.37
CA PRO K 965 -13.25 -29.84 78.40
C PRO K 965 -13.87 -31.17 78.00
N TYR K 966 -15.19 -31.21 77.80
CA TYR K 966 -15.88 -32.44 77.45
C TYR K 966 -15.81 -32.78 75.98
N ARG K 967 -14.86 -32.19 75.25
CA ARG K 967 -14.77 -32.42 73.81
C ARG K 967 -14.69 -33.91 73.49
N ARG K 968 -13.64 -34.58 73.98
CA ARG K 968 -13.43 -35.99 73.65
C ARG K 968 -14.67 -36.84 73.82
N PRO K 969 -15.43 -36.76 74.93
CA PRO K 969 -16.72 -37.48 74.97
C PRO K 969 -17.70 -36.99 73.90
N LEU K 970 -17.96 -35.68 73.85
CA LEU K 970 -19.00 -35.20 72.94
C LEU K 970 -18.56 -35.33 71.48
N ILE K 971 -17.26 -35.23 71.20
CA ILE K 971 -16.84 -35.42 69.81
C ILE K 971 -16.83 -36.90 69.46
N ASP K 972 -16.45 -37.77 70.40
CA ASP K 972 -16.60 -39.20 70.18
C ASP K 972 -18.06 -39.60 70.06
N GLN K 973 -18.98 -38.71 70.44
CA GLN K 973 -20.39 -38.93 70.13
C GLN K 973 -20.78 -38.37 68.76
N VAL K 974 -20.31 -37.15 68.44
CA VAL K 974 -20.68 -36.55 67.16
C VAL K 974 -20.19 -37.44 66.02
N VAL K 975 -19.08 -38.14 66.20
CA VAL K 975 -18.53 -38.98 65.15
C VAL K 975 -19.46 -40.14 64.81
N GLN K 976 -20.58 -40.26 65.51
CA GLN K 976 -21.66 -41.14 65.09
C GLN K 976 -22.96 -40.39 64.86
N THR K 977 -23.24 -39.35 65.67
CA THR K 977 -24.51 -38.66 65.56
C THR K 977 -24.61 -37.87 64.26
N ALA K 978 -23.50 -37.31 63.79
CA ALA K 978 -23.54 -36.54 62.55
C ALA K 978 -23.87 -37.40 61.35
N LEU K 979 -23.43 -38.67 61.36
CA LEU K 979 -23.69 -39.57 60.25
C LEU K 979 -25.01 -40.34 60.40
N SER K 980 -25.46 -40.58 61.64
CA SER K 980 -26.66 -41.38 61.83
C SER K 980 -27.92 -40.69 61.33
N GLU K 981 -27.90 -39.36 61.19
CA GLU K 981 -29.04 -38.63 60.65
C GLU K 981 -29.34 -39.12 59.25
N THR K 982 -28.40 -38.89 58.32
CA THR K 982 -28.42 -39.47 56.97
C THR K 982 -29.76 -39.30 56.26
N GLN K 983 -30.41 -38.16 56.43
CA GLN K 983 -31.67 -37.89 55.75
C GLN K 983 -31.66 -36.56 54.99
N ASP K 984 -31.02 -35.52 55.53
CA ASP K 984 -30.98 -34.24 54.87
C ASP K 984 -29.73 -33.50 55.33
N PRO K 985 -29.03 -32.81 54.44
CA PRO K 985 -27.77 -32.17 54.80
C PRO K 985 -27.92 -30.93 55.69
N GLU K 986 -29.13 -30.61 56.13
CA GLU K 986 -29.33 -29.39 56.92
C GLU K 986 -28.60 -29.45 58.25
N GLU K 987 -28.77 -30.55 58.98
CA GLU K 987 -28.13 -30.65 60.29
C GLU K 987 -26.62 -30.80 60.20
N VAL K 988 -26.10 -31.52 59.19
CA VAL K 988 -24.66 -31.56 59.02
C VAL K 988 -24.13 -30.20 58.60
N SER K 989 -24.92 -29.44 57.83
CA SER K 989 -24.57 -28.06 57.53
C SER K 989 -24.50 -27.25 58.80
N VAL K 990 -25.41 -27.50 59.74
CA VAL K 990 -25.35 -26.81 61.03
C VAL K 990 -24.11 -27.24 61.80
N THR K 991 -23.72 -28.51 61.69
CA THR K 991 -22.48 -28.96 62.34
C THR K 991 -21.28 -28.20 61.79
N VAL K 992 -21.18 -28.08 60.47
CA VAL K 992 -20.02 -27.37 59.92
C VAL K 992 -20.14 -25.87 60.16
N LYS K 993 -21.36 -25.37 60.33
CA LYS K 993 -21.52 -23.99 60.81
C LYS K 993 -20.88 -23.82 62.17
N ALA K 994 -21.27 -24.67 63.13
CA ALA K 994 -20.61 -24.66 64.43
C ALA K 994 -19.10 -24.81 64.28
N PHE K 995 -18.67 -25.59 63.28
CA PHE K 995 -17.25 -25.67 62.97
C PHE K 995 -16.69 -24.32 62.58
N MET K 996 -17.52 -23.46 61.97
CA MET K 996 -17.08 -22.13 61.56
C MET K 996 -17.74 -21.03 62.39
N THR K 997 -19.06 -21.01 62.49
CA THR K 997 -19.77 -20.00 63.28
C THR K 997 -19.36 -20.11 64.74
N ALA K 998 -19.67 -21.24 65.37
CA ALA K 998 -19.12 -21.51 66.70
C ALA K 998 -17.63 -21.78 66.65
N ASP K 999 -17.05 -21.94 65.44
CA ASP K 999 -15.62 -22.06 65.24
C ASP K 999 -15.05 -23.28 65.97
N LEU K 1000 -15.55 -24.44 65.63
CA LEU K 1000 -14.92 -25.66 66.11
C LEU K 1000 -13.64 -25.87 65.31
N PRO K 1001 -12.47 -25.77 65.93
CA PRO K 1001 -11.21 -25.80 65.18
C PRO K 1001 -10.86 -27.17 64.65
N ASN K 1002 -9.65 -27.31 64.11
CA ASN K 1002 -9.17 -28.60 63.63
C ASN K 1002 -9.27 -29.65 64.72
N GLU K 1003 -9.19 -30.91 64.29
CA GLU K 1003 -9.44 -32.09 65.13
C GLU K 1003 -10.93 -32.18 65.43
N LEU K 1004 -11.69 -31.23 64.89
CA LEU K 1004 -13.14 -31.32 64.78
C LEU K 1004 -13.60 -31.16 63.35
N ILE K 1005 -13.01 -30.23 62.60
CA ILE K 1005 -13.37 -30.00 61.21
C ILE K 1005 -12.83 -31.15 60.36
N GLU K 1006 -11.50 -31.33 60.37
CA GLU K 1006 -10.90 -32.28 59.46
C GLU K 1006 -11.26 -33.71 59.82
N LEU K 1007 -11.42 -34.02 61.11
CA LEU K 1007 -11.83 -35.36 61.49
C LEU K 1007 -13.24 -35.64 61.00
N LEU K 1008 -14.16 -34.69 61.20
CA LEU K 1008 -15.53 -34.89 60.73
C LEU K 1008 -15.58 -35.00 59.22
N GLU K 1009 -14.78 -34.20 58.51
CA GLU K 1009 -14.74 -34.33 57.06
C GLU K 1009 -14.22 -35.70 56.65
N LYS K 1010 -13.17 -36.17 57.30
CA LYS K 1010 -12.65 -37.51 57.01
C LYS K 1010 -13.73 -38.56 57.18
N ILE K 1011 -14.53 -38.44 58.24
CA ILE K 1011 -15.47 -39.52 58.53
C ILE K 1011 -16.71 -39.43 57.65
N VAL K 1012 -17.22 -38.22 57.38
CA VAL K 1012 -18.46 -38.06 56.63
C VAL K 1012 -18.23 -38.21 55.13
N LEU K 1013 -17.09 -37.70 54.63
CA LEU K 1013 -16.73 -37.92 53.23
C LEU K 1013 -16.66 -39.39 52.89
N ASP K 1014 -16.29 -40.24 53.86
CA ASP K 1014 -16.40 -41.69 53.71
C ASP K 1014 -17.88 -42.04 53.67
N ASN K 1015 -18.35 -42.40 52.47
CA ASN K 1015 -19.77 -42.69 52.22
C ASN K 1015 -20.62 -41.47 52.58
N SER K 1016 -20.41 -40.41 51.82
CA SER K 1016 -21.24 -39.22 51.92
C SER K 1016 -22.36 -39.35 50.89
N VAL K 1017 -23.56 -38.88 51.26
CA VAL K 1017 -24.66 -38.85 50.31
C VAL K 1017 -24.37 -37.81 49.24
N PHE K 1018 -23.44 -36.90 49.51
CA PHE K 1018 -23.04 -35.86 48.58
C PHE K 1018 -21.62 -36.14 48.10
N SER K 1019 -21.48 -36.47 46.82
CA SER K 1019 -20.20 -36.41 46.15
C SER K 1019 -19.91 -35.02 45.59
N GLU K 1020 -20.61 -34.01 46.11
CA GLU K 1020 -20.49 -32.64 45.62
C GLU K 1020 -19.15 -32.05 46.07
N HIS K 1021 -18.94 -30.78 45.74
CA HIS K 1021 -17.78 -30.04 46.23
C HIS K 1021 -18.18 -28.84 47.06
N ARG K 1022 -19.34 -28.91 47.72
CA ARG K 1022 -19.81 -27.83 48.59
C ARG K 1022 -19.03 -27.83 49.90
N ASN K 1023 -17.84 -27.23 49.89
CA ASN K 1023 -16.93 -27.17 51.02
C ASN K 1023 -16.42 -28.54 51.45
N LEU K 1024 -16.75 -29.59 50.70
CA LEU K 1024 -16.14 -30.89 50.91
C LEU K 1024 -14.63 -30.86 50.63
N GLN K 1025 -14.17 -29.79 49.99
CA GLN K 1025 -12.77 -29.61 49.65
C GLN K 1025 -12.22 -28.30 50.21
N ASN K 1026 -13.06 -27.25 50.23
CA ASN K 1026 -12.59 -25.93 50.61
C ASN K 1026 -11.98 -25.95 52.01
N LEU K 1027 -12.76 -26.36 53.01
CA LEU K 1027 -12.19 -26.53 54.34
C LEU K 1027 -11.39 -27.82 54.44
N LEU K 1028 -11.43 -28.63 53.39
CA LEU K 1028 -10.60 -29.84 53.37
C LEU K 1028 -9.19 -29.51 52.88
N ILE K 1029 -9.09 -29.00 51.66
CA ILE K 1029 -7.79 -28.61 51.14
C ILE K 1029 -7.25 -27.40 51.87
N LEU K 1030 -8.14 -26.53 52.38
CA LEU K 1030 -7.71 -25.42 53.22
C LEU K 1030 -7.03 -25.92 54.48
N THR K 1031 -7.66 -26.85 55.19
CA THR K 1031 -7.04 -27.41 56.38
C THR K 1031 -5.81 -28.23 56.02
N ALA K 1032 -5.76 -28.80 54.82
CA ALA K 1032 -4.55 -29.46 54.37
C ALA K 1032 -3.40 -28.47 54.20
N ILE K 1033 -3.68 -27.31 53.64
CA ILE K 1033 -2.66 -26.27 53.49
C ILE K 1033 -2.26 -25.74 54.85
N LYS K 1034 -3.20 -25.62 55.77
CA LYS K 1034 -2.86 -25.31 57.15
C LYS K 1034 -2.03 -26.41 57.78
N ALA K 1035 -2.17 -27.63 57.28
CA ALA K 1035 -1.37 -28.77 57.74
C ALA K 1035 -0.11 -28.96 56.91
N ASP K 1036 -0.18 -28.69 55.61
CA ASP K 1036 0.96 -28.81 54.70
C ASP K 1036 1.57 -30.22 54.77
N ARG K 1037 0.77 -31.19 54.37
CA ARG K 1037 1.23 -32.58 54.34
C ARG K 1037 0.92 -33.20 52.99
N THR K 1038 1.37 -34.43 52.81
CA THR K 1038 1.07 -35.20 51.61
C THR K 1038 -0.42 -35.51 51.52
N ARG K 1039 -1.15 -35.19 52.58
CA ARG K 1039 -2.58 -35.48 52.64
C ARG K 1039 -3.31 -35.09 51.37
N VAL K 1040 -2.83 -34.04 50.67
CA VAL K 1040 -3.46 -33.63 49.43
C VAL K 1040 -3.33 -34.72 48.37
N MET K 1041 -2.23 -35.48 48.42
CA MET K 1041 -2.08 -36.59 47.49
C MET K 1041 -3.17 -37.65 47.72
N GLU K 1042 -3.37 -38.04 48.98
CA GLU K 1042 -4.44 -38.99 49.27
C GLU K 1042 -5.79 -38.41 48.89
N TYR K 1043 -5.98 -37.10 49.11
CA TYR K 1043 -7.21 -36.45 48.67
C TYR K 1043 -7.43 -36.68 47.19
N ILE K 1044 -6.52 -36.17 46.36
CA ILE K 1044 -6.71 -36.24 44.91
C ILE K 1044 -6.81 -37.70 44.46
N ASN K 1045 -6.21 -38.61 45.24
CA ASN K 1045 -6.42 -40.03 44.97
C ASN K 1045 -7.85 -40.44 45.29
N ARG K 1046 -8.51 -39.73 46.20
CA ARG K 1046 -9.86 -40.04 46.61
C ARG K 1046 -10.86 -38.93 46.28
N LEU K 1047 -10.38 -37.81 45.74
CA LEU K 1047 -11.22 -36.62 45.61
C LEU K 1047 -11.36 -36.25 44.15
N ASP K 1048 -12.48 -35.60 43.84
CA ASP K 1048 -12.80 -35.21 42.47
C ASP K 1048 -13.82 -34.08 42.52
N ASN K 1049 -14.41 -33.79 41.35
CA ASN K 1049 -15.58 -32.91 41.22
C ASN K 1049 -15.38 -31.56 41.90
N TYR K 1050 -14.13 -31.15 42.09
CA TYR K 1050 -13.84 -29.89 42.77
C TYR K 1050 -13.41 -28.83 41.76
N ASP K 1051 -13.34 -27.60 42.25
CA ASP K 1051 -12.85 -26.47 41.47
C ASP K 1051 -11.33 -26.61 41.34
N ALA K 1052 -10.89 -27.18 40.23
CA ALA K 1052 -9.48 -27.48 40.01
C ALA K 1052 -8.60 -26.24 39.84
N PRO K 1053 -8.93 -25.32 38.92
CA PRO K 1053 -7.96 -24.26 38.60
C PRO K 1053 -7.69 -23.33 39.76
N ASP K 1054 -8.74 -22.83 40.42
CA ASP K 1054 -8.55 -21.90 41.53
C ASP K 1054 -7.81 -22.56 42.69
N ILE K 1055 -8.13 -23.83 42.97
CA ILE K 1055 -7.44 -24.49 44.07
C ILE K 1055 -5.99 -24.76 43.71
N ALA K 1056 -5.69 -25.01 42.43
CA ALA K 1056 -4.30 -25.13 42.02
C ALA K 1056 -3.59 -23.79 42.16
N ASN K 1057 -4.28 -22.70 41.86
CA ASN K 1057 -3.72 -21.37 42.05
C ASN K 1057 -3.45 -21.09 43.53
N ILE K 1058 -4.32 -21.57 44.41
CA ILE K 1058 -4.10 -21.42 45.84
C ILE K 1058 -2.90 -22.24 46.28
N ALA K 1059 -2.80 -23.47 45.78
CA ALA K 1059 -1.63 -24.29 46.04
C ALA K 1059 -0.34 -23.60 45.58
N ILE K 1060 -0.39 -22.92 44.43
CA ILE K 1060 0.78 -22.20 43.95
C ILE K 1060 1.05 -20.97 44.80
N SER K 1061 0.00 -20.36 45.36
CA SER K 1061 0.20 -19.33 46.37
C SER K 1061 0.97 -19.87 47.55
N ASN K 1062 0.92 -21.19 47.75
CA ASN K 1062 1.76 -21.87 48.72
C ASN K 1062 2.96 -22.47 48.00
N GLU K 1063 3.76 -23.23 48.74
CA GLU K 1063 4.82 -24.00 48.10
C GLU K 1063 4.27 -25.20 47.36
N LEU K 1064 2.96 -25.39 47.36
CA LEU K 1064 2.32 -26.56 46.78
C LEU K 1064 2.34 -26.44 45.27
N PHE K 1065 3.38 -26.97 44.63
CA PHE K 1065 3.48 -26.92 43.19
C PHE K 1065 3.63 -28.31 42.58
N GLU K 1066 4.41 -29.18 43.21
CA GLU K 1066 4.59 -30.53 42.68
C GLU K 1066 3.30 -31.31 42.75
N GLU K 1067 2.60 -31.24 43.88
CA GLU K 1067 1.23 -31.71 43.92
C GLU K 1067 0.33 -30.90 42.99
N ALA K 1068 0.57 -29.60 42.89
CA ALA K 1068 -0.15 -28.82 41.90
C ALA K 1068 0.27 -29.20 40.49
N PHE K 1069 1.52 -29.65 40.32
CA PHE K 1069 1.94 -30.21 39.04
C PHE K 1069 1.15 -31.48 38.72
N ALA K 1070 0.98 -32.34 39.73
CA ALA K 1070 0.15 -33.53 39.57
C ALA K 1070 -1.27 -33.14 39.21
N ILE K 1071 -1.77 -32.08 39.83
CA ILE K 1071 -3.11 -31.57 39.53
C ILE K 1071 -3.20 -31.17 38.07
N PHE K 1072 -2.23 -30.38 37.61
CA PHE K 1072 -2.27 -29.84 36.26
C PHE K 1072 -2.12 -30.95 35.22
N ARG K 1073 -1.30 -31.96 35.48
CA ARG K 1073 -1.21 -33.07 34.54
C ARG K 1073 -2.42 -33.99 34.62
N LYS K 1074 -3.04 -34.08 35.80
CA LYS K 1074 -4.24 -34.90 35.94
C LYS K 1074 -5.40 -34.31 35.14
N PHE K 1075 -5.66 -33.02 35.34
CA PHE K 1075 -6.61 -32.32 34.49
C PHE K 1075 -6.03 -32.00 33.12
N ASP K 1076 -4.79 -32.42 32.87
CA ASP K 1076 -4.18 -32.55 31.55
C ASP K 1076 -3.80 -31.22 30.92
N VAL K 1077 -3.79 -30.12 31.67
CA VAL K 1077 -3.17 -28.87 31.20
C VAL K 1077 -1.73 -28.94 31.66
N ASN K 1078 -0.92 -29.66 30.89
CA ASN K 1078 0.46 -29.88 31.27
C ASN K 1078 1.32 -28.64 31.07
N THR K 1079 0.91 -27.77 30.15
CA THR K 1079 1.62 -26.50 29.99
C THR K 1079 1.53 -25.69 31.28
N SER K 1080 0.35 -25.66 31.90
CA SER K 1080 0.22 -25.02 33.20
C SER K 1080 1.17 -25.65 34.21
N ALA K 1081 1.22 -26.97 34.23
CA ALA K 1081 2.13 -27.69 35.13
C ALA K 1081 3.56 -27.23 34.95
N VAL K 1082 4.07 -27.34 33.72
CA VAL K 1082 5.48 -27.07 33.48
C VAL K 1082 5.79 -25.60 33.70
N GLN K 1083 4.85 -24.71 33.38
CA GLN K 1083 5.13 -23.30 33.53
C GLN K 1083 5.10 -22.87 34.99
N VAL K 1084 4.23 -23.47 35.80
CA VAL K 1084 4.27 -23.14 37.22
C VAL K 1084 5.46 -23.80 37.87
N LEU K 1085 5.93 -24.93 37.33
CA LEU K 1085 7.22 -25.45 37.73
C LEU K 1085 8.33 -24.45 37.43
N ILE K 1086 8.28 -23.87 36.23
CA ILE K 1086 9.33 -22.95 35.81
C ILE K 1086 9.34 -21.71 36.68
N GLU K 1087 8.21 -21.00 36.75
CA GLU K 1087 8.12 -19.84 37.63
C GLU K 1087 8.23 -20.24 39.09
N HIS K 1088 8.15 -21.55 39.38
CA HIS K 1088 8.25 -22.02 40.74
C HIS K 1088 9.66 -22.51 41.04
N ILE K 1089 10.18 -23.41 40.20
CA ILE K 1089 11.53 -23.92 40.38
C ILE K 1089 12.37 -23.85 39.12
N GLY K 1090 11.77 -23.66 37.94
CA GLY K 1090 12.57 -23.60 36.74
C GLY K 1090 13.29 -24.88 36.38
N ASN K 1091 12.79 -26.03 36.82
CA ASN K 1091 13.46 -27.30 36.57
C ASN K 1091 13.16 -27.74 35.14
N LEU K 1092 13.97 -27.24 34.21
CA LEU K 1092 13.94 -27.76 32.86
C LEU K 1092 14.19 -29.26 32.86
N ASP K 1093 15.10 -29.72 33.71
CA ASP K 1093 15.51 -31.12 33.69
C ASP K 1093 14.42 -32.05 34.18
N ARG K 1094 13.37 -31.53 34.80
CA ARG K 1094 12.22 -32.36 35.16
C ARG K 1094 11.05 -32.16 34.21
N ALA K 1095 10.53 -30.94 34.13
CA ALA K 1095 9.33 -30.69 33.37
C ALA K 1095 9.59 -30.79 31.87
N TYR K 1096 10.78 -30.38 31.44
CA TYR K 1096 11.13 -30.52 30.03
C TYR K 1096 11.06 -31.98 29.62
N GLU K 1097 11.71 -32.86 30.37
CA GLU K 1097 11.68 -34.28 30.03
C GLU K 1097 10.27 -34.83 30.11
N PHE K 1098 9.52 -34.44 31.14
CA PHE K 1098 8.14 -34.89 31.28
C PHE K 1098 7.29 -34.53 30.07
N ALA K 1099 7.12 -33.24 29.82
CA ALA K 1099 6.24 -32.80 28.74
C ALA K 1099 6.91 -32.96 27.38
N GLU K 1100 8.17 -33.36 27.35
CA GLU K 1100 8.81 -33.77 26.12
C GLU K 1100 8.42 -35.19 25.78
N ARG K 1101 8.32 -36.04 26.80
CA ARG K 1101 7.59 -37.28 26.65
C ARG K 1101 6.14 -37.00 26.26
N CYS K 1102 5.56 -35.93 26.78
CA CYS K 1102 4.28 -35.46 26.31
C CYS K 1102 4.51 -34.62 25.05
N ASN K 1103 3.47 -33.92 24.57
CA ASN K 1103 3.60 -33.11 23.37
C ASN K 1103 2.64 -31.94 23.47
N GLU K 1104 3.16 -30.78 23.88
CA GLU K 1104 2.33 -29.58 23.95
C GLU K 1104 3.12 -28.38 23.43
N PRO K 1105 2.62 -27.70 22.40
CA PRO K 1105 3.38 -26.59 21.81
C PRO K 1105 3.69 -25.49 22.80
N ALA K 1106 2.74 -25.14 23.68
CA ALA K 1106 2.99 -24.08 24.65
C ALA K 1106 4.14 -24.45 25.58
N VAL K 1107 4.29 -25.75 25.86
CA VAL K 1107 5.44 -26.19 26.63
C VAL K 1107 6.71 -25.93 25.85
N TRP K 1108 6.70 -26.18 24.54
CA TRP K 1108 7.89 -25.90 23.75
C TRP K 1108 8.19 -24.41 23.74
N SER K 1109 7.14 -23.60 23.82
CA SER K 1109 7.31 -22.16 23.93
C SER K 1109 7.98 -21.79 25.25
N GLN K 1110 7.48 -22.33 26.35
CA GLN K 1110 8.11 -22.09 27.64
C GLN K 1110 9.57 -22.55 27.63
N LEU K 1111 9.83 -23.69 27.01
CA LEU K 1111 11.19 -24.17 26.83
C LEU K 1111 12.04 -23.12 26.12
N ALA K 1112 11.68 -22.80 24.88
CA ALA K 1112 12.44 -21.82 24.12
C ALA K 1112 12.63 -20.53 24.89
N LYS K 1113 11.63 -20.14 25.68
CA LYS K 1113 11.76 -18.95 26.50
C LYS K 1113 12.87 -19.11 27.51
N ALA K 1114 12.90 -20.26 28.19
CA ALA K 1114 13.97 -20.55 29.13
C ALA K 1114 15.32 -20.54 28.43
N GLN K 1115 15.39 -21.20 27.27
CA GLN K 1115 16.62 -21.26 26.49
C GLN K 1115 17.14 -19.85 26.25
N LEU K 1116 16.25 -18.96 25.81
CA LEU K 1116 16.62 -17.55 25.67
C LEU K 1116 17.12 -16.98 26.99
N GLN K 1117 16.34 -17.16 28.05
CA GLN K 1117 16.71 -16.63 29.36
C GLN K 1117 18.06 -17.18 29.82
N LYS K 1118 18.23 -18.49 29.73
CA LYS K 1118 19.45 -19.12 30.19
C LYS K 1118 20.48 -19.29 29.07
N GLY K 1119 20.35 -18.51 27.99
CA GLY K 1119 21.30 -18.58 26.90
C GLY K 1119 21.41 -19.92 26.23
N MET K 1120 20.46 -20.82 26.46
CA MET K 1120 20.53 -22.16 25.90
C MET K 1120 20.15 -22.11 24.43
N VAL K 1121 20.96 -21.41 23.64
CA VAL K 1121 20.60 -21.14 22.25
C VAL K 1121 20.51 -22.43 21.45
N LYS K 1122 21.52 -23.29 21.57
CA LYS K 1122 21.46 -24.59 20.90
C LYS K 1122 20.20 -25.34 21.29
N GLU K 1123 19.79 -25.20 22.54
CA GLU K 1123 18.62 -25.90 23.03
C GLU K 1123 17.34 -25.22 22.59
N ALA K 1124 17.37 -23.90 22.40
CA ALA K 1124 16.26 -23.27 21.70
C ALA K 1124 16.12 -23.82 20.29
N ILE K 1125 17.24 -24.03 19.61
CA ILE K 1125 17.21 -24.51 18.23
C ILE K 1125 16.62 -25.90 18.18
N ASP K 1126 17.20 -26.84 18.93
CA ASP K 1126 16.67 -28.20 18.93
C ASP K 1126 15.27 -28.22 19.52
N SER K 1127 14.89 -27.19 20.27
CA SER K 1127 13.48 -27.04 20.63
C SER K 1127 12.68 -26.40 19.51
N TYR K 1128 13.29 -25.54 18.70
CA TYR K 1128 12.61 -24.98 17.54
C TYR K 1128 12.25 -26.02 16.52
N ILE K 1129 12.80 -27.22 16.63
CA ILE K 1129 12.24 -28.36 15.92
C ILE K 1129 10.79 -28.59 16.28
N LYS K 1130 10.39 -28.21 17.50
CA LYS K 1130 9.01 -28.38 17.95
C LYS K 1130 8.42 -27.07 18.46
N ALA K 1131 9.27 -26.19 18.98
CA ALA K 1131 8.84 -24.85 19.35
C ALA K 1131 8.36 -24.08 18.13
N ASP K 1132 9.17 -24.08 17.06
CA ASP K 1132 8.74 -23.57 15.76
C ASP K 1132 8.40 -22.08 15.81
N ASP K 1133 9.03 -21.35 16.72
CA ASP K 1133 8.56 -20.01 17.08
C ASP K 1133 8.80 -18.97 16.01
N PRO K 1134 7.74 -18.41 15.41
CA PRO K 1134 7.92 -17.25 14.54
C PRO K 1134 8.28 -16.00 15.29
N SER K 1135 7.73 -15.82 16.48
CA SER K 1135 8.13 -14.71 17.33
C SER K 1135 9.55 -14.94 17.84
N SER K 1136 10.09 -13.90 18.49
CA SER K 1136 11.42 -13.93 19.08
C SER K 1136 12.49 -14.15 18.03
N TYR K 1137 12.10 -14.15 16.76
CA TYR K 1137 12.99 -14.52 15.67
C TYR K 1137 14.25 -13.66 15.65
N MET K 1138 14.09 -12.33 15.58
CA MET K 1138 15.25 -11.46 15.67
C MET K 1138 15.82 -11.46 17.07
N GLU K 1139 14.98 -11.66 18.07
CA GLU K 1139 15.47 -11.89 19.42
C GLU K 1139 16.31 -13.16 19.49
N VAL K 1140 15.86 -14.21 18.81
CA VAL K 1140 16.70 -15.39 18.62
C VAL K 1140 18.00 -15.01 17.97
N VAL K 1141 17.94 -14.15 16.94
CA VAL K 1141 19.14 -13.72 16.25
C VAL K 1141 20.11 -13.08 17.24
N GLN K 1142 19.59 -12.23 18.11
CA GLN K 1142 20.45 -11.54 19.07
C GLN K 1142 21.05 -12.51 20.05
N ALA K 1143 20.24 -13.44 20.54
CA ALA K 1143 20.78 -14.49 21.41
C ALA K 1143 21.79 -15.35 20.69
N ALA K 1144 21.73 -15.40 19.36
CA ALA K 1144 22.50 -16.34 18.58
C ALA K 1144 23.83 -15.78 18.09
N ASN K 1145 23.79 -14.71 17.32
CA ASN K 1145 25.01 -14.08 16.81
C ASN K 1145 26.02 -13.84 17.92
N THR K 1146 25.55 -13.56 19.12
CA THR K 1146 26.40 -13.46 20.29
C THR K 1146 27.19 -14.72 20.55
N SER K 1147 26.86 -15.82 19.88
CA SER K 1147 27.59 -17.07 19.99
C SER K 1147 27.94 -17.56 18.60
N GLY K 1148 29.06 -18.27 18.47
CA GLY K 1148 29.31 -18.91 17.21
C GLY K 1148 28.35 -20.08 17.08
N ASN K 1149 27.28 -19.88 16.32
CA ASN K 1149 26.27 -20.91 16.17
C ASN K 1149 25.62 -20.87 14.80
N TRP K 1150 26.22 -20.14 13.87
CA TRP K 1150 25.56 -19.83 12.61
C TRP K 1150 25.63 -20.99 11.63
N GLU K 1151 25.25 -22.16 12.11
CA GLU K 1151 25.17 -23.38 11.33
C GLU K 1151 23.83 -24.06 11.48
N GLU K 1152 23.27 -24.04 12.69
CA GLU K 1152 21.96 -24.59 12.98
C GLU K 1152 20.88 -23.53 12.96
N LEU K 1153 21.23 -22.30 13.31
CA LEU K 1153 20.37 -21.17 12.99
C LEU K 1153 20.03 -21.17 11.51
N VAL K 1154 20.98 -21.61 10.68
CA VAL K 1154 20.73 -21.75 9.26
C VAL K 1154 19.45 -22.54 9.04
N LYS K 1155 19.40 -23.76 9.55
CA LYS K 1155 18.21 -24.58 9.37
C LYS K 1155 17.02 -24.02 10.11
N TYR K 1156 17.26 -23.31 11.22
CA TYR K 1156 16.15 -22.70 11.93
C TYR K 1156 15.43 -21.70 11.03
N LEU K 1157 16.16 -20.72 10.53
CA LEU K 1157 15.59 -19.78 9.58
C LEU K 1157 15.08 -20.50 8.34
N GLN K 1158 15.74 -21.58 7.95
CA GLN K 1158 15.35 -22.31 6.75
C GLN K 1158 13.94 -22.84 6.89
N MET K 1159 13.67 -23.59 7.95
CA MET K 1159 12.32 -24.05 8.21
C MET K 1159 11.38 -22.86 8.46
N ALA K 1160 11.91 -21.80 9.07
CA ALA K 1160 11.09 -20.63 9.34
C ALA K 1160 10.59 -19.98 8.06
N ARG K 1161 11.30 -20.21 6.95
CA ARG K 1161 10.90 -19.65 5.66
C ARG K 1161 9.46 -20.00 5.34
N LYS K 1162 9.06 -21.22 5.69
CA LYS K 1162 7.74 -21.71 5.30
C LYS K 1162 6.60 -21.05 6.03
N LYS K 1163 6.88 -20.04 6.84
CA LYS K 1163 5.84 -19.32 7.56
C LYS K 1163 5.52 -17.98 6.95
N ALA K 1164 6.53 -17.17 6.65
CA ALA K 1164 6.32 -15.84 6.10
C ALA K 1164 7.44 -15.52 5.12
N ARG K 1165 7.27 -14.40 4.42
CA ARG K 1165 8.22 -13.91 3.43
C ARG K 1165 8.82 -12.61 3.97
N GLU K 1166 10.05 -12.70 4.45
CA GLU K 1166 10.70 -11.63 5.18
C GLU K 1166 11.87 -11.07 4.37
N SER K 1167 12.56 -10.09 4.94
CA SER K 1167 13.91 -9.74 4.57
C SER K 1167 14.89 -10.08 5.69
N TYR K 1168 14.54 -9.70 6.92
CA TYR K 1168 15.33 -9.99 8.10
C TYR K 1168 15.84 -11.42 8.11
N VAL K 1169 14.91 -12.37 8.07
CA VAL K 1169 15.23 -13.78 8.06
C VAL K 1169 16.24 -14.05 6.96
N GLU K 1170 15.94 -13.60 5.75
CA GLU K 1170 16.76 -13.92 4.59
C GLU K 1170 18.10 -13.21 4.65
N THR K 1171 18.09 -11.93 5.01
CA THR K 1171 19.33 -11.17 5.09
C THR K 1171 20.28 -11.78 6.13
N GLU K 1172 19.83 -11.88 7.37
CA GLU K 1172 20.67 -12.50 8.38
C GLU K 1172 20.95 -13.96 8.07
N LEU K 1173 20.09 -14.60 7.27
CA LEU K 1173 20.30 -15.97 6.87
C LEU K 1173 21.53 -16.08 5.99
N ILE K 1174 21.56 -15.30 4.92
CA ILE K 1174 22.74 -15.28 4.06
C ILE K 1174 23.94 -14.77 4.84
N PHE K 1175 23.70 -13.93 5.85
CA PHE K 1175 24.79 -13.45 6.70
C PHE K 1175 25.43 -14.62 7.44
N ALA K 1176 24.63 -15.42 8.11
CA ALA K 1176 25.14 -16.61 8.79
C ALA K 1176 25.71 -17.60 7.79
N LEU K 1177 25.17 -17.64 6.58
CA LEU K 1177 25.72 -18.51 5.56
C LEU K 1177 27.14 -18.09 5.21
N ALA K 1178 27.38 -16.78 5.17
CA ALA K 1178 28.74 -16.29 5.13
C ALA K 1178 29.51 -16.71 6.38
N LYS K 1179 28.86 -16.66 7.54
CA LYS K 1179 29.49 -17.16 8.76
C LYS K 1179 29.90 -18.61 8.61
N THR K 1180 29.11 -19.39 7.87
CA THR K 1180 29.45 -20.77 7.60
C THR K 1180 29.92 -21.01 6.18
N ASN K 1181 30.25 -19.96 5.43
CA ASN K 1181 30.92 -20.03 4.14
C ASN K 1181 30.24 -21.02 3.19
N ARG K 1182 28.93 -21.14 3.33
CA ARG K 1182 28.17 -22.06 2.51
C ARG K 1182 27.67 -21.38 1.23
N LEU K 1183 28.63 -20.78 0.52
CA LEU K 1183 28.30 -19.99 -0.66
C LEU K 1183 27.76 -20.86 -1.79
N ALA K 1184 28.41 -22.00 -2.03
CA ALA K 1184 28.11 -22.84 -3.20
C ALA K 1184 26.67 -23.31 -3.22
N GLU K 1185 25.94 -23.12 -2.13
CA GLU K 1185 24.50 -23.30 -2.09
C GLU K 1185 23.77 -22.03 -1.76
N LEU K 1186 24.40 -21.11 -1.03
CA LEU K 1186 23.79 -19.81 -0.73
C LEU K 1186 23.44 -19.08 -2.01
N GLU K 1187 24.45 -18.72 -2.80
CA GLU K 1187 24.21 -17.88 -3.98
C GLU K 1187 23.25 -18.54 -4.95
N GLU K 1188 23.13 -19.85 -4.88
CA GLU K 1188 22.27 -20.61 -5.77
C GLU K 1188 20.83 -20.54 -5.32
N PHE K 1189 20.60 -20.77 -4.02
CA PHE K 1189 19.31 -20.46 -3.44
C PHE K 1189 18.91 -19.02 -3.69
N ILE K 1190 19.88 -18.11 -3.71
CA ILE K 1190 19.61 -16.68 -3.80
C ILE K 1190 18.79 -16.36 -5.05
N ASN K 1191 19.04 -17.09 -6.12
CA ASN K 1191 18.39 -16.80 -7.40
C ASN K 1191 16.87 -16.81 -7.32
N GLY K 1192 16.32 -17.35 -6.24
CA GLY K 1192 14.89 -17.35 -6.03
C GLY K 1192 14.36 -15.98 -5.65
N PRO K 1193 13.09 -15.92 -5.26
CA PRO K 1193 12.50 -14.63 -4.85
C PRO K 1193 13.06 -14.19 -3.51
N ASN K 1194 14.23 -13.55 -3.57
CA ASN K 1194 15.02 -13.29 -2.36
C ASN K 1194 14.19 -12.62 -1.27
N ASN K 1195 13.43 -11.59 -1.63
CA ASN K 1195 12.72 -10.73 -0.67
C ASN K 1195 13.66 -10.11 0.36
N ALA K 1196 14.97 -10.15 0.12
CA ALA K 1196 15.96 -9.65 1.04
C ALA K 1196 16.55 -8.35 0.51
N HIS K 1197 17.55 -7.81 1.22
CA HIS K 1197 18.18 -6.55 0.86
C HIS K 1197 19.69 -6.72 0.90
N ILE K 1198 20.29 -6.76 -0.28
CA ILE K 1198 21.74 -6.84 -0.43
C ILE K 1198 22.31 -5.49 -0.02
N GLN K 1199 23.63 -5.39 0.09
CA GLN K 1199 24.35 -4.14 0.26
C GLN K 1199 24.20 -3.63 1.68
N GLN K 1200 23.55 -4.41 2.52
CA GLN K 1200 23.47 -4.12 3.94
C GLN K 1200 24.11 -5.23 4.76
N VAL K 1201 23.68 -6.47 4.55
CA VAL K 1201 24.52 -7.60 4.90
C VAL K 1201 25.61 -7.76 3.85
N GLY K 1202 25.28 -7.50 2.59
CA GLY K 1202 26.29 -7.50 1.55
C GLY K 1202 27.49 -6.66 1.92
N ASP K 1203 27.24 -5.50 2.52
CA ASP K 1203 28.33 -4.74 3.12
C ASP K 1203 29.05 -5.57 4.15
N ARG K 1204 28.32 -5.99 5.19
CA ARG K 1204 28.91 -6.72 6.30
C ARG K 1204 29.86 -7.81 5.86
N CYS K 1205 29.63 -8.40 4.69
CA CYS K 1205 30.48 -9.46 4.19
C CYS K 1205 31.93 -9.01 4.14
N TYR K 1206 32.22 -8.02 3.29
CA TYR K 1206 33.58 -7.53 3.25
C TYR K 1206 33.92 -6.74 4.51
N ASP K 1207 32.91 -6.14 5.15
CA ASP K 1207 33.13 -5.53 6.45
C ASP K 1207 33.70 -6.54 7.43
N GLU K 1208 33.10 -7.72 7.48
CA GLU K 1208 33.64 -8.79 8.30
C GLU K 1208 34.69 -9.59 7.56
N LYS K 1209 35.18 -9.08 6.44
CA LYS K 1209 36.26 -9.68 5.66
C LYS K 1209 35.85 -11.01 5.05
N MET K 1210 34.63 -11.46 5.32
CA MET K 1210 34.11 -12.68 4.69
C MET K 1210 33.79 -12.35 3.25
N TYR K 1211 34.83 -12.37 2.43
CA TYR K 1211 34.76 -11.96 1.05
C TYR K 1211 34.13 -13.08 0.22
N ASP K 1212 34.22 -12.94 -1.10
CA ASP K 1212 33.86 -13.96 -2.08
C ASP K 1212 32.37 -14.16 -2.19
N ALA K 1213 31.58 -13.55 -1.31
CA ALA K 1213 30.13 -13.66 -1.37
C ALA K 1213 29.50 -12.33 -1.76
N ALA K 1214 29.78 -11.28 -0.99
CA ALA K 1214 29.46 -9.93 -1.46
C ALA K 1214 30.01 -9.71 -2.85
N LYS K 1215 31.11 -10.40 -3.18
CA LYS K 1215 31.48 -10.57 -4.57
C LYS K 1215 30.27 -11.00 -5.39
N LEU K 1216 29.69 -12.14 -5.06
CA LEU K 1216 28.59 -12.67 -5.84
C LEU K 1216 27.34 -11.83 -5.70
N LEU K 1217 27.09 -11.31 -4.50
CA LEU K 1217 25.91 -10.48 -4.29
C LEU K 1217 25.95 -9.26 -5.18
N TYR K 1218 26.96 -8.44 -4.97
CA TYR K 1218 27.10 -7.22 -5.74
C TYR K 1218 27.27 -7.53 -7.21
N ASN K 1219 27.71 -8.75 -7.54
CA ASN K 1219 27.70 -9.23 -8.91
C ASN K 1219 26.28 -9.28 -9.43
N ASN K 1220 25.44 -10.09 -8.79
CA ASN K 1220 24.06 -10.21 -9.22
C ASN K 1220 23.26 -8.93 -9.00
N VAL K 1221 23.87 -7.91 -8.40
CA VAL K 1221 23.27 -6.59 -8.34
C VAL K 1221 24.03 -5.58 -9.18
N SER K 1222 25.15 -5.98 -9.78
CA SER K 1222 25.96 -5.12 -10.64
C SER K 1222 26.39 -3.86 -9.89
N ASN K 1223 27.27 -4.05 -8.93
CA ASN K 1223 27.70 -2.99 -8.03
C ASN K 1223 29.17 -2.67 -8.24
N PHE K 1224 29.52 -2.46 -9.51
CA PHE K 1224 30.86 -2.18 -9.97
C PHE K 1224 31.64 -1.30 -9.02
N GLY K 1225 32.92 -1.60 -8.85
CA GLY K 1225 33.74 -0.83 -7.94
C GLY K 1225 33.68 -1.41 -6.55
N ARG K 1226 32.51 -1.29 -5.91
CA ARG K 1226 32.27 -2.04 -4.68
C ARG K 1226 32.70 -3.49 -4.86
N LEU K 1227 32.18 -4.15 -5.89
CA LEU K 1227 32.65 -5.48 -6.21
C LEU K 1227 34.14 -5.47 -6.55
N ALA K 1228 34.59 -4.45 -7.28
CA ALA K 1228 36.00 -4.41 -7.61
C ALA K 1228 36.86 -4.17 -6.38
N SER K 1229 36.40 -3.31 -5.48
CA SER K 1229 37.11 -3.10 -4.23
C SER K 1229 37.20 -4.39 -3.44
N THR K 1230 36.11 -5.16 -3.44
CA THR K 1230 36.14 -6.45 -2.78
C THR K 1230 37.10 -7.42 -3.47
N LEU K 1231 37.25 -7.30 -4.79
CA LEU K 1231 38.28 -8.06 -5.47
C LEU K 1231 39.65 -7.68 -4.96
N VAL K 1232 39.89 -6.38 -4.79
CA VAL K 1232 41.17 -5.90 -4.29
C VAL K 1232 41.46 -6.51 -2.92
N HIS K 1233 40.59 -6.21 -1.95
CA HIS K 1233 40.77 -6.76 -0.61
C HIS K 1233 40.86 -8.27 -0.66
N LEU K 1234 40.17 -8.88 -1.62
CA LEU K 1234 40.20 -10.32 -1.79
C LEU K 1234 41.54 -10.79 -2.32
N GLY K 1235 42.28 -9.91 -2.98
CA GLY K 1235 43.42 -10.32 -3.74
C GLY K 1235 43.14 -10.54 -5.20
N GLU K 1236 41.88 -10.45 -5.61
CA GLU K 1236 41.55 -10.51 -7.02
C GLU K 1236 41.90 -9.19 -7.67
N TYR K 1237 42.75 -9.23 -8.68
CA TYR K 1237 43.24 -8.00 -9.31
C TYR K 1237 43.09 -7.96 -10.82
N GLN K 1238 43.08 -9.09 -11.52
CA GLN K 1238 42.86 -9.05 -12.96
C GLN K 1238 41.42 -8.73 -13.27
N ALA K 1239 40.49 -9.57 -12.81
CA ALA K 1239 39.07 -9.27 -13.00
C ALA K 1239 38.69 -7.96 -12.32
N ALA K 1240 39.48 -7.49 -11.36
CA ALA K 1240 39.28 -6.15 -10.83
C ALA K 1240 39.33 -5.12 -11.95
N VAL K 1241 40.41 -5.11 -12.73
CA VAL K 1241 40.50 -4.16 -13.82
C VAL K 1241 39.52 -4.53 -14.92
N ASP K 1242 39.18 -5.81 -15.04
CA ASP K 1242 38.21 -6.22 -16.04
C ASP K 1242 36.84 -5.63 -15.75
N GLY K 1243 36.52 -5.44 -14.48
CA GLY K 1243 35.30 -4.73 -14.13
C GLY K 1243 35.48 -3.23 -14.17
N ALA K 1244 36.70 -2.75 -13.87
CA ALA K 1244 36.96 -1.31 -13.91
C ALA K 1244 36.80 -0.77 -15.32
N ARG K 1245 37.09 -1.59 -16.32
CA ARG K 1245 36.97 -1.15 -17.71
C ARG K 1245 35.57 -0.68 -18.05
N LYS K 1246 34.56 -1.09 -17.28
CA LYS K 1246 33.20 -0.62 -17.51
C LYS K 1246 32.70 0.24 -16.36
N ALA K 1247 33.19 -0.03 -15.14
CA ALA K 1247 32.87 0.84 -14.01
C ALA K 1247 33.35 2.26 -14.26
N ASN K 1248 34.66 2.44 -14.36
CA ASN K 1248 35.25 3.68 -14.86
C ASN K 1248 34.95 4.88 -13.96
N SER K 1249 34.82 4.65 -12.67
CA SER K 1249 34.66 5.76 -11.74
C SER K 1249 36.03 6.22 -11.25
N THR K 1250 36.15 7.52 -11.01
CA THR K 1250 37.35 8.05 -10.38
C THR K 1250 37.76 7.21 -9.20
N ARG K 1251 36.80 6.74 -8.41
CA ARG K 1251 37.11 5.76 -7.38
C ARG K 1251 37.85 4.58 -8.01
N THR K 1252 37.14 3.85 -8.86
CA THR K 1252 37.71 2.67 -9.53
C THR K 1252 39.13 2.94 -9.98
N TRP K 1253 39.37 4.13 -10.52
CA TRP K 1253 40.67 4.41 -11.09
C TRP K 1253 41.74 4.57 -10.01
N LYS K 1254 41.44 5.34 -8.97
CA LYS K 1254 42.45 5.46 -7.91
C LYS K 1254 42.66 4.12 -7.23
N GLU K 1255 41.60 3.34 -7.08
CA GLU K 1255 41.74 2.00 -6.51
C GLU K 1255 42.72 1.18 -7.34
N VAL K 1256 42.43 1.02 -8.63
CA VAL K 1256 43.27 0.16 -9.45
C VAL K 1256 44.69 0.71 -9.48
N CYS K 1257 44.83 2.03 -9.54
CA CYS K 1257 46.16 2.62 -9.54
C CYS K 1257 46.95 2.19 -8.31
N PHE K 1258 46.47 2.60 -7.14
CA PHE K 1258 47.24 2.38 -5.92
C PHE K 1258 47.43 0.90 -5.66
N ALA K 1259 46.36 0.12 -5.79
CA ALA K 1259 46.45 -1.31 -5.54
C ALA K 1259 47.41 -1.98 -6.50
N CYS K 1260 47.27 -1.75 -7.80
CA CYS K 1260 48.11 -2.43 -8.78
C CYS K 1260 49.56 -2.04 -8.61
N VAL K 1261 49.82 -0.77 -8.27
CA VAL K 1261 51.17 -0.39 -7.88
C VAL K 1261 51.63 -1.24 -6.71
N ASP K 1262 50.79 -1.35 -5.69
CA ASP K 1262 51.09 -2.21 -4.55
C ASP K 1262 51.07 -3.68 -4.98
N GLY K 1263 50.21 -4.01 -5.93
CA GLY K 1263 50.18 -5.34 -6.49
C GLY K 1263 51.43 -5.66 -7.28
N LYS K 1264 52.26 -4.63 -7.47
CA LYS K 1264 53.56 -4.72 -8.15
C LYS K 1264 53.43 -5.13 -9.61
N GLU K 1265 52.21 -5.27 -10.12
CA GLU K 1265 51.98 -5.25 -11.55
C GLU K 1265 52.12 -3.80 -12.00
N PHE K 1266 52.87 -3.59 -13.06
CA PHE K 1266 53.14 -2.22 -13.52
C PHE K 1266 52.67 -1.95 -14.93
N ARG K 1267 52.75 -2.95 -15.81
CA ARG K 1267 52.30 -2.78 -17.19
C ARG K 1267 50.82 -2.45 -17.23
N LEU K 1268 50.01 -3.41 -16.79
CA LEU K 1268 48.57 -3.19 -16.67
C LEU K 1268 48.30 -1.99 -15.77
N ALA K 1269 49.19 -1.72 -14.82
CA ALA K 1269 49.04 -0.53 -13.99
C ALA K 1269 49.00 0.73 -14.84
N GLN K 1270 49.95 0.90 -15.75
CA GLN K 1270 49.89 2.07 -16.60
C GLN K 1270 48.71 1.99 -17.55
N MET K 1271 48.39 0.77 -18.00
CA MET K 1271 47.26 0.59 -18.91
C MET K 1271 45.97 1.11 -18.29
N CYS K 1272 45.84 0.98 -16.97
CA CYS K 1272 44.65 1.54 -16.33
C CYS K 1272 44.87 3.00 -15.95
N GLY K 1273 46.10 3.37 -15.61
CA GLY K 1273 46.38 4.77 -15.29
C GLY K 1273 46.11 5.69 -16.45
N LEU K 1274 46.05 5.14 -17.65
CA LEU K 1274 45.63 5.94 -18.80
C LEU K 1274 44.36 6.71 -18.52
N HIS K 1275 43.39 6.05 -17.89
CA HIS K 1275 42.03 6.56 -17.85
C HIS K 1275 41.81 7.64 -16.82
N ILE K 1276 42.81 7.95 -15.99
CA ILE K 1276 42.68 9.00 -15.00
C ILE K 1276 43.30 10.32 -15.46
N VAL K 1277 44.32 10.26 -16.31
CA VAL K 1277 45.11 11.44 -16.63
C VAL K 1277 44.24 12.58 -17.15
N VAL K 1278 43.01 12.27 -17.56
CA VAL K 1278 42.03 13.32 -17.84
C VAL K 1278 41.92 14.26 -16.65
N HIS K 1279 42.10 13.76 -15.45
CA HIS K 1279 42.20 14.59 -14.26
C HIS K 1279 43.64 14.76 -13.85
N ALA K 1280 44.14 15.99 -13.96
CA ALA K 1280 45.51 16.28 -13.58
C ALA K 1280 45.70 16.37 -12.08
N ASP K 1281 44.62 16.27 -11.31
CA ASP K 1281 44.68 16.42 -9.87
C ASP K 1281 45.64 15.44 -9.22
N GLU K 1282 45.41 14.13 -9.43
CA GLU K 1282 46.15 13.12 -8.69
C GLU K 1282 47.47 12.73 -9.34
N LEU K 1283 47.60 12.84 -10.66
CA LEU K 1283 48.75 12.25 -11.35
C LEU K 1283 50.05 12.58 -10.62
N GLU K 1284 50.20 13.83 -10.18
CA GLU K 1284 51.33 14.17 -9.32
C GLU K 1284 51.31 13.37 -8.03
N GLU K 1285 50.12 13.01 -7.55
CA GLU K 1285 50.05 12.28 -6.30
C GLU K 1285 50.42 10.82 -6.50
N LEU K 1286 50.20 10.29 -7.70
CA LEU K 1286 50.82 9.02 -8.06
C LEU K 1286 52.32 9.16 -8.13
N ILE K 1287 52.81 10.27 -8.68
CA ILE K 1287 54.25 10.55 -8.65
C ILE K 1287 54.76 10.42 -7.22
N ASN K 1288 54.04 11.02 -6.28
CA ASN K 1288 54.44 10.94 -4.88
C ASN K 1288 54.34 9.51 -4.37
N TYR K 1289 53.22 8.84 -4.66
CA TYR K 1289 52.98 7.43 -4.40
C TYR K 1289 54.11 6.56 -4.90
N TYR K 1290 54.92 7.08 -5.82
CA TYR K 1290 56.13 6.41 -6.27
C TYR K 1290 57.38 6.85 -5.53
N GLN K 1291 57.72 8.14 -5.56
CA GLN K 1291 58.98 8.60 -4.99
C GLN K 1291 59.07 8.32 -3.50
N ASP K 1292 57.93 8.17 -2.82
CA ASP K 1292 57.93 7.83 -1.40
C ASP K 1292 58.66 6.53 -1.15
N ARG K 1293 58.49 5.55 -2.03
CA ARG K 1293 59.14 4.26 -1.92
C ARG K 1293 60.43 4.18 -2.71
N GLY K 1294 60.95 5.31 -3.18
CA GLY K 1294 62.05 5.25 -4.10
C GLY K 1294 61.67 4.67 -5.44
N TYR K 1295 60.40 4.74 -5.82
CA TYR K 1295 59.96 4.22 -7.10
C TYR K 1295 60.29 5.19 -8.21
N PHE K 1296 61.55 5.62 -8.25
CA PHE K 1296 62.00 6.51 -9.32
C PHE K 1296 61.97 5.75 -10.65
N GLU K 1297 62.35 4.48 -10.60
CA GLU K 1297 62.17 3.59 -11.74
C GLU K 1297 60.70 3.44 -12.10
N GLU K 1298 59.82 3.37 -11.11
CA GLU K 1298 58.40 3.30 -11.42
C GLU K 1298 57.94 4.61 -12.04
N LEU K 1299 58.46 5.73 -11.56
CA LEU K 1299 58.22 7.01 -12.21
C LEU K 1299 58.62 6.93 -13.68
N ILE K 1300 59.83 6.45 -13.93
CA ILE K 1300 60.30 6.29 -15.29
C ILE K 1300 59.29 5.51 -16.11
N THR K 1301 59.04 4.26 -15.69
CA THR K 1301 58.17 3.37 -16.44
C THR K 1301 56.82 4.00 -16.69
N MET K 1302 56.18 4.55 -15.65
CA MET K 1302 54.84 5.08 -15.83
C MET K 1302 54.84 6.30 -16.74
N LEU K 1303 55.97 6.99 -16.84
CA LEU K 1303 56.05 8.03 -17.86
C LEU K 1303 56.29 7.45 -19.24
N GLU K 1304 56.88 6.26 -19.31
CA GLU K 1304 57.29 5.71 -20.59
C GLU K 1304 56.13 5.62 -21.56
N ALA K 1305 54.94 5.31 -21.07
CA ALA K 1305 53.77 5.29 -21.92
C ALA K 1305 52.81 6.43 -21.64
N ALA K 1306 53.14 7.31 -20.68
CA ALA K 1306 52.29 8.47 -20.41
C ALA K 1306 52.18 9.36 -21.64
N LEU K 1307 53.14 9.25 -22.56
CA LEU K 1307 53.13 10.05 -23.78
C LEU K 1307 51.93 9.72 -24.66
N GLY K 1308 51.25 8.62 -24.40
CA GLY K 1308 50.10 8.26 -25.18
C GLY K 1308 48.85 8.99 -24.77
N LEU K 1309 48.75 10.27 -25.12
CA LEU K 1309 47.63 11.09 -24.68
C LEU K 1309 47.11 11.92 -25.85
N GLU K 1310 45.82 12.23 -25.81
CA GLU K 1310 45.21 13.11 -26.80
C GLU K 1310 44.14 14.04 -26.25
N ARG K 1311 43.95 14.17 -24.94
CA ARG K 1311 42.88 14.99 -24.40
C ARG K 1311 43.32 15.83 -23.21
N ALA K 1312 44.61 15.79 -22.85
CA ALA K 1312 45.09 16.46 -21.65
C ALA K 1312 45.61 17.85 -21.98
N HIS K 1313 46.38 18.43 -21.05
CA HIS K 1313 46.94 19.76 -21.20
C HIS K 1313 48.40 19.76 -20.76
N MET K 1314 48.93 20.97 -20.57
CA MET K 1314 50.37 21.15 -20.52
C MET K 1314 51.02 20.51 -19.29
N GLY K 1315 50.33 20.55 -18.15
CA GLY K 1315 50.96 20.14 -16.90
C GLY K 1315 51.59 18.76 -16.99
N MET K 1316 50.98 17.88 -17.78
CA MET K 1316 51.56 16.57 -18.00
C MET K 1316 52.96 16.69 -18.58
N PHE K 1317 53.09 17.44 -19.67
CA PHE K 1317 54.39 17.62 -20.30
C PHE K 1317 55.35 18.35 -19.37
N THR K 1318 54.81 19.31 -18.62
CA THR K 1318 55.60 19.98 -17.60
C THR K 1318 56.29 18.96 -16.72
N GLU K 1319 55.49 18.11 -16.10
CA GLU K 1319 56.02 17.04 -15.25
C GLU K 1319 56.97 16.14 -16.04
N LEU K 1320 56.65 15.91 -17.31
CA LEU K 1320 57.50 15.05 -18.12
C LEU K 1320 58.93 15.56 -18.13
N ALA K 1321 59.09 16.80 -18.57
CA ALA K 1321 60.40 17.42 -18.55
C ALA K 1321 60.95 17.47 -17.12
N ILE K 1322 60.07 17.64 -16.14
CA ILE K 1322 60.52 17.68 -14.76
C ILE K 1322 61.23 16.39 -14.39
N LEU K 1323 60.60 15.25 -14.64
CA LEU K 1323 61.20 13.99 -14.26
C LEU K 1323 62.34 13.63 -15.20
N TYR K 1324 62.34 14.20 -16.39
CA TYR K 1324 63.52 14.15 -17.24
C TYR K 1324 64.69 14.71 -16.47
N SER K 1325 64.61 15.99 -16.16
CA SER K 1325 65.62 16.69 -15.38
C SER K 1325 66.00 15.88 -14.15
N LYS K 1326 65.00 15.26 -13.52
CA LYS K 1326 65.24 14.40 -12.37
C LYS K 1326 66.16 13.24 -12.72
N PHE K 1327 65.85 12.53 -13.80
CA PHE K 1327 66.61 11.33 -14.13
C PHE K 1327 67.12 11.29 -15.57
N LYS K 1328 66.32 11.76 -16.54
CA LYS K 1328 66.69 11.65 -17.95
C LYS K 1328 66.62 13.03 -18.59
N PRO K 1329 67.47 13.95 -18.17
CA PRO K 1329 67.35 15.35 -18.62
C PRO K 1329 67.69 15.56 -20.08
N GLN K 1330 68.32 14.58 -20.72
CA GLN K 1330 68.77 14.74 -22.10
C GLN K 1330 67.59 14.78 -23.07
N LYS K 1331 66.46 14.20 -22.68
CA LYS K 1331 65.35 13.99 -23.58
C LYS K 1331 64.37 15.15 -23.62
N MET K 1332 64.27 15.94 -22.54
CA MET K 1332 63.32 17.04 -22.56
C MET K 1332 63.69 18.10 -23.57
N ARG K 1333 64.94 18.15 -24.01
CA ARG K 1333 65.35 19.20 -24.94
C ARG K 1333 64.53 19.16 -26.21
N GLU K 1334 64.62 18.06 -26.94
CA GLU K 1334 63.94 17.95 -28.23
C GLU K 1334 62.44 18.10 -28.10
N HIS K 1335 61.82 17.28 -27.23
CA HIS K 1335 60.38 17.36 -27.05
C HIS K 1335 59.94 18.75 -26.65
N LEU K 1336 60.56 19.27 -25.59
CA LEU K 1336 60.42 20.66 -25.20
C LEU K 1336 60.41 21.57 -26.41
N GLU K 1337 61.33 21.34 -27.35
CA GLU K 1337 61.44 22.16 -28.53
C GLU K 1337 60.24 21.95 -29.44
N LEU K 1338 59.27 21.16 -29.00
CA LEU K 1338 58.04 20.97 -29.75
C LEU K 1338 56.82 21.49 -29.00
N PHE K 1339 56.55 21.00 -27.80
CA PHE K 1339 55.32 21.36 -27.09
C PHE K 1339 55.40 22.73 -26.45
N TRP K 1340 56.57 23.36 -26.48
CA TRP K 1340 56.83 24.62 -25.79
C TRP K 1340 55.68 25.62 -25.92
N SER K 1341 55.00 25.63 -27.07
CA SER K 1341 53.99 26.64 -27.32
C SER K 1341 52.84 26.57 -26.32
N ARG K 1342 52.79 25.51 -25.52
CA ARG K 1342 51.60 25.20 -24.75
C ARG K 1342 51.75 25.45 -23.25
N VAL K 1343 52.95 25.28 -22.68
CA VAL K 1343 53.05 25.16 -21.23
C VAL K 1343 53.22 26.53 -20.58
N ASN K 1344 52.89 26.59 -19.29
CA ASN K 1344 52.97 27.81 -18.50
C ASN K 1344 54.39 28.35 -18.45
N ILE K 1345 54.53 29.57 -17.95
CA ILE K 1345 55.86 30.13 -17.70
C ILE K 1345 56.48 29.64 -16.39
N PRO K 1346 55.79 29.75 -15.23
CA PRO K 1346 56.52 29.70 -13.96
C PRO K 1346 57.10 28.34 -13.64
N LYS K 1347 56.27 27.30 -13.74
CA LYS K 1347 56.75 25.96 -13.44
C LYS K 1347 57.89 25.58 -14.37
N VAL K 1348 57.83 26.04 -15.62
CA VAL K 1348 58.92 25.83 -16.55
C VAL K 1348 60.18 26.50 -16.05
N LEU K 1349 60.08 27.77 -15.64
CA LEU K 1349 61.25 28.45 -15.10
C LEU K 1349 61.83 27.66 -13.93
N ARG K 1350 60.97 27.20 -13.03
CA ARG K 1350 61.43 26.50 -11.84
C ARG K 1350 62.16 25.22 -12.21
N ALA K 1351 61.49 24.34 -12.96
CA ALA K 1351 62.13 23.09 -13.35
C ALA K 1351 63.40 23.31 -14.14
N ALA K 1352 63.39 24.32 -15.02
CA ALA K 1352 64.58 24.62 -15.81
C ALA K 1352 65.74 25.00 -14.89
N GLU K 1353 65.47 25.81 -13.87
CA GLU K 1353 66.49 26.06 -12.86
C GLU K 1353 66.95 24.77 -12.23
N GLN K 1354 65.99 23.93 -11.83
CA GLN K 1354 66.34 22.66 -11.19
C GLN K 1354 67.25 21.83 -12.08
N ALA K 1355 67.15 22.03 -13.40
CA ALA K 1355 68.07 21.36 -14.31
C ALA K 1355 69.49 21.90 -14.15
N HIS K 1356 69.63 23.21 -13.91
CA HIS K 1356 70.94 23.84 -13.86
C HIS K 1356 71.71 23.56 -15.15
N LEU K 1357 70.97 23.53 -16.26
CA LEU K 1357 71.55 23.27 -17.57
C LEU K 1357 71.40 24.54 -18.39
N TRP K 1358 72.35 25.44 -18.24
CA TRP K 1358 72.21 26.79 -18.75
C TRP K 1358 72.27 26.86 -20.28
N ALA K 1359 73.10 26.03 -20.92
CA ALA K 1359 73.12 25.98 -22.37
C ALA K 1359 71.75 25.72 -22.97
N GLU K 1360 70.86 25.16 -22.20
CA GLU K 1360 69.46 24.96 -22.54
C GLU K 1360 68.60 26.12 -22.06
N LEU K 1361 68.81 26.55 -20.81
CA LEU K 1361 68.00 27.62 -20.23
C LEU K 1361 67.98 28.84 -21.12
N VAL K 1362 69.06 29.09 -21.85
CA VAL K 1362 69.11 30.22 -22.76
C VAL K 1362 68.10 30.04 -23.88
N PHE K 1363 68.09 28.86 -24.50
CA PHE K 1363 67.11 28.57 -25.52
C PHE K 1363 65.70 28.73 -24.97
N LEU K 1364 65.51 28.33 -23.71
CA LEU K 1364 64.19 28.44 -23.11
C LEU K 1364 63.79 29.90 -22.94
N TYR K 1365 64.68 30.72 -22.38
CA TYR K 1365 64.44 32.16 -22.30
C TYR K 1365 64.04 32.70 -23.65
N ASP K 1366 64.78 32.31 -24.69
CA ASP K 1366 64.42 32.69 -26.05
C ASP K 1366 62.96 32.37 -26.32
N LYS K 1367 62.56 31.13 -26.05
CA LYS K 1367 61.19 30.74 -26.32
C LYS K 1367 60.20 31.60 -25.55
N TYR K 1368 60.62 32.13 -24.40
CA TYR K 1368 59.80 33.07 -23.66
C TYR K 1368 60.37 34.47 -23.79
N GLU K 1369 61.21 34.66 -24.82
CA GLU K 1369 61.89 35.93 -25.10
C GLU K 1369 62.34 36.62 -23.82
N GLU K 1370 62.92 35.85 -22.91
CA GLU K 1370 63.38 36.37 -21.61
C GLU K 1370 64.82 36.83 -21.73
N TYR K 1371 64.97 37.98 -22.39
CA TYR K 1371 66.28 38.45 -22.84
C TYR K 1371 67.24 38.58 -21.67
N ASP K 1372 66.94 39.49 -20.76
CA ASP K 1372 67.77 39.76 -19.57
C ASP K 1372 68.33 38.48 -18.97
N ASN K 1373 67.48 37.46 -18.82
CA ASN K 1373 67.93 36.22 -18.25
C ASN K 1373 68.96 35.54 -19.13
N ALA K 1374 68.70 35.46 -20.43
CA ALA K 1374 69.70 34.94 -21.36
C ALA K 1374 71.00 35.70 -21.23
N ILE K 1375 70.92 37.02 -21.04
CA ILE K 1375 72.11 37.84 -20.95
C ILE K 1375 72.94 37.43 -19.74
N ILE K 1376 72.34 37.57 -18.55
CA ILE K 1376 73.06 37.24 -17.32
C ILE K 1376 73.58 35.81 -17.36
N THR K 1377 72.84 34.90 -17.98
CA THR K 1377 73.28 33.52 -18.00
C THR K 1377 74.50 33.32 -18.88
N MET K 1378 74.49 33.90 -20.08
CA MET K 1378 75.69 33.84 -20.90
C MET K 1378 76.85 34.49 -20.18
N MET K 1379 76.56 35.54 -19.40
CA MET K 1379 77.62 36.14 -18.58
C MET K 1379 78.19 35.12 -17.62
N ASN K 1380 77.33 34.45 -16.87
CA ASN K 1380 77.81 33.52 -15.85
C ASN K 1380 78.08 32.14 -16.41
N HIS K 1381 77.45 31.77 -17.52
CA HIS K 1381 77.63 30.44 -18.12
C HIS K 1381 77.82 30.56 -19.62
N PRO K 1382 78.84 31.29 -20.07
CA PRO K 1382 79.07 31.36 -21.52
C PRO K 1382 79.50 30.04 -22.13
N THR K 1383 80.63 29.49 -21.67
CA THR K 1383 81.30 28.42 -22.41
C THR K 1383 80.41 27.21 -22.60
N ASP K 1384 79.32 27.14 -21.84
CA ASP K 1384 78.26 26.19 -22.11
C ASP K 1384 77.18 26.80 -22.98
N ALA K 1385 76.69 27.98 -22.61
CA ALA K 1385 75.57 28.59 -23.31
C ALA K 1385 75.98 29.61 -24.36
N TRP K 1386 77.27 29.88 -24.53
CA TRP K 1386 77.66 30.98 -25.40
C TRP K 1386 77.31 30.68 -26.84
N LYS K 1387 76.55 31.60 -27.44
CA LYS K 1387 76.35 31.64 -28.88
C LYS K 1387 76.56 33.07 -29.31
N GLU K 1388 77.41 33.27 -30.31
CA GLU K 1388 77.98 34.59 -30.52
C GLU K 1388 77.06 35.54 -31.27
N GLY K 1389 76.76 35.25 -32.52
CA GLY K 1389 76.04 36.21 -33.34
C GLY K 1389 74.59 36.33 -32.92
N GLN K 1390 73.98 35.19 -32.60
CA GLN K 1390 72.63 35.16 -32.04
C GLN K 1390 72.53 36.13 -30.87
N PHE K 1391 73.49 36.04 -29.94
CA PHE K 1391 73.48 36.94 -28.79
C PHE K 1391 73.67 38.38 -29.22
N LYS K 1392 74.65 38.62 -30.10
CA LYS K 1392 74.95 39.99 -30.52
C LYS K 1392 73.81 40.61 -31.29
N ASP K 1393 72.86 39.82 -31.78
CA ASP K 1393 71.71 40.45 -32.39
C ASP K 1393 70.54 40.55 -31.42
N ILE K 1394 70.31 39.51 -30.60
CA ILE K 1394 69.23 39.58 -29.63
C ILE K 1394 69.51 40.59 -28.53
N ILE K 1395 70.73 41.13 -28.49
CA ILE K 1395 71.08 42.06 -27.43
C ILE K 1395 70.25 43.34 -27.49
N THR K 1396 69.72 43.66 -28.66
CA THR K 1396 69.14 44.99 -28.87
C THR K 1396 67.83 45.21 -28.12
N LYS K 1397 67.43 44.34 -27.20
CA LYS K 1397 66.16 44.47 -26.52
C LYS K 1397 66.31 44.78 -25.04
N VAL K 1398 67.37 45.49 -24.64
CA VAL K 1398 67.72 45.66 -23.24
C VAL K 1398 67.61 47.12 -22.82
N ALA K 1399 67.15 47.33 -21.59
CA ALA K 1399 67.17 48.64 -20.96
C ALA K 1399 68.43 48.86 -20.13
N ASN K 1400 68.95 47.81 -19.52
CA ASN K 1400 70.14 47.91 -18.69
C ASN K 1400 71.33 48.23 -19.57
N VAL K 1401 71.71 49.50 -19.62
CA VAL K 1401 72.89 49.89 -20.38
C VAL K 1401 74.16 49.34 -19.74
N GLU K 1402 74.13 49.06 -18.44
CA GLU K 1402 75.32 48.55 -17.78
C GLU K 1402 75.71 47.19 -18.31
N LEU K 1403 74.72 46.34 -18.62
CA LEU K 1403 75.03 45.05 -19.23
C LEU K 1403 75.82 45.22 -20.52
N TYR K 1404 75.70 46.39 -21.16
CA TYR K 1404 76.40 46.61 -22.41
C TYR K 1404 77.91 46.60 -22.15
N TYR K 1405 78.36 47.48 -21.27
CA TYR K 1405 79.77 47.49 -20.86
C TYR K 1405 80.17 46.16 -20.28
N ARG K 1406 79.23 45.49 -19.60
CA ARG K 1406 79.50 44.18 -19.05
C ARG K 1406 79.97 43.24 -20.14
N ALA K 1407 79.13 43.06 -21.16
CA ALA K 1407 79.50 42.23 -22.30
C ALA K 1407 80.75 42.77 -22.99
N ILE K 1408 80.92 44.09 -22.94
CA ILE K 1408 82.11 44.70 -23.52
C ILE K 1408 83.36 44.09 -22.91
N GLN K 1409 83.47 44.21 -21.58
CA GLN K 1409 84.61 43.63 -20.89
C GLN K 1409 84.62 42.13 -21.06
N PHE K 1410 83.43 41.54 -21.17
CA PHE K 1410 83.31 40.09 -21.31
C PHE K 1410 84.07 39.61 -22.53
N TYR K 1411 83.83 40.25 -23.66
CA TYR K 1411 84.50 39.86 -24.89
C TYR K 1411 85.92 40.41 -24.93
N LEU K 1412 86.17 41.55 -24.29
CA LEU K 1412 87.54 41.95 -24.04
C LEU K 1412 88.33 40.79 -23.48
N GLU K 1413 87.77 40.14 -22.46
CA GLU K 1413 88.33 38.89 -21.96
C GLU K 1413 88.33 37.81 -23.03
N PHE K 1414 87.34 37.83 -23.92
CA PHE K 1414 87.13 36.71 -24.82
C PHE K 1414 87.32 37.07 -26.29
N LYS K 1415 86.58 38.03 -26.83
CA LYS K 1415 86.56 38.31 -28.26
C LYS K 1415 86.61 39.81 -28.50
N PRO K 1416 87.75 40.44 -28.25
CA PRO K 1416 87.85 41.88 -28.54
C PRO K 1416 87.77 42.18 -30.03
N LEU K 1417 88.31 41.29 -30.87
CA LEU K 1417 88.03 41.39 -32.30
C LEU K 1417 86.54 41.47 -32.54
N LEU K 1418 85.80 40.46 -32.11
CA LEU K 1418 84.35 40.48 -32.20
C LEU K 1418 83.74 41.58 -31.37
N LEU K 1419 84.43 42.04 -30.32
CA LEU K 1419 83.98 43.25 -29.64
C LEU K 1419 83.77 44.37 -30.64
N ASN K 1420 84.85 44.79 -31.31
CA ASN K 1420 84.69 45.86 -32.29
C ASN K 1420 83.73 45.47 -33.39
N ASP K 1421 83.76 44.19 -33.80
CA ASP K 1421 82.89 43.74 -34.87
C ASP K 1421 81.41 43.97 -34.53
N LEU K 1422 81.06 43.86 -33.25
CA LEU K 1422 79.68 44.16 -32.88
C LEU K 1422 79.49 45.65 -32.64
N LEU K 1423 80.47 46.31 -32.02
CA LEU K 1423 80.38 47.76 -31.87
C LEU K 1423 80.06 48.43 -33.18
N MET K 1424 80.47 47.79 -34.30
CA MET K 1424 80.11 48.29 -35.62
C MET K 1424 78.64 48.66 -35.70
N VAL K 1425 77.80 48.00 -34.92
CA VAL K 1425 76.37 48.27 -34.97
C VAL K 1425 75.87 48.64 -33.57
N LEU K 1426 76.71 48.43 -32.56
CA LEU K 1426 76.28 48.70 -31.19
C LEU K 1426 76.27 50.18 -30.89
N SER K 1427 76.47 51.00 -31.92
CA SER K 1427 76.56 52.44 -31.73
C SER K 1427 75.31 53.11 -31.17
N PRO K 1428 74.10 52.90 -31.71
CA PRO K 1428 73.03 53.88 -31.49
C PRO K 1428 72.56 53.99 -30.05
N ARG K 1429 72.87 53.00 -29.21
CA ARG K 1429 72.23 52.89 -27.91
C ARG K 1429 73.21 52.99 -26.74
N LEU K 1430 74.10 53.98 -26.75
CA LEU K 1430 75.05 54.15 -25.66
C LEU K 1430 75.60 55.56 -25.65
N ASP K 1431 75.84 56.10 -24.45
CA ASP K 1431 76.65 57.30 -24.32
C ASP K 1431 78.07 57.01 -24.77
N HIS K 1432 78.41 57.52 -25.96
CA HIS K 1432 79.72 57.23 -26.53
C HIS K 1432 80.83 57.84 -25.71
N THR K 1433 80.53 58.86 -24.91
CA THR K 1433 81.51 59.37 -23.97
C THR K 1433 81.86 58.32 -22.93
N ARG K 1434 80.85 57.65 -22.37
CA ARG K 1434 81.11 56.54 -21.47
C ARG K 1434 81.94 55.47 -22.18
N ALA K 1435 81.69 55.28 -23.48
CA ALA K 1435 82.45 54.30 -24.24
C ALA K 1435 83.93 54.67 -24.27
N VAL K 1436 84.23 55.93 -24.62
CA VAL K 1436 85.63 56.32 -24.71
C VAL K 1436 86.26 56.32 -23.33
N ASN K 1437 85.48 56.58 -22.29
CA ASN K 1437 85.99 56.43 -20.93
C ASN K 1437 86.41 55.00 -20.68
N TYR K 1438 85.59 54.05 -21.11
CA TYR K 1438 85.93 52.64 -20.99
C TYR K 1438 87.22 52.32 -21.73
N PHE K 1439 87.34 52.81 -22.97
CA PHE K 1439 88.45 52.44 -23.83
C PHE K 1439 89.76 53.03 -23.30
N SER K 1440 89.82 54.36 -23.19
CA SER K 1440 90.99 55.01 -22.62
C SER K 1440 91.30 54.48 -21.23
N LYS K 1441 90.26 54.11 -20.47
CA LYS K 1441 90.47 53.48 -19.18
C LYS K 1441 91.29 52.20 -19.32
N VAL K 1442 90.95 51.37 -20.31
CA VAL K 1442 91.73 50.20 -20.61
C VAL K 1442 92.72 50.55 -21.71
N LYS K 1443 92.84 51.86 -22.00
CA LYS K 1443 93.76 52.42 -22.98
C LYS K 1443 93.77 51.62 -24.28
N GLN K 1444 92.64 50.99 -24.60
CA GLN K 1444 92.60 50.19 -25.82
C GLN K 1444 91.76 50.86 -26.87
N LEU K 1445 91.75 52.19 -26.83
CA LEU K 1445 91.40 52.98 -28.01
C LEU K 1445 92.11 52.51 -29.27
N PRO K 1446 93.40 52.14 -29.26
CA PRO K 1446 94.05 51.73 -30.53
C PRO K 1446 93.30 50.68 -31.33
N LEU K 1447 92.49 49.86 -30.67
CA LEU K 1447 91.77 48.83 -31.38
C LEU K 1447 90.57 49.40 -32.13
N VAL K 1448 89.82 50.29 -31.49
CA VAL K 1448 88.46 50.60 -31.90
C VAL K 1448 88.44 51.67 -33.01
N LYS K 1449 89.60 51.95 -33.61
CA LYS K 1449 89.74 53.08 -34.53
C LYS K 1449 88.65 53.15 -35.59
N PRO K 1450 88.42 52.12 -36.41
CA PRO K 1450 87.44 52.26 -37.50
C PRO K 1450 86.05 52.58 -37.00
N TYR K 1451 85.66 52.02 -35.85
CA TYR K 1451 84.42 52.44 -35.21
C TYR K 1451 84.40 53.95 -35.02
N LEU K 1452 85.49 54.51 -34.53
CA LEU K 1452 85.60 55.95 -34.33
C LEU K 1452 85.44 56.69 -35.65
N ARG K 1453 86.21 56.25 -36.65
CA ARG K 1453 86.12 56.79 -38.01
C ARG K 1453 84.70 56.85 -38.51
N SER K 1454 83.88 55.89 -38.14
CA SER K 1454 82.47 55.93 -38.48
C SER K 1454 81.68 56.91 -37.62
N VAL K 1455 81.84 56.83 -36.30
CA VAL K 1455 80.94 57.50 -35.37
C VAL K 1455 81.37 58.92 -35.07
N GLN K 1456 82.32 59.45 -35.82
CA GLN K 1456 82.81 60.81 -35.62
C GLN K 1456 81.76 61.89 -35.93
N ASN K 1457 80.51 61.52 -36.17
CA ASN K 1457 79.51 62.47 -36.64
C ASN K 1457 79.34 63.66 -35.70
N HIS K 1458 79.46 63.44 -34.38
CA HIS K 1458 79.03 64.46 -33.43
C HIS K 1458 80.03 65.59 -33.21
N ASN K 1459 81.33 65.34 -33.41
CA ASN K 1459 82.39 66.21 -32.89
C ASN K 1459 82.34 66.26 -31.36
N ASN K 1460 82.54 65.09 -30.74
CA ASN K 1460 82.81 65.02 -29.31
C ASN K 1460 84.29 65.31 -29.08
N LYS K 1461 84.63 65.84 -27.91
CA LYS K 1461 85.99 66.31 -27.69
C LYS K 1461 86.93 65.17 -27.31
N SER K 1462 86.41 64.12 -26.69
CA SER K 1462 87.25 62.98 -26.33
C SER K 1462 87.66 62.19 -27.58
N VAL K 1463 86.69 61.88 -28.44
CA VAL K 1463 87.04 61.29 -29.72
C VAL K 1463 87.90 62.24 -30.52
N ASN K 1464 87.71 63.54 -30.34
CA ASN K 1464 88.64 64.52 -30.90
C ASN K 1464 90.06 64.24 -30.45
N GLU K 1465 90.25 64.06 -29.13
CA GLU K 1465 91.58 63.81 -28.59
C GLU K 1465 92.16 62.52 -29.15
N SER K 1466 91.33 61.49 -29.28
CA SER K 1466 91.84 60.25 -29.88
C SER K 1466 92.30 60.48 -31.31
N LEU K 1467 91.48 61.16 -32.12
CA LEU K 1467 91.89 61.54 -33.47
C LEU K 1467 93.21 62.29 -33.45
N ASN K 1468 93.39 63.17 -32.48
CA ASN K 1468 94.59 63.99 -32.44
C ASN K 1468 95.82 63.15 -32.10
N ASN K 1469 95.72 62.30 -31.08
CA ASN K 1469 96.84 61.40 -30.77
C ASN K 1469 97.11 60.46 -31.92
N LEU K 1470 96.11 60.22 -32.76
CA LEU K 1470 96.32 59.37 -33.92
C LEU K 1470 96.98 60.11 -35.07
N PHE K 1471 96.68 61.40 -35.24
CA PHE K 1471 97.50 62.22 -36.12
C PHE K 1471 98.92 62.34 -35.58
N ILE K 1472 99.08 62.26 -34.26
CA ILE K 1472 100.41 62.12 -33.68
C ILE K 1472 101.06 60.83 -34.19
N THR K 1473 100.27 59.76 -34.28
CA THR K 1473 100.74 58.49 -34.80
C THR K 1473 100.42 58.33 -36.28
N GLU K 1474 100.06 59.42 -36.96
CA GLU K 1474 99.73 59.35 -38.38
C GLU K 1474 100.98 59.11 -39.22
N ASP L 635 -39.98 -35.14 -40.50
CA ASP L 635 -41.16 -35.31 -39.65
C ASP L 635 -41.44 -34.02 -38.87
N ILE L 636 -42.46 -34.08 -38.02
CA ILE L 636 -42.82 -32.94 -37.18
C ILE L 636 -41.75 -32.63 -36.16
N LYS L 637 -40.88 -33.59 -35.87
CA LYS L 637 -39.79 -33.38 -34.91
C LYS L 637 -38.64 -32.62 -35.52
N ARG L 638 -38.94 -31.48 -36.14
CA ARG L 638 -37.92 -30.63 -36.73
C ARG L 638 -38.00 -29.20 -36.24
N ALA L 639 -39.20 -28.68 -35.98
CA ALA L 639 -39.36 -27.36 -35.40
C ALA L 639 -38.91 -27.31 -33.95
N VAL L 640 -38.42 -28.44 -33.42
CA VAL L 640 -37.92 -28.47 -32.04
C VAL L 640 -36.77 -27.47 -31.88
N VAL L 641 -36.17 -27.05 -32.99
CA VAL L 641 -35.12 -26.04 -32.92
C VAL L 641 -35.70 -24.68 -32.56
N HIS L 642 -36.83 -24.30 -33.16
CA HIS L 642 -37.40 -22.99 -32.89
C HIS L 642 -38.06 -22.92 -31.53
N THR L 643 -38.19 -24.06 -30.84
CA THR L 643 -38.66 -24.05 -29.47
C THR L 643 -37.86 -23.06 -28.62
N HIS L 644 -36.62 -22.80 -29.01
CA HIS L 644 -35.83 -21.71 -28.42
C HIS L 644 -36.56 -20.38 -28.53
N LEU L 645 -37.47 -20.23 -29.48
CA LEU L 645 -38.16 -18.98 -29.71
C LEU L 645 -39.66 -19.15 -29.91
N LEU L 646 -40.08 -20.36 -30.26
CA LEU L 646 -41.42 -20.62 -30.77
C LEU L 646 -42.47 -20.51 -29.66
N ASN L 647 -43.68 -20.14 -30.08
CA ASN L 647 -44.81 -19.92 -29.18
C ASN L 647 -45.27 -21.21 -28.53
N PRO L 648 -45.13 -21.36 -27.22
CA PRO L 648 -45.56 -22.60 -26.56
C PRO L 648 -47.06 -22.79 -26.56
N GLU L 649 -47.85 -21.76 -26.91
CA GLU L 649 -49.30 -21.89 -26.92
C GLU L 649 -49.78 -22.79 -28.05
N TRP L 650 -49.47 -22.41 -29.29
CA TRP L 650 -49.82 -23.30 -30.40
C TRP L 650 -49.00 -24.58 -30.33
N LEU L 651 -47.90 -24.57 -29.58
CA LEU L 651 -47.22 -25.81 -29.27
C LEU L 651 -48.11 -26.74 -28.46
N VAL L 652 -48.67 -26.23 -27.36
CA VAL L 652 -49.62 -27.03 -26.58
C VAL L 652 -50.81 -27.42 -27.44
N ASN L 653 -51.19 -26.55 -28.38
CA ASN L 653 -52.25 -26.90 -29.32
C ASN L 653 -51.88 -28.13 -30.13
N TYR L 654 -50.73 -28.11 -30.79
CA TYR L 654 -50.24 -29.31 -31.48
C TYR L 654 -50.01 -30.47 -30.51
N PHE L 655 -49.92 -30.20 -29.22
CA PHE L 655 -49.80 -31.24 -28.20
C PHE L 655 -51.13 -31.88 -27.86
N GLY L 656 -52.24 -31.17 -28.05
CA GLY L 656 -53.54 -31.80 -27.89
C GLY L 656 -53.64 -33.08 -28.67
N SER L 657 -53.20 -33.06 -29.91
CA SER L 657 -52.97 -34.26 -30.71
C SER L 657 -51.47 -34.57 -30.73
N LEU L 658 -51.11 -35.58 -31.52
CA LEU L 658 -49.71 -35.90 -31.79
C LEU L 658 -48.93 -36.22 -30.52
N SER L 659 -49.63 -36.35 -29.39
CA SER L 659 -48.99 -36.61 -28.11
C SER L 659 -49.55 -37.85 -27.43
N VAL L 660 -50.26 -38.69 -28.16
CA VAL L 660 -50.81 -39.94 -27.60
C VAL L 660 -49.70 -40.98 -27.74
N GLU L 661 -48.80 -40.98 -26.75
CA GLU L 661 -47.60 -41.81 -26.77
C GLU L 661 -46.76 -41.53 -28.01
N ASP L 662 -46.88 -40.31 -28.54
CA ASP L 662 -46.17 -39.90 -29.74
C ASP L 662 -45.15 -38.80 -29.48
N SER L 663 -45.58 -37.67 -28.90
CA SER L 663 -44.67 -36.57 -28.62
C SER L 663 -43.64 -36.91 -27.55
N LEU L 664 -43.79 -38.05 -26.87
CA LEU L 664 -42.79 -38.49 -25.90
C LEU L 664 -41.41 -38.59 -26.52
N GLU L 665 -41.35 -39.20 -27.71
CA GLU L 665 -40.06 -39.34 -28.38
C GLU L 665 -39.60 -38.01 -28.98
N CYS L 666 -40.55 -37.14 -29.31
CA CYS L 666 -40.19 -35.81 -29.80
C CYS L 666 -39.46 -35.02 -28.72
N LEU L 667 -40.08 -34.87 -27.55
CA LEU L 667 -39.40 -34.21 -26.44
C LEU L 667 -38.17 -34.99 -26.01
N ARG L 668 -38.19 -36.31 -26.19
CA ARG L 668 -37.00 -37.10 -25.94
C ARG L 668 -35.83 -36.63 -26.79
N ALA L 669 -36.04 -36.49 -28.10
CA ALA L 669 -35.00 -35.99 -28.98
C ALA L 669 -34.63 -34.55 -28.62
N MET L 670 -35.62 -33.76 -28.20
CA MET L 670 -35.32 -32.41 -27.73
C MET L 670 -34.33 -32.45 -26.56
N LEU L 671 -34.52 -33.38 -25.63
CA LEU L 671 -33.56 -33.54 -24.55
C LEU L 671 -32.27 -34.18 -25.02
N SER L 672 -32.32 -34.89 -26.15
CA SER L 672 -31.09 -35.35 -26.75
C SER L 672 -30.25 -34.17 -27.22
N ALA L 673 -30.88 -33.03 -27.43
CA ALA L 673 -30.22 -31.76 -27.68
C ALA L 673 -30.62 -30.76 -26.60
N ASN L 674 -30.59 -31.19 -25.35
CA ASN L 674 -31.21 -30.44 -24.26
C ASN L 674 -30.37 -29.23 -23.89
N ILE L 675 -30.61 -28.12 -24.59
CA ILE L 675 -30.21 -26.81 -24.09
C ILE L 675 -31.21 -26.46 -23.00
N ARG L 676 -30.93 -25.41 -22.24
CA ARG L 676 -31.88 -25.03 -21.20
C ARG L 676 -33.19 -24.50 -21.80
N GLN L 677 -33.17 -24.11 -23.07
CA GLN L 677 -34.40 -23.65 -23.73
C GLN L 677 -35.36 -24.81 -23.96
N ASN L 678 -34.87 -25.92 -24.49
CA ASN L 678 -35.71 -27.09 -24.73
C ASN L 678 -35.69 -27.97 -23.49
N LEU L 679 -35.55 -27.33 -22.33
CA LEU L 679 -35.48 -28.02 -21.06
C LEU L 679 -36.71 -27.73 -20.20
N GLN L 680 -36.96 -26.46 -19.87
CA GLN L 680 -38.09 -26.15 -19.01
C GLN L 680 -39.41 -26.42 -19.72
N ILE L 681 -39.48 -26.08 -21.00
CA ILE L 681 -40.67 -26.36 -21.78
C ILE L 681 -40.97 -27.85 -21.77
N CYS L 682 -39.92 -28.68 -21.71
CA CYS L 682 -40.15 -30.11 -21.65
C CYS L 682 -40.70 -30.52 -20.30
N VAL L 683 -40.30 -29.83 -19.23
CA VAL L 683 -40.93 -30.05 -17.94
C VAL L 683 -42.42 -29.71 -18.02
N GLN L 684 -42.72 -28.60 -18.69
CA GLN L 684 -44.10 -28.14 -18.79
C GLN L 684 -44.95 -29.12 -19.60
N VAL L 685 -44.39 -29.66 -20.68
CA VAL L 685 -45.16 -30.60 -21.49
C VAL L 685 -45.22 -31.98 -20.82
N ALA L 686 -44.21 -32.33 -20.02
CA ALA L 686 -44.33 -33.50 -19.17
C ALA L 686 -45.51 -33.32 -18.21
N SER L 687 -45.68 -32.10 -17.70
CA SER L 687 -46.89 -31.78 -16.98
C SER L 687 -47.96 -31.32 -17.97
N LYS L 688 -48.11 -32.04 -19.07
CA LYS L 688 -49.21 -31.84 -19.99
C LYS L 688 -49.78 -33.19 -20.41
N TYR L 689 -48.96 -34.24 -20.30
CA TYR L 689 -49.38 -35.59 -20.65
C TYR L 689 -49.60 -36.49 -19.44
N HIS L 690 -48.75 -36.40 -18.42
CA HIS L 690 -49.00 -37.15 -17.20
C HIS L 690 -50.34 -36.74 -16.60
N GLU L 691 -50.71 -35.47 -16.78
CA GLU L 691 -52.02 -35.01 -16.33
C GLU L 691 -53.13 -35.71 -17.09
N GLN L 692 -52.90 -36.03 -18.36
CA GLN L 692 -53.89 -36.77 -19.12
C GLN L 692 -53.57 -38.26 -19.14
N LEU L 693 -52.30 -38.62 -19.02
CA LEU L 693 -51.90 -40.02 -18.92
C LEU L 693 -50.62 -40.07 -18.08
N SER L 694 -50.77 -40.32 -16.78
CA SER L 694 -49.62 -40.39 -15.89
C SER L 694 -48.91 -41.72 -16.10
N THR L 695 -48.42 -41.94 -17.32
CA THR L 695 -47.76 -43.19 -17.65
C THR L 695 -46.43 -43.29 -16.91
N GLN L 696 -46.16 -44.48 -16.37
CA GLN L 696 -44.90 -44.69 -15.66
C GLN L 696 -43.73 -44.73 -16.64
N SER L 697 -44.00 -45.06 -17.90
CA SER L 697 -42.97 -44.93 -18.92
C SER L 697 -42.45 -43.51 -19.00
N LEU L 698 -43.36 -42.54 -18.88
CA LEU L 698 -42.97 -41.13 -18.88
C LEU L 698 -42.01 -40.84 -17.73
N ILE L 699 -42.39 -41.24 -16.51
CA ILE L 699 -41.56 -40.95 -15.36
C ILE L 699 -40.21 -41.67 -15.45
N GLU L 700 -40.20 -42.85 -16.09
CA GLU L 700 -38.96 -43.60 -16.24
C GLU L 700 -38.01 -42.92 -17.22
N LEU L 701 -38.49 -42.60 -18.43
CA LEU L 701 -37.66 -41.84 -19.36
C LEU L 701 -37.26 -40.50 -18.77
N PHE L 702 -38.08 -39.97 -17.87
CA PHE L 702 -37.76 -38.72 -17.20
C PHE L 702 -36.54 -38.90 -16.30
N GLU L 703 -36.64 -39.82 -15.34
CA GLU L 703 -35.54 -40.05 -14.42
C GLU L 703 -34.32 -40.63 -15.12
N SER L 704 -34.48 -41.08 -16.36
CA SER L 704 -33.35 -41.62 -17.11
C SER L 704 -32.18 -40.64 -17.14
N PHE L 705 -32.47 -39.35 -17.18
CA PHE L 705 -31.43 -38.33 -17.17
C PHE L 705 -31.20 -37.86 -15.75
N LYS L 706 -30.44 -36.77 -15.60
CA LYS L 706 -30.36 -36.12 -14.30
C LYS L 706 -31.73 -35.69 -13.84
N SER L 707 -32.31 -34.69 -14.50
CA SER L 707 -33.75 -34.40 -14.43
C SER L 707 -34.20 -34.01 -13.03
N PHE L 708 -33.27 -33.98 -12.09
CA PHE L 708 -33.58 -33.88 -10.66
C PHE L 708 -34.52 -32.73 -10.36
N GLU L 709 -34.26 -31.54 -10.93
CA GLU L 709 -35.19 -30.44 -10.77
C GLU L 709 -36.43 -30.61 -11.63
N GLY L 710 -36.24 -31.08 -12.87
CA GLY L 710 -37.38 -31.40 -13.70
C GLY L 710 -38.31 -32.39 -13.04
N LEU L 711 -37.77 -33.53 -12.61
CA LEU L 711 -38.58 -34.52 -11.93
C LEU L 711 -39.06 -34.00 -10.59
N PHE L 712 -38.31 -33.08 -9.99
CA PHE L 712 -38.74 -32.45 -8.77
C PHE L 712 -40.09 -31.76 -8.99
N TYR L 713 -40.13 -30.83 -9.94
CA TYR L 713 -41.39 -30.15 -10.23
C TYR L 713 -42.44 -31.13 -10.73
N PHE L 714 -42.02 -32.13 -11.52
CA PHE L 714 -42.94 -33.10 -12.08
C PHE L 714 -43.68 -33.85 -10.98
N LEU L 715 -42.93 -34.39 -10.02
CA LEU L 715 -43.53 -35.04 -8.86
C LEU L 715 -44.26 -34.06 -7.97
N GLY L 716 -43.77 -32.82 -7.86
CA GLY L 716 -44.51 -31.80 -7.14
C GLY L 716 -45.90 -31.60 -7.71
N SER L 717 -46.08 -31.91 -8.98
CA SER L 717 -47.41 -32.00 -9.56
C SER L 717 -48.08 -33.34 -9.29
N ILE L 718 -47.37 -34.33 -8.75
CA ILE L 718 -47.91 -35.68 -8.58
C ILE L 718 -47.77 -36.22 -7.16
N VAL L 719 -46.83 -35.71 -6.36
CA VAL L 719 -46.57 -36.31 -5.05
C VAL L 719 -47.84 -36.44 -4.22
N ASN L 720 -48.73 -35.45 -4.33
CA ASN L 720 -50.03 -35.59 -3.71
C ASN L 720 -50.88 -36.56 -4.51
N PHE L 721 -51.58 -37.44 -3.80
CA PHE L 721 -52.47 -38.45 -4.37
C PHE L 721 -51.72 -39.50 -5.18
N SER L 722 -50.39 -39.58 -5.01
CA SER L 722 -49.60 -40.67 -5.56
C SER L 722 -48.85 -41.32 -4.42
N GLN L 723 -48.80 -42.67 -4.43
CA GLN L 723 -48.28 -43.39 -3.28
C GLN L 723 -47.18 -44.39 -3.64
N ASP L 724 -46.48 -44.19 -4.74
CA ASP L 724 -45.41 -45.10 -5.12
C ASP L 724 -44.18 -44.81 -4.26
N PRO L 725 -43.71 -45.76 -3.44
CA PRO L 725 -42.54 -45.49 -2.59
C PRO L 725 -41.30 -45.08 -3.37
N ASP L 726 -41.06 -45.70 -4.53
CA ASP L 726 -39.82 -45.45 -5.25
C ASP L 726 -39.75 -44.02 -5.76
N VAL L 727 -40.82 -43.52 -6.37
CA VAL L 727 -40.80 -42.17 -6.90
C VAL L 727 -40.69 -41.15 -5.77
N HIS L 728 -41.29 -41.45 -4.61
CA HIS L 728 -41.17 -40.54 -3.48
C HIS L 728 -39.75 -40.52 -2.95
N PHE L 729 -39.09 -41.68 -2.92
CA PHE L 729 -37.69 -41.71 -2.52
C PHE L 729 -36.82 -40.97 -3.51
N LYS L 730 -37.10 -41.13 -4.80
CA LYS L 730 -36.41 -40.34 -5.82
C LYS L 730 -36.62 -38.85 -5.58
N TYR L 731 -37.84 -38.47 -5.20
CA TYR L 731 -38.16 -37.08 -4.92
C TYR L 731 -37.34 -36.55 -3.76
N ILE L 732 -37.27 -37.32 -2.67
CA ILE L 732 -36.47 -36.91 -1.52
C ILE L 732 -35.01 -36.80 -1.91
N GLN L 733 -34.50 -37.76 -2.68
CA GLN L 733 -33.10 -37.71 -3.10
C GLN L 733 -32.84 -36.50 -3.98
N ALA L 734 -33.81 -36.11 -4.80
CA ALA L 734 -33.68 -34.90 -5.60
C ALA L 734 -33.62 -33.67 -4.71
N ALA L 735 -34.47 -33.63 -3.69
CA ALA L 735 -34.33 -32.61 -2.66
C ALA L 735 -32.96 -32.63 -2.01
N CYS L 736 -32.31 -33.80 -1.98
CA CYS L 736 -30.93 -33.87 -1.52
C CYS L 736 -29.95 -33.37 -2.57
N LYS L 737 -30.29 -33.48 -3.86
CA LYS L 737 -29.38 -33.05 -4.90
C LYS L 737 -28.98 -31.58 -4.73
N THR L 738 -29.94 -30.68 -4.86
CA THR L 738 -29.82 -29.33 -4.32
C THR L 738 -30.76 -29.27 -3.13
N GLY L 739 -30.26 -28.81 -1.99
CA GLY L 739 -30.95 -29.01 -0.74
C GLY L 739 -32.36 -28.46 -0.71
N GLN L 740 -33.35 -29.36 -0.81
CA GLN L 740 -34.74 -28.99 -0.68
C GLN L 740 -35.37 -29.87 0.40
N ILE L 741 -34.60 -30.17 1.44
CA ILE L 741 -35.02 -31.11 2.46
C ILE L 741 -36.04 -30.43 3.37
N LYS L 742 -35.74 -29.20 3.79
CA LYS L 742 -36.62 -28.43 4.65
C LYS L 742 -38.04 -28.41 4.10
N GLU L 743 -38.14 -28.47 2.78
CA GLU L 743 -39.42 -28.54 2.09
C GLU L 743 -39.84 -29.97 1.79
N VAL L 744 -39.02 -30.95 2.17
CA VAL L 744 -39.31 -32.36 1.95
C VAL L 744 -39.36 -33.15 3.25
N GLU L 745 -38.44 -32.88 4.18
CA GLU L 745 -38.50 -33.54 5.48
C GLU L 745 -39.88 -33.40 6.11
N ARG L 746 -40.61 -32.34 5.76
CA ARG L 746 -41.99 -32.22 6.19
C ARG L 746 -42.90 -33.13 5.36
N ILE L 747 -42.60 -33.30 4.07
CA ILE L 747 -43.43 -34.20 3.28
C ILE L 747 -43.09 -35.66 3.57
N CYS L 748 -41.89 -35.94 4.08
CA CYS L 748 -41.62 -37.28 4.58
C CYS L 748 -42.54 -37.61 5.75
N ARG L 749 -42.83 -36.61 6.59
CA ARG L 749 -43.89 -36.77 7.59
C ARG L 749 -45.24 -36.92 6.90
N GLU L 750 -45.53 -36.05 5.94
CA GLU L 750 -46.78 -36.13 5.19
C GLU L 750 -46.86 -37.44 4.43
N SER L 751 -45.95 -37.65 3.48
CA SER L 751 -45.94 -38.88 2.70
C SER L 751 -45.23 -39.97 3.49
N ASN L 752 -46.01 -40.86 4.10
CA ASN L 752 -45.48 -42.04 4.78
C ASN L 752 -45.89 -43.29 4.04
N CYS L 753 -46.16 -43.15 2.74
CA CYS L 753 -46.64 -44.22 1.87
C CYS L 753 -45.51 -44.97 1.18
N TYR L 754 -44.35 -45.03 1.82
CA TYR L 754 -43.12 -45.52 1.20
C TYR L 754 -42.50 -46.57 2.09
N ASP L 755 -41.27 -46.95 1.74
CA ASP L 755 -40.50 -47.95 2.49
C ASP L 755 -39.40 -47.26 3.29
N PRO L 756 -39.64 -46.96 4.57
CA PRO L 756 -38.62 -46.27 5.36
C PRO L 756 -37.35 -47.07 5.56
N GLU L 757 -37.39 -48.39 5.42
CA GLU L 757 -36.21 -49.22 5.59
C GLU L 757 -35.18 -48.93 4.51
N ARG L 758 -35.62 -49.00 3.25
CA ARG L 758 -34.73 -48.72 2.13
C ARG L 758 -34.16 -47.30 2.24
N VAL L 759 -35.01 -46.32 2.55
CA VAL L 759 -34.56 -44.94 2.53
C VAL L 759 -33.61 -44.68 3.70
N LYS L 760 -33.85 -45.35 4.84
CA LYS L 760 -32.95 -45.15 5.96
C LYS L 760 -31.62 -45.86 5.73
N ASN L 761 -31.63 -46.98 5.00
CA ASN L 761 -30.38 -47.58 4.56
C ASN L 761 -29.63 -46.64 3.65
N PHE L 762 -30.35 -46.00 2.72
CA PHE L 762 -29.80 -44.99 1.83
C PHE L 762 -29.17 -43.85 2.64
N LEU L 763 -29.89 -43.41 3.67
CA LEU L 763 -29.38 -42.36 4.55
C LEU L 763 -28.06 -42.80 5.19
N LYS L 764 -28.06 -43.97 5.81
CA LYS L 764 -26.82 -44.53 6.36
C LYS L 764 -25.76 -44.73 5.29
N GLU L 765 -26.14 -44.72 4.01
CA GLU L 765 -25.19 -44.78 2.91
C GLU L 765 -24.90 -43.38 2.36
N ALA L 766 -25.93 -42.66 1.93
CA ALA L 766 -25.75 -41.29 1.46
C ALA L 766 -25.67 -40.34 2.64
N LYS L 767 -24.46 -40.07 3.11
CA LYS L 767 -24.29 -39.24 4.29
C LYS L 767 -24.42 -37.77 3.93
N LEU L 768 -25.42 -37.10 4.49
CA LEU L 768 -25.63 -35.69 4.23
C LEU L 768 -24.82 -34.82 5.19
N THR L 769 -24.40 -35.40 6.31
CA THR L 769 -23.53 -34.76 7.30
C THR L 769 -24.23 -33.62 8.05
N ASP L 770 -25.44 -33.27 7.63
CA ASP L 770 -26.27 -32.38 8.43
C ASP L 770 -27.72 -32.82 8.44
N GLN L 771 -27.99 -34.10 8.21
CA GLN L 771 -29.36 -34.56 8.03
C GLN L 771 -30.20 -34.32 9.27
N LEU L 772 -31.46 -33.93 9.06
CA LEU L 772 -32.45 -34.18 10.09
C LEU L 772 -33.79 -34.67 9.53
N PRO L 773 -33.84 -35.58 8.51
CA PRO L 773 -35.13 -36.16 8.16
C PRO L 773 -35.40 -37.47 8.88
N LEU L 774 -34.34 -38.22 9.18
CA LEU L 774 -34.52 -39.50 9.84
C LEU L 774 -34.72 -39.32 11.34
N ILE L 775 -34.12 -38.27 11.90
CA ILE L 775 -34.29 -37.95 13.31
C ILE L 775 -35.72 -37.47 13.54
N ILE L 776 -36.47 -37.31 12.45
CA ILE L 776 -37.88 -36.96 12.51
C ILE L 776 -38.73 -38.16 12.10
N VAL L 777 -38.50 -38.66 10.89
CA VAL L 777 -39.43 -39.60 10.29
C VAL L 777 -39.11 -41.05 10.65
N CYS L 778 -37.85 -41.36 10.99
CA CYS L 778 -37.52 -42.73 11.38
C CYS L 778 -38.07 -43.05 12.76
N ASP L 779 -37.92 -42.12 13.71
CA ASP L 779 -38.60 -42.28 15.00
C ASP L 779 -40.08 -42.01 14.88
N ARG L 780 -40.49 -41.23 13.86
CA ARG L 780 -41.89 -41.22 13.49
C ARG L 780 -42.38 -42.62 13.17
N PHE L 781 -41.48 -43.46 12.67
CA PHE L 781 -41.74 -44.88 12.46
C PHE L 781 -41.04 -45.76 13.48
N ASP L 782 -40.20 -45.17 14.33
CA ASP L 782 -39.59 -45.85 15.47
C ASP L 782 -38.70 -47.01 15.05
N PHE L 783 -37.72 -46.69 14.19
CA PHE L 783 -36.62 -47.59 13.93
C PHE L 783 -35.33 -47.06 14.53
N VAL L 784 -35.42 -46.08 15.42
CA VAL L 784 -34.25 -45.33 15.85
C VAL L 784 -33.39 -46.04 16.88
N HIS L 785 -33.79 -47.22 17.36
CA HIS L 785 -32.95 -47.88 18.35
C HIS L 785 -31.59 -48.26 17.77
N ASP L 786 -31.58 -49.20 16.83
CA ASP L 786 -30.33 -49.59 16.21
C ASP L 786 -29.74 -48.43 15.41
N LEU L 787 -30.60 -47.48 15.01
CA LEU L 787 -30.13 -46.28 14.34
C LEU L 787 -29.18 -45.50 15.25
N VAL L 788 -29.65 -45.12 16.43
CA VAL L 788 -28.79 -44.36 17.34
C VAL L 788 -27.65 -45.23 17.85
N LEU L 789 -27.82 -46.55 17.87
CA LEU L 789 -26.67 -47.43 18.11
C LEU L 789 -25.58 -47.19 17.07
N TYR L 790 -25.92 -47.31 15.80
CA TYR L 790 -24.96 -47.04 14.73
C TYR L 790 -24.42 -45.62 14.80
N LEU L 791 -25.27 -44.67 15.19
CA LEU L 791 -24.84 -43.28 15.28
C LEU L 791 -23.78 -43.12 16.36
N TYR L 792 -24.08 -43.55 17.58
CA TYR L 792 -23.09 -43.61 18.64
C TYR L 792 -21.82 -44.29 18.15
N ARG L 793 -21.96 -45.35 17.36
CA ARG L 793 -20.78 -45.99 16.78
C ARG L 793 -19.98 -45.01 15.94
N ASN L 794 -20.66 -44.21 15.12
CA ASN L 794 -19.93 -43.19 14.37
C ASN L 794 -19.81 -41.89 15.17
N ASN L 795 -20.93 -41.29 15.56
CA ASN L 795 -20.91 -40.05 16.33
C ASN L 795 -22.33 -39.73 16.78
N LEU L 796 -22.44 -39.19 17.99
CA LEU L 796 -23.73 -38.74 18.52
C LEU L 796 -23.44 -37.65 19.55
N GLN L 797 -23.56 -36.39 19.13
CA GLN L 797 -23.24 -35.29 20.03
C GLN L 797 -24.44 -34.42 20.35
N LYS L 798 -25.12 -33.88 19.34
CA LYS L 798 -26.15 -32.89 19.57
C LYS L 798 -27.49 -33.32 19.00
N TYR L 799 -27.47 -34.13 17.94
CA TYR L 799 -28.72 -34.59 17.35
C TYR L 799 -29.56 -35.34 18.38
N ILE L 800 -28.91 -36.14 19.21
CA ILE L 800 -29.55 -36.68 20.41
C ILE L 800 -30.15 -35.54 21.24
N GLU L 801 -29.35 -34.51 21.49
CA GLU L 801 -29.77 -33.43 22.38
C GLU L 801 -30.96 -32.69 21.81
N ILE L 802 -30.82 -32.15 20.59
CA ILE L 802 -31.92 -31.41 19.98
C ILE L 802 -33.14 -32.29 19.80
N TYR L 803 -32.94 -33.58 19.51
CA TYR L 803 -34.06 -34.50 19.42
C TYR L 803 -34.84 -34.54 20.73
N VAL L 804 -34.18 -34.96 21.81
CA VAL L 804 -34.86 -35.06 23.09
C VAL L 804 -35.40 -33.70 23.55
N GLN L 805 -34.82 -32.60 23.07
CA GLN L 805 -35.27 -31.29 23.52
C GLN L 805 -36.54 -30.86 22.78
N LYS L 806 -36.45 -30.72 21.46
CA LYS L 806 -37.58 -30.21 20.69
C LYS L 806 -38.48 -31.36 20.24
N VAL L 807 -37.90 -32.37 19.60
CA VAL L 807 -38.69 -33.38 18.92
C VAL L 807 -39.36 -34.30 19.93
N ASN L 808 -38.58 -35.06 20.70
CA ASN L 808 -39.24 -36.02 21.56
C ASN L 808 -38.40 -36.47 22.75
N PRO L 809 -38.67 -35.96 23.95
CA PRO L 809 -38.14 -36.58 25.17
C PRO L 809 -38.98 -37.72 25.70
N SER L 810 -39.99 -38.19 24.95
CA SER L 810 -40.80 -39.30 25.43
C SER L 810 -40.17 -40.64 25.06
N ARG L 811 -39.54 -40.70 23.89
CA ARG L 811 -38.77 -41.90 23.54
C ARG L 811 -37.43 -41.93 24.23
N LEU L 812 -37.02 -40.84 24.86
CA LEU L 812 -35.79 -40.73 25.64
C LEU L 812 -35.50 -41.99 26.46
N PRO L 813 -36.49 -42.60 27.12
CA PRO L 813 -36.21 -43.86 27.84
C PRO L 813 -35.57 -44.94 26.98
N VAL L 814 -36.19 -45.32 25.87
CA VAL L 814 -35.64 -46.42 25.08
C VAL L 814 -34.32 -46.02 24.46
N VAL L 815 -34.16 -44.72 24.15
CA VAL L 815 -32.86 -44.23 23.68
C VAL L 815 -31.80 -44.51 24.73
N ILE L 816 -32.05 -44.09 25.97
CA ILE L 816 -31.13 -44.30 27.08
C ILE L 816 -30.85 -45.79 27.22
N GLY L 817 -31.89 -46.61 27.08
CA GLY L 817 -31.71 -48.04 27.21
C GLY L 817 -30.76 -48.59 26.16
N GLY L 818 -30.90 -48.14 24.92
CA GLY L 818 -29.95 -48.52 23.89
C GLY L 818 -28.54 -48.08 24.23
N LEU L 819 -28.41 -46.87 24.75
CA LEU L 819 -27.10 -46.38 25.19
C LEU L 819 -26.50 -47.28 26.25
N LEU L 820 -27.34 -47.78 27.16
CA LEU L 820 -26.86 -48.72 28.17
C LEU L 820 -26.48 -50.04 27.53
N ASP L 821 -27.19 -50.45 26.47
CA ASP L 821 -26.82 -51.68 25.77
C ASP L 821 -25.44 -51.55 25.13
N VAL L 822 -25.12 -50.36 24.61
CA VAL L 822 -23.80 -50.13 24.03
C VAL L 822 -22.79 -49.64 25.05
N ASP L 823 -23.17 -49.50 26.31
CA ASP L 823 -22.25 -49.19 27.42
C ASP L 823 -21.50 -47.89 27.17
N CYS L 824 -22.27 -46.80 27.11
CA CYS L 824 -21.73 -45.49 26.81
C CYS L 824 -21.11 -44.87 28.08
N SER L 825 -20.83 -43.58 28.02
CA SER L 825 -20.47 -42.80 29.21
C SER L 825 -21.76 -42.26 29.81
N GLU L 826 -22.15 -42.82 30.96
CA GLU L 826 -23.47 -42.56 31.53
C GLU L 826 -23.56 -41.16 32.13
N ASP L 827 -22.43 -40.61 32.58
CA ASP L 827 -22.42 -39.25 33.10
C ASP L 827 -22.94 -38.26 32.06
N VAL L 828 -22.71 -38.56 30.78
CA VAL L 828 -23.28 -37.75 29.71
C VAL L 828 -24.80 -37.77 29.80
N ILE L 829 -25.39 -38.96 29.89
CA ILE L 829 -26.84 -39.08 30.04
C ILE L 829 -27.31 -38.31 31.26
N LYS L 830 -26.55 -38.39 32.35
CA LYS L 830 -26.87 -37.62 33.54
C LYS L 830 -26.96 -36.13 33.21
N ASN L 831 -25.93 -35.59 32.58
CA ASN L 831 -25.88 -34.18 32.22
C ASN L 831 -27.06 -33.81 31.32
N LEU L 832 -27.46 -34.73 30.44
CA LEU L 832 -28.64 -34.49 29.63
C LEU L 832 -29.89 -34.41 30.49
N ILE L 833 -29.98 -35.27 31.50
CA ILE L 833 -31.12 -35.20 32.43
C ILE L 833 -31.11 -33.86 33.16
N LEU L 834 -29.92 -33.32 33.44
CA LEU L 834 -29.84 -32.00 34.05
C LEU L 834 -30.41 -30.93 33.14
N VAL L 835 -30.26 -31.09 31.82
CA VAL L 835 -30.87 -30.17 30.88
C VAL L 835 -32.38 -30.22 31.07
N VAL L 836 -33.03 -29.06 30.92
CA VAL L 836 -34.48 -28.99 31.10
C VAL L 836 -35.17 -30.04 30.24
N ARG L 837 -36.05 -30.81 30.87
CA ARG L 837 -36.71 -31.93 30.24
C ARG L 837 -38.09 -31.52 29.75
N GLY L 838 -38.57 -32.24 28.73
CA GLY L 838 -39.93 -32.05 28.25
C GLY L 838 -40.87 -33.05 28.87
N GLN L 839 -41.39 -33.98 28.08
CA GLN L 839 -42.14 -35.09 28.61
C GLN L 839 -41.17 -36.08 29.24
N PHE L 840 -41.12 -36.08 30.57
CA PHE L 840 -40.16 -36.88 31.31
C PHE L 840 -40.60 -36.99 32.76
N SER L 841 -40.41 -38.16 33.37
CA SER L 841 -40.94 -38.43 34.69
C SER L 841 -39.99 -39.33 35.47
N THR L 842 -40.34 -39.59 36.72
CA THR L 842 -39.49 -40.39 37.59
C THR L 842 -39.45 -41.85 37.15
N ASP L 843 -40.59 -42.38 36.71
CA ASP L 843 -40.75 -43.81 36.47
C ASP L 843 -39.81 -44.33 35.39
N GLU L 844 -39.82 -43.69 34.22
CA GLU L 844 -38.96 -44.15 33.13
C GLU L 844 -37.50 -44.01 33.52
N LEU L 845 -37.16 -42.94 34.23
CA LEU L 845 -35.79 -42.68 34.65
C LEU L 845 -35.31 -43.77 35.60
N VAL L 846 -36.11 -44.10 36.62
CA VAL L 846 -35.68 -45.14 37.56
C VAL L 846 -35.63 -46.49 36.86
N ALA L 847 -36.52 -46.73 35.89
CA ALA L 847 -36.44 -47.96 35.12
C ALA L 847 -35.11 -48.06 34.39
N GLU L 848 -34.73 -46.97 33.70
CA GLU L 848 -33.46 -46.93 32.99
C GLU L 848 -32.29 -47.16 33.94
N VAL L 849 -32.32 -46.52 35.11
CA VAL L 849 -31.19 -46.66 36.02
C VAL L 849 -31.15 -48.02 36.71
N GLU L 850 -32.28 -48.73 36.77
CA GLU L 850 -32.27 -50.02 37.45
C GLU L 850 -31.90 -51.14 36.49
N LYS L 851 -32.30 -51.03 35.21
CA LYS L 851 -32.04 -52.15 34.30
C LYS L 851 -30.55 -52.41 34.15
N ARG L 852 -29.73 -51.42 34.49
CA ARG L 852 -28.29 -51.65 34.61
C ARG L 852 -27.82 -51.72 36.06
N ASN L 853 -28.72 -51.51 37.02
CA ASN L 853 -28.42 -51.57 38.45
C ASN L 853 -27.35 -50.56 38.85
N ARG L 854 -27.23 -49.45 38.13
CA ARG L 854 -26.18 -48.47 38.34
C ARG L 854 -26.80 -47.09 38.55
N LEU L 855 -27.80 -47.05 39.42
CA LEU L 855 -28.59 -45.85 39.72
C LEU L 855 -27.81 -44.79 40.51
N LYS L 856 -26.50 -44.93 40.62
CA LYS L 856 -25.68 -44.01 41.38
C LYS L 856 -25.62 -42.63 40.73
N LEU L 857 -26.45 -42.41 39.70
CA LEU L 857 -26.42 -41.16 38.94
C LEU L 857 -27.62 -40.27 39.20
N LEU L 858 -28.84 -40.82 39.28
CA LEU L 858 -30.02 -39.96 39.32
C LEU L 858 -30.33 -39.42 40.70
N LEU L 859 -29.50 -39.70 41.71
CA LEU L 859 -29.82 -39.26 43.05
C LEU L 859 -29.90 -37.73 43.18
N PRO L 860 -29.02 -36.93 42.53
CA PRO L 860 -29.20 -35.47 42.63
C PRO L 860 -30.47 -35.01 41.93
N TRP L 861 -30.86 -35.73 40.89
CA TRP L 861 -32.14 -35.43 40.24
C TRP L 861 -33.29 -35.65 41.22
N LEU L 862 -33.25 -36.77 41.94
CA LEU L 862 -34.29 -37.02 42.95
C LEU L 862 -34.24 -35.99 44.06
N GLU L 863 -33.03 -35.61 44.49
CA GLU L 863 -32.89 -34.57 45.51
C GLU L 863 -33.53 -33.27 45.04
N ALA L 864 -33.26 -32.86 43.81
CA ALA L 864 -33.89 -31.67 43.27
C ALA L 864 -35.40 -31.81 43.24
N ARG L 865 -35.89 -32.97 42.76
CA ARG L 865 -37.32 -33.21 42.70
C ARG L 865 -37.98 -33.01 44.06
N ILE L 866 -37.47 -33.71 45.08
CA ILE L 866 -38.08 -33.65 46.40
C ILE L 866 -37.87 -32.32 47.08
N HIS L 867 -36.71 -31.67 46.87
CA HIS L 867 -36.47 -30.36 47.45
C HIS L 867 -37.43 -29.32 46.88
N GLU L 868 -37.72 -29.40 45.58
CA GLU L 868 -38.72 -28.51 45.00
C GLU L 868 -40.13 -28.89 45.46
N GLY L 869 -40.30 -30.12 45.93
CA GLY L 869 -41.57 -30.58 46.43
C GLY L 869 -42.34 -31.49 45.51
N CYS L 870 -41.67 -32.38 44.78
CA CYS L 870 -42.35 -33.29 43.87
C CYS L 870 -41.96 -34.73 44.15
N GLN M 146 1.72 -96.27 -50.23
CA GLN M 146 0.45 -95.71 -49.78
C GLN M 146 0.48 -95.43 -48.28
N VAL M 147 -0.09 -96.36 -47.51
CA VAL M 147 -0.03 -96.28 -46.05
C VAL M 147 1.43 -96.17 -45.60
N GLU M 148 2.26 -97.11 -46.07
CA GLU M 148 3.68 -97.05 -45.74
C GLU M 148 4.35 -95.80 -46.31
N LYS M 149 3.90 -95.35 -47.48
CA LYS M 149 4.47 -94.16 -48.09
C LYS M 149 4.30 -92.94 -47.19
N ASN M 150 3.05 -92.58 -46.89
CA ASN M 150 2.79 -91.46 -46.01
C ASN M 150 3.38 -91.69 -44.62
N LYS M 151 3.41 -92.94 -44.17
CA LYS M 151 3.96 -93.24 -42.86
C LYS M 151 5.44 -92.90 -42.79
N ILE M 152 6.22 -93.36 -43.77
CA ILE M 152 7.65 -93.05 -43.77
C ILE M 152 7.90 -91.58 -44.10
N ASN M 153 7.00 -90.92 -44.83
CA ASN M 153 7.14 -89.48 -45.02
C ASN M 153 7.00 -88.74 -43.69
N ASN M 154 5.98 -89.09 -42.91
CA ASN M 154 5.83 -88.52 -41.58
C ASN M 154 7.01 -88.91 -40.69
N ARG M 155 7.56 -90.11 -40.88
CA ARG M 155 8.67 -90.55 -40.04
C ARG M 155 9.95 -89.78 -40.35
N ILE M 156 10.19 -89.46 -41.63
CA ILE M 156 11.38 -88.69 -41.94
C ILE M 156 11.18 -87.22 -41.57
N ALA M 157 9.95 -86.71 -41.70
CA ALA M 157 9.65 -85.40 -41.16
C ALA M 157 9.89 -85.36 -39.66
N ASP M 158 9.61 -86.48 -38.99
CA ASP M 158 9.88 -86.57 -37.55
C ASP M 158 11.37 -86.70 -37.28
N LYS M 159 12.10 -87.37 -38.16
CA LYS M 159 13.56 -87.42 -38.04
C LYS M 159 14.15 -86.02 -38.09
N ALA M 160 13.66 -85.19 -39.00
CA ALA M 160 13.97 -83.76 -38.93
C ALA M 160 13.50 -83.18 -37.59
N PHE M 161 12.31 -83.57 -37.15
CA PHE M 161 11.83 -83.17 -35.83
C PHE M 161 12.54 -83.91 -34.70
N TYR M 162 13.37 -84.90 -35.01
CA TYR M 162 14.23 -85.55 -34.02
C TYR M 162 15.57 -84.87 -33.88
N GLN M 163 15.88 -83.89 -34.73
CA GLN M 163 17.18 -83.24 -34.77
C GLN M 163 17.16 -82.10 -33.75
N GLN M 164 17.28 -82.46 -32.48
CA GLN M 164 17.29 -81.49 -31.39
C GLN M 164 17.63 -82.23 -30.11
N PRO M 165 17.97 -81.50 -29.03
CA PRO M 165 17.96 -82.13 -27.71
C PRO M 165 16.55 -82.53 -27.33
N ASP M 166 16.30 -83.84 -27.20
CA ASP M 166 14.97 -84.38 -26.96
C ASP M 166 14.02 -83.97 -28.08
N GLY M 189 25.88 -71.98 -30.47
CA GLY M 189 25.48 -71.50 -31.78
C GLY M 189 24.47 -72.39 -32.45
N THR M 190 24.83 -73.68 -32.57
CA THR M 190 23.91 -74.65 -33.17
C THR M 190 22.57 -74.63 -32.45
N GLU M 191 22.59 -74.61 -31.12
CA GLU M 191 21.33 -74.54 -30.37
C GLU M 191 20.60 -73.23 -30.63
N TRP M 192 21.33 -72.14 -30.83
CA TRP M 192 20.67 -70.85 -31.03
C TRP M 192 20.09 -70.71 -32.42
N GLU M 193 20.80 -71.14 -33.46
CA GLU M 193 20.20 -71.18 -34.79
C GLU M 193 19.04 -72.17 -34.80
N LYS M 194 19.15 -73.23 -34.01
CA LYS M 194 18.07 -74.22 -33.97
C LYS M 194 16.82 -73.66 -33.32
N VAL M 195 16.96 -72.89 -32.23
CA VAL M 195 15.78 -72.28 -31.64
C VAL M 195 15.27 -71.16 -32.52
N ALA M 196 16.14 -70.48 -33.25
CA ALA M 196 15.70 -69.45 -34.18
C ALA M 196 14.83 -70.05 -35.28
N GLN M 197 15.33 -71.09 -35.95
CA GLN M 197 14.50 -71.85 -36.87
C GLN M 197 13.25 -72.35 -36.16
N LEU M 198 13.39 -72.72 -34.89
CA LEU M 198 12.25 -73.15 -34.09
C LEU M 198 11.37 -71.96 -33.71
N CYS M 199 11.94 -70.98 -33.03
CA CYS M 199 11.22 -69.76 -32.69
C CYS M 199 11.45 -68.77 -33.80
N ASP M 200 10.56 -68.77 -34.79
CA ASP M 200 10.67 -67.89 -35.93
C ASP M 200 9.32 -67.25 -36.21
N PHE M 201 9.28 -65.93 -36.07
CA PHE M 201 8.05 -65.21 -36.38
C PHE M 201 7.93 -65.01 -37.88
N ASN M 202 6.91 -64.24 -38.27
CA ASN M 202 6.61 -63.99 -39.66
C ASN M 202 5.63 -62.84 -39.71
N PRO M 203 5.57 -62.07 -40.79
CA PRO M 203 4.69 -60.90 -40.82
C PRO M 203 3.22 -61.29 -40.84
N LYS M 204 2.73 -61.73 -39.69
CA LYS M 204 1.34 -62.12 -39.53
C LYS M 204 0.52 -60.91 -39.09
N SER M 205 -0.81 -61.08 -39.08
CA SER M 205 -1.72 -60.00 -38.77
C SER M 205 -2.28 -60.07 -37.36
N SER M 206 -1.73 -60.94 -36.51
CA SER M 206 -2.25 -61.15 -35.17
C SER M 206 -1.33 -60.62 -34.07
N LYS M 207 -0.42 -59.71 -34.38
CA LYS M 207 0.59 -59.29 -33.44
C LYS M 207 0.14 -58.16 -32.50
N GLN M 208 -1.18 -58.00 -32.30
CA GLN M 208 -1.68 -56.88 -31.51
C GLN M 208 -1.46 -57.06 -30.01
N CYS M 209 -1.04 -58.24 -29.56
CA CYS M 209 -1.03 -58.53 -28.13
C CYS M 209 0.10 -57.80 -27.41
N LYS M 210 1.34 -57.99 -27.85
CA LYS M 210 2.47 -57.34 -27.19
C LYS M 210 3.28 -56.43 -28.08
N ASP M 211 3.53 -56.79 -29.33
CA ASP M 211 4.33 -55.99 -30.27
C ASP M 211 5.72 -55.71 -29.70
N VAL M 212 6.48 -56.79 -29.51
CA VAL M 212 7.88 -56.65 -29.15
C VAL M 212 8.70 -56.39 -30.41
N SER M 213 9.95 -56.00 -30.22
CA SER M 213 10.88 -55.81 -31.32
C SER M 213 12.02 -56.80 -31.31
N ARG M 214 12.21 -57.52 -30.22
CA ARG M 214 13.30 -58.50 -30.07
C ARG M 214 13.21 -59.59 -31.13
N LEU M 215 12.08 -59.65 -31.84
CA LEU M 215 12.02 -60.45 -33.06
C LEU M 215 13.23 -60.20 -33.94
N ARG M 216 13.74 -58.97 -33.94
CA ARG M 216 14.98 -58.66 -34.64
C ARG M 216 16.19 -59.16 -33.86
N SER M 217 16.07 -59.29 -32.54
CA SER M 217 17.24 -59.51 -31.70
C SER M 217 17.91 -60.82 -32.04
N VAL M 218 17.13 -61.89 -32.15
CA VAL M 218 17.67 -63.21 -32.44
C VAL M 218 18.57 -63.17 -33.67
N LEU M 219 18.24 -62.30 -34.62
CA LEU M 219 19.08 -62.12 -35.80
C LEU M 219 20.48 -61.68 -35.42
N MET M 220 20.64 -61.08 -34.25
CA MET M 220 21.95 -60.64 -33.80
C MET M 220 22.24 -61.02 -32.37
N SER M 221 21.24 -61.38 -31.57
CA SER M 221 21.50 -61.66 -30.17
C SER M 221 22.26 -62.96 -30.02
N LEU M 222 21.71 -64.05 -30.54
CA LEU M 222 22.37 -65.34 -30.38
C LEU M 222 22.59 -66.01 -31.73
N LYS M 223 21.65 -65.84 -32.65
CA LYS M 223 21.83 -66.36 -34.00
C LYS M 223 22.59 -65.35 -34.84
N GLN M 224 23.39 -65.85 -35.79
CA GLN M 224 24.34 -65.03 -36.54
C GLN M 224 25.26 -64.26 -35.60
N THR M 225 25.62 -64.90 -34.50
CA THR M 225 26.48 -64.28 -33.50
C THR M 225 27.70 -65.14 -33.26
N THR N 124 6.60 -63.74 78.09
CA THR N 124 8.05 -63.87 77.92
C THR N 124 8.52 -63.19 76.63
N GLU N 125 8.92 -61.93 76.78
CA GLU N 125 9.40 -61.15 75.64
C GLU N 125 10.63 -61.79 74.99
N GLN N 126 11.51 -62.38 75.80
CA GLN N 126 12.74 -62.97 75.25
C GLN N 126 12.43 -64.14 74.34
N GLU N 127 11.54 -65.04 74.78
CA GLU N 127 11.22 -66.21 73.97
C GLU N 127 10.43 -65.81 72.72
N TRP N 128 9.63 -64.75 72.83
CA TRP N 128 8.90 -64.27 71.66
C TRP N 128 9.84 -63.66 70.64
N ARG N 129 10.84 -62.91 71.09
CA ARG N 129 11.87 -62.41 70.19
C ARG N 129 12.65 -63.56 69.57
N GLU N 130 12.92 -64.60 70.36
CA GLU N 130 13.61 -65.77 69.85
C GLU N 130 12.80 -66.43 68.75
N LYS N 131 11.49 -66.56 68.95
CA LYS N 131 10.66 -67.18 67.93
C LYS N 131 10.52 -66.29 66.70
N ALA N 132 10.57 -64.96 66.89
CA ALA N 132 10.56 -64.06 65.74
C ALA N 132 11.83 -64.25 64.92
N LYS N 133 12.99 -64.31 65.58
CA LYS N 133 14.24 -64.59 64.88
C LYS N 133 14.20 -65.97 64.22
N LYS N 134 13.56 -66.94 64.88
CA LYS N 134 13.44 -68.27 64.30
C LYS N 134 12.62 -68.25 63.02
N ASP N 135 11.48 -67.53 63.03
CA ASP N 135 10.68 -67.39 61.83
C ASP N 135 11.45 -66.66 60.74
N LEU N 136 12.23 -65.64 61.12
CA LEU N 136 13.02 -64.92 60.16
C LEU N 136 14.07 -65.82 59.50
N GLU N 137 14.72 -66.67 60.30
CA GLU N 137 15.73 -67.57 59.75
C GLU N 137 15.09 -68.65 58.89
N GLU N 138 13.96 -69.19 59.33
CA GLU N 138 13.24 -70.17 58.54
C GLU N 138 12.74 -69.58 57.23
N TRP N 139 12.45 -68.27 57.22
CA TRP N 139 12.06 -67.61 55.99
C TRP N 139 13.28 -67.36 55.10
N ASN N 140 14.39 -66.93 55.69
CA ASN N 140 15.59 -66.64 54.93
C ASN N 140 16.17 -67.89 54.28
N GLN N 141 16.11 -69.05 54.95
CA GLN N 141 16.67 -70.26 54.35
C GLN N 141 15.87 -70.67 53.12
N ARG N 142 14.53 -70.59 53.20
CA ARG N 142 13.73 -70.91 52.02
C ARG N 142 13.90 -69.85 50.93
N GLN N 143 14.12 -68.59 51.31
CA GLN N 143 14.43 -67.57 50.32
C GLN N 143 15.69 -67.94 49.55
N SER N 144 16.77 -68.26 50.28
CA SER N 144 18.03 -68.62 49.64
C SER N 144 17.87 -69.88 48.79
N GLU N 145 17.10 -70.84 49.29
CA GLU N 145 16.85 -72.07 48.53
C GLU N 145 16.16 -71.76 47.20
N GLN N 146 15.13 -70.91 47.24
CA GLN N 146 14.42 -70.59 46.01
C GLN N 146 15.26 -69.74 45.07
N VAL N 147 16.11 -68.87 45.62
CA VAL N 147 17.04 -68.12 44.77
C VAL N 147 17.98 -69.07 44.06
N GLU N 148 18.54 -70.04 44.80
CA GLU N 148 19.39 -71.05 44.16
C GLU N 148 18.63 -71.83 43.10
N LYS N 149 17.37 -72.17 43.38
CA LYS N 149 16.58 -72.95 42.44
C LYS N 149 16.38 -72.19 41.13
N ASN N 150 15.81 -70.99 41.22
CA ASN N 150 15.61 -70.21 40.00
C ASN N 150 16.93 -69.83 39.35
N LYS N 151 18.00 -69.73 40.14
CA LYS N 151 19.31 -69.43 39.58
C LYS N 151 19.80 -70.55 38.69
N ILE N 152 19.72 -71.80 39.18
CA ILE N 152 20.16 -72.92 38.34
C ILE N 152 19.21 -73.12 37.18
N ASN N 153 17.93 -72.79 37.36
CA ASN N 153 17.00 -72.79 36.24
C ASN N 153 17.48 -71.81 35.16
N ASN N 154 17.89 -70.62 35.57
CA ASN N 154 18.41 -69.65 34.61
C ASN N 154 19.74 -70.09 34.04
N ARG N 155 20.53 -70.84 34.82
CA ARG N 155 21.79 -71.39 34.30
C ARG N 155 21.52 -72.31 33.12
N ILE N 156 20.62 -73.29 33.30
CA ILE N 156 20.36 -74.22 32.22
C ILE N 156 19.63 -73.52 31.07
N ALA N 157 18.78 -72.54 31.38
CA ALA N 157 18.14 -71.77 30.32
C ALA N 157 19.17 -70.98 29.52
N ASP N 158 20.25 -70.54 30.18
CA ASP N 158 21.30 -69.82 29.48
C ASP N 158 22.15 -70.77 28.66
N LYS N 159 22.38 -71.99 29.18
CA LYS N 159 23.01 -73.03 28.37
C LYS N 159 22.21 -73.26 27.10
N ALA N 160 20.89 -73.29 27.21
CA ALA N 160 20.04 -73.30 26.02
C ALA N 160 20.29 -72.07 25.17
N PHE N 161 20.41 -70.91 25.82
CA PHE N 161 20.80 -69.69 25.11
C PHE N 161 22.22 -69.78 24.57
N TYR N 162 22.97 -70.81 24.96
CA TYR N 162 24.33 -71.01 24.51
C TYR N 162 24.48 -72.28 23.68
N GLN N 163 23.37 -72.84 23.21
CA GLN N 163 23.38 -74.04 22.37
C GLN N 163 22.66 -73.67 21.07
N GLN N 164 23.41 -73.08 20.14
CA GLN N 164 22.85 -72.54 18.91
C GLN N 164 23.97 -72.02 18.01
N PRO N 165 23.76 -71.96 16.69
CA PRO N 165 24.76 -71.34 15.81
C PRO N 165 24.69 -69.83 15.93
N ASP N 166 25.75 -69.24 16.48
CA ASP N 166 25.82 -67.80 16.71
C ASP N 166 24.64 -67.31 17.56
N GLY N 189 17.27 -78.08 1.88
CA GLY N 189 18.70 -77.93 1.67
C GLY N 189 19.43 -77.45 2.91
N THR N 190 20.74 -77.70 2.97
CA THR N 190 21.51 -77.32 4.14
C THR N 190 21.56 -75.81 4.31
N GLU N 191 21.59 -75.07 3.20
CA GLU N 191 21.46 -73.62 3.30
C GLU N 191 20.10 -73.24 3.87
N TRP N 192 19.06 -73.95 3.44
CA TRP N 192 17.74 -73.74 4.02
C TRP N 192 17.69 -74.22 5.46
N GLU N 193 18.38 -75.32 5.75
CA GLU N 193 18.50 -75.78 7.12
C GLU N 193 19.12 -74.70 8.00
N LYS N 194 20.04 -73.90 7.44
CA LYS N 194 20.69 -72.86 8.23
C LYS N 194 19.83 -71.60 8.32
N VAL N 195 19.17 -71.22 7.23
CA VAL N 195 18.28 -70.06 7.30
C VAL N 195 17.10 -70.36 8.21
N ALA N 196 16.88 -71.64 8.51
CA ALA N 196 15.91 -71.99 9.55
C ALA N 196 16.58 -72.05 10.92
N GLN N 197 17.82 -72.55 10.98
CA GLN N 197 18.43 -72.87 12.27
C GLN N 197 18.99 -71.63 12.94
N LEU N 198 19.84 -70.87 12.23
CA LEU N 198 20.57 -69.76 12.84
C LEU N 198 19.65 -68.58 13.12
N CYS N 199 18.96 -68.09 12.11
CA CYS N 199 17.97 -67.03 12.29
C CYS N 199 16.77 -67.33 11.40
N ASP N 200 15.71 -67.88 11.98
CA ASP N 200 14.53 -68.20 11.21
C ASP N 200 13.57 -67.01 11.22
N PHE N 201 13.12 -66.64 10.03
CA PHE N 201 12.16 -65.56 9.91
C PHE N 201 10.81 -66.00 10.47
N ASN N 202 9.87 -65.05 10.51
CA ASN N 202 8.60 -65.29 11.15
C ASN N 202 7.47 -64.98 10.19
N PRO N 203 6.88 -66.00 9.56
CA PRO N 203 5.81 -65.76 8.59
C PRO N 203 4.47 -65.49 9.26
N LYS N 204 4.36 -64.35 9.92
CA LYS N 204 3.18 -63.98 10.67
C LYS N 204 2.19 -63.26 9.76
N SER N 205 1.08 -62.83 10.35
CA SER N 205 0.11 -61.99 9.66
C SER N 205 0.41 -60.52 9.83
N SER N 206 1.62 -60.18 10.24
CA SER N 206 2.01 -58.79 10.47
C SER N 206 2.76 -58.18 9.30
N LYS N 207 2.51 -58.66 8.07
CA LYS N 207 3.22 -58.20 6.89
C LYS N 207 2.66 -56.92 6.28
N GLN N 208 1.94 -56.11 7.08
CA GLN N 208 1.22 -54.95 6.58
C GLN N 208 2.12 -53.88 5.93
N CYS N 209 3.44 -54.06 5.96
CA CYS N 209 4.34 -52.99 5.53
C CYS N 209 4.12 -52.59 4.06
N LYS N 210 4.46 -53.49 3.14
CA LYS N 210 4.40 -53.19 1.71
C LYS N 210 3.75 -54.31 0.91
N ASP N 211 2.90 -55.11 1.54
CA ASP N 211 2.16 -56.18 0.86
C ASP N 211 3.10 -57.24 0.30
N VAL N 212 4.17 -57.54 1.03
CA VAL N 212 5.15 -58.52 0.57
C VAL N 212 4.53 -59.90 0.60
N SER N 213 4.29 -60.46 -0.58
CA SER N 213 3.73 -61.80 -0.70
C SER N 213 4.80 -62.86 -0.89
N ARG N 214 5.83 -62.57 -1.69
CA ARG N 214 6.77 -63.59 -2.13
C ARG N 214 7.29 -64.43 -0.98
N LEU N 215 7.31 -63.89 0.24
CA LEU N 215 7.61 -64.70 1.41
C LEU N 215 6.77 -65.95 1.45
N ARG N 216 5.55 -65.89 0.90
CA ARG N 216 4.71 -67.07 0.81
C ARG N 216 5.38 -68.15 -0.02
N SER N 217 6.10 -67.74 -1.07
CA SER N 217 6.66 -68.71 -2.00
C SER N 217 8.04 -69.16 -1.54
N VAL N 218 8.87 -68.21 -1.11
CA VAL N 218 10.27 -68.48 -0.83
C VAL N 218 10.37 -69.50 0.30
N LEU N 219 9.42 -69.45 1.24
CA LEU N 219 9.39 -70.42 2.31
C LEU N 219 9.26 -71.84 1.75
N MET N 220 8.62 -71.96 0.60
CA MET N 220 8.55 -73.27 -0.05
C MET N 220 9.32 -73.33 -1.35
N SER N 221 9.58 -72.21 -2.02
CA SER N 221 10.40 -72.29 -3.23
C SER N 221 11.88 -72.29 -2.86
N LEU N 222 12.34 -71.27 -2.16
CA LEU N 222 13.76 -71.18 -1.83
C LEU N 222 14.07 -71.29 -0.34
N LYS N 223 13.57 -70.38 0.48
CA LYS N 223 14.02 -70.33 1.87
C LYS N 223 13.38 -71.45 2.67
N GLN N 224 14.19 -72.12 3.49
CA GLN N 224 13.74 -73.27 4.26
C GLN N 224 13.06 -74.29 3.36
N THR N 225 13.57 -74.45 2.15
CA THR N 225 13.03 -75.40 1.19
C THR N 225 13.88 -76.66 1.14
#